data_9F9Y
#
_entry.id   9F9Y
#
_cell.length_a   1.00
_cell.length_b   1.00
_cell.length_c   1.00
_cell.angle_alpha   90.00
_cell.angle_beta   90.00
_cell.angle_gamma   90.00
#
_symmetry.space_group_name_H-M   'P 1'
#
loop_
_entity.id
_entity.type
_entity.pdbx_description
1 polymer 'Spike glycoprotein,Fibritin'
2 branched 2-acetamido-2-deoxy-beta-D-glucopyranose-(1-4)-2-acetamido-2-deoxy-beta-D-glucopyranose
3 non-polymer 2-acetamido-2-deoxy-beta-D-glucopyranose
#
_entity_poly.entity_id   1
_entity_poly.type   'polypeptide(L)'
_entity_poly.pdbx_seq_one_letter_code
;MFVFLVLLPLVSSQSYTNSFTRGVYYPDKVFRSSVLHSTQDLFLPFFSNVTWFHAISGTNDTKRFDNPVLPFNDGVYFAS
TEKFNIIRGWIFGTTLDSKTQSLLIVNNATNAVIKVCEFQFKNNKSLMESEFRVYSSANNCTFEYVSQPFLMDLEGKQGN
FKNLSEFVFKNIDGYFKIYSKHTPINLGRGLPQGFSALEPLVDLPIGINITRFQTLLALHRSYLTPGDSSSGWTAGAAAY
YVGYLQPRTFLLKYNENGTITDAVDCALDPLSETKCTLKSFTVEKGIYQTSNFRVQPTESIVRFPNITNLCPFDEVFNAT
RFASVYAWNRKRISNCVADYSVLYNFAPFFAFKCYGVSPTKLNDLCFTNVYADSFVIRGNEVSQIAPGQTGTIADYNYKL
PDDFTGCVIAWNSNKLDSNGGGNYNYMYRLFRKSKLKPFERDISTEIYQAGNTPCKGVAGFNCYFPLQSYGFRPTYGVGH
QPYRVVVLSFELLHAPATVCGPKKSTNLVKNKCVNFNFNGLTGTGVLTESNKKFLPFQQFGRDIADTTDAVRDPQTLEIL
DITPCSFGGVSVITPGTNTSNQVAVLYQGVNCTEVSVAIHADQLTPTWRVYSTGSNGFQTRAGCLIGAEYVNNSYECDIP
IGAGICASYQTQTRSHGSASSVASQPIIAYTMSLGAENSVAYSNNSIAIPTNFTISVTTEILPVSMTKTSVDCTMYICGD
STECSNLLLQYGSFCTQLKRALTGIAVEQDKNTQEVFAQVKQIYKIPPIKHFGGFNFSQILPDPSKPSKRSFIEDLLFNK
VTLADAGFIKQYGDCLGDIAARDLICAQKFNGLTVLPPLLTDEMIAQYTSALLAGTITSGWTFGAGAALQIPFAMQMAYR
FNGIGVTQNVLYENQKLIANQFNSAIGKIQGSLSSTASALGKLQDVVNHNAQALNTLVKQLSSKFGAISSVLNDILSRLD
PPEAEVQIDRLITGRLQSLQTYVTQQLIRAAEIRASANLAATKMSECVLGQSKRVDFCGKGYHLMSFPQSAPHGVVFLHV
TYVPAQEKNFTTAPAICHDGKAHFPREGVFVSNGTHWFVTQRNFYEPQIITTDNTFVSGNCDVVIGIVNNTVYDPLQPEL
DSFKEELDKYFKNHTSPDVDLGDISGINASVVNIQKEIDRLNEVAKNLNESLIDLQELGKYEQGSGYIPEAPRDGQAYVR
KDGEWVLLSTFLGRSLEVLFQGPGHHHHHHHHGSAWSHPQFEKGGGSGGGSGGSAWSHPQFEK
;
_entity_poly.pdbx_strand_id   A,B,C
#
loop_
_chem_comp.id
_chem_comp.type
_chem_comp.name
_chem_comp.formula
NAG D-saccharide, beta linking 2-acetamido-2-deoxy-beta-D-glucopyranose 'C8 H15 N O6'
#
# COMPACT_ATOMS: atom_id res chain seq x y z
N GLN A 14 33.21 35.65 39.24
CA GLN A 14 32.77 34.89 38.08
C GLN A 14 32.87 33.39 38.33
N SER A 15 31.84 32.83 38.97
CA SER A 15 31.81 31.42 39.29
C SER A 15 30.86 30.69 38.34
N TYR A 16 30.67 29.40 38.60
CA TYR A 16 29.77 28.58 37.81
C TYR A 16 28.77 27.89 38.73
N THR A 17 27.56 27.70 38.23
CA THR A 17 26.51 27.07 39.02
C THR A 17 25.69 26.14 38.13
N ASN A 18 25.03 25.18 38.77
CA ASN A 18 24.16 24.25 38.08
C ASN A 18 22.81 24.90 37.83
N SER A 19 22.32 24.81 36.59
CA SER A 19 21.07 25.47 36.22
C SER A 19 19.85 24.68 36.66
N PHE A 20 19.99 23.39 36.96
CA PHE A 20 18.88 22.52 37.38
C PHE A 20 17.83 22.56 36.28
N THR A 21 16.55 22.74 36.59
CA THR A 21 15.49 22.72 35.61
C THR A 21 15.00 24.12 35.24
N ARG A 22 15.71 25.17 35.65
CA ARG A 22 15.28 26.53 35.37
C ARG A 22 15.43 26.85 33.89
N GLY A 23 14.63 27.80 33.42
CA GLY A 23 14.77 28.30 32.07
C GLY A 23 13.82 27.68 31.05
N VAL A 24 12.59 27.42 31.47
CA VAL A 24 11.56 26.87 30.59
C VAL A 24 10.49 27.92 30.41
N TYR A 25 10.09 28.15 29.16
CA TYR A 25 9.12 29.18 28.83
C TYR A 25 8.08 28.62 27.88
N TYR A 26 6.90 29.22 27.89
CA TYR A 26 5.82 28.81 27.00
C TYR A 26 6.22 29.13 25.55
N PRO A 27 6.47 28.12 24.72
CA PRO A 27 7.00 28.40 23.37
C PRO A 27 6.01 29.11 22.45
N ASP A 28 4.71 29.07 22.73
CA ASP A 28 3.73 29.65 21.84
C ASP A 28 2.47 30.02 22.63
N LYS A 29 1.63 30.83 22.00
CA LYS A 29 0.40 31.32 22.62
C LYS A 29 -0.67 30.25 22.76
N VAL A 30 -0.48 29.08 22.15
CA VAL A 30 -1.51 28.05 22.15
C VAL A 30 -1.75 27.55 23.57
N PHE A 31 -3.00 27.22 23.85
CA PHE A 31 -3.39 26.65 25.14
C PHE A 31 -3.57 25.15 25.00
N ARG A 32 -2.99 24.40 25.95
CA ARG A 32 -3.13 22.95 25.97
C ARG A 32 -3.34 22.51 27.42
N SER A 33 -4.20 21.52 27.61
CA SER A 33 -4.54 21.04 28.95
C SER A 33 -4.34 19.54 29.03
N SER A 34 -3.53 19.11 30.01
CA SER A 34 -3.28 17.69 30.27
C SER A 34 -2.70 16.99 29.04
N VAL A 35 -1.65 17.58 28.48
CA VAL A 35 -1.00 17.05 27.28
C VAL A 35 0.48 16.93 27.54
N LEU A 36 1.13 16.03 26.78
CA LEU A 36 2.57 15.94 26.73
C LEU A 36 2.98 16.35 25.32
N HIS A 37 3.50 17.56 25.18
CA HIS A 37 3.75 18.16 23.87
C HIS A 37 5.24 18.31 23.63
N SER A 38 5.69 17.94 22.43
CA SER A 38 7.10 18.01 22.06
C SER A 38 7.34 19.26 21.24
N THR A 39 8.29 20.09 21.68
CA THR A 39 8.61 21.34 21.02
C THR A 39 10.10 21.41 20.75
N GLN A 40 10.46 21.74 19.51
CA GLN A 40 11.85 21.99 19.13
C GLN A 40 12.06 23.49 19.07
N ASP A 41 12.94 24.00 19.93
CA ASP A 41 13.12 25.45 20.06
C ASP A 41 14.41 25.70 20.84
N LEU A 42 14.76 26.97 20.99
CA LEU A 42 15.95 27.35 21.75
C LEU A 42 15.63 27.34 23.23
N PHE A 43 16.27 26.43 23.96
CA PHE A 43 16.06 26.28 25.40
C PHE A 43 17.39 26.27 26.13
N LEU A 44 17.32 26.47 27.44
CA LEU A 44 18.48 26.30 28.30
C LEU A 44 18.55 24.85 28.76
N PRO A 45 19.59 24.11 28.38
CA PRO A 45 19.64 22.69 28.74
C PRO A 45 19.66 22.49 30.24
N PHE A 46 19.03 21.39 30.68
CA PHE A 46 18.97 21.09 32.10
C PHE A 46 20.35 20.78 32.64
N PHE A 47 20.58 21.16 33.90
CA PHE A 47 21.82 20.89 34.61
C PHE A 47 23.02 21.43 33.83
N SER A 48 22.87 22.62 33.27
CA SER A 48 23.92 23.27 32.51
C SER A 48 24.66 24.27 33.39
N ASN A 49 25.89 24.60 32.98
CA ASN A 49 26.71 25.55 33.71
C ASN A 49 26.27 26.97 33.37
N VAL A 50 25.91 27.73 34.40
CA VAL A 50 25.54 29.13 34.25
C VAL A 50 26.56 29.98 35.00
N THR A 51 27.00 31.05 34.36
CA THR A 51 27.96 31.95 34.98
C THR A 51 27.28 32.76 36.09
N TRP A 52 28.03 33.01 37.15
CA TRP A 52 27.53 33.67 38.35
C TRP A 52 28.40 34.87 38.65
N PHE A 53 27.79 36.04 38.78
CA PHE A 53 28.50 37.28 39.04
C PHE A 53 28.05 37.86 40.36
N HIS A 54 29.01 38.26 41.20
CA HIS A 54 28.73 38.87 42.49
C HIS A 54 28.89 40.39 42.48
N ALA A 55 29.13 40.99 41.32
CA ALA A 55 29.31 42.43 41.22
C ALA A 55 27.98 43.16 41.31
N ASN A 67 30.51 44.01 35.62
CA ASN A 67 29.53 43.61 34.62
C ASN A 67 30.08 43.79 33.21
N PRO A 68 30.95 42.87 32.79
CA PRO A 68 31.54 42.98 31.45
C PRO A 68 30.53 42.69 30.36
N VAL A 69 30.84 43.18 29.16
CA VAL A 69 30.01 42.90 28.00
C VAL A 69 30.14 41.42 27.64
N LEU A 70 29.00 40.74 27.50
CA LEU A 70 28.98 39.32 27.23
C LEU A 70 28.41 39.04 25.84
N PRO A 71 28.83 37.95 25.20
CA PRO A 71 28.23 37.58 23.91
C PRO A 71 26.78 37.18 24.10
N PHE A 72 26.00 37.35 23.02
CA PHE A 72 24.58 37.05 23.07
C PHE A 72 24.25 35.65 22.56
N ASN A 73 24.95 35.18 21.54
CA ASN A 73 24.76 33.84 20.95
C ASN A 73 23.31 33.75 20.48
N ASP A 74 22.66 32.58 20.60
CA ASP A 74 21.29 32.44 20.12
C ASP A 74 20.30 33.14 21.03
N GLY A 75 20.49 33.02 22.35
CA GLY A 75 19.60 33.64 23.31
C GLY A 75 20.30 33.74 24.64
N VAL A 76 19.61 34.34 25.61
CA VAL A 76 20.19 34.56 26.93
C VAL A 76 19.16 34.25 28.00
N TYR A 77 19.58 33.51 29.02
CA TYR A 77 18.80 33.32 30.24
C TYR A 77 19.45 34.14 31.34
N PHE A 78 18.63 34.94 32.02
CA PHE A 78 19.11 35.89 33.03
C PHE A 78 18.36 35.62 34.33
N ALA A 79 19.07 35.68 35.45
CA ALA A 79 18.43 35.48 36.74
C ALA A 79 19.01 36.45 37.75
N SER A 80 18.13 37.05 38.56
CA SER A 80 18.53 38.03 39.56
C SER A 80 17.80 37.77 40.85
N THR A 81 18.43 38.15 41.97
CA THR A 81 17.82 37.93 43.28
C THR A 81 18.02 39.09 44.24
N GLU A 82 18.43 40.26 43.75
CA GLU A 82 18.69 41.38 44.65
C GLU A 82 17.39 41.94 45.21
N LYS A 83 17.48 42.47 46.43
CA LYS A 83 16.35 43.14 47.07
C LYS A 83 16.50 44.65 47.09
N PHE A 84 17.66 45.19 46.68
CA PHE A 84 17.88 46.62 46.62
C PHE A 84 17.58 47.22 45.25
N ASN A 85 17.14 46.39 44.30
CA ASN A 85 16.90 46.83 42.93
C ASN A 85 18.13 47.51 42.32
N ILE A 86 19.29 46.92 42.57
CA ILE A 86 20.52 47.47 42.00
C ILE A 86 20.57 47.24 40.50
N ILE A 87 20.11 46.09 40.04
CA ILE A 87 20.09 45.78 38.62
C ILE A 87 18.92 46.54 38.00
N ARG A 88 19.23 47.51 37.15
CA ARG A 88 18.22 48.39 36.58
C ARG A 88 18.45 48.58 35.08
N GLY A 89 18.62 47.49 34.36
CA GLY A 89 18.60 47.59 32.91
C GLY A 89 19.56 46.72 32.14
N TRP A 90 19.31 46.62 30.83
CA TRP A 90 20.14 45.83 29.93
C TRP A 90 20.40 46.62 28.65
N ILE A 91 21.52 46.30 28.01
CA ILE A 91 21.92 46.89 26.75
C ILE A 91 22.26 45.76 25.79
N PHE A 92 21.75 45.85 24.56
CA PHE A 92 22.00 44.85 23.54
C PHE A 92 22.50 45.54 22.28
N GLY A 93 23.34 44.83 21.53
CA GLY A 93 23.81 45.36 20.27
C GLY A 93 25.13 44.74 19.87
N THR A 94 25.61 45.18 18.71
CA THR A 94 26.85 44.65 18.15
C THR A 94 28.06 45.50 18.57
N THR A 95 28.03 46.79 18.26
CA THR A 95 29.15 47.68 18.57
C THR A 95 28.97 48.44 19.87
N LEU A 96 27.73 48.55 20.38
CA LEU A 96 27.43 49.29 21.61
C LEU A 96 27.83 50.75 21.50
N ASP A 97 27.86 51.29 20.29
CA ASP A 97 28.16 52.69 20.04
C ASP A 97 27.14 53.24 19.05
N SER A 98 27.33 54.50 18.65
CA SER A 98 26.44 55.10 17.67
C SER A 98 26.63 54.55 16.26
N LYS A 99 27.66 53.73 16.04
CA LYS A 99 27.87 53.15 14.71
C LYS A 99 26.70 52.25 14.32
N THR A 100 26.21 51.45 15.26
CA THR A 100 25.11 50.52 15.00
C THR A 100 24.03 50.71 16.06
N GLN A 101 22.81 50.28 15.71
CA GLN A 101 21.70 50.39 16.64
C GLN A 101 21.96 49.55 17.89
N SER A 102 21.51 50.06 19.04
CA SER A 102 21.73 49.39 20.31
C SER A 102 20.43 49.43 21.11
N LEU A 103 19.81 48.27 21.30
CA LEU A 103 18.63 48.17 22.14
C LEU A 103 18.99 48.48 23.58
N LEU A 104 18.08 49.17 24.27
CA LEU A 104 18.32 49.60 25.64
C LEU A 104 17.03 49.48 26.43
N ILE A 105 17.06 48.71 27.51
CA ILE A 105 15.91 48.58 28.41
C ILE A 105 16.34 49.12 29.76
N VAL A 106 15.59 50.09 30.28
CA VAL A 106 15.87 50.70 31.57
C VAL A 106 14.61 50.64 32.42
N ASN A 107 14.73 50.06 33.61
CA ASN A 107 13.61 49.95 34.55
C ASN A 107 13.83 50.88 35.71
N ASN A 108 12.80 51.63 36.07
CA ASN A 108 12.83 52.46 37.28
C ASN A 108 11.57 52.16 38.09
N ALA A 109 11.57 52.64 39.34
CA ALA A 109 10.63 52.24 40.36
C ALA A 109 9.17 52.36 39.94
N THR A 110 8.91 53.07 38.84
CA THR A 110 7.55 53.22 38.32
C THR A 110 7.28 52.42 37.06
N ASN A 111 8.22 52.36 36.12
CA ASN A 111 7.91 51.81 34.81
C ASN A 111 9.16 51.16 34.22
N ALA A 112 9.06 50.72 32.97
CA ALA A 112 10.18 50.17 32.22
C ALA A 112 10.11 50.71 30.81
N VAL A 113 11.20 51.31 30.35
CA VAL A 113 11.26 51.94 29.04
C VAL A 113 12.25 51.19 28.16
N ILE A 114 11.95 51.17 26.87
CA ILE A 114 12.72 50.44 25.87
C ILE A 114 12.95 51.37 24.69
N LYS A 115 14.21 51.46 24.24
CA LYS A 115 14.56 52.30 23.11
C LYS A 115 15.54 51.54 22.21
N VAL A 116 15.61 51.99 20.95
CA VAL A 116 16.58 51.44 20.00
C VAL A 116 17.48 52.53 19.44
N CYS A 117 17.62 53.64 20.16
CA CYS A 117 18.44 54.75 19.69
C CYS A 117 19.91 54.33 19.61
N GLU A 118 20.68 55.11 18.87
CA GLU A 118 22.13 54.95 18.81
C GLU A 118 22.74 55.74 19.96
N PHE A 119 23.40 55.04 20.87
CA PHE A 119 23.92 55.64 22.09
C PHE A 119 25.45 55.65 22.10
N GLN A 120 26.00 56.50 22.95
CA GLN A 120 27.42 56.52 23.27
C GLN A 120 27.53 56.47 24.79
N PHE A 121 27.61 55.28 25.35
CA PHE A 121 27.61 55.12 26.79
C PHE A 121 28.95 55.57 27.39
N LYS A 122 28.89 55.99 28.65
CA LYS A 122 30.09 56.40 29.38
C LYS A 122 29.82 56.25 30.86
N ASN A 123 30.62 55.43 31.53
CA ASN A 123 30.46 55.21 32.97
C ASN A 123 31.74 54.64 33.57
N VAL A 134 24.15 57.94 32.39
CA VAL A 134 23.52 56.89 31.60
C VAL A 134 24.24 56.76 30.27
N TYR A 135 23.83 57.57 29.30
CA TYR A 135 24.48 57.64 28.00
C TYR A 135 24.97 59.06 27.76
N SER A 136 26.20 59.19 27.26
CA SER A 136 26.75 60.50 26.97
C SER A 136 25.97 61.19 25.86
N SER A 137 25.59 60.44 24.82
CA SER A 137 24.84 61.00 23.71
C SER A 137 23.89 59.95 23.17
N ALA A 138 22.74 60.42 22.68
CA ALA A 138 21.74 59.59 22.03
C ALA A 138 21.31 60.25 20.74
N ASN A 139 21.14 59.46 19.68
CA ASN A 139 20.79 60.01 18.39
C ASN A 139 20.08 58.96 17.56
N ASN A 140 19.21 59.43 16.66
CA ASN A 140 18.55 58.59 15.65
C ASN A 140 17.74 57.48 16.30
N CYS A 141 16.79 57.88 17.13
CA CYS A 141 15.86 56.93 17.72
C CYS A 141 14.86 56.46 16.67
N THR A 142 14.49 55.19 16.75
CA THR A 142 13.55 54.59 15.81
C THR A 142 12.31 54.03 16.48
N PHE A 143 12.47 53.33 17.60
CA PHE A 143 11.37 52.68 18.30
C PHE A 143 11.47 52.96 19.78
N GLU A 144 10.32 53.22 20.41
CA GLU A 144 10.27 53.41 21.85
C GLU A 144 9.07 52.66 22.40
N TYR A 145 9.17 52.27 23.67
CA TYR A 145 8.12 51.48 24.31
C TYR A 145 8.16 51.73 25.80
N VAL A 146 6.99 51.74 26.43
CA VAL A 146 6.85 51.94 27.87
C VAL A 146 5.87 50.90 28.40
N SER A 147 6.23 50.25 29.51
CA SER A 147 5.38 49.24 30.09
C SER A 147 5.61 49.22 31.60
N GLN A 148 4.93 48.28 32.27
CA GLN A 148 5.13 48.09 33.69
C GLN A 148 6.56 47.63 33.96
N PRO A 149 7.12 47.97 35.12
CA PRO A 149 8.50 47.58 35.41
C PRO A 149 8.66 46.06 35.41
N PHE A 150 9.78 45.60 34.85
CA PHE A 150 10.01 44.16 34.77
C PHE A 150 10.27 43.58 36.16
N LEU A 151 11.05 44.27 36.98
CA LEU A 151 11.42 43.77 38.30
C LEU A 151 10.47 44.30 39.37
N LYS A 162 13.73 35.28 49.26
CA LYS A 162 13.87 36.42 48.35
C LYS A 162 12.93 36.27 47.16
N ASN A 163 12.98 37.25 46.26
CA ASN A 163 12.13 37.30 45.09
C ASN A 163 13.02 37.13 43.85
N LEU A 164 13.16 35.88 43.41
CA LEU A 164 14.00 35.58 42.27
C LEU A 164 13.27 35.95 40.98
N SER A 165 13.93 36.73 40.13
CA SER A 165 13.38 37.16 38.86
C SER A 165 14.17 36.50 37.73
N GLU A 166 13.45 35.81 36.85
CA GLU A 166 14.06 35.11 35.73
C GLU A 166 13.56 35.70 34.42
N PHE A 167 14.47 35.85 33.47
CA PHE A 167 14.17 36.41 32.16
C PHE A 167 14.82 35.56 31.09
N VAL A 168 14.19 35.53 29.92
CA VAL A 168 14.74 34.90 28.73
C VAL A 168 14.62 35.90 27.58
N PHE A 169 15.75 36.21 26.96
CA PHE A 169 15.79 37.15 25.84
C PHE A 169 16.17 36.37 24.59
N LYS A 170 15.35 36.49 23.56
CA LYS A 170 15.64 35.91 22.25
C LYS A 170 15.47 36.99 21.18
N ASN A 171 16.23 36.86 20.10
CA ASN A 171 16.15 37.78 18.98
C ASN A 171 16.14 36.94 17.70
N ILE A 172 14.94 36.74 17.15
CA ILE A 172 14.76 35.88 15.98
C ILE A 172 13.84 36.57 14.99
N ASP A 173 14.23 36.52 13.71
CA ASP A 173 13.47 37.08 12.58
C ASP A 173 12.86 38.44 12.91
N GLY A 174 13.74 39.37 13.29
CA GLY A 174 13.31 40.73 13.53
C GLY A 174 12.38 40.91 14.71
N TYR A 175 12.33 39.94 15.62
CA TYR A 175 11.49 40.01 16.80
C TYR A 175 12.36 39.79 18.03
N PHE A 176 12.22 40.68 19.02
CA PHE A 176 12.89 40.54 20.30
C PHE A 176 11.85 40.08 21.31
N LYS A 177 11.98 38.83 21.76
CA LYS A 177 11.02 38.21 22.66
C LYS A 177 11.61 38.16 24.06
N ILE A 178 10.86 38.65 25.03
CA ILE A 178 11.26 38.65 26.44
C ILE A 178 10.23 37.85 27.21
N TYR A 179 10.69 36.81 27.91
CA TYR A 179 9.87 36.03 28.82
C TYR A 179 10.34 36.29 30.24
N SER A 180 9.42 36.30 31.19
CA SER A 180 9.77 36.66 32.56
C SER A 180 8.97 35.84 33.55
N LYS A 181 9.51 35.76 34.77
CA LYS A 181 8.87 35.06 35.87
C LYS A 181 9.44 35.59 37.17
N HIS A 182 8.59 35.62 38.20
CA HIS A 182 9.00 36.03 39.53
C HIS A 182 8.55 34.99 40.53
N THR A 183 9.48 34.47 41.32
CA THR A 183 9.17 33.38 42.23
C THR A 183 9.74 33.65 43.62
N PRO A 184 9.02 33.23 44.66
CA PRO A 184 9.59 33.31 46.02
C PRO A 184 10.53 32.14 46.28
N ILE A 185 11.75 32.45 46.71
CA ILE A 185 12.77 31.46 46.99
C ILE A 185 13.27 31.64 48.42
N ASN A 186 14.20 30.79 48.81
CA ASN A 186 14.85 30.85 50.11
C ASN A 186 16.35 30.96 49.92
N LEU A 187 17.04 31.27 51.02
CA LEU A 187 18.48 31.45 50.97
C LEU A 187 19.18 30.12 50.65
N GLY A 188 20.26 30.21 49.89
CA GLY A 188 20.99 29.01 49.52
C GLY A 188 22.03 29.34 48.45
N ARG A 189 22.50 28.28 47.78
CA ARG A 189 23.50 28.46 46.73
C ARG A 189 22.95 29.30 45.58
N GLY A 190 21.69 29.06 45.20
CA GLY A 190 21.06 29.80 44.12
C GLY A 190 20.46 28.86 43.10
N LEU A 191 19.45 29.36 42.38
CA LEU A 191 18.74 28.59 41.35
C LEU A 191 18.15 27.34 41.96
N PRO A 192 17.07 27.45 42.74
CA PRO A 192 16.53 26.29 43.45
C PRO A 192 16.11 25.17 42.50
N GLN A 193 15.84 24.01 43.10
CA GLN A 193 15.56 22.81 42.35
C GLN A 193 14.12 22.70 41.87
N GLY A 194 13.28 23.67 42.18
CA GLY A 194 11.90 23.64 41.74
C GLY A 194 11.77 23.91 40.26
N PHE A 195 10.54 23.80 39.78
CA PHE A 195 10.22 24.03 38.37
C PHE A 195 9.20 25.15 38.26
N SER A 196 9.47 26.09 37.36
CA SER A 196 8.55 27.19 37.10
C SER A 196 8.77 27.67 35.68
N ALA A 197 7.68 27.81 34.93
CA ALA A 197 7.74 28.24 33.54
C ALA A 197 7.69 29.75 33.45
N LEU A 198 8.30 30.28 32.38
CA LEU A 198 8.44 31.72 32.18
C LEU A 198 7.41 32.18 31.15
N GLU A 199 6.42 32.94 31.60
CA GLU A 199 5.38 33.42 30.70
C GLU A 199 5.93 34.50 29.78
N PRO A 200 5.36 34.65 28.58
CA PRO A 200 5.81 35.70 27.66
C PRO A 200 5.57 37.09 28.23
N LEU A 201 6.65 37.82 28.51
CA LEU A 201 6.51 39.14 29.09
C LEU A 201 6.16 40.18 28.01
N VAL A 202 6.91 40.18 26.91
CA VAL A 202 6.72 41.19 25.87
C VAL A 202 7.36 40.70 24.58
N ASP A 203 6.91 41.28 23.47
CA ASP A 203 7.49 41.04 22.15
C ASP A 203 7.65 42.38 21.45
N LEU A 204 8.81 42.58 20.84
CA LEU A 204 9.11 43.84 20.15
C LEU A 204 9.38 43.56 18.69
N PRO A 205 8.66 44.17 17.76
CA PRO A 205 8.87 43.95 16.32
C PRO A 205 10.00 44.82 15.75
N ILE A 206 11.18 44.73 16.35
CA ILE A 206 12.33 45.53 15.96
C ILE A 206 13.32 44.61 15.25
N GLY A 207 13.62 44.94 13.99
CA GLY A 207 14.58 44.17 13.23
C GLY A 207 15.99 44.69 13.36
N ILE A 208 16.57 44.52 14.55
CA ILE A 208 17.91 45.02 14.82
C ILE A 208 18.89 43.85 14.84
N ASN A 209 20.17 44.18 14.91
CA ASN A 209 21.26 43.20 14.92
C ASN A 209 21.87 43.18 16.31
N ILE A 210 21.85 42.00 16.95
CA ILE A 210 22.37 41.85 18.30
C ILE A 210 23.38 40.71 18.31
N THR A 211 24.57 40.99 18.83
CA THR A 211 25.58 39.95 19.05
C THR A 211 26.18 40.00 20.45
N ARG A 212 26.03 41.08 21.19
CA ARG A 212 26.55 41.18 22.54
C ARG A 212 25.54 41.93 23.41
N PHE A 213 25.70 41.79 24.73
CA PHE A 213 24.81 42.43 25.67
C PHE A 213 25.55 42.68 26.97
N GLN A 214 24.96 43.53 27.81
CA GLN A 214 25.55 43.93 29.07
C GLN A 214 24.43 44.32 30.03
N THR A 215 24.68 44.18 31.33
CA THR A 215 23.73 44.58 32.35
C THR A 215 24.18 45.87 33.01
N LEU A 216 23.23 46.54 33.67
CA LEU A 216 23.47 47.82 34.31
C LEU A 216 23.15 47.73 35.79
N LEU A 217 24.00 48.32 36.62
CA LEU A 217 23.83 48.28 38.06
C LEU A 217 23.65 49.68 38.63
N ALA A 239 24.94 39.86 42.20
CA ALA A 239 24.66 38.42 42.24
C ALA A 239 23.61 38.05 41.21
N TYR A 240 24.03 37.88 39.95
CA TYR A 240 23.12 37.48 38.89
C TYR A 240 23.75 36.35 38.09
N TYR A 241 22.88 35.53 37.49
CA TYR A 241 23.28 34.34 36.75
C TYR A 241 22.94 34.50 35.28
N VAL A 242 23.86 34.05 34.42
CA VAL A 242 23.71 34.17 32.98
C VAL A 242 23.94 32.80 32.34
N GLY A 243 23.02 32.38 31.47
CA GLY A 243 23.16 31.15 30.73
C GLY A 243 22.80 31.37 29.27
N TYR A 244 23.14 30.39 28.44
CA TYR A 244 22.94 30.49 27.01
C TYR A 244 21.98 29.41 26.53
N LEU A 245 21.27 29.72 25.44
CA LEU A 245 20.26 28.84 24.89
C LEU A 245 20.80 28.10 23.67
N GLN A 246 20.46 26.81 23.58
CA GLN A 246 20.82 25.97 22.45
C GLN A 246 19.55 25.39 21.84
N PRO A 247 19.58 25.03 20.55
CA PRO A 247 18.41 24.38 19.95
C PRO A 247 18.19 22.97 20.46
N ARG A 248 17.15 22.78 21.26
CA ARG A 248 16.87 21.50 21.88
C ARG A 248 15.41 21.13 21.64
N THR A 249 15.13 19.84 21.75
CA THR A 249 13.76 19.34 21.73
C THR A 249 13.36 18.99 23.16
N PHE A 250 12.25 19.56 23.61
CA PHE A 250 11.77 19.38 24.97
C PHE A 250 10.39 18.74 24.94
N LEU A 251 10.08 18.00 25.99
CA LEU A 251 8.76 17.42 26.19
C LEU A 251 8.13 18.10 27.39
N LEU A 252 7.13 18.94 27.13
CA LEU A 252 6.48 19.74 28.17
C LEU A 252 5.19 19.08 28.58
N LYS A 253 4.86 19.20 29.88
CA LYS A 253 3.63 18.67 30.43
C LYS A 253 2.69 19.81 30.77
N TYR A 254 1.51 19.81 30.17
CA TYR A 254 0.45 20.77 30.48
C TYR A 254 -0.57 20.07 31.37
N ASN A 255 -0.80 20.62 32.55
CA ASN A 255 -1.74 20.04 33.50
C ASN A 255 -3.17 20.41 33.10
N GLU A 256 -4.13 20.14 33.99
CA GLU A 256 -5.53 20.37 33.67
C GLU A 256 -5.82 21.85 33.46
N ASN A 257 -5.06 22.73 34.10
CA ASN A 257 -5.28 24.17 33.99
C ASN A 257 -4.41 24.82 32.94
N GLY A 258 -3.65 24.04 32.17
CA GLY A 258 -2.83 24.59 31.11
C GLY A 258 -1.49 25.14 31.54
N THR A 259 -1.04 24.82 32.75
CA THR A 259 0.23 25.31 33.27
C THR A 259 1.31 24.26 33.05
N ILE A 260 2.44 24.69 32.49
CA ILE A 260 3.57 23.79 32.28
C ILE A 260 4.14 23.45 33.65
N THR A 261 3.92 22.20 34.09
CA THR A 261 4.37 21.77 35.42
C THR A 261 5.67 20.99 35.39
N ASP A 262 6.03 20.39 34.26
CA ASP A 262 7.25 19.60 34.19
C ASP A 262 7.72 19.52 32.75
N ALA A 263 8.98 19.17 32.58
CA ALA A 263 9.57 19.08 31.25
C ALA A 263 10.67 18.03 31.25
N VAL A 264 10.96 17.53 30.05
CA VAL A 264 12.01 16.54 29.82
C VAL A 264 12.91 17.08 28.72
N ASP A 265 14.22 17.11 28.99
CA ASP A 265 15.22 17.54 28.01
C ASP A 265 15.69 16.30 27.26
N CYS A 266 15.29 16.17 25.99
CA CYS A 266 15.48 14.93 25.27
C CYS A 266 16.94 14.60 25.00
N ALA A 267 17.86 15.54 25.18
CA ALA A 267 19.27 15.29 24.94
C ALA A 267 20.08 15.21 26.22
N LEU A 268 19.43 15.19 27.38
CA LEU A 268 20.15 15.19 28.65
C LEU A 268 20.88 13.88 28.88
N ASP A 269 20.18 12.76 28.71
CA ASP A 269 20.73 11.45 29.01
C ASP A 269 19.87 10.40 28.31
N PRO A 270 20.35 9.15 28.25
CA PRO A 270 19.55 8.12 27.57
C PRO A 270 18.15 7.94 28.12
N LEU A 271 17.96 8.11 29.43
CA LEU A 271 16.63 7.95 30.01
C LEU A 271 15.68 9.02 29.50
N SER A 272 16.14 10.26 29.40
CA SER A 272 15.28 11.34 28.89
C SER A 272 14.98 11.12 27.41
N GLU A 273 15.95 10.63 26.65
CA GLU A 273 15.69 10.32 25.25
C GLU A 273 14.64 9.22 25.12
N THR A 274 14.70 8.21 26.00
CA THR A 274 13.67 7.17 26.01
C THR A 274 12.30 7.76 26.35
N LYS A 275 12.26 8.66 27.33
CA LYS A 275 10.99 9.28 27.71
C LYS A 275 10.42 10.08 26.54
N CYS A 276 11.26 10.82 25.83
CA CYS A 276 10.78 11.58 24.69
C CYS A 276 10.32 10.66 23.56
N THR A 277 11.05 9.57 23.32
CA THR A 277 10.65 8.63 22.28
C THR A 277 9.30 8.00 22.59
N LEU A 278 9.07 7.65 23.86
CA LEU A 278 7.80 7.07 24.26
C LEU A 278 6.72 8.11 24.48
N LYS A 279 7.07 9.40 24.43
CA LYS A 279 6.12 10.50 24.67
C LYS A 279 5.45 10.36 26.03
N SER A 280 6.24 10.02 27.04
CA SER A 280 5.72 9.82 28.38
C SER A 280 6.78 10.17 29.40
N PHE A 281 6.31 10.47 30.62
CA PHE A 281 7.22 10.74 31.74
C PHE A 281 7.59 9.50 32.52
N THR A 282 6.86 8.40 32.35
CA THR A 282 7.15 7.15 33.00
C THR A 282 7.44 6.09 31.95
N VAL A 283 8.47 5.29 32.19
CA VAL A 283 8.93 4.28 31.26
C VAL A 283 8.79 2.91 31.92
N GLU A 284 8.14 1.98 31.24
CA GLU A 284 8.03 0.63 31.75
C GLU A 284 9.34 -0.13 31.54
N LYS A 285 9.48 -1.22 32.29
CA LYS A 285 10.68 -2.03 32.18
C LYS A 285 10.78 -2.67 30.80
N GLY A 286 11.98 -2.63 30.22
CA GLY A 286 12.21 -3.24 28.93
C GLY A 286 13.36 -2.54 28.21
N ILE A 287 13.47 -2.86 26.93
CA ILE A 287 14.49 -2.28 26.06
C ILE A 287 13.79 -1.55 24.93
N TYR A 288 14.15 -0.28 24.73
CA TYR A 288 13.47 0.59 23.79
C TYR A 288 14.47 1.11 22.77
N GLN A 289 14.09 1.07 21.49
CA GLN A 289 14.98 1.49 20.41
C GLN A 289 14.83 2.98 20.20
N THR A 290 15.80 3.75 20.67
CA THR A 290 15.81 5.21 20.52
C THR A 290 16.58 5.57 19.25
N SER A 291 16.98 6.83 19.12
CA SER A 291 17.63 7.32 17.91
C SER A 291 18.88 6.51 17.59
N ASN A 292 19.24 6.49 16.31
CA ASN A 292 20.38 5.74 15.82
C ASN A 292 21.68 6.51 16.07
N PHE A 293 22.78 5.92 15.63
CA PHE A 293 24.09 6.56 15.71
C PHE A 293 24.79 6.44 14.36
N ARG A 294 25.92 7.12 14.26
CA ARG A 294 26.73 7.08 13.04
C ARG A 294 28.13 7.63 13.32
N VAL A 295 29.16 6.92 12.86
CA VAL A 295 30.52 7.39 13.02
C VAL A 295 30.73 8.64 12.18
N GLN A 296 31.19 9.72 12.82
CA GLN A 296 31.28 10.92 12.01
C GLN A 296 32.64 11.00 11.33
N PRO A 297 32.69 11.50 10.09
CA PRO A 297 33.96 11.61 9.39
C PRO A 297 34.90 12.58 10.06
N THR A 298 36.20 12.29 9.96
CA THR A 298 37.22 13.12 10.58
C THR A 298 37.79 14.16 9.62
N GLU A 299 38.17 13.74 8.43
CA GLU A 299 38.82 14.61 7.46
C GLU A 299 38.08 14.55 6.13
N SER A 300 38.46 15.48 5.24
CA SER A 300 37.96 15.51 3.88
C SER A 300 39.17 15.55 2.93
N ILE A 301 39.16 14.68 1.93
CA ILE A 301 40.27 14.55 1.00
C ILE A 301 39.74 14.70 -0.43
N VAL A 302 40.50 15.42 -1.25
CA VAL A 302 40.20 15.60 -2.66
C VAL A 302 41.37 15.05 -3.46
N ARG A 303 41.09 14.19 -4.43
CA ARG A 303 42.13 13.54 -5.23
C ARG A 303 41.85 13.83 -6.70
N PHE A 304 42.56 14.81 -7.25
CA PHE A 304 42.50 15.14 -8.66
C PHE A 304 43.84 14.86 -9.32
N PRO A 305 43.87 14.54 -10.62
CA PRO A 305 45.14 14.20 -11.28
C PRO A 305 46.07 15.40 -11.41
N ASN A 306 47.27 15.15 -11.92
CA ASN A 306 48.29 16.18 -12.12
C ASN A 306 47.98 17.12 -13.26
N ILE A 307 46.80 17.05 -13.88
CA ILE A 307 46.47 17.94 -14.98
C ILE A 307 46.49 19.38 -14.50
N THR A 308 47.30 20.21 -15.14
CA THR A 308 47.39 21.62 -14.77
C THR A 308 47.13 22.56 -15.93
N ASN A 309 46.86 22.05 -17.13
CA ASN A 309 46.56 22.92 -18.27
C ASN A 309 45.29 23.72 -18.01
N LEU A 310 45.36 25.01 -18.28
CA LEU A 310 44.18 25.87 -18.17
C LEU A 310 43.31 25.70 -19.41
N CYS A 311 42.01 25.57 -19.20
CA CYS A 311 41.11 25.34 -20.32
C CYS A 311 41.10 26.56 -21.25
N PRO A 312 41.06 26.36 -22.55
CA PRO A 312 41.18 27.48 -23.50
C PRO A 312 39.90 28.30 -23.61
N PHE A 313 39.43 28.83 -22.48
CA PHE A 313 38.30 29.74 -22.49
C PHE A 313 38.69 31.11 -23.04
N ASP A 314 39.97 31.47 -22.98
CA ASP A 314 40.41 32.76 -23.49
C ASP A 314 40.15 32.88 -24.98
N GLU A 315 40.60 31.89 -25.76
CA GLU A 315 40.38 31.94 -27.20
C GLU A 315 38.91 31.80 -27.57
N VAL A 316 38.13 31.10 -26.74
CA VAL A 316 36.71 30.96 -27.01
C VAL A 316 36.00 32.30 -26.82
N PHE A 317 36.29 32.99 -25.72
CA PHE A 317 35.59 34.24 -25.41
C PHE A 317 36.28 35.45 -26.04
N ASN A 318 37.60 35.55 -25.90
CA ASN A 318 38.34 36.67 -26.48
C ASN A 318 38.72 36.36 -27.93
N ALA A 319 37.69 36.21 -28.76
CA ALA A 319 37.86 36.00 -30.18
C ALA A 319 37.42 37.26 -30.92
N THR A 320 38.21 37.64 -31.93
CA THR A 320 37.96 38.90 -32.62
C THR A 320 36.60 38.90 -33.32
N ARG A 321 36.25 37.82 -33.98
CA ARG A 321 34.99 37.72 -34.72
C ARG A 321 34.28 36.43 -34.35
N PHE A 322 33.12 36.54 -33.70
CA PHE A 322 32.28 35.38 -33.48
C PHE A 322 31.50 35.04 -34.74
N ALA A 323 31.23 33.75 -34.91
CA ALA A 323 30.51 33.30 -36.09
C ALA A 323 29.03 33.69 -36.00
N SER A 324 28.34 33.57 -37.12
CA SER A 324 26.94 33.95 -37.18
C SER A 324 26.06 32.91 -36.47
N VAL A 325 24.79 33.25 -36.34
CA VAL A 325 23.86 32.39 -35.61
C VAL A 325 23.67 31.06 -36.34
N TYR A 326 23.47 31.11 -37.65
CA TYR A 326 23.26 29.89 -38.42
C TYR A 326 24.51 29.05 -38.53
N ALA A 327 25.68 29.58 -38.19
CA ALA A 327 26.95 28.87 -38.24
C ALA A 327 27.69 29.01 -36.92
N TRP A 328 26.97 28.77 -35.82
CA TRP A 328 27.56 28.91 -34.49
C TRP A 328 28.79 28.04 -34.34
N ASN A 329 29.85 28.62 -33.77
CA ASN A 329 31.14 27.94 -33.71
C ASN A 329 31.21 27.06 -32.46
N ARG A 330 31.44 25.77 -32.66
CA ARG A 330 31.52 24.81 -31.57
C ARG A 330 32.96 24.36 -31.36
N LYS A 331 33.40 24.40 -30.10
CA LYS A 331 34.74 23.96 -29.73
C LYS A 331 34.64 22.94 -28.61
N ARG A 332 35.52 21.94 -28.66
CA ARG A 332 35.59 20.90 -27.64
C ARG A 332 36.57 21.32 -26.54
N ILE A 333 36.20 21.05 -25.30
CA ILE A 333 37.03 21.34 -24.14
C ILE A 333 37.19 20.05 -23.34
N SER A 334 38.44 19.63 -23.16
CA SER A 334 38.76 18.43 -22.41
C SER A 334 40.21 18.49 -21.99
N ASN A 335 40.54 17.68 -20.97
CA ASN A 335 41.92 17.52 -20.49
C ASN A 335 42.53 18.85 -20.08
N CYS A 336 41.83 19.59 -19.23
CA CYS A 336 42.31 20.88 -18.76
C CYS A 336 41.59 21.22 -17.46
N VAL A 337 42.15 22.21 -16.76
CA VAL A 337 41.55 22.70 -15.52
C VAL A 337 40.62 23.86 -15.86
N ALA A 338 39.33 23.68 -15.59
CA ALA A 338 38.32 24.67 -15.95
C ALA A 338 38.17 25.66 -14.82
N ASP A 339 38.92 26.77 -14.91
CA ASP A 339 38.82 27.85 -13.93
C ASP A 339 37.81 28.86 -14.47
N TYR A 340 36.57 28.77 -13.97
CA TYR A 340 35.51 29.67 -14.43
C TYR A 340 35.67 31.08 -13.90
N SER A 341 36.51 31.29 -12.89
CA SER A 341 36.67 32.62 -12.32
C SER A 341 37.18 33.62 -13.35
N VAL A 342 38.06 33.17 -14.24
CA VAL A 342 38.57 34.06 -15.29
C VAL A 342 37.46 34.53 -16.20
N LEU A 343 36.35 33.79 -16.28
CA LEU A 343 35.22 34.25 -17.08
C LEU A 343 34.67 35.56 -16.55
N TYR A 344 34.79 35.81 -15.24
CA TYR A 344 34.35 37.07 -14.68
C TYR A 344 35.26 38.22 -15.03
N ASN A 345 36.47 37.94 -15.52
CA ASN A 345 37.40 38.98 -15.96
C ASN A 345 37.25 39.33 -17.43
N PHE A 346 36.36 38.66 -18.16
CA PHE A 346 36.20 38.89 -19.58
C PHE A 346 35.00 39.77 -19.92
N ALA A 347 33.95 39.76 -19.09
CA ALA A 347 32.78 40.56 -19.42
C ALA A 347 31.89 40.69 -18.19
N PRO A 348 31.29 41.86 -17.96
CA PRO A 348 30.20 41.98 -16.97
C PRO A 348 28.87 41.53 -17.57
N PHE A 349 28.75 40.21 -17.77
CA PHE A 349 27.63 39.66 -18.51
C PHE A 349 26.32 39.90 -17.78
N PHE A 350 25.27 40.20 -18.56
CA PHE A 350 23.94 40.40 -18.03
C PHE A 350 23.14 39.10 -17.95
N ALA A 351 23.70 37.99 -18.41
CA ALA A 351 23.03 36.70 -18.36
C ALA A 351 24.05 35.61 -18.11
N PHE A 352 23.84 34.82 -17.07
CA PHE A 352 24.71 33.70 -16.72
C PHE A 352 23.85 32.50 -16.34
N LYS A 353 22.84 32.23 -17.16
CA LYS A 353 21.76 31.33 -16.75
C LYS A 353 22.21 29.89 -16.94
N CYS A 354 22.18 29.11 -15.86
CA CYS A 354 22.62 27.72 -15.88
C CYS A 354 21.44 26.79 -15.66
N TYR A 355 21.39 25.72 -16.44
CA TYR A 355 20.36 24.70 -16.34
C TYR A 355 20.99 23.39 -15.87
N GLY A 356 20.42 22.82 -14.81
CA GLY A 356 20.92 21.58 -14.26
C GLY A 356 22.14 21.71 -13.38
N VAL A 357 22.60 22.93 -13.12
CA VAL A 357 23.80 23.15 -12.32
C VAL A 357 23.75 24.57 -11.79
N SER A 358 24.41 24.81 -10.66
CA SER A 358 24.41 26.18 -10.17
C SER A 358 25.71 26.88 -10.56
N PRO A 359 25.64 28.16 -10.92
CA PRO A 359 26.85 28.88 -11.36
C PRO A 359 27.95 28.91 -10.30
N THR A 360 27.59 29.00 -9.02
CA THR A 360 28.59 29.06 -7.97
C THR A 360 29.23 27.71 -7.69
N LYS A 361 28.61 26.61 -8.14
CA LYS A 361 29.13 25.27 -7.89
C LYS A 361 30.10 24.81 -8.97
N LEU A 362 30.34 25.60 -10.00
CA LEU A 362 31.10 25.13 -11.16
C LEU A 362 32.54 24.80 -10.79
N ASN A 363 33.16 25.58 -9.89
CA ASN A 363 34.55 25.37 -9.55
C ASN A 363 34.79 24.08 -8.78
N ASP A 364 33.74 23.41 -8.30
CA ASP A 364 33.89 22.21 -7.49
C ASP A 364 33.38 20.95 -8.20
N LEU A 365 33.22 21.00 -9.52
CA LEU A 365 32.68 19.89 -10.28
C LEU A 365 33.68 19.44 -11.33
N CYS A 366 33.62 18.15 -11.65
CA CYS A 366 34.42 17.56 -12.71
C CYS A 366 33.50 17.15 -13.85
N PHE A 367 33.88 17.51 -15.07
CA PHE A 367 33.10 17.21 -16.26
C PHE A 367 33.90 16.33 -17.20
N THR A 368 33.19 15.45 -17.92
CA THR A 368 33.86 14.57 -18.88
C THR A 368 34.30 15.33 -20.12
N ASN A 369 33.43 16.20 -20.63
CA ASN A 369 33.79 17.07 -21.75
C ASN A 369 32.82 18.23 -21.79
N VAL A 370 33.26 19.31 -22.47
CA VAL A 370 32.47 20.53 -22.58
C VAL A 370 32.40 20.93 -24.05
N TYR A 371 31.22 21.39 -24.46
CA TYR A 371 31.02 22.00 -25.76
C TYR A 371 30.82 23.50 -25.56
N ALA A 372 31.61 24.31 -26.25
CA ALA A 372 31.48 25.76 -26.20
C ALA A 372 30.98 26.24 -27.56
N ASP A 373 29.75 26.74 -27.59
CA ASP A 373 29.13 27.24 -28.80
C ASP A 373 29.04 28.76 -28.73
N SER A 374 29.66 29.44 -29.68
CA SER A 374 29.74 30.89 -29.67
C SER A 374 29.08 31.47 -30.91
N PHE A 375 28.37 32.58 -30.72
CA PHE A 375 27.78 33.33 -31.82
C PHE A 375 27.42 34.74 -31.33
N VAL A 376 26.80 35.52 -32.21
CA VAL A 376 26.34 36.87 -31.91
C VAL A 376 24.86 36.95 -32.29
N ILE A 377 24.04 37.47 -31.38
CA ILE A 377 22.60 37.53 -31.56
C ILE A 377 22.12 38.92 -31.18
N ARG A 378 20.82 39.17 -31.36
CA ARG A 378 20.21 40.40 -30.89
C ARG A 378 19.76 40.23 -29.45
N GLY A 379 19.78 41.34 -28.70
CA GLY A 379 19.54 41.26 -27.26
C GLY A 379 18.19 40.69 -26.92
N ASN A 380 17.12 41.20 -27.56
CA ASN A 380 15.78 40.74 -27.24
C ASN A 380 15.59 39.27 -27.59
N GLU A 381 16.42 38.72 -28.45
CA GLU A 381 16.36 37.31 -28.83
C GLU A 381 17.15 36.41 -27.90
N VAL A 382 17.90 36.98 -26.94
CA VAL A 382 18.73 36.18 -26.06
C VAL A 382 17.88 35.21 -25.26
N SER A 383 16.69 35.64 -24.84
CA SER A 383 15.80 34.78 -24.08
C SER A 383 15.39 33.52 -24.87
N GLN A 384 15.47 33.56 -26.19
CA GLN A 384 15.14 32.39 -26.99
C GLN A 384 16.16 31.28 -26.84
N ILE A 385 17.35 31.57 -26.31
CA ILE A 385 18.40 30.56 -26.16
C ILE A 385 18.15 29.88 -24.82
N ALA A 386 17.26 28.90 -24.83
CA ALA A 386 16.87 28.17 -23.63
C ALA A 386 16.14 26.89 -24.02
N PRO A 387 16.19 25.84 -23.20
CA PRO A 387 15.42 24.63 -23.52
C PRO A 387 13.93 24.91 -23.52
N GLY A 388 13.22 24.26 -24.44
CA GLY A 388 11.78 24.44 -24.53
C GLY A 388 11.36 25.83 -24.94
N GLN A 389 12.04 26.42 -25.92
CA GLN A 389 11.72 27.74 -26.43
C GLN A 389 11.33 27.64 -27.90
N THR A 390 10.34 28.44 -28.29
CA THR A 390 9.86 28.49 -29.67
C THR A 390 10.15 29.87 -30.24
N GLY A 391 10.81 29.89 -31.39
CA GLY A 391 11.12 31.15 -32.05
C GLY A 391 11.92 30.88 -33.31
N THR A 392 12.21 31.97 -34.03
CA THR A 392 13.00 31.85 -35.25
C THR A 392 14.40 31.35 -34.94
N ILE A 393 15.07 32.00 -34.00
CA ILE A 393 16.43 31.59 -33.64
C ILE A 393 16.41 30.22 -32.97
N ALA A 394 15.44 30.00 -32.07
CA ALA A 394 15.42 28.78 -31.29
C ALA A 394 15.15 27.55 -32.16
N ASP A 395 14.33 27.70 -33.20
CA ASP A 395 13.90 26.56 -34.00
C ASP A 395 14.61 26.43 -35.33
N TYR A 396 15.15 27.53 -35.89
CA TYR A 396 15.73 27.51 -37.22
C TYR A 396 17.23 27.74 -37.23
N ASN A 397 17.82 28.21 -36.13
CA ASN A 397 19.24 28.51 -36.10
C ASN A 397 19.99 27.72 -35.04
N TYR A 398 19.48 27.67 -33.81
CA TYR A 398 20.17 26.98 -32.72
C TYR A 398 19.13 26.47 -31.73
N LYS A 399 19.11 25.17 -31.52
CA LYS A 399 18.14 24.52 -30.64
C LYS A 399 18.85 23.79 -29.52
N LEU A 400 18.31 23.92 -28.29
CA LEU A 400 18.84 23.25 -27.12
C LEU A 400 17.99 22.04 -26.75
N PRO A 401 18.61 20.97 -26.26
CA PRO A 401 17.85 19.80 -25.86
C PRO A 401 16.97 20.07 -24.65
N ASP A 402 15.92 19.26 -24.51
CA ASP A 402 15.07 19.35 -23.34
C ASP A 402 15.83 19.01 -22.07
N ASP A 403 16.67 17.97 -22.13
CA ASP A 403 17.51 17.56 -21.01
C ASP A 403 18.85 18.27 -21.00
N PHE A 404 18.94 19.45 -21.61
CA PHE A 404 20.21 20.18 -21.68
C PHE A 404 20.69 20.56 -20.29
N THR A 405 21.98 20.32 -20.03
CA THR A 405 22.65 20.76 -18.82
C THR A 405 23.83 21.62 -19.21
N GLY A 406 23.96 22.77 -18.58
CA GLY A 406 25.05 23.67 -18.92
C GLY A 406 24.75 25.09 -18.47
N CYS A 407 25.33 26.04 -19.19
CA CYS A 407 25.15 27.45 -18.89
C CYS A 407 25.13 28.25 -20.18
N VAL A 408 24.54 29.43 -20.11
CA VAL A 408 24.52 30.39 -21.22
C VAL A 408 24.97 31.74 -20.68
N ILE A 409 25.88 32.39 -21.41
CA ILE A 409 26.45 33.66 -21.02
C ILE A 409 26.35 34.61 -22.21
N ALA A 410 25.69 35.74 -22.01
CA ALA A 410 25.55 36.76 -23.04
C ALA A 410 26.04 38.09 -22.51
N TRP A 411 26.81 38.82 -23.32
CA TRP A 411 27.35 40.09 -22.91
C TRP A 411 27.31 41.08 -24.07
N ASN A 412 27.50 42.35 -23.74
CA ASN A 412 27.36 43.43 -24.72
C ASN A 412 28.46 43.38 -25.77
N SER A 413 28.09 43.70 -27.02
CA SER A 413 29.05 43.75 -28.11
C SER A 413 28.81 44.93 -29.04
N ASN A 414 28.16 45.99 -28.56
CA ASN A 414 27.93 47.16 -29.42
C ASN A 414 29.25 47.83 -29.79
N LYS A 415 30.17 47.95 -28.84
CA LYS A 415 31.43 48.65 -29.07
C LYS A 415 32.39 47.87 -29.96
N LEU A 416 32.10 46.61 -30.27
CA LEU A 416 33.01 45.80 -31.08
C LEU A 416 32.38 45.21 -32.33
N ASP A 417 31.06 45.27 -32.50
CA ASP A 417 30.40 44.68 -33.66
C ASP A 417 29.45 45.65 -34.35
N SER A 418 29.61 46.95 -34.12
CA SER A 418 28.83 47.96 -34.83
C SER A 418 29.55 48.50 -36.06
N ASN A 419 30.72 47.97 -36.39
CA ASN A 419 31.50 48.41 -37.52
C ASN A 419 31.08 47.63 -38.77
N GLY A 420 31.85 47.78 -39.84
CA GLY A 420 31.53 47.13 -41.10
C GLY A 420 31.97 45.67 -41.13
N GLY A 421 32.06 45.14 -42.35
CA GLY A 421 32.41 43.75 -42.50
C GLY A 421 31.31 42.84 -42.01
N GLY A 422 31.71 41.65 -41.53
CA GLY A 422 30.75 40.71 -41.00
C GLY A 422 30.09 41.16 -39.71
N ASN A 423 30.69 42.13 -39.02
CA ASN A 423 30.10 42.64 -37.78
C ASN A 423 28.75 43.27 -38.03
N TYR A 424 28.64 44.08 -39.09
CA TYR A 424 27.33 44.57 -39.54
C TYR A 424 26.60 43.56 -40.41
N ASN A 425 27.30 42.54 -40.90
CA ASN A 425 26.74 41.55 -41.80
C ASN A 425 26.47 40.23 -41.10
N TYR A 426 26.23 40.26 -39.79
CA TYR A 426 25.84 39.05 -39.08
C TYR A 426 24.51 38.55 -39.61
N MET A 427 24.47 37.28 -40.00
CA MET A 427 23.31 36.70 -40.65
C MET A 427 22.72 35.60 -39.78
N TYR A 428 21.47 35.24 -40.10
CA TYR A 428 20.80 34.12 -39.46
C TYR A 428 19.73 33.59 -40.40
N ARG A 429 19.41 32.31 -40.26
CA ARG A 429 18.41 31.68 -41.08
C ARG A 429 17.01 32.08 -40.61
N LEU A 430 16.15 32.47 -41.54
CA LEU A 430 14.81 32.93 -41.21
C LEU A 430 13.73 31.90 -41.52
N PHE A 431 13.92 31.08 -42.55
CA PHE A 431 12.91 30.11 -42.96
C PHE A 431 13.53 28.71 -42.98
N ARG A 432 12.73 27.72 -42.61
CA ARG A 432 13.14 26.33 -42.71
C ARG A 432 11.90 25.45 -42.77
N LYS A 433 12.01 24.33 -43.48
CA LYS A 433 10.87 23.43 -43.63
C LYS A 433 10.44 22.85 -42.30
N SER A 434 11.39 22.45 -41.45
CA SER A 434 11.09 21.88 -40.15
C SER A 434 12.04 22.47 -39.12
N LYS A 435 11.62 22.40 -37.85
CA LYS A 435 12.44 22.92 -36.77
C LYS A 435 13.73 22.13 -36.64
N LEU A 436 14.82 22.83 -36.31
CA LEU A 436 16.11 22.18 -36.12
C LEU A 436 16.08 21.27 -34.91
N LYS A 437 16.69 20.10 -35.05
CA LYS A 437 16.91 19.23 -33.91
C LYS A 437 17.97 19.83 -33.00
N PRO A 438 17.97 19.45 -31.71
CA PRO A 438 18.96 20.03 -30.79
C PRO A 438 20.38 19.75 -31.25
N PHE A 439 21.23 20.77 -31.12
CA PHE A 439 22.64 20.71 -31.52
C PHE A 439 22.75 20.31 -33.00
N GLU A 440 22.21 21.17 -33.85
CA GLU A 440 22.24 20.96 -35.29
C GLU A 440 22.55 22.28 -35.99
N ARG A 441 23.43 22.22 -36.98
CA ARG A 441 23.80 23.39 -37.77
C ARG A 441 23.41 23.15 -39.22
N ASP A 442 22.74 24.13 -39.82
CA ASP A 442 22.33 24.08 -41.22
C ASP A 442 22.79 25.37 -41.89
N ILE A 443 23.87 25.29 -42.66
CA ILE A 443 24.43 26.45 -43.33
C ILE A 443 24.11 26.46 -44.82
N SER A 444 23.17 25.63 -45.26
CA SER A 444 22.79 25.62 -46.67
C SER A 444 22.07 26.91 -47.03
N THR A 445 22.35 27.42 -48.24
CA THR A 445 21.74 28.64 -48.75
C THR A 445 20.58 28.36 -49.69
N GLU A 446 19.84 27.29 -49.44
CA GLU A 446 18.73 26.92 -50.32
C GLU A 446 17.63 27.97 -50.25
N ILE A 447 17.04 28.26 -51.41
CA ILE A 447 15.92 29.19 -51.47
C ILE A 447 14.67 28.54 -50.92
N TYR A 448 14.03 29.19 -49.95
CA TYR A 448 12.83 28.64 -49.33
C TYR A 448 11.65 28.86 -50.27
N GLN A 449 11.03 27.76 -50.69
CA GLN A 449 9.91 27.80 -51.62
C GLN A 449 8.61 27.81 -50.83
N ALA A 450 8.14 29.03 -50.51
CA ALA A 450 6.91 29.15 -49.73
C ALA A 450 5.71 28.64 -50.50
N GLY A 451 5.63 28.96 -51.80
CA GLY A 451 4.51 28.54 -52.62
C GLY A 451 4.75 27.19 -53.26
N ASN A 452 3.77 26.77 -54.07
CA ASN A 452 3.88 25.51 -54.79
C ASN A 452 4.79 25.61 -56.00
N THR A 453 4.93 26.80 -56.58
CA THR A 453 5.70 26.97 -57.80
C THR A 453 7.18 26.72 -57.52
N PRO A 454 7.84 25.85 -58.28
CA PRO A 454 9.28 25.62 -58.06
C PRO A 454 10.10 26.87 -58.34
N CYS A 455 11.18 27.02 -57.58
CA CYS A 455 12.03 28.20 -57.70
C CYS A 455 13.21 27.99 -58.65
N LYS A 456 13.62 26.74 -58.89
CA LYS A 456 14.73 26.42 -59.76
C LYS A 456 16.02 27.11 -59.32
N GLY A 457 16.18 27.29 -58.01
CA GLY A 457 17.39 27.93 -57.48
C GLY A 457 17.46 29.42 -57.68
N VAL A 458 16.38 30.07 -58.09
CA VAL A 458 16.35 31.50 -58.34
C VAL A 458 15.33 32.14 -57.41
N ALA A 459 15.75 33.18 -56.69
CA ALA A 459 14.86 33.86 -55.77
C ALA A 459 13.78 34.62 -56.54
N GLY A 460 12.55 34.51 -56.06
CA GLY A 460 11.44 35.17 -56.71
C GLY A 460 10.23 35.22 -55.81
N PHE A 461 9.06 35.32 -56.44
CA PHE A 461 7.81 35.33 -55.69
C PHE A 461 7.62 33.99 -54.99
N ASN A 462 7.33 34.04 -53.69
CA ASN A 462 7.24 32.87 -52.81
C ASN A 462 8.53 32.05 -52.83
N CYS A 463 9.64 32.67 -53.21
CA CYS A 463 10.96 32.04 -53.24
C CYS A 463 11.91 32.96 -52.50
N TYR A 464 12.01 32.77 -51.19
CA TYR A 464 12.71 33.70 -50.31
C TYR A 464 14.11 33.20 -49.99
N PHE A 465 14.94 34.13 -49.50
CA PHE A 465 16.29 33.82 -49.09
C PHE A 465 16.33 33.77 -47.57
N PRO A 466 16.41 32.57 -46.96
CA PRO A 466 16.30 32.50 -45.50
C PRO A 466 17.41 33.22 -44.76
N LEU A 467 18.61 33.28 -45.31
CA LEU A 467 19.75 33.87 -44.62
C LEU A 467 19.63 35.39 -44.68
N GLN A 468 19.08 35.98 -43.61
CA GLN A 468 18.90 37.42 -43.51
C GLN A 468 19.95 38.00 -42.56
N SER A 469 20.56 39.10 -42.96
CA SER A 469 21.61 39.73 -42.18
C SER A 469 21.05 40.73 -41.19
N TYR A 470 21.76 40.92 -40.09
CA TYR A 470 21.36 41.89 -39.08
C TYR A 470 21.68 43.31 -39.54
N GLY A 471 21.00 44.27 -38.92
CA GLY A 471 21.25 45.68 -39.18
C GLY A 471 21.79 46.38 -37.94
N PHE A 472 22.70 45.72 -37.23
CA PHE A 472 23.22 46.23 -35.97
C PHE A 472 23.85 47.61 -36.16
N ARG A 473 23.26 48.60 -35.51
CA ARG A 473 23.77 49.97 -35.52
C ARG A 473 23.89 50.49 -34.10
N PRO A 474 24.88 51.35 -33.84
CA PRO A 474 24.99 51.94 -32.49
C PRO A 474 23.83 52.83 -32.12
N THR A 475 23.05 53.31 -33.09
CA THR A 475 21.93 54.18 -32.80
C THR A 475 20.70 53.43 -32.31
N TYR A 476 20.66 52.12 -32.47
CA TYR A 476 19.50 51.35 -32.05
C TYR A 476 19.41 51.29 -30.53
N GLY A 477 18.17 51.18 -30.03
CA GLY A 477 17.93 51.05 -28.62
C GLY A 477 18.21 49.65 -28.12
N VAL A 478 17.94 49.45 -26.82
CA VAL A 478 18.24 48.17 -26.18
C VAL A 478 17.46 47.02 -26.79
N GLY A 479 16.39 47.31 -27.53
CA GLY A 479 15.65 46.26 -28.20
C GLY A 479 16.32 45.69 -29.44
N HIS A 480 17.42 46.29 -29.89
CA HIS A 480 18.10 45.82 -31.10
C HIS A 480 19.62 45.82 -30.94
N GLN A 481 20.12 45.73 -29.71
CA GLN A 481 21.57 45.78 -29.58
C GLN A 481 22.17 44.39 -29.75
N PRO A 482 23.37 44.31 -30.34
CA PRO A 482 24.02 43.00 -30.52
C PRO A 482 24.72 42.54 -29.26
N TYR A 483 24.55 41.26 -28.94
CA TYR A 483 25.17 40.60 -27.79
C TYR A 483 25.91 39.36 -28.25
N ARG A 484 27.10 39.17 -27.68
CA ARG A 484 27.85 37.93 -27.89
C ARG A 484 27.38 36.87 -26.90
N VAL A 485 27.09 35.68 -27.41
CA VAL A 485 26.50 34.59 -26.64
C VAL A 485 27.39 33.37 -26.74
N VAL A 486 27.70 32.78 -25.58
CA VAL A 486 28.46 31.55 -25.47
C VAL A 486 27.66 30.57 -24.62
N VAL A 487 27.47 29.36 -25.13
CA VAL A 487 26.73 28.30 -24.46
C VAL A 487 27.70 27.19 -24.13
N LEU A 488 27.79 26.83 -22.85
CA LEU A 488 28.62 25.73 -22.39
C LEU A 488 27.71 24.54 -22.08
N SER A 489 28.00 23.41 -22.70
CA SER A 489 27.28 22.17 -22.45
C SER A 489 28.23 21.16 -21.84
N PHE A 490 27.91 20.70 -20.63
CA PHE A 490 28.76 19.76 -19.91
C PHE A 490 28.21 18.35 -20.06
N GLU A 491 29.11 17.37 -20.03
CA GLU A 491 28.72 15.96 -19.97
C GLU A 491 29.28 15.36 -18.69
N LEU A 492 28.40 14.89 -17.82
CA LEU A 492 28.81 14.30 -16.54
C LEU A 492 28.66 12.78 -16.57
N LEU A 493 29.29 12.15 -15.58
CA LEU A 493 29.22 10.70 -15.38
C LEU A 493 29.75 9.93 -16.59
N HIS A 494 29.46 8.63 -16.65
CA HIS A 494 29.89 7.77 -17.75
C HIS A 494 31.41 7.76 -17.88
N ALA A 495 31.93 8.53 -18.84
CA ALA A 495 33.36 8.55 -19.12
C ALA A 495 34.14 9.11 -17.94
N PRO A 496 35.42 8.76 -17.82
CA PRO A 496 36.24 9.35 -16.76
C PRO A 496 36.31 10.86 -16.88
N ALA A 497 36.25 11.54 -15.74
CA ALA A 497 36.26 13.00 -15.73
C ALA A 497 37.63 13.52 -16.12
N THR A 498 37.66 14.48 -17.05
CA THR A 498 38.90 15.11 -17.46
C THR A 498 38.85 16.63 -17.43
N VAL A 499 37.68 17.23 -17.23
CA VAL A 499 37.55 18.68 -17.07
C VAL A 499 37.09 18.92 -15.63
N CYS A 500 37.95 19.53 -14.83
CA CYS A 500 37.66 19.77 -13.42
C CYS A 500 37.97 21.21 -13.08
N GLY A 501 37.39 21.68 -11.98
CA GLY A 501 37.62 23.02 -11.50
C GLY A 501 38.94 23.14 -10.77
N PRO A 502 39.22 24.35 -10.28
CA PRO A 502 40.48 24.60 -9.57
C PRO A 502 40.39 24.18 -8.10
N LYS A 503 40.42 22.88 -7.86
CA LYS A 503 40.35 22.30 -6.53
C LYS A 503 41.65 21.60 -6.21
N LYS A 504 42.25 21.94 -5.08
CA LYS A 504 43.54 21.37 -4.71
C LYS A 504 43.41 19.91 -4.34
N SER A 505 44.46 19.15 -4.60
CA SER A 505 44.53 17.73 -4.26
C SER A 505 45.25 17.58 -2.94
N THR A 506 44.59 16.96 -1.96
CA THR A 506 45.16 16.80 -0.63
C THR A 506 45.82 15.43 -0.51
N ASN A 507 46.24 15.07 0.70
CA ASN A 507 46.89 13.80 0.93
C ASN A 507 45.85 12.67 0.99
N LEU A 508 46.36 11.45 1.01
CA LEU A 508 45.52 10.25 1.06
C LEU A 508 45.51 9.70 2.49
N VAL A 509 44.31 9.54 3.04
CA VAL A 509 44.13 9.04 4.40
C VAL A 509 43.41 7.70 4.34
N LYS A 510 43.96 6.70 5.02
CA LYS A 510 43.40 5.35 5.01
C LYS A 510 43.01 4.94 6.42
N ASN A 511 42.08 3.99 6.48
CA ASN A 511 41.61 3.39 7.73
C ASN A 511 40.98 4.41 8.66
N LYS A 512 40.40 5.47 8.09
CA LYS A 512 39.68 6.47 8.87
C LYS A 512 38.41 6.86 8.13
N CYS A 513 37.32 7.05 8.87
CA CYS A 513 36.09 7.53 8.28
C CYS A 513 36.30 8.97 7.82
N VAL A 514 36.36 9.17 6.50
CA VAL A 514 36.61 10.47 5.91
C VAL A 514 35.67 10.69 4.73
N ASN A 515 35.51 11.95 4.35
CA ASN A 515 34.89 12.29 3.09
C ASN A 515 35.94 12.25 1.98
N PHE A 516 35.56 11.68 0.85
CA PHE A 516 36.48 11.56 -0.28
C PHE A 516 35.83 12.12 -1.53
N ASN A 517 36.64 12.81 -2.34
CA ASN A 517 36.22 13.38 -3.62
C ASN A 517 37.24 12.92 -4.67
N PHE A 518 36.93 11.83 -5.35
CA PHE A 518 37.81 11.23 -6.36
C PHE A 518 37.30 11.64 -7.74
N ASN A 519 37.92 12.67 -8.32
CA ASN A 519 37.58 13.15 -9.66
C ASN A 519 36.09 13.43 -9.78
N GLY A 520 35.53 14.11 -8.78
CA GLY A 520 34.13 14.42 -8.74
C GLY A 520 33.25 13.38 -8.09
N LEU A 521 33.75 12.16 -7.92
CA LEU A 521 33.00 11.12 -7.21
C LEU A 521 33.05 11.44 -5.73
N THR A 522 31.93 11.89 -5.18
CA THR A 522 31.84 12.30 -3.78
C THR A 522 31.28 11.16 -2.94
N GLY A 523 31.87 10.96 -1.77
CA GLY A 523 31.36 9.93 -0.87
C GLY A 523 31.95 10.07 0.51
N THR A 524 31.47 9.21 1.41
CA THR A 524 31.96 9.18 2.78
C THR A 524 32.18 7.73 3.17
N GLY A 525 33.34 7.43 3.77
CA GLY A 525 33.62 6.07 4.16
C GLY A 525 35.06 5.90 4.59
N VAL A 526 35.50 4.65 4.61
CA VAL A 526 36.84 4.27 5.03
C VAL A 526 37.54 3.64 3.84
N LEU A 527 38.75 4.12 3.54
CA LEU A 527 39.53 3.65 2.40
C LEU A 527 40.62 2.71 2.90
N THR A 528 40.71 1.54 2.28
CA THR A 528 41.70 0.53 2.65
C THR A 528 42.36 -0.03 1.40
N GLU A 529 43.49 -0.72 1.61
CA GLU A 529 44.11 -1.46 0.53
C GLU A 529 43.21 -2.61 0.10
N SER A 530 43.08 -2.80 -1.20
CA SER A 530 42.18 -3.79 -1.77
C SER A 530 42.95 -4.80 -2.61
N ASN A 531 42.44 -6.03 -2.62
CA ASN A 531 43.00 -7.10 -3.43
C ASN A 531 42.33 -7.25 -4.78
N LYS A 532 41.38 -6.37 -5.11
CA LYS A 532 40.70 -6.44 -6.40
C LYS A 532 41.67 -6.14 -7.53
N LYS A 533 41.55 -6.90 -8.62
CA LYS A 533 42.44 -6.76 -9.76
C LYS A 533 41.71 -5.96 -10.85
N PHE A 534 41.79 -4.64 -10.72
CA PHE A 534 41.21 -3.76 -11.73
C PHE A 534 41.95 -3.88 -13.04
N LEU A 535 41.20 -3.93 -14.14
CA LEU A 535 41.80 -3.89 -15.45
C LEU A 535 42.25 -2.46 -15.75
N PRO A 536 43.23 -2.29 -16.64
CA PRO A 536 43.80 -0.94 -16.84
C PRO A 536 42.78 0.12 -17.25
N PHE A 537 41.73 -0.27 -17.96
CA PHE A 537 40.72 0.71 -18.37
C PHE A 537 39.67 0.96 -17.30
N GLN A 538 39.64 0.16 -16.24
CA GLN A 538 38.60 0.26 -15.22
C GLN A 538 38.99 1.29 -14.16
N GLN A 539 38.01 2.08 -13.73
CA GLN A 539 38.22 3.14 -12.76
C GLN A 539 37.64 2.80 -11.38
N PHE A 540 36.36 2.46 -11.30
CA PHE A 540 35.73 2.18 -10.02
C PHE A 540 34.90 0.92 -10.13
N GLY A 541 34.70 0.26 -8.99
CA GLY A 541 33.98 -1.00 -8.93
C GLY A 541 32.68 -0.87 -8.16
N ARG A 542 31.71 -1.71 -8.53
CA ARG A 542 30.41 -1.73 -7.89
C ARG A 542 30.09 -3.15 -7.44
N ASP A 543 29.24 -3.25 -6.42
CA ASP A 543 28.83 -4.53 -5.87
C ASP A 543 27.57 -5.02 -6.57
N ILE A 544 26.93 -6.05 -6.01
CA ILE A 544 25.71 -6.58 -6.59
C ILE A 544 24.61 -5.52 -6.55
N ALA A 545 24.57 -4.72 -5.48
CA ALA A 545 23.60 -3.65 -5.34
C ALA A 545 23.96 -2.41 -6.15
N ASP A 546 25.05 -2.45 -6.91
CA ASP A 546 25.51 -1.32 -7.71
C ASP A 546 25.79 -0.10 -6.83
N THR A 547 26.54 -0.32 -5.75
CA THR A 547 27.07 0.75 -4.92
C THR A 547 28.58 0.75 -5.02
N THR A 548 29.16 1.92 -5.24
CA THR A 548 30.60 2.03 -5.45
C THR A 548 31.38 1.52 -4.25
N ASP A 549 32.10 0.42 -4.43
CA ASP A 549 32.86 -0.18 -3.33
C ASP A 549 34.35 -0.22 -3.58
N ALA A 550 34.82 0.14 -4.77
CA ALA A 550 36.25 0.25 -5.03
C ALA A 550 36.48 1.45 -5.94
N VAL A 551 37.68 2.01 -5.87
CA VAL A 551 37.99 3.20 -6.67
C VAL A 551 39.49 3.22 -6.96
N ARG A 552 39.84 3.67 -8.15
CA ARG A 552 41.24 3.83 -8.55
C ARG A 552 41.68 5.26 -8.29
N ASP A 553 42.76 5.42 -7.55
CA ASP A 553 43.27 6.75 -7.25
C ASP A 553 43.79 7.40 -8.52
N PRO A 554 43.37 8.62 -8.83
CA PRO A 554 43.83 9.26 -10.08
C PRO A 554 45.32 9.46 -10.16
N GLN A 555 45.99 9.69 -9.03
CA GLN A 555 47.41 10.00 -9.04
C GLN A 555 48.29 8.76 -8.82
N THR A 556 48.06 8.06 -7.72
CA THR A 556 48.88 6.90 -7.39
C THR A 556 48.50 5.65 -8.18
N LEU A 557 47.34 5.65 -8.84
CA LEU A 557 46.89 4.53 -9.67
C LEU A 557 46.84 3.22 -8.88
N GLU A 558 46.38 3.32 -7.63
CA GLU A 558 46.14 2.15 -6.81
C GLU A 558 44.65 1.96 -6.57
N ILE A 559 44.28 0.76 -6.18
CA ILE A 559 42.88 0.38 -5.99
C ILE A 559 42.56 0.41 -4.50
N LEU A 560 41.63 1.27 -4.13
CA LEU A 560 41.21 1.44 -2.74
C LEU A 560 39.81 0.87 -2.56
N ASP A 561 39.67 0.02 -1.55
CA ASP A 561 38.35 -0.49 -1.15
C ASP A 561 37.69 0.53 -0.23
N ILE A 562 36.38 0.69 -0.40
CA ILE A 562 35.58 1.65 0.34
C ILE A 562 34.60 0.89 1.21
N THR A 563 34.56 1.22 2.50
CA THR A 563 33.62 0.62 3.42
C THR A 563 32.86 1.72 4.14
N PRO A 564 31.53 1.69 4.15
CA PRO A 564 30.79 2.75 4.83
C PRO A 564 31.10 2.78 6.32
N CYS A 565 31.12 3.98 6.88
CA CYS A 565 31.38 4.15 8.30
C CYS A 565 30.29 3.50 9.12
N SER A 566 30.67 3.02 10.30
CA SER A 566 29.77 2.20 11.10
C SER A 566 28.55 2.99 11.54
N PHE A 567 27.42 2.31 11.60
CA PHE A 567 26.17 2.89 12.07
C PHE A 567 25.30 1.77 12.62
N GLY A 568 24.18 2.16 13.21
CA GLY A 568 23.25 1.20 13.76
C GLY A 568 22.30 1.87 14.72
N GLY A 569 21.43 1.04 15.29
CA GLY A 569 20.47 1.53 16.25
C GLY A 569 21.03 1.56 17.66
N VAL A 570 20.45 2.45 18.48
CA VAL A 570 20.78 2.55 19.89
C VAL A 570 19.56 2.13 20.68
N SER A 571 19.76 1.24 21.64
CA SER A 571 18.67 0.76 22.49
C SER A 571 18.98 1.10 23.94
N VAL A 572 17.96 1.54 24.67
CA VAL A 572 18.09 1.85 26.08
C VAL A 572 17.39 0.75 26.86
N ILE A 573 18.14 0.08 27.72
CA ILE A 573 17.64 -1.00 28.56
C ILE A 573 17.41 -0.42 29.94
N THR A 574 16.18 -0.52 30.42
CA THR A 574 15.86 0.13 31.68
C THR A 574 14.81 -0.64 32.45
N PRO A 575 14.98 -0.80 33.76
CA PRO A 575 13.84 -1.13 34.60
C PRO A 575 12.88 0.05 34.66
N GLY A 576 11.66 -0.23 35.12
CA GLY A 576 10.66 0.82 35.18
C GLY A 576 11.15 2.00 36.00
N THR A 577 10.74 3.20 35.59
CA THR A 577 11.09 4.40 36.34
C THR A 577 10.58 4.34 37.77
N ASN A 578 9.54 3.53 38.02
CA ASN A 578 9.12 3.26 39.39
C ASN A 578 10.20 2.55 40.19
N THR A 579 11.11 1.84 39.52
CA THR A 579 12.16 1.09 40.21
C THR A 579 13.43 1.93 40.34
N SER A 580 14.01 2.36 39.22
CA SER A 580 15.25 3.12 39.25
C SER A 580 15.37 3.94 37.99
N ASN A 581 16.29 4.90 38.02
CA ASN A 581 16.61 5.72 36.86
C ASN A 581 17.87 5.25 36.14
N GLN A 582 18.51 4.18 36.61
CA GLN A 582 19.68 3.66 35.93
C GLN A 582 19.28 2.98 34.63
N VAL A 583 20.12 3.16 33.60
CA VAL A 583 19.89 2.56 32.29
C VAL A 583 21.19 1.99 31.77
N ALA A 584 21.06 1.12 30.77
CA ALA A 584 22.18 0.63 29.99
C ALA A 584 21.93 0.95 28.53
N VAL A 585 23.00 1.05 27.75
CA VAL A 585 22.91 1.45 26.35
C VAL A 585 23.51 0.34 25.51
N LEU A 586 22.75 -0.12 24.51
CA LEU A 586 23.19 -1.16 23.59
C LEU A 586 23.33 -0.53 22.20
N TYR A 587 24.56 -0.48 21.70
CA TYR A 587 24.83 -0.08 20.32
C TYR A 587 24.79 -1.34 19.48
N GLN A 588 23.79 -1.43 18.61
CA GLN A 588 23.46 -2.69 17.95
C GLN A 588 24.39 -2.96 16.77
N GLY A 589 24.98 -4.15 16.76
CA GLY A 589 25.76 -4.61 15.63
C GLY A 589 27.02 -3.83 15.36
N VAL A 590 27.71 -3.37 16.39
CA VAL A 590 28.99 -2.68 16.23
C VAL A 590 29.95 -3.17 17.29
N ASN A 591 31.22 -3.26 16.92
CA ASN A 591 32.27 -3.62 17.85
C ASN A 591 32.44 -2.52 18.90
N CYS A 592 32.79 -2.93 20.12
CA CYS A 592 32.92 -1.95 21.20
C CYS A 592 34.05 -0.96 20.95
N THR A 593 35.06 -1.36 20.17
CA THR A 593 36.18 -0.47 19.91
C THR A 593 35.75 0.76 19.12
N GLU A 594 34.73 0.61 18.27
CA GLU A 594 34.29 1.74 17.46
C GLU A 594 33.52 2.77 18.28
N VAL A 595 32.86 2.34 19.35
CA VAL A 595 32.06 3.23 20.17
C VAL A 595 32.98 4.21 20.90
N SER A 596 32.88 5.49 20.55
CA SER A 596 33.73 6.51 21.14
C SER A 596 33.01 7.85 20.97
N VAL A 597 32.89 8.60 22.06
CA VAL A 597 32.09 9.82 22.11
C VAL A 597 32.54 10.82 21.06
N ALA A 598 33.85 10.94 20.86
CA ALA A 598 34.45 11.96 20.00
C ALA A 598 33.81 12.03 18.62
N ILE A 599 33.57 10.87 18.00
CA ILE A 599 32.96 10.84 16.68
C ILE A 599 31.55 10.27 16.69
N HIS A 600 31.06 9.81 17.85
CA HIS A 600 29.74 9.20 17.90
C HIS A 600 28.63 10.24 17.74
N ALA A 601 27.48 9.79 17.24
CA ALA A 601 26.31 10.64 17.19
C ALA A 601 25.74 10.91 18.58
N ASP A 602 26.21 10.17 19.58
CA ASP A 602 25.80 10.43 20.97
C ASP A 602 26.26 11.82 21.38
N GLN A 603 25.46 12.46 22.23
CA GLN A 603 25.75 13.82 22.64
C GLN A 603 26.97 13.86 23.56
N LEU A 604 27.44 15.07 23.84
CA LEU A 604 28.60 15.26 24.72
C LEU A 604 28.20 15.64 26.14
N THR A 605 26.92 15.59 26.47
CA THR A 605 26.46 15.82 27.83
C THR A 605 27.10 14.77 28.74
N PRO A 606 27.55 15.16 29.94
CA PRO A 606 28.27 14.22 30.83
C PRO A 606 27.72 12.80 30.88
N THR A 607 26.40 12.65 31.03
CA THR A 607 25.83 11.31 31.07
C THR A 607 26.02 10.59 29.74
N TRP A 608 25.82 11.29 28.63
CA TRP A 608 26.06 10.67 27.33
C TRP A 608 27.55 10.37 27.12
N ARG A 609 28.42 11.21 27.69
CA ARG A 609 29.85 10.89 27.64
C ARG A 609 30.14 9.59 28.39
N VAL A 610 29.49 9.39 29.54
CA VAL A 610 29.66 8.14 30.28
C VAL A 610 29.14 6.96 29.46
N TYR A 611 27.97 7.13 28.83
CA TYR A 611 27.33 6.05 28.10
C TYR A 611 27.74 6.00 26.64
N SER A 612 28.82 6.68 26.25
CA SER A 612 29.31 6.62 24.88
C SER A 612 30.80 6.28 24.82
N THR A 613 31.34 5.64 25.84
CA THR A 613 32.73 5.20 25.85
C THR A 613 32.77 3.68 25.74
N GLY A 614 33.43 3.18 24.70
CA GLY A 614 33.51 1.75 24.50
C GLY A 614 34.46 1.02 25.42
N SER A 615 35.29 1.75 26.16
CA SER A 615 36.19 1.11 27.11
C SER A 615 35.42 0.38 28.20
N ASN A 616 34.37 1.00 28.70
CA ASN A 616 33.50 0.38 29.70
C ASN A 616 32.36 -0.39 29.03
N GLY A 617 32.70 -1.24 28.07
CA GLY A 617 31.70 -1.91 27.28
C GLY A 617 31.91 -3.39 27.12
N PHE A 618 30.87 -4.18 27.36
CA PHE A 618 30.87 -5.61 27.15
C PHE A 618 30.39 -5.92 25.75
N GLN A 619 31.08 -6.84 25.08
CA GLN A 619 30.81 -7.15 23.68
C GLN A 619 29.95 -8.39 23.58
N THR A 620 28.67 -8.21 23.28
CA THR A 620 27.76 -9.31 23.00
C THR A 620 27.58 -9.43 21.49
N ARG A 621 27.07 -10.59 21.06
CA ARG A 621 26.79 -10.77 19.64
C ARG A 621 25.73 -9.80 19.15
N ALA A 622 24.92 -9.24 20.06
CA ALA A 622 23.95 -8.23 19.67
C ALA A 622 24.56 -6.84 19.53
N GLY A 623 25.75 -6.63 20.05
CA GLY A 623 26.41 -5.35 19.93
C GLY A 623 27.19 -5.00 21.18
N CYS A 624 27.44 -3.72 21.37
CA CYS A 624 28.22 -3.24 22.51
C CYS A 624 27.28 -2.75 23.60
N LEU A 625 27.44 -3.28 24.81
CA LEU A 625 26.58 -2.96 25.93
C LEU A 625 27.38 -2.17 26.95
N ILE A 626 26.88 -0.98 27.31
CA ILE A 626 27.56 -0.07 28.21
C ILE A 626 26.63 0.21 29.39
N GLY A 627 27.16 0.07 30.60
CA GLY A 627 26.40 0.31 31.80
C GLY A 627 25.82 -0.91 32.45
N ALA A 628 26.13 -2.11 31.96
CA ALA A 628 25.66 -3.35 32.54
C ALA A 628 26.84 -4.26 32.81
N GLU A 629 26.81 -4.93 33.95
CA GLU A 629 27.88 -5.83 34.37
C GLU A 629 27.50 -7.26 34.02
N TYR A 630 28.42 -7.99 33.40
CA TYR A 630 28.17 -9.36 33.00
C TYR A 630 28.49 -10.31 34.13
N VAL A 631 27.53 -11.17 34.47
CA VAL A 631 27.69 -12.16 35.52
C VAL A 631 27.69 -13.54 34.89
N ASN A 632 28.24 -14.50 35.61
CA ASN A 632 28.30 -15.88 35.13
C ASN A 632 27.12 -16.73 35.61
N ASN A 633 26.24 -16.17 36.41
CA ASN A 633 25.03 -16.89 36.79
C ASN A 633 24.05 -16.90 35.63
N SER A 634 23.05 -17.77 35.72
CA SER A 634 22.00 -17.87 34.72
C SER A 634 20.65 -17.76 35.41
N TYR A 635 19.84 -16.81 34.97
CA TYR A 635 18.51 -16.60 35.50
C TYR A 635 17.49 -16.68 34.37
N GLU A 636 16.21 -16.62 34.73
CA GLU A 636 15.18 -16.50 33.73
C GLU A 636 15.27 -15.14 33.06
N CYS A 637 15.02 -15.11 31.76
CA CYS A 637 15.18 -13.86 31.01
C CYS A 637 14.20 -12.81 31.53
N ASP A 638 14.74 -11.61 31.78
CA ASP A 638 13.93 -10.49 32.24
C ASP A 638 13.78 -9.43 31.16
N ILE A 639 14.89 -8.92 30.64
CA ILE A 639 14.88 -7.99 29.51
C ILE A 639 15.70 -8.61 28.39
N PRO A 640 15.08 -8.98 27.27
CA PRO A 640 15.82 -9.67 26.21
C PRO A 640 16.73 -8.72 25.45
N ILE A 641 18.03 -9.00 25.49
CA ILE A 641 18.99 -8.26 24.68
C ILE A 641 19.19 -8.93 23.33
N GLY A 642 19.39 -10.24 23.33
CA GLY A 642 19.54 -10.97 22.09
C GLY A 642 20.70 -11.93 22.09
N ALA A 643 20.68 -12.88 21.15
CA ALA A 643 21.74 -13.88 21.02
C ALA A 643 21.96 -14.63 22.34
N GLY A 644 20.87 -14.89 23.06
CA GLY A 644 20.93 -15.59 24.32
C GLY A 644 21.30 -14.74 25.51
N ILE A 645 21.51 -13.44 25.32
CA ILE A 645 21.88 -12.54 26.41
C ILE A 645 20.65 -11.78 26.86
N CYS A 646 20.40 -11.78 28.17
CA CYS A 646 19.31 -11.04 28.78
C CYS A 646 19.88 -10.12 29.85
N ALA A 647 19.07 -9.15 30.27
CA ALA A 647 19.48 -8.16 31.25
C ALA A 647 18.40 -8.00 32.31
N SER A 648 18.83 -7.58 33.50
CA SER A 648 17.90 -7.40 34.61
C SER A 648 18.48 -6.40 35.59
N TYR A 649 17.66 -6.06 36.58
CA TYR A 649 18.04 -5.14 37.65
C TYR A 649 18.06 -5.89 38.96
N GLN A 650 19.21 -5.90 39.63
CA GLN A 650 19.38 -6.62 40.88
C GLN A 650 19.98 -5.69 41.93
N THR A 651 19.52 -5.84 43.16
CA THR A 651 20.00 -5.03 44.27
C THR A 651 21.47 -5.35 44.59
N SER A 664 26.02 -2.07 45.77
CA SER A 664 25.85 -1.75 44.36
C SER A 664 24.57 -2.37 43.82
N GLN A 665 23.82 -1.60 43.04
CA GLN A 665 22.60 -2.06 42.40
C GLN A 665 22.62 -1.67 40.92
N PRO A 666 23.52 -2.27 40.14
CA PRO A 666 23.60 -1.92 38.72
C PRO A 666 22.75 -2.85 37.87
N ILE A 667 22.66 -2.55 36.57
CA ILE A 667 22.05 -3.47 35.62
C ILE A 667 23.03 -4.60 35.37
N ILE A 668 22.53 -5.83 35.38
CA ILE A 668 23.36 -7.00 35.10
C ILE A 668 22.92 -7.62 33.79
N ALA A 669 23.89 -8.20 33.09
CA ALA A 669 23.66 -8.94 31.86
C ALA A 669 24.16 -10.37 32.05
N TYR A 670 23.40 -11.33 31.55
CA TYR A 670 23.71 -12.74 31.76
C TYR A 670 23.20 -13.54 30.59
N THR A 671 23.52 -14.84 30.60
CA THR A 671 22.98 -15.78 29.64
C THR A 671 21.73 -16.42 30.23
N MET A 672 20.62 -16.32 29.51
CA MET A 672 19.35 -16.78 30.04
C MET A 672 19.38 -18.28 30.29
N SER A 673 18.70 -18.70 31.35
CA SER A 673 18.61 -20.11 31.71
C SER A 673 17.35 -20.71 31.12
N LEU A 674 17.49 -21.83 30.42
CA LEU A 674 16.34 -22.48 29.80
C LEU A 674 15.46 -23.18 30.82
N GLY A 675 16.00 -23.52 31.97
CA GLY A 675 15.23 -24.19 33.00
C GLY A 675 16.12 -25.03 33.89
N ALA A 676 15.51 -25.58 34.93
CA ALA A 676 16.24 -26.43 35.86
C ALA A 676 16.61 -27.75 35.21
N GLU A 677 17.87 -28.13 35.33
CA GLU A 677 18.31 -29.41 34.78
C GLU A 677 17.71 -30.56 35.57
N ASN A 678 17.29 -31.59 34.86
CA ASN A 678 16.64 -32.74 35.47
C ASN A 678 17.12 -34.01 34.79
N SER A 679 17.33 -35.06 35.57
CA SER A 679 17.70 -36.37 35.06
C SER A 679 16.71 -37.39 35.57
N VAL A 680 16.01 -38.04 34.66
CA VAL A 680 14.97 -39.00 35.02
C VAL A 680 15.63 -40.31 35.41
N ALA A 681 15.18 -40.90 36.53
CA ALA A 681 15.74 -42.15 37.04
C ALA A 681 15.22 -43.32 36.19
N TYR A 682 15.69 -43.36 34.95
CA TYR A 682 15.21 -44.34 33.99
C TYR A 682 15.99 -45.64 34.13
N SER A 683 15.26 -46.75 34.22
CA SER A 683 15.82 -48.09 34.07
C SER A 683 14.79 -48.93 33.35
N ASN A 684 15.17 -50.15 32.99
CA ASN A 684 14.30 -50.99 32.18
C ASN A 684 13.27 -51.77 33.00
N ASN A 685 13.28 -51.63 34.33
CA ASN A 685 12.27 -52.31 35.14
C ASN A 685 11.75 -51.45 36.28
N SER A 686 11.81 -50.12 36.15
CA SER A 686 11.31 -49.22 37.17
C SER A 686 10.26 -48.30 36.57
N ILE A 687 9.17 -48.10 37.31
CA ILE A 687 8.09 -47.24 36.87
C ILE A 687 7.75 -46.28 37.99
N ALA A 688 7.17 -45.14 37.63
CA ALA A 688 6.75 -44.14 38.59
C ALA A 688 5.24 -43.92 38.45
N ILE A 689 4.52 -44.02 39.56
CA ILE A 689 3.06 -43.91 39.53
C ILE A 689 2.63 -42.90 40.58
N PRO A 690 1.73 -41.96 40.22
CA PRO A 690 1.27 -40.99 41.21
C PRO A 690 0.33 -41.61 42.23
N THR A 691 0.46 -41.16 43.48
CA THR A 691 -0.38 -41.62 44.56
C THR A 691 -1.39 -40.57 44.99
N ASN A 692 -1.38 -39.39 44.38
CA ASN A 692 -2.29 -38.31 44.72
C ASN A 692 -2.54 -37.51 43.46
N PHE A 693 -3.20 -36.36 43.59
CA PHE A 693 -3.48 -35.54 42.43
C PHE A 693 -3.72 -34.10 42.88
N THR A 694 -3.90 -33.23 41.89
CA THR A 694 -4.16 -31.81 42.10
C THR A 694 -5.12 -31.34 41.02
N ILE A 695 -6.11 -30.55 41.43
CA ILE A 695 -7.02 -29.91 40.49
C ILE A 695 -6.50 -28.51 40.22
N SER A 696 -6.15 -28.24 38.97
CA SER A 696 -5.52 -26.98 38.60
C SER A 696 -6.43 -26.23 37.63
N VAL A 697 -6.68 -24.95 37.93
CA VAL A 697 -7.50 -24.11 37.06
C VAL A 697 -6.62 -22.98 36.54
N THR A 698 -6.48 -22.93 35.22
CA THR A 698 -5.68 -21.91 34.55
C THR A 698 -6.59 -21.03 33.70
N THR A 699 -6.05 -19.88 33.29
CA THR A 699 -6.80 -18.91 32.49
C THR A 699 -6.15 -18.74 31.14
N GLU A 700 -6.98 -18.71 30.10
CA GLU A 700 -6.53 -18.44 28.74
C GLU A 700 -7.38 -17.33 28.16
N ILE A 701 -6.74 -16.27 27.68
CA ILE A 701 -7.42 -15.07 27.21
C ILE A 701 -7.24 -14.97 25.70
N LEU A 702 -8.34 -14.76 24.99
CA LEU A 702 -8.32 -14.72 23.53
C LEU A 702 -9.09 -13.51 23.03
N PRO A 703 -8.48 -12.65 22.22
CA PRO A 703 -9.26 -11.61 21.54
C PRO A 703 -10.25 -12.23 20.56
N VAL A 704 -11.40 -11.58 20.42
CA VAL A 704 -12.48 -12.06 19.57
C VAL A 704 -12.83 -11.04 18.49
N SER A 705 -13.02 -9.79 18.89
CA SER A 705 -13.40 -8.73 17.95
C SER A 705 -12.62 -7.48 18.29
N MET A 706 -12.55 -6.57 17.32
CA MET A 706 -11.95 -5.26 17.51
C MET A 706 -12.97 -4.19 17.16
N THR A 707 -12.56 -2.94 17.34
CA THR A 707 -13.49 -1.82 17.18
C THR A 707 -13.92 -1.67 15.73
N LYS A 708 -15.23 -1.56 15.52
CA LYS A 708 -15.77 -1.33 14.18
C LYS A 708 -15.70 0.15 13.88
N THR A 709 -14.91 0.53 12.87
CA THR A 709 -14.74 1.91 12.50
C THR A 709 -15.23 2.15 11.08
N SER A 710 -15.74 3.34 10.85
CA SER A 710 -16.16 3.79 9.53
C SER A 710 -15.51 5.14 9.27
N VAL A 711 -15.12 5.37 8.02
CA VAL A 711 -14.43 6.59 7.62
C VAL A 711 -15.17 7.20 6.44
N ASP A 712 -15.46 8.50 6.54
CA ASP A 712 -16.02 9.23 5.42
C ASP A 712 -14.87 9.74 4.57
N CYS A 713 -14.75 9.20 3.36
CA CYS A 713 -13.61 9.53 2.49
C CYS A 713 -13.57 11.02 2.18
N THR A 714 -14.68 11.56 1.70
CA THR A 714 -14.72 12.97 1.32
C THR A 714 -14.53 13.88 2.52
N MET A 715 -15.19 13.57 3.64
CA MET A 715 -15.06 14.41 4.82
C MET A 715 -13.63 14.41 5.34
N TYR A 716 -12.98 13.25 5.36
CA TYR A 716 -11.61 13.19 5.87
C TYR A 716 -10.64 13.91 4.95
N ILE A 717 -10.71 13.62 3.64
CA ILE A 717 -9.73 14.18 2.72
C ILE A 717 -9.95 15.67 2.53
N CYS A 718 -11.21 16.08 2.35
CA CYS A 718 -11.52 17.44 1.91
C CYS A 718 -12.31 18.26 2.90
N GLY A 719 -12.86 17.66 3.95
CA GLY A 719 -13.70 18.43 4.84
C GLY A 719 -15.00 18.80 4.15
N ASP A 720 -15.31 20.10 4.12
CA ASP A 720 -16.56 20.58 3.56
C ASP A 720 -16.33 21.58 2.42
N SER A 721 -15.27 21.36 1.63
CA SER A 721 -14.93 22.23 0.53
C SER A 721 -15.26 21.56 -0.79
N THR A 722 -16.01 22.26 -1.63
CA THR A 722 -16.48 21.66 -2.89
C THR A 722 -15.37 21.58 -3.92
N GLU A 723 -14.43 22.53 -3.92
CA GLU A 723 -13.33 22.49 -4.87
C GLU A 723 -12.47 21.26 -4.66
N CYS A 724 -12.13 20.97 -3.40
CA CYS A 724 -11.37 19.77 -3.09
C CYS A 724 -12.15 18.52 -3.44
N SER A 725 -13.47 18.53 -3.21
CA SER A 725 -14.29 17.37 -3.56
C SER A 725 -14.25 17.11 -5.06
N ASN A 726 -14.37 18.17 -5.87
CA ASN A 726 -14.31 18.00 -7.32
C ASN A 726 -12.93 17.52 -7.75
N LEU A 727 -11.86 18.04 -7.15
CA LEU A 727 -10.53 17.56 -7.48
C LEU A 727 -10.36 16.09 -7.12
N LEU A 728 -10.88 15.69 -5.96
CA LEU A 728 -10.80 14.29 -5.53
C LEU A 728 -11.62 13.39 -6.44
N LEU A 729 -12.69 13.91 -7.03
CA LEU A 729 -13.50 13.13 -7.95
C LEU A 729 -12.70 12.62 -9.14
N GLN A 730 -11.56 13.26 -9.43
CA GLN A 730 -10.71 12.87 -10.54
C GLN A 730 -9.76 11.72 -10.20
N TYR A 731 -9.80 11.22 -8.97
CA TYR A 731 -8.91 10.14 -8.54
C TYR A 731 -9.52 8.76 -8.67
N GLY A 732 -10.73 8.65 -9.21
CA GLY A 732 -11.32 7.35 -9.43
C GLY A 732 -12.22 6.90 -8.31
N SER A 733 -12.21 5.60 -8.02
CA SER A 733 -13.11 4.99 -7.04
C SER A 733 -12.33 4.41 -5.87
N PHE A 734 -11.33 5.15 -5.38
CA PHE A 734 -10.63 4.71 -4.18
C PHE A 734 -11.53 4.79 -2.96
N CYS A 735 -12.38 5.81 -2.88
CA CYS A 735 -13.25 6.00 -1.73
C CYS A 735 -14.20 4.82 -1.55
N THR A 736 -14.79 4.34 -2.66
CA THR A 736 -15.68 3.20 -2.57
C THR A 736 -14.95 1.96 -2.11
N GLN A 737 -13.71 1.76 -2.58
CA GLN A 737 -12.93 0.60 -2.13
C GLN A 737 -12.67 0.66 -0.64
N LEU A 738 -12.26 1.82 -0.13
CA LEU A 738 -12.01 1.95 1.30
C LEU A 738 -13.28 1.73 2.10
N LYS A 739 -14.40 2.28 1.63
CA LYS A 739 -15.67 2.09 2.32
C LYS A 739 -16.06 0.62 2.36
N ARG A 740 -15.89 -0.09 1.24
CA ARG A 740 -16.24 -1.52 1.20
C ARG A 740 -15.35 -2.32 2.14
N ALA A 741 -14.06 -2.02 2.16
CA ALA A 741 -13.15 -2.75 3.04
C ALA A 741 -13.52 -2.54 4.50
N LEU A 742 -13.80 -1.29 4.88
CA LEU A 742 -14.16 -1.02 6.27
C LEU A 742 -15.49 -1.68 6.63
N THR A 743 -16.46 -1.66 5.71
CA THR A 743 -17.73 -2.32 5.99
C THR A 743 -17.55 -3.82 6.16
N GLY A 744 -16.72 -4.43 5.32
CA GLY A 744 -16.45 -5.85 5.48
C GLY A 744 -15.82 -6.18 6.81
N ILE A 745 -14.85 -5.36 7.25
CA ILE A 745 -14.24 -5.57 8.57
C ILE A 745 -15.29 -5.43 9.67
N ALA A 746 -16.14 -4.41 9.57
CA ALA A 746 -17.14 -4.17 10.61
C ALA A 746 -18.12 -5.34 10.71
N VAL A 747 -18.56 -5.87 9.58
CA VAL A 747 -19.46 -7.03 9.62
C VAL A 747 -18.73 -8.25 10.15
N GLU A 748 -17.46 -8.41 9.79
CA GLU A 748 -16.70 -9.56 10.24
C GLU A 748 -16.53 -9.57 11.75
N GLN A 749 -16.47 -8.39 12.38
CA GLN A 749 -16.35 -8.36 13.83
C GLN A 749 -17.59 -8.96 14.51
N ASP A 750 -18.77 -8.56 14.04
CA ASP A 750 -20.00 -9.13 14.57
C ASP A 750 -20.07 -10.62 14.29
N LYS A 751 -19.61 -11.04 13.11
CA LYS A 751 -19.58 -12.47 12.80
C LYS A 751 -18.68 -13.22 13.77
N ASN A 752 -17.52 -12.64 14.10
CA ASN A 752 -16.60 -13.27 15.05
C ASN A 752 -17.26 -13.45 16.40
N THR A 753 -17.88 -12.39 16.91
CA THR A 753 -18.54 -12.49 18.22
C THR A 753 -19.65 -13.53 18.19
N GLN A 754 -20.46 -13.53 17.12
CA GLN A 754 -21.54 -14.50 17.00
C GLN A 754 -21.01 -15.93 16.99
N GLU A 755 -19.93 -16.17 16.25
CA GLU A 755 -19.40 -17.52 16.16
C GLU A 755 -18.81 -17.97 17.49
N VAL A 756 -18.15 -17.08 18.21
CA VAL A 756 -17.54 -17.48 19.48
C VAL A 756 -18.60 -17.74 20.53
N PHE A 757 -19.58 -16.85 20.66
CA PHE A 757 -20.46 -16.92 21.82
C PHE A 757 -21.81 -17.56 21.56
N ALA A 758 -22.40 -17.38 20.38
CA ALA A 758 -23.74 -17.90 20.10
C ALA A 758 -23.67 -19.36 19.65
N GLN A 759 -23.07 -20.19 20.51
CA GLN A 759 -22.97 -21.62 20.26
C GLN A 759 -23.96 -22.44 21.07
N VAL A 760 -24.91 -21.78 21.73
CA VAL A 760 -25.88 -22.45 22.58
C VAL A 760 -27.27 -22.22 21.98
N LYS A 761 -28.06 -23.29 21.90
CA LYS A 761 -29.37 -23.20 21.26
C LYS A 761 -30.36 -22.44 22.13
N GLN A 762 -30.38 -22.73 23.42
CA GLN A 762 -31.35 -22.16 24.34
C GLN A 762 -30.64 -21.52 25.52
N ILE A 763 -31.26 -20.48 26.08
CA ILE A 763 -30.68 -19.79 27.22
C ILE A 763 -30.99 -20.58 28.49
N TYR A 764 -30.09 -21.47 28.86
CA TYR A 764 -30.28 -22.26 30.07
C TYR A 764 -30.10 -21.39 31.31
N LYS A 765 -30.74 -21.80 32.40
CA LYS A 765 -30.65 -21.09 33.66
C LYS A 765 -30.28 -22.04 34.77
N ILE A 766 -29.40 -21.58 35.66
CA ILE A 766 -28.99 -22.40 36.81
C ILE A 766 -30.18 -22.57 37.75
N PRO A 767 -30.33 -23.72 38.40
CA PRO A 767 -31.41 -23.87 39.37
C PRO A 767 -31.17 -22.98 40.57
N PRO A 768 -32.23 -22.56 41.26
CA PRO A 768 -32.03 -21.72 42.45
C PRO A 768 -31.21 -22.39 43.54
N ILE A 769 -31.29 -23.71 43.67
CA ILE A 769 -30.51 -24.43 44.67
C ILE A 769 -29.11 -24.68 44.11
N LYS A 770 -28.09 -24.36 44.90
CA LYS A 770 -26.70 -24.42 44.47
C LYS A 770 -25.95 -25.58 45.12
N HIS A 771 -26.58 -26.75 45.19
CA HIS A 771 -25.94 -27.95 45.73
C HIS A 771 -25.36 -28.76 44.59
N PHE A 772 -24.10 -28.53 44.27
CA PHE A 772 -23.40 -29.29 43.24
C PHE A 772 -22.25 -30.05 43.90
N GLY A 773 -22.59 -31.17 44.54
CA GLY A 773 -21.61 -32.06 45.14
C GLY A 773 -20.54 -31.42 46.00
N GLY A 774 -20.78 -30.20 46.47
CA GLY A 774 -19.80 -29.45 47.22
C GLY A 774 -18.97 -28.49 46.40
N PHE A 775 -19.07 -28.52 45.08
CA PHE A 775 -18.38 -27.56 44.25
C PHE A 775 -19.08 -26.22 44.31
N ASN A 776 -18.28 -25.14 44.32
CA ASN A 776 -18.77 -23.79 44.56
C ASN A 776 -18.43 -22.92 43.36
N PHE A 777 -19.45 -22.60 42.55
CA PHE A 777 -19.28 -21.77 41.36
C PHE A 777 -19.74 -20.33 41.57
N SER A 778 -19.78 -19.87 42.81
CA SER A 778 -20.35 -18.55 43.08
C SER A 778 -19.54 -17.44 42.42
N GLN A 779 -18.24 -17.64 42.22
CA GLN A 779 -17.40 -16.59 41.66
C GLN A 779 -17.50 -16.50 40.15
N ILE A 780 -18.08 -17.48 39.48
CA ILE A 780 -18.25 -17.43 38.03
C ILE A 780 -19.70 -17.38 37.60
N LEU A 781 -20.65 -17.59 38.50
CA LEU A 781 -22.05 -17.47 38.18
C LEU A 781 -22.48 -16.01 38.16
N PRO A 782 -23.53 -15.69 37.41
CA PRO A 782 -23.98 -14.29 37.33
C PRO A 782 -24.35 -13.73 38.69
N ASP A 783 -24.07 -12.45 38.88
CA ASP A 783 -24.42 -11.75 40.11
C ASP A 783 -25.62 -10.86 39.84
N PRO A 784 -26.82 -11.21 40.31
CA PRO A 784 -28.01 -10.42 39.97
C PRO A 784 -28.04 -9.05 40.64
N SER A 785 -27.21 -8.80 41.65
CA SER A 785 -27.24 -7.51 42.33
C SER A 785 -26.85 -6.38 41.38
N LYS A 786 -25.79 -6.57 40.62
CA LYS A 786 -25.34 -5.54 39.70
C LYS A 786 -26.24 -5.49 38.46
N PRO A 787 -26.46 -4.30 37.89
CA PRO A 787 -27.31 -4.21 36.70
C PRO A 787 -26.77 -5.00 35.50
N SER A 788 -25.45 -5.07 35.35
CA SER A 788 -24.87 -5.76 34.20
C SER A 788 -25.03 -7.27 34.28
N LYS A 789 -25.35 -7.81 35.47
CA LYS A 789 -25.53 -9.24 35.68
C LYS A 789 -24.29 -10.04 35.29
N ARG A 790 -23.11 -9.46 35.47
CA ARG A 790 -21.86 -10.15 35.24
C ARG A 790 -21.41 -10.86 36.52
N SER A 791 -20.54 -11.84 36.35
CA SER A 791 -20.01 -12.56 37.49
C SER A 791 -18.92 -11.74 38.16
N PHE A 792 -18.40 -12.27 39.28
CA PHE A 792 -17.32 -11.58 39.98
C PHE A 792 -16.07 -11.50 39.11
N ILE A 793 -15.68 -12.62 38.51
CA ILE A 793 -14.49 -12.63 37.67
C ILE A 793 -14.72 -11.82 36.40
N GLU A 794 -15.93 -11.86 35.85
CA GLU A 794 -16.24 -11.03 34.69
C GLU A 794 -16.12 -9.55 35.03
N ASP A 795 -16.56 -9.16 36.21
CA ASP A 795 -16.40 -7.76 36.63
C ASP A 795 -14.92 -7.41 36.80
N LEU A 796 -14.13 -8.33 37.36
CA LEU A 796 -12.69 -8.06 37.46
C LEU A 796 -12.08 -7.85 36.09
N LEU A 797 -12.44 -8.69 35.12
CA LEU A 797 -11.93 -8.54 33.76
C LEU A 797 -12.39 -7.23 33.15
N PHE A 798 -13.66 -6.86 33.38
CA PHE A 798 -14.21 -5.64 32.80
C PHE A 798 -13.50 -4.41 33.34
N ASN A 799 -13.20 -4.40 34.64
CA ASN A 799 -12.49 -3.27 35.22
C ASN A 799 -11.00 -3.29 34.88
N LYS A 800 -10.44 -4.48 34.63
CA LYS A 800 -9.00 -4.59 34.42
C LYS A 800 -8.57 -3.98 33.09
N VAL A 801 -9.45 -3.99 32.08
CA VAL A 801 -9.13 -3.46 30.77
C VAL A 801 -9.63 -2.02 30.71
N THR A 802 -8.71 -1.08 30.54
CA THR A 802 -9.03 0.35 30.53
C THR A 802 -8.96 0.88 29.11
N LEU A 803 -10.00 1.61 28.70
CA LEU A 803 -10.04 2.16 27.36
C LEU A 803 -9.05 3.31 27.21
N ALA A 804 -8.77 3.67 25.95
CA ALA A 804 -7.85 4.76 25.66
C ALA A 804 -8.61 6.04 25.35
N LEU A 824 -10.91 12.53 24.25
CA LEU A 824 -9.99 11.91 23.31
C LEU A 824 -10.74 11.32 22.11
N ILE A 825 -11.89 10.73 22.39
CA ILE A 825 -12.69 10.10 21.34
C ILE A 825 -13.28 11.16 20.41
N CYS A 826 -13.74 12.28 20.97
CA CYS A 826 -14.38 13.31 20.17
C CYS A 826 -13.41 13.90 19.15
N ALA A 827 -12.17 14.14 19.55
CA ALA A 827 -11.19 14.70 18.62
C ALA A 827 -10.96 13.80 17.42
N GLN A 828 -10.85 12.49 17.67
CA GLN A 828 -10.74 11.54 16.57
C GLN A 828 -12.01 11.54 15.71
N LYS A 829 -13.17 11.60 16.36
CA LYS A 829 -14.44 11.53 15.64
C LYS A 829 -14.65 12.74 14.73
N PHE A 830 -14.11 13.89 15.10
CA PHE A 830 -14.49 15.15 14.46
C PHE A 830 -14.08 15.24 13.00
N ASN A 831 -13.25 14.34 12.49
CA ASN A 831 -12.71 14.45 11.14
C ASN A 831 -13.20 13.32 10.25
N GLY A 832 -14.49 13.00 10.34
CA GLY A 832 -15.07 12.00 9.47
C GLY A 832 -14.90 10.56 9.90
N LEU A 833 -14.45 10.32 11.12
CA LEU A 833 -14.27 8.97 11.63
C LEU A 833 -15.36 8.68 12.66
N THR A 834 -16.01 7.53 12.51
CA THR A 834 -17.07 7.13 13.42
C THR A 834 -16.80 5.72 13.91
N VAL A 835 -17.33 5.41 15.09
CA VAL A 835 -17.21 4.09 15.70
C VAL A 835 -18.60 3.48 15.79
N LEU A 836 -18.80 2.37 15.12
CA LEU A 836 -20.08 1.67 15.09
C LEU A 836 -20.20 0.75 16.31
N PRO A 837 -21.29 0.83 17.07
CA PRO A 837 -21.43 -0.05 18.23
C PRO A 837 -21.56 -1.49 17.78
N PRO A 838 -21.08 -2.44 18.59
CA PRO A 838 -21.24 -3.85 18.24
C PRO A 838 -22.70 -4.28 18.28
N LEU A 839 -23.02 -5.29 17.47
CA LEU A 839 -24.39 -5.77 17.39
C LEU A 839 -24.85 -6.35 18.72
N LEU A 840 -24.00 -7.13 19.38
CA LEU A 840 -24.32 -7.73 20.67
C LEU A 840 -23.79 -6.83 21.78
N THR A 841 -24.68 -6.40 22.67
CA THR A 841 -24.25 -5.63 23.83
C THR A 841 -23.53 -6.54 24.82
N ASP A 842 -22.87 -5.92 25.80
CA ASP A 842 -22.19 -6.70 26.83
C ASP A 842 -23.17 -7.52 27.64
N GLU A 843 -24.39 -7.03 27.82
CA GLU A 843 -25.40 -7.80 28.53
C GLU A 843 -25.73 -9.09 27.78
N MET A 844 -25.84 -9.02 26.46
CA MET A 844 -26.16 -10.21 25.68
C MET A 844 -25.03 -11.23 25.73
N ILE A 845 -23.79 -10.77 25.67
CA ILE A 845 -22.65 -11.69 25.76
C ILE A 845 -22.59 -12.32 27.15
N ALA A 846 -22.90 -11.53 28.18
CA ALA A 846 -22.97 -12.08 29.53
C ALA A 846 -24.06 -13.14 29.64
N GLN A 847 -25.20 -12.90 29.01
CA GLN A 847 -26.27 -13.89 29.00
C GLN A 847 -25.82 -15.16 28.29
N TYR A 848 -25.10 -15.02 27.17
CA TYR A 848 -24.61 -16.19 26.46
C TYR A 848 -23.66 -17.00 27.32
N THR A 849 -22.73 -16.33 28.01
CA THR A 849 -21.80 -17.04 28.87
C THR A 849 -22.51 -17.69 30.04
N SER A 850 -23.52 -17.02 30.59
CA SER A 850 -24.30 -17.62 31.68
C SER A 850 -25.04 -18.86 31.20
N ALA A 851 -25.60 -18.81 30.00
CA ALA A 851 -26.27 -19.98 29.45
C ALA A 851 -25.30 -21.13 29.26
N LEU A 852 -24.10 -20.83 28.75
CA LEU A 852 -23.09 -21.87 28.58
C LEU A 852 -22.70 -22.48 29.92
N LEU A 853 -22.51 -21.65 30.94
CA LEU A 853 -22.15 -22.15 32.26
C LEU A 853 -23.26 -23.03 32.83
N ALA A 854 -24.51 -22.57 32.73
CA ALA A 854 -25.61 -23.34 33.26
C ALA A 854 -25.74 -24.68 32.56
N GLY A 855 -25.62 -24.69 31.23
CA GLY A 855 -25.67 -25.93 30.50
C GLY A 855 -24.55 -26.87 30.90
N THR A 856 -23.33 -26.35 31.04
CA THR A 856 -22.20 -27.19 31.39
C THR A 856 -22.37 -27.81 32.77
N ILE A 857 -22.79 -27.00 33.75
CA ILE A 857 -22.85 -27.52 35.12
C ILE A 857 -24.13 -28.26 35.44
N THR A 858 -25.14 -28.19 34.57
CA THR A 858 -26.36 -28.95 34.80
C THR A 858 -26.55 -30.13 33.86
N SER A 859 -25.80 -30.21 32.76
CA SER A 859 -26.00 -31.29 31.81
C SER A 859 -24.70 -31.84 31.25
N GLY A 860 -23.54 -31.44 31.77
CA GLY A 860 -22.29 -31.94 31.24
C GLY A 860 -22.09 -31.51 29.80
N TRP A 861 -21.64 -32.45 28.98
CA TRP A 861 -21.43 -32.19 27.56
C TRP A 861 -22.65 -32.54 26.71
N THR A 862 -23.74 -32.98 27.33
CA THR A 862 -24.90 -33.43 26.56
C THR A 862 -25.59 -32.26 25.84
N PHE A 863 -25.58 -31.07 26.44
CA PHE A 863 -26.27 -29.95 25.82
C PHE A 863 -25.60 -29.47 24.54
N GLY A 864 -24.33 -29.81 24.34
CA GLY A 864 -23.65 -29.44 23.12
C GLY A 864 -23.90 -30.37 21.94
N ALA A 865 -24.51 -31.53 22.18
CA ALA A 865 -24.82 -32.47 21.13
C ALA A 865 -26.31 -32.60 20.86
N GLY A 866 -27.14 -31.91 21.62
CA GLY A 866 -28.58 -31.99 21.45
C GLY A 866 -29.32 -31.39 22.62
N ALA A 867 -30.32 -32.10 23.12
CA ALA A 867 -31.05 -31.64 24.30
C ALA A 867 -30.19 -31.77 25.55
N ALA A 868 -30.40 -30.87 26.50
CA ALA A 868 -29.66 -30.90 27.75
C ALA A 868 -30.24 -31.99 28.65
N LEU A 869 -29.42 -32.97 28.99
CA LEU A 869 -29.82 -34.08 29.84
C LEU A 869 -29.19 -33.87 31.22
N GLN A 870 -30.03 -33.64 32.22
CA GLN A 870 -29.51 -33.33 33.55
C GLN A 870 -28.80 -34.54 34.14
N ILE A 871 -27.79 -34.26 34.96
CA ILE A 871 -27.01 -35.30 35.64
C ILE A 871 -26.39 -34.66 36.87
N PRO A 872 -26.34 -35.35 38.01
CA PRO A 872 -25.70 -34.77 39.19
C PRO A 872 -24.25 -34.44 38.90
N PHE A 873 -23.78 -33.33 39.49
CA PHE A 873 -22.45 -32.84 39.14
C PHE A 873 -21.35 -33.80 39.58
N ALA A 874 -21.55 -34.50 40.70
CA ALA A 874 -20.56 -35.50 41.12
C ALA A 874 -20.45 -36.61 40.09
N MET A 875 -21.57 -37.07 39.55
CA MET A 875 -21.52 -38.11 38.52
C MET A 875 -20.93 -37.57 37.23
N GLN A 876 -21.16 -36.30 36.91
CA GLN A 876 -20.52 -35.70 35.75
C GLN A 876 -19.01 -35.68 35.92
N MET A 877 -18.52 -35.30 37.10
CA MET A 877 -17.09 -35.33 37.36
C MET A 877 -16.54 -36.75 37.32
N ALA A 878 -17.34 -37.73 37.74
CA ALA A 878 -16.92 -39.12 37.61
C ALA A 878 -16.75 -39.50 36.15
N TYR A 879 -17.67 -39.06 35.29
CA TYR A 879 -17.52 -39.28 33.86
C TYR A 879 -16.25 -38.62 33.35
N ARG A 880 -15.99 -37.38 33.77
CA ARG A 880 -14.78 -36.69 33.33
C ARG A 880 -13.53 -37.44 33.76
N PHE A 881 -13.52 -37.97 34.98
CA PHE A 881 -12.39 -38.77 35.45
C PHE A 881 -12.23 -40.02 34.61
N ASN A 882 -13.33 -40.68 34.27
CA ASN A 882 -13.25 -41.82 33.35
C ASN A 882 -12.66 -41.41 32.01
N GLY A 883 -12.91 -40.16 31.59
CA GLY A 883 -12.41 -39.70 30.31
C GLY A 883 -10.91 -39.50 30.26
N ILE A 884 -10.26 -39.38 31.41
CA ILE A 884 -8.82 -39.15 31.46
C ILE A 884 -8.07 -40.39 31.93
N GLY A 885 -8.75 -41.52 32.09
CA GLY A 885 -8.09 -42.76 32.46
C GLY A 885 -8.07 -43.07 33.94
N VAL A 886 -8.89 -42.40 34.73
CA VAL A 886 -8.98 -42.65 36.18
C VAL A 886 -10.37 -43.19 36.47
N THR A 887 -10.44 -44.29 37.21
CA THR A 887 -11.73 -44.88 37.53
C THR A 887 -12.53 -43.95 38.43
N GLN A 888 -13.85 -44.02 38.28
CA GLN A 888 -14.74 -43.08 38.96
C GLN A 888 -14.79 -43.29 40.46
N ASN A 889 -14.39 -44.46 40.95
CA ASN A 889 -14.35 -44.66 42.39
C ASN A 889 -13.36 -43.72 43.07
N VAL A 890 -12.32 -43.31 42.35
CA VAL A 890 -11.39 -42.32 42.87
C VAL A 890 -12.11 -41.01 43.16
N LEU A 891 -12.90 -40.55 42.20
CA LEU A 891 -13.69 -39.33 42.40
C LEU A 891 -14.67 -39.50 43.54
N TYR A 892 -15.38 -40.63 43.58
CA TYR A 892 -16.40 -40.79 44.61
C TYR A 892 -15.81 -40.91 46.00
N GLU A 893 -14.58 -41.41 46.11
CA GLU A 893 -13.93 -41.55 47.40
C GLU A 893 -13.08 -40.35 47.79
N ASN A 894 -12.84 -39.41 46.87
CA ASN A 894 -12.13 -38.19 47.21
C ASN A 894 -12.93 -36.96 46.82
N GLN A 895 -14.26 -37.07 46.78
CA GLN A 895 -15.10 -35.95 46.39
C GLN A 895 -14.85 -34.70 47.22
N LYS A 896 -14.76 -34.84 48.55
CA LYS A 896 -14.55 -33.66 49.38
C LYS A 896 -13.23 -32.99 49.09
N LEU A 897 -12.15 -33.77 48.96
CA LEU A 897 -10.85 -33.21 48.65
C LEU A 897 -10.85 -32.53 47.30
N ILE A 898 -11.50 -33.14 46.30
CA ILE A 898 -11.52 -32.57 44.96
C ILE A 898 -12.31 -31.28 44.94
N ALA A 899 -13.45 -31.24 45.65
CA ALA A 899 -14.21 -30.00 45.74
C ALA A 899 -13.41 -28.91 46.43
N ASN A 900 -12.69 -29.26 47.50
CA ASN A 900 -11.88 -28.26 48.18
C ASN A 900 -10.78 -27.72 47.27
N GLN A 901 -10.11 -28.59 46.53
CA GLN A 901 -9.06 -28.15 45.63
C GLN A 901 -9.61 -27.26 44.51
N PHE A 902 -10.77 -27.63 43.96
CA PHE A 902 -11.39 -26.81 42.93
C PHE A 902 -11.76 -25.44 43.46
N ASN A 903 -12.34 -25.38 44.66
CA ASN A 903 -12.70 -24.10 45.25
C ASN A 903 -11.47 -23.25 45.52
N SER A 904 -10.40 -23.87 46.00
CA SER A 904 -9.17 -23.12 46.25
C SER A 904 -8.60 -22.56 44.95
N ALA A 905 -8.60 -23.34 43.88
CA ALA A 905 -8.08 -22.85 42.60
C ALA A 905 -8.94 -21.70 42.06
N ILE A 906 -10.26 -21.83 42.15
CA ILE A 906 -11.14 -20.74 41.72
C ILE A 906 -10.86 -19.49 42.54
N GLY A 907 -10.65 -19.64 43.84
CA GLY A 907 -10.29 -18.49 44.66
C GLY A 907 -8.98 -17.86 44.25
N LYS A 908 -7.99 -18.69 43.92
CA LYS A 908 -6.69 -18.16 43.49
C LYS A 908 -6.75 -17.45 42.15
N ILE A 909 -7.75 -17.77 41.33
CA ILE A 909 -7.88 -17.12 40.02
C ILE A 909 -7.99 -15.60 40.17
N GLN A 910 -8.72 -15.15 41.18
CA GLN A 910 -8.89 -13.71 41.39
C GLN A 910 -7.56 -13.01 41.59
N GLY A 911 -6.73 -13.55 42.50
CA GLY A 911 -5.43 -12.98 42.72
C GLY A 911 -4.52 -13.10 41.50
N SER A 912 -4.65 -14.21 40.77
CA SER A 912 -3.84 -14.38 39.57
C SER A 912 -4.15 -13.29 38.54
N LEU A 913 -5.43 -12.97 38.37
CA LEU A 913 -5.80 -11.90 37.44
C LEU A 913 -5.36 -10.54 37.97
N SER A 914 -5.59 -10.27 39.26
CA SER A 914 -5.33 -8.94 39.79
C SER A 914 -3.85 -8.62 39.82
N SER A 915 -3.01 -9.61 40.16
CA SER A 915 -1.59 -9.32 40.40
C SER A 915 -0.86 -8.99 39.11
N THR A 916 -0.83 -9.94 38.18
CA THR A 916 -0.03 -9.76 36.95
C THR A 916 -0.67 -8.71 36.07
N ALA A 917 0.10 -7.68 35.72
CA ALA A 917 -0.41 -6.62 34.87
C ALA A 917 -0.49 -7.05 33.41
N SER A 918 0.34 -8.01 33.00
CA SER A 918 0.37 -8.46 31.61
C SER A 918 -0.57 -9.63 31.35
N ALA A 919 -1.35 -10.05 32.33
CA ALA A 919 -2.30 -11.14 32.12
C ALA A 919 -3.32 -10.77 31.06
N LEU A 920 -3.98 -9.63 31.22
CA LEU A 920 -4.93 -9.11 30.23
C LEU A 920 -4.20 -8.33 29.15
N GLY A 921 -3.16 -8.92 28.59
CA GLY A 921 -2.30 -8.21 27.66
C GLY A 921 -2.82 -8.13 26.24
N LYS A 922 -3.47 -9.20 25.78
CA LYS A 922 -3.89 -9.27 24.38
C LYS A 922 -5.03 -8.29 24.10
N LEU A 923 -6.03 -8.26 24.97
CA LEU A 923 -7.15 -7.34 24.77
C LEU A 923 -6.68 -5.90 24.85
N GLN A 924 -5.81 -5.59 25.82
CA GLN A 924 -5.26 -4.25 25.94
C GLN A 924 -4.45 -3.88 24.71
N ASP A 925 -3.69 -4.84 24.17
CA ASP A 925 -2.93 -4.59 22.95
C ASP A 925 -3.85 -4.27 21.77
N VAL A 926 -4.96 -5.00 21.66
CA VAL A 926 -5.91 -4.73 20.58
C VAL A 926 -6.46 -3.31 20.71
N VAL A 927 -6.89 -2.95 21.91
CA VAL A 927 -7.45 -1.61 22.13
C VAL A 927 -6.41 -0.54 21.83
N ASN A 928 -5.18 -0.74 22.31
CA ASN A 928 -4.12 0.25 22.09
C ASN A 928 -3.79 0.37 20.61
N HIS A 929 -3.75 -0.75 19.89
CA HIS A 929 -3.45 -0.69 18.46
C HIS A 929 -4.52 0.09 17.72
N ASN A 930 -5.80 -0.16 18.03
CA ASN A 930 -6.86 0.60 17.38
C ASN A 930 -6.75 2.08 17.67
N ALA A 931 -6.55 2.42 18.95
CA ALA A 931 -6.47 3.83 19.33
C ALA A 931 -5.27 4.50 18.68
N GLN A 932 -4.14 3.81 18.62
CA GLN A 932 -2.94 4.37 18.02
C GLN A 932 -3.13 4.59 16.52
N ALA A 933 -3.78 3.64 15.84
CA ALA A 933 -4.05 3.81 14.42
C ALA A 933 -4.94 5.01 14.17
N LEU A 934 -6.00 5.15 14.97
CA LEU A 934 -6.88 6.31 14.79
C LEU A 934 -6.17 7.61 15.09
N ASN A 935 -5.34 7.64 16.13
CA ASN A 935 -4.59 8.85 16.45
C ASN A 935 -3.64 9.22 15.32
N THR A 936 -2.95 8.25 14.74
CA THR A 936 -2.07 8.53 13.62
C THR A 936 -2.86 9.05 12.42
N LEU A 937 -4.02 8.45 12.15
CA LEU A 937 -4.84 8.90 11.03
C LEU A 937 -5.27 10.34 11.21
N VAL A 938 -5.64 10.73 12.44
CA VAL A 938 -6.03 12.12 12.69
C VAL A 938 -4.82 13.04 12.61
N LYS A 939 -3.68 12.60 13.15
CA LYS A 939 -2.48 13.43 13.13
C LYS A 939 -2.01 13.70 11.70
N GLN A 940 -2.29 12.77 10.78
CA GLN A 940 -1.89 12.98 9.39
C GLN A 940 -2.58 14.18 8.75
N LEU A 941 -3.65 14.69 9.35
CA LEU A 941 -4.31 15.89 8.81
C LEU A 941 -3.54 17.16 9.11
N SER A 942 -2.55 17.12 10.00
CA SER A 942 -1.73 18.28 10.30
C SER A 942 -0.51 18.40 9.38
N SER A 943 -0.25 17.40 8.56
CA SER A 943 0.90 17.45 7.66
C SER A 943 0.61 18.36 6.48
N LYS A 944 1.68 18.93 5.92
CA LYS A 944 1.55 19.81 4.76
C LYS A 944 1.69 19.07 3.45
N PHE A 945 2.50 18.01 3.41
CA PHE A 945 2.77 17.24 2.19
C PHE A 945 3.29 18.12 1.07
N GLY A 946 4.08 19.13 1.42
CA GLY A 946 4.65 20.03 0.43
C GLY A 946 3.79 21.22 0.09
N ALA A 947 2.58 21.32 0.62
CA ALA A 947 1.74 22.47 0.37
C ALA A 947 2.17 23.64 1.26
N ILE A 948 1.54 24.80 1.06
CA ILE A 948 1.87 25.96 1.88
C ILE A 948 1.18 25.91 3.24
N SER A 949 0.10 25.15 3.37
CA SER A 949 -0.62 25.06 4.63
C SER A 949 -1.34 23.73 4.69
N SER A 950 -1.63 23.30 5.92
CA SER A 950 -2.36 22.05 6.16
C SER A 950 -3.84 22.28 6.38
N VAL A 951 -4.32 23.51 6.28
CA VAL A 951 -5.72 23.84 6.48
C VAL A 951 -6.31 24.21 5.14
N LEU A 952 -7.38 23.52 4.74
CA LEU A 952 -7.97 23.74 3.43
C LEU A 952 -8.68 25.07 3.35
N ASN A 953 -9.31 25.50 4.44
CA ASN A 953 -10.02 26.77 4.44
C ASN A 953 -9.07 27.93 4.23
N ASP A 954 -7.85 27.85 4.80
CA ASP A 954 -6.86 28.88 4.56
C ASP A 954 -6.47 28.94 3.09
N ILE A 955 -6.31 27.78 2.46
CA ILE A 955 -5.99 27.75 1.03
C ILE A 955 -7.11 28.38 0.23
N LEU A 956 -8.35 28.08 0.58
CA LEU A 956 -9.48 28.64 -0.16
C LEU A 956 -9.58 30.16 0.04
N SER A 957 -9.34 30.64 1.25
CA SER A 957 -9.49 32.06 1.54
C SER A 957 -8.26 32.88 1.18
N ARG A 958 -7.15 32.25 0.82
CA ARG A 958 -5.95 32.99 0.46
C ARG A 958 -5.60 32.94 -1.02
N LEU A 959 -6.12 31.98 -1.77
CA LEU A 959 -5.72 31.79 -3.16
C LEU A 959 -6.93 31.67 -4.06
N ASP A 960 -6.76 32.13 -5.29
CA ASP A 960 -7.73 31.93 -6.35
C ASP A 960 -7.67 30.49 -6.84
N PRO A 961 -8.72 30.00 -7.49
CA PRO A 961 -8.80 28.58 -7.87
C PRO A 961 -7.57 28.10 -8.65
N PRO A 962 -7.12 28.82 -9.70
CA PRO A 962 -6.02 28.27 -10.50
C PRO A 962 -4.75 28.00 -9.70
N GLU A 963 -4.46 28.83 -8.69
CA GLU A 963 -3.33 28.55 -7.82
C GLU A 963 -3.68 27.64 -6.65
N ALA A 964 -4.95 27.61 -6.25
CA ALA A 964 -5.35 26.76 -5.14
C ALA A 964 -5.35 25.29 -5.52
N GLU A 965 -5.51 24.99 -6.81
CA GLU A 965 -5.59 23.59 -7.24
C GLU A 965 -4.32 22.83 -6.90
N VAL A 966 -3.16 23.46 -7.07
CA VAL A 966 -1.90 22.78 -6.81
C VAL A 966 -1.79 22.37 -5.35
N GLN A 967 -2.05 23.32 -4.44
CA GLN A 967 -1.96 23.03 -3.02
C GLN A 967 -3.01 22.00 -2.59
N ILE A 968 -4.23 22.12 -3.12
CA ILE A 968 -5.28 21.18 -2.74
C ILE A 968 -4.92 19.77 -3.21
N ASP A 969 -4.36 19.65 -4.42
CA ASP A 969 -3.95 18.34 -4.90
C ASP A 969 -2.80 17.78 -4.08
N ARG A 970 -1.87 18.63 -3.66
CA ARG A 970 -0.78 18.15 -2.81
C ARG A 970 -1.32 17.62 -1.50
N LEU A 971 -2.31 18.30 -0.91
CA LEU A 971 -2.94 17.79 0.30
C LEU A 971 -3.69 16.48 0.04
N ILE A 972 -4.40 16.41 -1.09
CA ILE A 972 -5.22 15.25 -1.40
C ILE A 972 -4.36 14.00 -1.54
N THR A 973 -3.23 14.12 -2.23
CA THR A 973 -2.36 12.96 -2.41
C THR A 973 -1.93 12.38 -1.08
N GLY A 974 -1.43 13.22 -0.17
CA GLY A 974 -0.97 12.73 1.11
C GLY A 974 -2.09 12.16 1.96
N ARG A 975 -3.24 12.84 1.99
CA ARG A 975 -4.34 12.35 2.82
C ARG A 975 -4.89 11.04 2.30
N LEU A 976 -4.99 10.90 0.98
CA LEU A 976 -5.44 9.64 0.39
C LEU A 976 -4.44 8.52 0.69
N GLN A 977 -3.14 8.81 0.61
CA GLN A 977 -2.14 7.81 0.94
C GLN A 977 -2.27 7.37 2.40
N SER A 978 -2.47 8.32 3.31
CA SER A 978 -2.63 7.97 4.72
C SER A 978 -3.87 7.13 4.94
N LEU A 979 -4.98 7.47 4.28
CA LEU A 979 -6.19 6.68 4.41
C LEU A 979 -5.98 5.26 3.91
N GLN A 980 -5.31 5.10 2.77
CA GLN A 980 -5.06 3.77 2.24
C GLN A 980 -4.17 2.95 3.16
N THR A 981 -3.15 3.59 3.74
CA THR A 981 -2.30 2.90 4.71
C THR A 981 -3.12 2.42 5.90
N TYR A 982 -3.99 3.29 6.41
CA TYR A 982 -4.84 2.91 7.54
C TYR A 982 -5.72 1.72 7.19
N VAL A 983 -6.33 1.74 6.00
CA VAL A 983 -7.21 0.64 5.61
C VAL A 983 -6.43 -0.66 5.48
N THR A 984 -5.23 -0.61 4.90
CA THR A 984 -4.44 -1.84 4.78
C THR A 984 -4.06 -2.41 6.14
N GLN A 985 -3.64 -1.53 7.07
CA GLN A 985 -3.30 -2.01 8.40
C GLN A 985 -4.53 -2.60 9.09
N GLN A 986 -5.69 -1.97 8.91
CA GLN A 986 -6.92 -2.51 9.48
C GLN A 986 -7.26 -3.88 8.90
N LEU A 987 -7.04 -4.06 7.60
CA LEU A 987 -7.31 -5.36 6.99
C LEU A 987 -6.40 -6.44 7.58
N ILE A 988 -5.12 -6.13 7.74
CA ILE A 988 -4.19 -7.12 8.30
C ILE A 988 -4.56 -7.46 9.74
N ARG A 989 -4.85 -6.44 10.54
CA ARG A 989 -5.24 -6.70 11.92
C ARG A 989 -6.56 -7.46 12.00
N ALA A 990 -7.49 -7.19 11.07
CA ALA A 990 -8.74 -7.91 11.04
C ALA A 990 -8.52 -9.38 10.71
N ALA A 991 -7.59 -9.67 9.81
CA ALA A 991 -7.26 -11.07 9.53
C ALA A 991 -6.70 -11.75 10.77
N GLU A 992 -5.81 -11.07 11.49
CA GLU A 992 -5.26 -11.65 12.71
C GLU A 992 -6.35 -11.89 13.75
N ILE A 993 -7.25 -10.92 13.92
CA ILE A 993 -8.33 -11.06 14.89
C ILE A 993 -9.29 -12.17 14.48
N ARG A 994 -9.51 -12.34 13.18
CA ARG A 994 -10.36 -13.44 12.73
C ARG A 994 -9.73 -14.79 13.03
N ALA A 995 -8.41 -14.90 12.85
CA ALA A 995 -7.75 -16.14 13.24
C ALA A 995 -7.90 -16.41 14.72
N SER A 996 -7.69 -15.37 15.54
CA SER A 996 -7.85 -15.54 16.99
C SER A 996 -9.28 -15.92 17.36
N ALA A 997 -10.26 -15.32 16.70
CA ALA A 997 -11.65 -15.62 17.00
C ALA A 997 -12.03 -17.04 16.58
N ASN A 998 -11.48 -17.50 15.46
CA ASN A 998 -11.71 -18.89 15.07
C ASN A 998 -11.11 -19.85 16.10
N LEU A 999 -9.90 -19.52 16.59
CA LEU A 999 -9.32 -20.35 17.64
C LEU A 999 -10.19 -20.34 18.89
N ALA A 1000 -10.72 -19.17 19.26
CA ALA A 1000 -11.57 -19.07 20.44
C ALA A 1000 -12.86 -19.86 20.26
N ALA A 1001 -13.45 -19.83 19.07
CA ALA A 1001 -14.65 -20.62 18.81
C ALA A 1001 -14.36 -22.10 18.89
N THR A 1002 -13.23 -22.54 18.35
CA THR A 1002 -12.86 -23.94 18.46
C THR A 1002 -12.66 -24.36 19.91
N LYS A 1003 -12.02 -23.49 20.70
CA LYS A 1003 -11.84 -23.80 22.12
C LYS A 1003 -13.16 -23.83 22.86
N MET A 1004 -14.09 -22.94 22.50
CA MET A 1004 -15.41 -22.98 23.12
C MET A 1004 -16.12 -24.29 22.79
N SER A 1005 -16.01 -24.75 21.54
CA SER A 1005 -16.69 -25.98 21.15
C SER A 1005 -16.07 -27.20 21.81
N GLU A 1006 -14.74 -27.26 21.88
CA GLU A 1006 -14.07 -28.49 22.27
C GLU A 1006 -13.66 -28.56 23.73
N CYS A 1007 -13.53 -27.42 24.41
CA CYS A 1007 -13.17 -27.41 25.82
C CYS A 1007 -14.36 -27.19 26.74
N VAL A 1008 -15.34 -26.38 26.31
CA VAL A 1008 -16.50 -26.09 27.16
C VAL A 1008 -17.65 -27.04 26.86
N LEU A 1009 -17.97 -27.25 25.59
CA LEU A 1009 -19.07 -28.13 25.21
C LEU A 1009 -18.67 -29.59 25.20
N GLY A 1010 -17.43 -29.91 25.52
CA GLY A 1010 -17.00 -31.29 25.58
C GLY A 1010 -15.72 -31.41 26.37
N GLN A 1011 -15.19 -32.63 26.40
CA GLN A 1011 -13.91 -32.91 27.05
C GLN A 1011 -12.90 -33.28 25.97
N SER A 1012 -11.76 -32.62 25.98
CA SER A 1012 -10.80 -32.71 24.89
C SER A 1012 -9.63 -33.61 25.27
N LYS A 1013 -9.30 -34.55 24.38
CA LYS A 1013 -8.12 -35.37 24.54
C LYS A 1013 -6.87 -34.72 23.95
N ARG A 1014 -7.02 -33.60 23.25
CA ARG A 1014 -5.88 -32.92 22.67
C ARG A 1014 -5.00 -32.34 23.78
N VAL A 1015 -3.71 -32.59 23.69
CA VAL A 1015 -2.77 -32.20 24.75
C VAL A 1015 -2.54 -30.70 24.68
N ASP A 1016 -2.64 -30.05 25.84
CA ASP A 1016 -2.37 -28.62 26.02
C ASP A 1016 -3.32 -27.73 25.23
N PHE A 1017 -4.37 -28.29 24.63
CA PHE A 1017 -5.33 -27.44 23.94
C PHE A 1017 -6.24 -26.73 24.93
N CYS A 1018 -6.61 -27.40 26.02
CA CYS A 1018 -7.46 -26.81 27.04
C CYS A 1018 -6.74 -26.75 28.36
N GLY A 1019 -5.49 -26.28 28.36
CA GLY A 1019 -4.72 -26.10 29.57
C GLY A 1019 -3.71 -27.22 29.79
N LYS A 1020 -2.83 -26.97 30.76
CA LYS A 1020 -1.80 -27.94 31.11
C LYS A 1020 -2.38 -29.03 31.99
N GLY A 1021 -2.02 -30.27 31.70
CA GLY A 1021 -2.55 -31.41 32.41
C GLY A 1021 -3.67 -32.09 31.63
N TYR A 1022 -4.28 -33.06 32.28
CA TYR A 1022 -5.38 -33.79 31.67
C TYR A 1022 -6.66 -32.97 31.83
N HIS A 1023 -7.26 -32.61 30.70
CA HIS A 1023 -8.41 -31.70 30.73
C HIS A 1023 -9.60 -32.36 31.38
N LEU A 1024 -10.21 -31.65 32.34
CA LEU A 1024 -11.46 -32.07 32.94
C LEU A 1024 -12.64 -31.28 32.41
N MET A 1025 -12.58 -29.94 32.49
CA MET A 1025 -13.66 -29.12 31.97
C MET A 1025 -13.15 -27.70 31.77
N SER A 1026 -14.04 -26.83 31.30
CA SER A 1026 -13.69 -25.44 31.07
C SER A 1026 -14.92 -24.57 31.26
N PHE A 1027 -14.67 -23.32 31.67
CA PHE A 1027 -15.75 -22.37 31.91
C PHE A 1027 -15.46 -21.08 31.16
N PRO A 1028 -16.41 -20.56 30.39
CA PRO A 1028 -16.19 -19.29 29.69
C PRO A 1028 -16.57 -18.08 30.52
N GLN A 1029 -15.90 -16.98 30.23
CA GLN A 1029 -16.18 -15.68 30.81
C GLN A 1029 -16.01 -14.63 29.72
N SER A 1030 -16.94 -13.68 29.66
CA SER A 1030 -16.79 -12.61 28.70
C SER A 1030 -15.73 -11.62 29.16
N ALA A 1031 -15.22 -10.84 28.22
CA ALA A 1031 -14.24 -9.81 28.52
C ALA A 1031 -14.30 -8.78 27.42
N PRO A 1032 -13.84 -7.55 27.68
CA PRO A 1032 -13.87 -6.53 26.64
C PRO A 1032 -13.20 -6.98 25.36
N HIS A 1033 -13.97 -7.14 24.29
CA HIS A 1033 -13.48 -7.55 22.99
C HIS A 1033 -12.83 -8.93 23.03
N GLY A 1034 -13.25 -9.80 23.94
CA GLY A 1034 -12.59 -11.10 23.99
C GLY A 1034 -13.26 -12.04 24.97
N VAL A 1035 -12.64 -13.22 25.10
CA VAL A 1035 -13.16 -14.27 25.96
C VAL A 1035 -12.03 -14.79 26.84
N VAL A 1036 -12.41 -15.31 28.00
CA VAL A 1036 -11.48 -15.92 28.94
C VAL A 1036 -11.98 -17.31 29.26
N PHE A 1037 -11.11 -18.30 29.18
CA PHE A 1037 -11.43 -19.68 29.52
C PHE A 1037 -10.74 -20.05 30.82
N LEU A 1038 -11.50 -20.54 31.78
CA LEU A 1038 -10.96 -21.15 32.98
C LEU A 1038 -10.93 -22.65 32.75
N HIS A 1039 -9.73 -23.18 32.53
CA HIS A 1039 -9.54 -24.59 32.25
C HIS A 1039 -9.27 -25.33 33.56
N VAL A 1040 -10.13 -26.28 33.89
CA VAL A 1040 -9.96 -27.14 35.06
C VAL A 1040 -9.38 -28.45 34.57
N THR A 1041 -8.20 -28.79 35.07
CA THR A 1041 -7.44 -29.95 34.63
C THR A 1041 -6.95 -30.74 35.85
N TYR A 1042 -6.57 -31.98 35.57
CA TYR A 1042 -6.12 -32.95 36.56
C TYR A 1042 -4.61 -33.13 36.40
N VAL A 1043 -3.87 -33.00 37.50
CA VAL A 1043 -2.42 -33.11 37.47
C VAL A 1043 -1.98 -34.16 38.49
N PRO A 1044 -1.26 -35.20 38.07
CA PRO A 1044 -0.68 -36.13 39.05
C PRO A 1044 0.29 -35.40 39.98
N ALA A 1045 0.26 -35.78 41.26
CA ALA A 1045 0.91 -34.97 42.29
C ALA A 1045 2.10 -35.67 42.94
N GLN A 1046 1.87 -36.82 43.59
CA GLN A 1046 2.88 -37.44 44.44
C GLN A 1046 3.19 -38.82 43.90
N GLU A 1047 4.29 -38.94 43.17
CA GLU A 1047 4.64 -40.19 42.51
C GLU A 1047 5.62 -41.00 43.36
N LYS A 1048 5.42 -42.31 43.36
CA LYS A 1048 6.33 -43.25 43.96
C LYS A 1048 6.86 -44.19 42.89
N ASN A 1049 8.08 -44.67 43.08
CA ASN A 1049 8.71 -45.57 42.12
C ASN A 1049 8.55 -47.01 42.60
N PHE A 1050 8.13 -47.88 41.69
CA PHE A 1050 7.95 -49.30 41.95
C PHE A 1050 8.72 -50.09 40.90
N THR A 1051 8.91 -51.37 41.18
CA THR A 1051 9.44 -52.27 40.16
C THR A 1051 8.30 -52.69 39.24
N THR A 1052 8.61 -52.89 37.97
CA THR A 1052 7.57 -53.20 36.99
C THR A 1052 7.99 -54.36 36.11
N ALA A 1053 6.98 -55.03 35.57
CA ALA A 1053 7.18 -56.14 34.64
C ALA A 1053 6.14 -56.04 33.53
N PRO A 1054 6.49 -56.46 32.32
CA PRO A 1054 5.53 -56.40 31.21
C PRO A 1054 4.48 -57.50 31.27
N ALA A 1055 4.81 -58.63 31.87
CA ALA A 1055 3.89 -59.76 31.93
C ALA A 1055 4.24 -60.62 33.13
N ILE A 1056 3.30 -61.50 33.50
CA ILE A 1056 3.47 -62.40 34.63
C ILE A 1056 3.40 -63.83 34.13
N CYS A 1057 4.40 -64.64 34.49
CA CYS A 1057 4.43 -66.04 34.08
C CYS A 1057 3.78 -66.90 35.16
N HIS A 1058 2.86 -67.76 34.74
CA HIS A 1058 2.12 -68.60 35.67
C HIS A 1058 1.61 -69.81 34.92
N ASP A 1059 2.00 -71.01 35.38
CA ASP A 1059 1.62 -72.27 34.74
C ASP A 1059 2.01 -72.28 33.27
N GLY A 1060 3.18 -71.74 32.95
CA GLY A 1060 3.60 -71.67 31.57
C GLY A 1060 2.75 -70.78 30.69
N LYS A 1061 2.00 -69.86 31.29
CA LYS A 1061 1.16 -68.93 30.57
C LYS A 1061 1.58 -67.50 30.90
N ALA A 1062 1.48 -66.63 29.91
CA ALA A 1062 1.84 -65.22 30.08
C ALA A 1062 0.57 -64.41 30.27
N HIS A 1063 0.50 -63.68 31.39
CA HIS A 1063 -0.63 -62.82 31.71
C HIS A 1063 -0.22 -61.37 31.52
N PHE A 1064 -1.05 -60.63 30.81
CA PHE A 1064 -0.88 -59.20 30.57
C PHE A 1064 -2.03 -58.43 31.21
N PRO A 1065 -1.77 -57.23 31.73
CA PRO A 1065 -2.85 -56.47 32.37
C PRO A 1065 -3.93 -56.09 31.37
N ARG A 1066 -5.18 -56.16 31.81
CA ARG A 1066 -6.29 -55.76 30.94
C ARG A 1066 -6.35 -54.25 30.79
N GLU A 1067 -6.23 -53.52 31.89
CA GLU A 1067 -6.38 -52.07 31.85
C GLU A 1067 -5.34 -51.31 32.65
N GLY A 1068 -4.41 -51.98 33.32
CA GLY A 1068 -3.48 -51.32 34.20
C GLY A 1068 -2.05 -51.69 33.89
N VAL A 1069 -1.28 -51.88 34.95
CA VAL A 1069 0.16 -52.14 34.86
C VAL A 1069 0.57 -52.95 36.08
N PHE A 1070 1.50 -53.86 35.89
CA PHE A 1070 2.03 -54.66 36.99
C PHE A 1070 3.08 -53.87 37.76
N VAL A 1071 2.93 -53.83 39.08
CA VAL A 1071 3.87 -53.13 39.94
C VAL A 1071 4.27 -54.04 41.09
N SER A 1072 5.39 -53.72 41.70
CA SER A 1072 5.93 -54.45 42.83
C SER A 1072 6.55 -53.46 43.80
N ASN A 1073 6.20 -53.61 45.07
CA ASN A 1073 6.73 -52.80 46.15
C ASN A 1073 7.98 -53.39 46.77
N GLY A 1074 8.48 -54.49 46.23
CA GLY A 1074 9.69 -55.11 46.73
C GLY A 1074 9.53 -56.60 46.98
N THR A 1075 8.37 -57.00 47.46
CA THR A 1075 8.10 -58.41 47.74
C THR A 1075 6.91 -58.96 46.99
N HIS A 1076 5.81 -58.22 46.90
CA HIS A 1076 4.58 -58.69 46.29
C HIS A 1076 4.30 -57.95 45.00
N TRP A 1077 3.51 -58.57 44.14
CA TRP A 1077 3.14 -58.02 42.84
C TRP A 1077 1.65 -57.71 42.81
N PHE A 1078 1.30 -56.54 42.31
CA PHE A 1078 -0.08 -56.11 42.16
C PHE A 1078 -0.27 -55.57 40.75
N VAL A 1079 -1.53 -55.29 40.41
CA VAL A 1079 -1.88 -54.61 39.17
C VAL A 1079 -2.66 -53.36 39.53
N THR A 1080 -2.26 -52.23 38.97
CA THR A 1080 -2.86 -50.95 39.31
C THR A 1080 -3.16 -50.16 38.04
N GLN A 1081 -4.12 -49.26 38.14
CA GLN A 1081 -4.37 -48.35 37.03
C GLN A 1081 -3.18 -47.42 36.86
N ARG A 1082 -2.99 -46.94 35.63
CA ARG A 1082 -1.75 -46.29 35.26
C ARG A 1082 -1.61 -44.88 35.83
N ASN A 1083 -2.71 -44.15 36.01
CA ASN A 1083 -2.64 -42.75 36.39
C ASN A 1083 -2.91 -42.52 37.87
N PHE A 1084 -3.06 -43.58 38.66
CA PHE A 1084 -3.35 -43.44 40.08
C PHE A 1084 -3.03 -44.75 40.77
N TYR A 1085 -2.22 -44.70 41.82
CA TYR A 1085 -1.77 -45.92 42.47
C TYR A 1085 -2.91 -46.52 43.28
N GLU A 1086 -3.38 -47.69 42.86
CA GLU A 1086 -4.44 -48.42 43.56
C GLU A 1086 -4.19 -49.90 43.39
N PRO A 1087 -3.27 -50.46 44.16
CA PRO A 1087 -2.85 -51.85 43.93
C PRO A 1087 -3.97 -52.83 44.19
N GLN A 1088 -3.99 -53.90 43.39
CA GLN A 1088 -4.98 -54.95 43.51
C GLN A 1088 -4.33 -56.30 43.25
N ILE A 1089 -4.94 -57.35 43.79
CA ILE A 1089 -4.43 -58.70 43.60
C ILE A 1089 -4.55 -59.08 42.13
N ILE A 1090 -3.50 -59.70 41.60
CA ILE A 1090 -3.49 -60.14 40.22
C ILE A 1090 -4.35 -61.41 40.11
N THR A 1091 -5.49 -61.29 39.45
CA THR A 1091 -6.40 -62.41 39.25
C THR A 1091 -6.55 -62.69 37.77
N THR A 1092 -7.44 -63.62 37.44
CA THR A 1092 -7.75 -63.92 36.04
C THR A 1092 -8.76 -62.95 35.45
N ASP A 1093 -9.26 -62.00 36.24
CA ASP A 1093 -10.13 -60.94 35.73
C ASP A 1093 -9.38 -59.66 35.44
N ASN A 1094 -8.30 -59.38 36.16
CA ASN A 1094 -7.48 -58.21 35.88
C ASN A 1094 -6.59 -58.39 34.67
N THR A 1095 -6.34 -59.64 34.25
CA THR A 1095 -5.34 -59.95 33.25
C THR A 1095 -5.96 -60.82 32.16
N PHE A 1096 -5.22 -60.96 31.07
CA PHE A 1096 -5.58 -61.89 30.00
C PHE A 1096 -4.35 -62.67 29.58
N VAL A 1097 -4.58 -63.88 29.08
CA VAL A 1097 -3.52 -64.82 28.75
C VAL A 1097 -3.21 -64.72 27.26
N SER A 1098 -1.93 -64.84 26.91
CA SER A 1098 -1.51 -64.84 25.52
C SER A 1098 -0.18 -65.59 25.41
N GLY A 1099 -0.25 -66.84 24.97
CA GLY A 1099 0.95 -67.61 24.73
C GLY A 1099 1.64 -68.06 26.01
N ASN A 1100 2.89 -68.50 25.82
CA ASN A 1100 3.72 -68.98 26.91
C ASN A 1100 4.72 -67.90 27.33
N CYS A 1101 5.63 -68.26 28.21
CA CYS A 1101 6.56 -67.32 28.82
C CYS A 1101 7.90 -67.23 28.10
N ASP A 1102 8.02 -67.83 26.91
CA ASP A 1102 9.30 -67.93 26.24
C ASP A 1102 9.58 -66.78 25.28
N VAL A 1103 8.65 -65.85 25.10
CA VAL A 1103 8.78 -64.80 24.09
C VAL A 1103 8.95 -63.43 24.73
N VAL A 1104 8.13 -63.10 25.73
CA VAL A 1104 8.15 -61.78 26.32
C VAL A 1104 9.47 -61.54 27.02
N ILE A 1105 10.07 -60.38 26.79
CA ILE A 1105 11.35 -60.01 27.40
C ILE A 1105 11.06 -59.29 28.70
N GLY A 1106 11.58 -59.81 29.80
CA GLY A 1106 11.35 -59.22 31.10
C GLY A 1106 10.19 -59.80 31.88
N ILE A 1107 9.65 -60.93 31.45
CA ILE A 1107 8.54 -61.55 32.15
C ILE A 1107 9.00 -62.05 33.52
N VAL A 1108 8.10 -61.97 34.51
CA VAL A 1108 8.42 -62.24 35.90
C VAL A 1108 7.51 -63.34 36.42
N ASN A 1109 8.12 -64.34 37.07
CA ASN A 1109 7.34 -65.41 37.69
C ASN A 1109 6.54 -64.87 38.86
N ASN A 1110 5.26 -65.25 38.91
CA ASN A 1110 4.39 -64.89 40.03
C ASN A 1110 3.13 -65.74 39.89
N THR A 1111 2.33 -65.75 40.96
CA THR A 1111 1.09 -66.51 40.98
C THR A 1111 -0.09 -65.61 40.65
N VAL A 1112 -1.04 -66.14 39.88
CA VAL A 1112 -2.23 -65.43 39.48
C VAL A 1112 -3.42 -66.08 40.18
N TYR A 1113 -4.07 -65.32 41.05
CA TYR A 1113 -5.18 -65.84 41.83
C TYR A 1113 -6.38 -66.14 40.93
N ASP A 1114 -7.15 -67.13 41.31
CA ASP A 1114 -8.34 -67.54 40.54
C ASP A 1114 -9.57 -67.43 41.41
N PRO A 1115 -10.50 -66.52 41.12
CA PRO A 1115 -11.68 -66.35 41.99
C PRO A 1115 -12.54 -67.60 42.08
N LEU A 1116 -12.62 -68.40 41.03
CA LEU A 1116 -13.50 -69.56 41.01
C LEU A 1116 -12.99 -70.71 41.86
N GLN A 1117 -11.68 -70.75 42.13
CA GLN A 1117 -11.11 -71.88 42.85
C GLN A 1117 -11.62 -72.01 44.28
N PRO A 1118 -11.63 -70.96 45.11
CA PRO A 1118 -12.21 -71.13 46.46
C PRO A 1118 -13.69 -71.49 46.42
N GLU A 1119 -14.44 -70.98 45.45
CA GLU A 1119 -15.86 -71.29 45.39
C GLU A 1119 -16.09 -72.75 45.02
N LEU A 1120 -15.34 -73.26 44.04
CA LEU A 1120 -15.49 -74.67 43.68
C LEU A 1120 -14.97 -75.58 44.78
N ASP A 1121 -13.92 -75.16 45.51
CA ASP A 1121 -13.44 -75.94 46.63
C ASP A 1121 -14.49 -76.00 47.74
N SER A 1122 -15.17 -74.89 48.00
CA SER A 1122 -16.22 -74.85 49.01
C SER A 1122 -17.47 -75.57 48.51
N GLN B 14 -53.77 28.07 -15.28
CA GLN B 14 -52.45 27.79 -14.74
C GLN B 14 -52.55 26.85 -13.55
N SER B 15 -52.60 25.55 -13.82
CA SER B 15 -52.71 24.52 -12.80
C SER B 15 -51.37 23.83 -12.61
N TYR B 16 -51.35 22.83 -11.74
CA TYR B 16 -50.16 22.03 -11.49
C TYR B 16 -50.46 20.56 -11.70
N THR B 17 -49.46 19.82 -12.18
CA THR B 17 -49.65 18.40 -12.44
C THR B 17 -48.39 17.65 -12.04
N ASN B 18 -48.55 16.36 -11.80
CA ASN B 18 -47.45 15.47 -11.45
C ASN B 18 -46.72 15.06 -12.72
N SER B 19 -45.40 15.19 -12.73
CA SER B 19 -44.60 14.88 -13.90
C SER B 19 -44.37 13.39 -14.10
N PHE B 20 -44.56 12.58 -13.05
CA PHE B 20 -44.34 11.13 -13.09
C PHE B 20 -42.91 10.89 -13.54
N THR B 21 -42.66 9.99 -14.50
CA THR B 21 -41.32 9.66 -14.94
C THR B 21 -40.97 10.32 -16.27
N ARG B 22 -41.76 11.28 -16.73
CA ARG B 22 -41.49 11.91 -18.01
C ARG B 22 -40.28 12.83 -17.92
N GLY B 23 -39.62 13.04 -19.06
CA GLY B 23 -38.53 14.00 -19.13
C GLY B 23 -37.15 13.40 -19.03
N VAL B 24 -36.96 12.22 -19.63
CA VAL B 24 -35.67 11.55 -19.65
C VAL B 24 -35.17 11.53 -21.08
N TYR B 25 -33.91 11.91 -21.29
CA TYR B 25 -33.33 12.01 -22.61
C TYR B 25 -31.96 11.34 -22.62
N TYR B 26 -31.54 10.90 -23.79
CA TYR B 26 -30.23 10.30 -23.95
C TYR B 26 -29.15 11.34 -23.72
N PRO B 27 -28.37 11.26 -22.63
CA PRO B 27 -27.43 12.34 -22.30
C PRO B 27 -26.28 12.46 -23.28
N ASP B 28 -25.97 11.43 -24.07
CA ASP B 28 -24.81 11.49 -24.95
C ASP B 28 -25.03 10.53 -26.12
N LYS B 29 -24.20 10.71 -27.15
CA LYS B 29 -24.30 9.91 -28.37
C LYS B 29 -23.82 8.48 -28.19
N VAL B 30 -23.20 8.15 -27.04
CA VAL B 30 -22.64 6.82 -26.84
C VAL B 30 -23.74 5.78 -26.84
N PHE B 31 -23.42 4.60 -27.37
CA PHE B 31 -24.33 3.46 -27.38
C PHE B 31 -23.94 2.49 -26.28
N ARG B 32 -24.93 2.02 -25.52
CA ARG B 32 -24.71 1.04 -24.48
C ARG B 32 -25.86 0.04 -24.51
N SER B 33 -25.55 -1.22 -24.26
CA SER B 33 -26.54 -2.29 -24.33
C SER B 33 -26.53 -3.10 -23.03
N SER B 34 -27.69 -3.20 -22.39
CA SER B 34 -27.86 -3.99 -21.17
C SER B 34 -26.92 -3.51 -20.06
N VAL B 35 -26.95 -2.20 -19.80
CA VAL B 35 -26.07 -1.59 -18.80
C VAL B 35 -26.92 -0.74 -17.86
N LEU B 36 -26.42 -0.57 -16.64
CA LEU B 36 -26.98 0.39 -15.69
C LEU B 36 -25.94 1.50 -15.54
N HIS B 37 -26.20 2.65 -16.15
CA HIS B 37 -25.21 3.72 -16.25
C HIS B 37 -25.66 4.93 -15.44
N SER B 38 -24.73 5.50 -14.68
CA SER B 38 -25.00 6.65 -13.83
C SER B 38 -24.53 7.92 -14.53
N THR B 39 -25.44 8.88 -14.69
CA THR B 39 -25.13 10.13 -15.37
C THR B 39 -25.54 11.30 -14.50
N GLN B 40 -24.64 12.26 -14.33
CA GLN B 40 -24.92 13.51 -13.64
C GLN B 40 -25.16 14.59 -14.68
N ASP B 41 -26.37 15.15 -14.72
CA ASP B 41 -26.74 16.09 -15.77
C ASP B 41 -28.02 16.80 -15.34
N LEU B 42 -28.46 17.73 -16.17
CA LEU B 42 -29.70 18.47 -15.89
C LEU B 42 -30.89 17.63 -16.33
N PHE B 43 -31.72 17.23 -15.36
CA PHE B 43 -32.88 16.40 -15.62
C PHE B 43 -34.10 17.00 -14.96
N LEU B 44 -35.27 16.54 -15.39
CA LEU B 44 -36.52 16.88 -14.73
C LEU B 44 -36.79 15.87 -13.62
N PRO B 45 -36.81 16.27 -12.35
CA PRO B 45 -36.97 15.29 -11.27
C PRO B 45 -38.30 14.56 -11.37
N PHE B 46 -38.28 13.29 -10.96
CA PHE B 46 -39.49 12.48 -11.00
C PHE B 46 -40.53 13.01 -10.03
N PHE B 47 -41.80 12.89 -10.43
CA PHE B 47 -42.93 13.29 -9.59
C PHE B 47 -42.81 14.74 -9.17
N SER B 48 -42.38 15.59 -10.09
CA SER B 48 -42.24 17.02 -9.85
C SER B 48 -43.47 17.77 -10.36
N ASN B 49 -43.67 18.96 -9.81
CA ASN B 49 -44.79 19.81 -10.19
C ASN B 49 -44.49 20.49 -11.51
N VAL B 50 -45.34 20.30 -12.51
CA VAL B 50 -45.22 20.95 -13.80
C VAL B 50 -46.43 21.86 -13.99
N THR B 51 -46.18 23.07 -14.48
CA THR B 51 -47.26 24.01 -14.73
C THR B 51 -48.06 23.57 -15.94
N TRP B 52 -49.38 23.81 -15.89
CA TRP B 52 -50.30 23.36 -16.92
C TRP B 52 -51.10 24.56 -17.40
N PHE B 53 -51.09 24.80 -18.71
CA PHE B 53 -51.78 25.93 -19.31
C PHE B 53 -52.84 25.41 -20.28
N HIS B 54 -54.06 25.97 -20.18
CA HIS B 54 -55.16 25.61 -21.05
C HIS B 54 -55.40 26.63 -22.15
N ALA B 55 -54.56 27.66 -22.25
CA ALA B 55 -54.73 28.70 -23.27
C ALA B 55 -54.31 28.19 -24.64
N ASN B 67 -50.42 32.76 -22.81
CA ASN B 67 -49.05 32.26 -22.90
C ASN B 67 -48.04 33.33 -22.46
N PRO B 68 -47.93 33.55 -21.15
CA PRO B 68 -47.00 34.56 -20.65
C PRO B 68 -45.56 34.15 -20.83
N VAL B 69 -44.68 35.15 -20.83
CA VAL B 69 -43.24 34.89 -20.90
C VAL B 69 -42.79 34.23 -19.60
N LEU B 70 -42.11 33.11 -19.72
CA LEU B 70 -41.67 32.35 -18.55
C LEU B 70 -40.16 32.36 -18.43
N PRO B 71 -39.62 32.25 -17.22
CA PRO B 71 -38.18 32.15 -17.05
C PRO B 71 -37.66 30.84 -17.62
N PHE B 72 -36.39 30.85 -18.03
CA PHE B 72 -35.78 29.68 -18.64
C PHE B 72 -35.02 28.82 -17.64
N ASN B 73 -34.34 29.44 -16.68
CA ASN B 73 -33.57 28.72 -15.64
C ASN B 73 -32.51 27.88 -16.34
N ASP B 74 -32.20 26.68 -15.84
CA ASP B 74 -31.16 25.86 -16.44
C ASP B 74 -31.64 25.24 -17.75
N GLY B 75 -32.87 24.74 -17.77
CA GLY B 75 -33.43 24.12 -18.96
C GLY B 75 -34.93 24.11 -18.85
N VAL B 76 -35.58 23.61 -19.90
CA VAL B 76 -37.03 23.59 -19.96
C VAL B 76 -37.51 22.27 -20.51
N TYR B 77 -38.51 21.67 -19.85
CA TYR B 77 -39.25 20.54 -20.38
C TYR B 77 -40.61 21.03 -20.84
N PHE B 78 -40.98 20.66 -22.06
CA PHE B 78 -42.20 21.13 -22.70
C PHE B 78 -43.01 19.94 -23.17
N ALA B 79 -44.32 19.99 -23.00
CA ALA B 79 -45.18 18.91 -23.45
C ALA B 79 -46.45 19.47 -24.05
N SER B 80 -46.87 18.90 -25.18
CA SER B 80 -48.06 19.37 -25.89
C SER B 80 -48.88 18.16 -26.34
N THR B 81 -50.18 18.38 -26.47
CA THR B 81 -51.07 17.29 -26.87
C THR B 81 -52.16 17.74 -27.85
N GLU B 82 -52.06 18.92 -28.43
CA GLU B 82 -53.10 19.41 -29.31
C GLU B 82 -53.11 18.64 -30.63
N LYS B 83 -54.31 18.51 -31.21
CA LYS B 83 -54.47 17.89 -32.51
C LYS B 83 -54.75 18.90 -33.61
N PHE B 84 -54.94 20.17 -33.27
CA PHE B 84 -55.16 21.21 -34.26
C PHE B 84 -53.89 21.93 -34.67
N ASN B 85 -52.74 21.54 -34.11
CA ASN B 85 -51.46 22.19 -34.37
C ASN B 85 -51.53 23.68 -34.06
N ILE B 86 -52.18 24.03 -32.95
CA ILE B 86 -52.28 25.42 -32.55
C ILE B 86 -50.92 25.94 -32.08
N ILE B 87 -50.17 25.11 -31.37
CA ILE B 87 -48.84 25.50 -30.90
C ILE B 87 -47.89 25.42 -32.08
N ARG B 88 -47.37 26.57 -32.50
CA ARG B 88 -46.54 26.65 -33.69
C ARG B 88 -45.32 27.54 -33.45
N GLY B 89 -44.60 27.28 -32.36
CA GLY B 89 -43.31 27.92 -32.20
C GLY B 89 -42.93 28.37 -30.81
N TRP B 90 -41.64 28.68 -30.65
CA TRP B 90 -41.09 29.14 -29.38
C TRP B 90 -40.16 30.31 -29.62
N ILE B 91 -40.03 31.16 -28.60
CA ILE B 91 -39.14 32.31 -28.60
C ILE B 91 -38.30 32.25 -27.35
N PHE B 92 -36.99 32.47 -27.50
CA PHE B 92 -36.05 32.45 -26.39
C PHE B 92 -35.24 33.72 -26.41
N GLY B 93 -34.84 34.18 -25.23
CA GLY B 93 -33.99 35.34 -25.15
C GLY B 93 -34.11 36.03 -23.80
N THR B 94 -33.34 37.10 -23.66
CA THR B 94 -33.31 37.86 -22.41
C THR B 94 -34.30 39.02 -22.44
N THR B 95 -34.17 39.90 -23.42
CA THR B 95 -35.04 41.07 -23.51
C THR B 95 -36.21 40.88 -24.46
N LEU B 96 -36.15 39.89 -25.35
CA LEU B 96 -37.22 39.62 -26.33
C LEU B 96 -37.48 40.83 -27.22
N ASP B 97 -36.46 41.67 -27.42
CA ASP B 97 -36.55 42.82 -28.29
C ASP B 97 -35.30 42.86 -29.16
N SER B 98 -35.17 43.92 -29.96
CA SER B 98 -33.99 44.09 -30.81
C SER B 98 -32.75 44.46 -30.01
N LYS B 99 -32.89 44.76 -28.72
CA LYS B 99 -31.73 45.09 -27.90
C LYS B 99 -30.76 43.93 -27.81
N THR B 100 -31.28 42.71 -27.65
CA THR B 100 -30.47 41.51 -27.52
C THR B 100 -30.97 40.46 -28.50
N GLN B 101 -30.09 39.51 -28.81
CA GLN B 101 -30.45 38.43 -29.72
C GLN B 101 -31.58 37.59 -29.12
N SER B 102 -32.46 37.10 -29.99
CA SER B 102 -33.63 36.33 -29.57
C SER B 102 -33.79 35.14 -30.49
N LEU B 103 -33.54 33.95 -29.98
CA LEU B 103 -33.76 32.73 -30.75
C LEU B 103 -35.25 32.56 -31.04
N LEU B 104 -35.57 32.08 -32.24
CA LEU B 104 -36.95 31.94 -32.67
C LEU B 104 -37.08 30.67 -33.48
N ILE B 105 -37.96 29.77 -33.05
CA ILE B 105 -38.26 28.55 -33.78
C ILE B 105 -39.72 28.61 -34.19
N VAL B 106 -39.98 28.47 -35.49
CA VAL B 106 -41.34 28.50 -36.03
C VAL B 106 -41.54 27.25 -36.87
N ASN B 107 -42.59 26.49 -36.55
CA ASN B 107 -42.92 25.28 -37.29
C ASN B 107 -44.19 25.52 -38.10
N ASN B 108 -44.16 25.12 -39.37
CA ASN B 108 -45.35 25.14 -40.21
C ASN B 108 -45.51 23.77 -40.86
N ALA B 109 -46.68 23.56 -41.45
CA ALA B 109 -47.15 22.24 -41.87
C ALA B 109 -46.16 21.50 -42.77
N THR B 110 -45.14 22.20 -43.28
CA THR B 110 -44.12 21.58 -44.11
C THR B 110 -42.77 21.43 -43.42
N ASN B 111 -42.33 22.42 -42.65
CA ASN B 111 -40.95 22.41 -42.17
C ASN B 111 -40.89 23.11 -40.81
N ALA B 112 -39.67 23.28 -40.31
CA ALA B 112 -39.41 24.03 -39.09
C ALA B 112 -38.18 24.89 -39.32
N VAL B 113 -38.31 26.19 -39.05
CA VAL B 113 -37.24 27.15 -39.30
C VAL B 113 -36.79 27.73 -37.97
N ILE B 114 -35.49 28.04 -37.89
CA ILE B 114 -34.85 28.54 -36.69
C ILE B 114 -34.01 29.74 -37.08
N LYS B 115 -34.16 30.83 -36.33
CA LYS B 115 -33.40 32.06 -36.58
C LYS B 115 -32.92 32.63 -35.25
N VAL B 116 -31.89 33.46 -35.33
CA VAL B 116 -31.39 34.18 -34.16
C VAL B 116 -31.40 35.69 -34.39
N CYS B 117 -32.24 36.16 -35.30
CA CYS B 117 -32.32 37.58 -35.60
C CYS B 117 -32.82 38.36 -34.39
N GLU B 118 -32.58 39.67 -34.42
CA GLU B 118 -33.15 40.58 -33.42
C GLU B 118 -34.53 41.00 -33.89
N PHE B 119 -35.55 40.65 -33.11
CA PHE B 119 -36.93 40.88 -33.49
C PHE B 119 -37.59 41.91 -32.59
N GLN B 120 -38.70 42.45 -33.09
CA GLN B 120 -39.60 43.31 -32.32
C GLN B 120 -41.00 42.73 -32.49
N PHE B 121 -41.38 41.83 -31.60
CA PHE B 121 -42.66 41.14 -31.72
C PHE B 121 -43.82 42.08 -31.39
N LYS B 122 -44.98 41.78 -31.97
CA LYS B 122 -46.19 42.54 -31.70
C LYS B 122 -47.39 41.66 -32.01
N ASN B 123 -48.23 41.43 -31.01
CA ASN B 123 -49.42 40.61 -31.20
C ASN B 123 -50.45 40.88 -30.09
N VAL B 134 -46.52 38.19 -36.97
CA VAL B 134 -45.41 37.44 -36.37
C VAL B 134 -44.52 38.41 -35.61
N TYR B 135 -43.57 39.02 -36.32
CA TYR B 135 -42.70 40.04 -35.75
C TYR B 135 -42.87 41.33 -36.55
N SER B 136 -42.97 42.44 -35.83
CA SER B 136 -43.11 43.74 -36.49
C SER B 136 -41.87 44.08 -37.30
N SER B 137 -40.69 43.80 -36.75
CA SER B 137 -39.44 44.08 -37.44
C SER B 137 -38.41 43.02 -37.09
N ALA B 138 -37.55 42.72 -38.06
CA ALA B 138 -36.43 41.79 -37.87
C ALA B 138 -35.17 42.44 -38.42
N ASN B 139 -34.06 42.28 -37.70
CA ASN B 139 -32.82 42.91 -38.13
C ASN B 139 -31.63 42.12 -37.57
N ASN B 140 -30.52 42.19 -38.30
CA ASN B 140 -29.24 41.65 -37.86
C ASN B 140 -29.32 40.15 -37.57
N CYS B 141 -29.71 39.40 -38.60
CA CYS B 141 -29.72 37.96 -38.51
C CYS B 141 -28.29 37.41 -38.54
N THR B 142 -28.04 36.37 -37.77
CA THR B 142 -26.72 35.75 -37.70
C THR B 142 -26.72 34.29 -38.10
N PHE B 143 -27.71 33.52 -37.66
CA PHE B 143 -27.77 32.08 -37.93
C PHE B 143 -29.18 31.71 -38.34
N GLU B 144 -29.29 30.82 -39.33
CA GLU B 144 -30.57 30.31 -39.77
C GLU B 144 -30.46 28.81 -39.99
N TYR B 145 -31.58 28.12 -39.85
CA TYR B 145 -31.60 26.67 -39.94
C TYR B 145 -32.99 26.23 -40.40
N VAL B 146 -33.05 25.18 -41.21
CA VAL B 146 -34.31 24.62 -41.69
C VAL B 146 -34.23 23.10 -41.54
N SER B 147 -35.30 22.51 -41.02
CA SER B 147 -35.33 21.07 -40.83
C SER B 147 -36.78 20.58 -40.94
N GLN B 148 -36.96 19.29 -40.72
CA GLN B 148 -38.30 18.72 -40.70
C GLN B 148 -39.10 19.30 -39.54
N PRO B 149 -40.42 19.42 -39.68
CA PRO B 149 -41.22 20.00 -38.60
C PRO B 149 -41.10 19.19 -37.32
N PHE B 150 -41.01 19.91 -36.19
CA PHE B 150 -40.88 19.24 -34.90
C PHE B 150 -42.15 18.49 -34.53
N LEU B 151 -43.30 19.10 -34.77
CA LEU B 151 -44.59 18.50 -34.38
C LEU B 151 -45.20 17.74 -35.54
N LYS B 162 -54.33 10.44 -28.26
CA LYS B 162 -53.72 11.59 -28.90
C LYS B 162 -52.24 11.37 -29.14
N ASN B 163 -51.58 12.36 -29.73
CA ASN B 163 -50.16 12.29 -30.06
C ASN B 163 -49.42 13.29 -29.19
N LEU B 164 -48.93 12.82 -28.04
CA LEU B 164 -48.22 13.68 -27.10
C LEU B 164 -46.80 13.94 -27.61
N SER B 165 -46.43 15.21 -27.69
CA SER B 165 -45.11 15.61 -28.13
C SER B 165 -44.35 16.22 -26.95
N GLU B 166 -43.17 15.67 -26.67
CA GLU B 166 -42.34 16.12 -25.56
C GLU B 166 -41.03 16.68 -26.10
N PHE B 167 -40.58 17.78 -25.51
CA PHE B 167 -39.36 18.46 -25.90
C PHE B 167 -38.58 18.83 -24.66
N VAL B 168 -37.26 18.86 -24.80
CA VAL B 168 -36.36 19.35 -23.77
C VAL B 168 -35.40 20.33 -24.43
N PHE B 169 -35.37 21.55 -23.90
CA PHE B 169 -34.50 22.60 -24.41
C PHE B 169 -33.44 22.91 -23.36
N LYS B 170 -32.17 22.83 -23.76
CA LYS B 170 -31.07 23.22 -22.90
C LYS B 170 -30.17 24.19 -23.66
N ASN B 171 -29.52 25.08 -22.92
CA ASN B 171 -28.60 26.05 -23.49
C ASN B 171 -27.34 26.05 -22.62
N ILE B 172 -26.30 25.35 -23.08
CA ILE B 172 -25.08 25.19 -22.30
C ILE B 172 -23.88 25.38 -23.21
N ASP B 173 -22.89 26.14 -22.72
CA ASP B 173 -21.63 26.42 -23.41
C ASP B 173 -21.84 26.70 -24.90
N GLY B 174 -22.67 27.70 -25.18
CA GLY B 174 -22.87 28.14 -26.54
C GLY B 174 -23.54 27.13 -27.44
N TYR B 175 -24.22 26.14 -26.86
CA TYR B 175 -24.93 25.12 -27.61
C TYR B 175 -26.38 25.07 -27.16
N PHE B 176 -27.29 25.11 -28.11
CA PHE B 176 -28.72 24.95 -27.83
C PHE B 176 -29.12 23.54 -28.25
N LYS B 177 -29.41 22.70 -27.28
CA LYS B 177 -29.73 21.30 -27.52
C LYS B 177 -31.24 21.09 -27.38
N ILE B 178 -31.85 20.48 -28.38
CA ILE B 178 -33.27 20.18 -28.37
C ILE B 178 -33.43 18.67 -28.50
N TYR B 179 -34.12 18.08 -27.53
CA TYR B 179 -34.48 16.67 -27.56
C TYR B 179 -35.99 16.57 -27.73
N SER B 180 -36.45 15.55 -28.45
CA SER B 180 -37.86 15.44 -28.77
C SER B 180 -38.31 13.99 -28.77
N LYS B 181 -39.62 13.81 -28.60
CA LYS B 181 -40.23 12.49 -28.63
C LYS B 181 -41.71 12.66 -28.93
N HIS B 182 -42.27 11.68 -29.64
CA HIS B 182 -43.70 11.66 -29.95
C HIS B 182 -44.26 10.31 -29.56
N THR B 183 -45.30 10.31 -28.74
CA THR B 183 -45.85 9.08 -28.21
C THR B 183 -47.37 9.05 -28.34
N PRO B 184 -47.95 7.89 -28.63
CA PRO B 184 -49.41 7.76 -28.59
C PRO B 184 -49.90 7.59 -27.17
N ILE B 185 -50.85 8.43 -26.76
CA ILE B 185 -51.41 8.41 -25.42
C ILE B 185 -52.92 8.27 -25.52
N ASN B 186 -53.57 8.22 -24.37
CA ASN B 186 -55.03 8.17 -24.26
C ASN B 186 -55.52 9.34 -23.43
N LEU B 187 -56.83 9.55 -23.46
CA LEU B 187 -57.43 10.66 -22.72
C LEU B 187 -57.28 10.47 -21.23
N GLY B 188 -57.08 11.57 -20.51
CA GLY B 188 -56.90 11.50 -19.07
C GLY B 188 -56.44 12.83 -18.53
N ARG B 189 -55.91 12.80 -17.31
CA ARG B 189 -55.42 14.02 -16.68
C ARG B 189 -54.25 14.62 -17.46
N GLY B 190 -53.35 13.78 -17.94
CA GLY B 190 -52.21 14.24 -18.71
C GLY B 190 -50.92 13.68 -18.15
N LEU B 191 -49.91 13.59 -19.01
CA LEU B 191 -48.59 13.07 -18.65
C LEU B 191 -48.73 11.65 -18.11
N PRO B 192 -48.98 10.67 -18.98
CA PRO B 192 -49.23 9.30 -18.51
C PRO B 192 -48.06 8.73 -17.72
N GLN B 193 -48.33 7.60 -17.08
CA GLN B 193 -47.39 6.98 -16.15
C GLN B 193 -46.33 6.14 -16.84
N GLY B 194 -46.38 6.03 -18.16
CA GLY B 194 -45.38 5.24 -18.87
C GLY B 194 -44.03 5.93 -18.90
N PHE B 195 -43.06 5.22 -19.45
CA PHE B 195 -41.69 5.71 -19.57
C PHE B 195 -41.30 5.76 -21.05
N SER B 196 -40.72 6.87 -21.47
CA SER B 196 -40.23 7.02 -22.83
C SER B 196 -39.11 8.04 -22.84
N ALA B 197 -37.99 7.69 -23.46
CA ALA B 197 -36.83 8.56 -23.51
C ALA B 197 -36.91 9.48 -24.72
N LEU B 198 -36.28 10.65 -24.59
CA LEU B 198 -36.34 11.70 -25.62
C LEU B 198 -35.03 11.69 -26.39
N GLU B 199 -35.10 11.30 -27.66
CA GLU B 199 -33.92 11.25 -28.50
C GLU B 199 -33.46 12.66 -28.86
N PRO B 200 -32.16 12.85 -29.10
CA PRO B 200 -31.67 14.18 -29.49
C PRO B 200 -32.23 14.63 -30.82
N LEU B 201 -33.06 15.68 -30.80
CA LEU B 201 -33.67 16.15 -32.03
C LEU B 201 -32.68 16.96 -32.86
N VAL B 202 -32.01 17.93 -32.24
CA VAL B 202 -31.13 18.84 -32.96
C VAL B 202 -30.19 19.51 -31.97
N ASP B 203 -29.07 20.02 -32.50
CA ASP B 203 -28.12 20.81 -31.73
C ASP B 203 -27.73 22.01 -32.57
N LEU B 204 -27.69 23.18 -31.95
CA LEU B 204 -27.37 24.43 -32.64
C LEU B 204 -26.14 25.05 -31.99
N PRO B 205 -25.08 25.31 -32.74
CA PRO B 205 -23.85 25.91 -32.20
C PRO B 205 -23.93 27.44 -32.10
N ILE B 206 -24.97 27.94 -31.44
CA ILE B 206 -25.21 29.38 -31.32
C ILE B 206 -24.89 29.79 -29.89
N GLY B 207 -23.93 30.71 -29.75
CA GLY B 207 -23.56 31.21 -28.44
C GLY B 207 -24.36 32.42 -28.03
N ILE B 208 -25.64 32.24 -27.77
CA ILE B 208 -26.53 33.34 -27.42
C ILE B 208 -26.82 33.30 -25.92
N ASN B 209 -27.47 34.34 -25.43
CA ASN B 209 -27.83 34.48 -24.02
C ASN B 209 -29.33 34.32 -23.89
N ILE B 210 -29.75 33.33 -23.09
CA ILE B 210 -31.17 33.03 -22.90
C ILE B 210 -31.46 33.03 -21.41
N THR B 211 -32.47 33.80 -21.00
CA THR B 211 -32.98 33.77 -19.64
C THR B 211 -34.49 33.64 -19.56
N ARG B 212 -35.22 33.88 -20.63
CA ARG B 212 -36.67 33.74 -20.64
C ARG B 212 -37.10 33.14 -21.97
N PHE B 213 -38.33 32.62 -22.00
CA PHE B 213 -38.87 32.02 -23.21
C PHE B 213 -40.39 32.14 -23.19
N GLN B 214 -40.98 31.91 -24.35
CA GLN B 214 -42.42 32.03 -24.53
C GLN B 214 -42.84 31.11 -25.67
N THR B 215 -44.09 30.67 -25.64
CA THR B 215 -44.65 29.84 -26.70
C THR B 215 -45.59 30.65 -27.57
N LEU B 216 -45.86 30.14 -28.76
CA LEU B 216 -46.70 30.81 -29.74
C LEU B 216 -47.87 29.93 -30.12
N LEU B 217 -49.04 30.53 -30.22
CA LEU B 217 -50.26 29.79 -30.54
C LEU B 217 -50.87 30.28 -31.85
N ALA B 239 -53.36 23.77 -24.17
CA ALA B 239 -53.11 22.76 -23.15
C ALA B 239 -51.69 22.21 -23.26
N TYR B 240 -50.74 22.88 -22.62
CA TYR B 240 -49.35 22.44 -22.63
C TYR B 240 -48.78 22.50 -21.23
N TYR B 241 -47.77 21.66 -20.99
CA TYR B 241 -47.15 21.52 -19.69
C TYR B 241 -45.69 21.98 -19.76
N VAL B 242 -45.26 22.69 -18.71
CA VAL B 242 -43.93 23.26 -18.63
C VAL B 242 -43.29 22.86 -17.32
N GLY B 243 -42.06 22.34 -17.39
CA GLY B 243 -41.31 22.01 -16.20
C GLY B 243 -39.88 22.50 -16.33
N TYR B 244 -39.16 22.46 -15.21
CA TYR B 244 -37.79 22.97 -15.16
C TYR B 244 -36.82 21.86 -14.79
N LEU B 245 -35.58 22.02 -15.24
CA LEU B 245 -34.54 21.02 -15.05
C LEU B 245 -33.59 21.44 -13.93
N GLN B 246 -33.20 20.48 -13.12
CA GLN B 246 -32.24 20.66 -12.04
C GLN B 246 -31.07 19.71 -12.24
N PRO B 247 -29.89 20.04 -11.70
CA PRO B 247 -28.76 19.10 -11.78
C PRO B 247 -28.96 17.89 -10.89
N ARG B 248 -29.21 16.73 -11.50
CA ARG B 248 -29.48 15.51 -10.77
C ARG B 248 -28.59 14.39 -11.30
N THR B 249 -28.40 13.38 -10.48
CA THR B 249 -27.74 12.14 -10.88
C THR B 249 -28.81 11.07 -11.09
N PHE B 250 -28.80 10.48 -12.27
CA PHE B 250 -29.78 9.48 -12.66
C PHE B 250 -29.09 8.16 -12.96
N LEU B 251 -29.81 7.07 -12.75
CA LEU B 251 -29.35 5.73 -13.10
C LEU B 251 -30.24 5.23 -14.23
N LEU B 252 -29.68 5.17 -15.43
CA LEU B 252 -30.43 4.77 -16.63
C LEU B 252 -30.16 3.32 -16.95
N LYS B 253 -31.18 2.64 -17.46
CA LYS B 253 -31.08 1.24 -17.86
C LYS B 253 -31.13 1.16 -19.39
N TYR B 254 -30.09 0.60 -19.99
CA TYR B 254 -30.04 0.33 -21.41
C TYR B 254 -30.29 -1.15 -21.62
N ASN B 255 -31.33 -1.46 -22.40
CA ASN B 255 -31.70 -2.84 -22.66
C ASN B 255 -30.79 -3.43 -23.73
N GLU B 256 -31.13 -4.61 -24.23
CA GLU B 256 -30.28 -5.30 -25.19
C GLU B 256 -30.14 -4.52 -26.49
N ASN B 257 -31.15 -3.73 -26.85
CA ASN B 257 -31.14 -2.96 -28.09
C ASN B 257 -30.64 -1.54 -27.90
N GLY B 258 -30.19 -1.18 -26.71
CA GLY B 258 -29.67 0.15 -26.46
C GLY B 258 -30.70 1.21 -26.19
N THR B 259 -31.94 0.83 -25.89
CA THR B 259 -33.01 1.77 -25.62
C THR B 259 -33.15 1.98 -24.11
N ILE B 260 -33.19 3.23 -23.68
CA ILE B 260 -33.37 3.54 -22.27
C ILE B 260 -34.79 3.15 -21.89
N THR B 261 -34.94 2.08 -21.13
CA THR B 261 -36.25 1.58 -20.75
C THR B 261 -36.69 2.00 -19.36
N ASP B 262 -35.76 2.35 -18.48
CA ASP B 262 -36.13 2.73 -17.12
C ASP B 262 -35.02 3.60 -16.54
N ALA B 263 -35.37 4.32 -15.48
CA ALA B 263 -34.44 5.22 -14.84
C ALA B 263 -34.78 5.34 -13.36
N VAL B 264 -33.77 5.72 -12.58
CA VAL B 264 -33.89 5.94 -11.15
C VAL B 264 -33.35 7.33 -10.83
N ASP B 265 -34.16 8.13 -10.14
CA ASP B 265 -33.76 9.46 -9.71
C ASP B 265 -33.15 9.35 -8.32
N CYS B 266 -31.83 9.51 -8.23
CA CYS B 266 -31.10 9.19 -7.00
C CYS B 266 -31.46 10.10 -5.83
N ALA B 267 -32.13 11.22 -6.06
CA ALA B 267 -32.48 12.14 -4.99
C ALA B 267 -33.97 12.11 -4.67
N LEU B 268 -34.72 11.16 -5.24
CA LEU B 268 -36.16 11.13 -5.04
C LEU B 268 -36.52 10.74 -3.61
N ASP B 269 -35.92 9.67 -3.11
CA ASP B 269 -36.27 9.13 -1.80
C ASP B 269 -35.14 8.20 -1.35
N PRO B 270 -35.14 7.78 -0.09
CA PRO B 270 -34.06 6.89 0.37
C PRO B 270 -33.93 5.61 -0.44
N LEU B 271 -35.04 5.04 -0.90
CA LEU B 271 -34.97 3.81 -1.68
C LEU B 271 -34.23 4.02 -2.99
N SER B 272 -34.50 5.13 -3.67
CA SER B 272 -33.81 5.40 -4.92
C SER B 272 -32.33 5.67 -4.69
N GLU B 273 -32.00 6.35 -3.58
CA GLU B 273 -30.59 6.55 -3.25
C GLU B 273 -29.90 5.22 -2.99
N THR B 274 -30.59 4.29 -2.32
CA THR B 274 -30.03 2.96 -2.12
C THR B 274 -29.82 2.25 -3.45
N LYS B 275 -30.79 2.35 -4.35
CA LYS B 275 -30.66 1.72 -5.66
C LYS B 275 -29.48 2.28 -6.42
N CYS B 276 -29.29 3.60 -6.37
CA CYS B 276 -28.15 4.21 -7.06
C CYS B 276 -26.83 3.80 -6.42
N THR B 277 -26.79 3.73 -5.08
CA THR B 277 -25.57 3.32 -4.40
C THR B 277 -25.19 1.89 -4.75
N LEU B 278 -26.18 0.99 -4.82
CA LEU B 278 -25.92 -0.39 -5.20
C LEU B 278 -25.79 -0.58 -6.70
N LYS B 279 -26.05 0.46 -7.49
CA LYS B 279 -26.00 0.38 -8.96
C LYS B 279 -26.91 -0.72 -9.49
N SER B 280 -28.11 -0.81 -8.92
CA SER B 280 -29.06 -1.84 -9.30
C SER B 280 -30.47 -1.32 -9.15
N PHE B 281 -31.40 -1.96 -9.86
CA PHE B 281 -32.82 -1.63 -9.74
C PHE B 281 -33.53 -2.45 -8.68
N THR B 282 -32.92 -3.55 -8.23
CA THR B 282 -33.49 -4.38 -7.18
C THR B 282 -32.54 -4.40 -5.99
N VAL B 283 -33.10 -4.27 -4.79
CA VAL B 283 -32.34 -4.19 -3.55
C VAL B 283 -32.70 -5.38 -2.69
N GLU B 284 -31.69 -6.10 -2.21
CA GLU B 284 -31.92 -7.20 -1.30
C GLU B 284 -32.21 -6.68 0.10
N LYS B 285 -32.81 -7.54 0.91
CA LYS B 285 -33.12 -7.17 2.29
C LYS B 285 -31.84 -6.92 3.09
N GLY B 286 -31.85 -5.85 3.86
CA GLY B 286 -30.72 -5.53 4.70
C GLY B 286 -30.65 -4.03 4.96
N ILE B 287 -29.52 -3.61 5.51
CA ILE B 287 -29.25 -2.21 5.81
C ILE B 287 -28.03 -1.79 5.01
N TYR B 288 -28.17 -0.70 4.26
CA TYR B 288 -27.13 -0.24 3.34
C TYR B 288 -26.72 1.18 3.70
N GLN B 289 -25.42 1.43 3.74
CA GLN B 289 -24.89 2.73 4.13
C GLN B 289 -24.81 3.62 2.90
N THR B 290 -25.76 4.55 2.78
CA THR B 290 -25.79 5.49 1.67
C THR B 290 -25.03 6.76 2.07
N SER B 291 -25.24 7.85 1.32
CA SER B 291 -24.48 9.07 1.53
C SER B 291 -24.62 9.57 2.97
N ASN B 292 -23.59 10.31 3.40
CA ASN B 292 -23.54 10.85 4.75
C ASN B 292 -24.41 12.09 4.87
N PHE B 293 -24.42 12.70 6.05
CA PHE B 293 -25.14 13.92 6.29
C PHE B 293 -24.29 14.88 7.12
N ARG B 294 -24.76 16.11 7.24
CA ARG B 294 -24.03 17.14 7.98
C ARG B 294 -24.96 18.31 8.30
N VAL B 295 -24.94 18.78 9.54
CA VAL B 295 -25.76 19.93 9.92
C VAL B 295 -25.21 21.18 9.24
N GLN B 296 -26.08 21.88 8.52
CA GLN B 296 -25.52 23.01 7.79
C GLN B 296 -25.50 24.26 8.67
N PRO B 297 -24.48 25.10 8.52
CA PRO B 297 -24.41 26.32 9.33
C PRO B 297 -25.54 27.28 9.00
N THR B 298 -25.97 28.02 10.01
CA THR B 298 -27.08 28.97 9.86
C THR B 298 -26.59 30.38 9.55
N GLU B 299 -25.63 30.88 10.31
CA GLU B 299 -25.15 32.25 10.18
C GLU B 299 -23.64 32.26 10.01
N SER B 300 -23.12 33.43 9.66
CA SER B 300 -21.68 33.68 9.59
C SER B 300 -21.36 34.90 10.43
N ILE B 301 -20.36 34.79 11.29
CA ILE B 301 -19.98 35.86 12.20
C ILE B 301 -18.51 36.17 12.03
N VAL B 302 -18.18 37.46 12.06
CA VAL B 302 -16.81 37.94 11.99
C VAL B 302 -16.53 38.74 13.25
N ARG B 303 -15.44 38.42 13.94
CA ARG B 303 -15.09 39.06 15.20
C ARG B 303 -13.69 39.66 15.06
N PHE B 304 -13.63 40.97 14.82
CA PHE B 304 -12.38 41.71 14.76
C PHE B 304 -12.33 42.73 15.89
N PRO B 305 -11.14 43.08 16.38
CA PRO B 305 -11.05 44.01 17.51
C PRO B 305 -11.48 45.43 17.14
N ASN B 306 -11.51 46.31 18.15
CA ASN B 306 -11.90 47.70 17.99
C ASN B 306 -10.86 48.53 17.25
N ILE B 307 -9.80 47.94 16.71
CA ILE B 307 -8.78 48.70 16.02
C ILE B 307 -9.40 49.38 14.81
N THR B 308 -9.28 50.71 14.74
CA THR B 308 -9.84 51.48 13.63
C THR B 308 -8.80 52.35 12.93
N ASN B 309 -7.55 52.35 13.39
CA ASN B 309 -6.52 53.15 12.74
C ASN B 309 -6.29 52.65 11.31
N LEU B 310 -6.23 53.59 10.37
CA LEU B 310 -5.93 53.25 8.99
C LEU B 310 -4.43 53.06 8.82
N CYS B 311 -4.04 52.01 8.12
CA CYS B 311 -2.62 51.73 7.96
C CYS B 311 -1.95 52.83 7.16
N PRO B 312 -0.73 53.22 7.51
CA PRO B 312 -0.07 54.37 6.87
C PRO B 312 0.48 54.04 5.49
N PHE B 313 -0.41 53.57 4.60
CA PHE B 313 -0.01 53.36 3.22
C PHE B 313 0.14 54.67 2.47
N ASP B 314 -0.51 55.74 2.93
CA ASP B 314 -0.40 57.03 2.27
C ASP B 314 1.03 57.54 2.29
N GLU B 315 1.66 57.56 3.46
CA GLU B 315 3.04 58.04 3.55
C GLU B 315 4.00 57.10 2.85
N VAL B 316 3.69 55.81 2.79
CA VAL B 316 4.56 54.87 2.10
C VAL B 316 4.52 55.11 0.60
N PHE B 317 3.33 55.27 0.03
CA PHE B 317 3.19 55.43 -1.41
C PHE B 317 3.32 56.89 -1.85
N ASN B 318 2.62 57.79 -1.17
CA ASN B 318 2.67 59.21 -1.52
C ASN B 318 3.85 59.88 -0.80
N ALA B 319 5.05 59.43 -1.13
CA ALA B 319 6.29 60.00 -0.63
C ALA B 319 6.97 60.77 -1.75
N THR B 320 7.49 61.96 -1.41
CA THR B 320 8.06 62.84 -2.42
C THR B 320 9.26 62.20 -3.10
N ARG B 321 10.14 61.56 -2.34
CA ARG B 321 11.35 60.95 -2.88
C ARG B 321 11.48 59.53 -2.34
N PHE B 322 11.40 58.56 -3.24
CA PHE B 322 11.70 57.18 -2.87
C PHE B 322 13.21 56.96 -2.84
N ALA B 323 13.64 56.07 -1.96
CA ALA B 323 15.05 55.78 -1.82
C ALA B 323 15.56 54.98 -3.02
N SER B 324 16.88 54.89 -3.14
CA SER B 324 17.49 54.19 -4.25
C SER B 324 17.37 52.68 -4.07
N VAL B 325 17.74 51.95 -5.13
CA VAL B 325 17.59 50.50 -5.12
C VAL B 325 18.48 49.88 -4.06
N TYR B 326 19.74 50.31 -3.99
CA TYR B 326 20.67 49.74 -3.03
C TYR B 326 20.34 50.13 -1.59
N ALA B 327 19.46 51.11 -1.39
CA ALA B 327 19.06 51.57 -0.06
C ALA B 327 17.54 51.60 0.04
N TRP B 328 16.89 50.53 -0.40
CA TRP B 328 15.43 50.46 -0.39
C TRP B 328 14.88 50.72 1.00
N ASN B 329 13.84 51.55 1.07
CA ASN B 329 13.32 52.00 2.36
C ASN B 329 12.28 51.00 2.86
N ARG B 330 12.51 50.46 4.06
CA ARG B 330 11.62 49.48 4.67
C ARG B 330 10.87 50.10 5.83
N LYS B 331 9.55 49.92 5.84
CA LYS B 331 8.70 50.41 6.92
C LYS B 331 7.86 49.26 7.47
N ARG B 332 7.67 49.27 8.79
CA ARG B 332 6.85 48.29 9.46
C ARG B 332 5.40 48.74 9.53
N ILE B 333 4.47 47.81 9.29
CA ILE B 333 3.04 48.08 9.36
C ILE B 333 2.43 47.09 10.32
N SER B 334 1.78 47.61 11.36
CA SER B 334 1.11 46.79 12.38
C SER B 334 0.10 47.64 13.11
N ASN B 335 -0.84 46.97 13.76
CA ASN B 335 -1.86 47.60 14.61
C ASN B 335 -2.64 48.67 13.85
N CYS B 336 -3.19 48.27 12.71
CA CYS B 336 -3.98 49.19 11.90
C CYS B 336 -4.87 48.37 10.98
N VAL B 337 -5.87 49.06 10.41
CA VAL B 337 -6.77 48.45 9.44
C VAL B 337 -6.21 48.66 8.05
N ALA B 338 -5.88 47.56 7.37
CA ALA B 338 -5.24 47.62 6.06
C ALA B 338 -6.32 47.65 4.99
N ASP B 339 -6.70 48.85 4.58
CA ASP B 339 -7.66 49.04 3.50
C ASP B 339 -6.87 49.19 2.20
N TYR B 340 -6.77 48.09 1.45
CA TYR B 340 -6.02 48.10 0.21
C TYR B 340 -6.74 48.84 -0.92
N SER B 341 -8.03 49.13 -0.75
CA SER B 341 -8.78 49.80 -1.81
C SER B 341 -8.19 51.17 -2.11
N VAL B 342 -7.71 51.88 -1.08
CA VAL B 342 -7.11 53.19 -1.28
C VAL B 342 -5.87 53.10 -2.16
N LEU B 343 -5.23 51.93 -2.21
CA LEU B 343 -4.09 51.76 -3.11
C LEU B 343 -4.49 51.96 -4.56
N TYR B 344 -5.74 51.65 -4.90
CA TYR B 344 -6.22 51.87 -6.26
C TYR B 344 -6.44 53.35 -6.56
N ASN B 345 -6.48 54.20 -5.55
CA ASN B 345 -6.62 55.64 -5.73
C ASN B 345 -5.28 56.35 -5.84
N PHE B 346 -4.17 55.64 -5.70
CA PHE B 346 -2.85 56.26 -5.74
C PHE B 346 -2.14 56.12 -7.08
N ALA B 347 -2.43 55.06 -7.84
CA ALA B 347 -1.74 54.86 -9.10
C ALA B 347 -2.46 53.84 -9.95
N PRO B 348 -2.56 54.04 -11.26
CA PRO B 348 -3.00 52.95 -12.17
C PRO B 348 -1.83 52.03 -12.50
N PHE B 349 -1.44 51.24 -11.50
CA PHE B 349 -0.23 50.43 -11.60
C PHE B 349 -0.34 49.39 -12.71
N PHE B 350 0.77 49.18 -13.41
CA PHE B 350 0.85 48.17 -14.46
C PHE B 350 1.27 46.81 -13.93
N ALA B 351 1.58 46.71 -12.64
CA ALA B 351 1.98 45.45 -12.03
C ALA B 351 1.46 45.40 -10.60
N PHE B 352 0.71 44.33 -10.29
CA PHE B 352 0.16 44.11 -8.96
C PHE B 352 0.34 42.64 -8.59
N LYS B 353 1.54 42.12 -8.84
CA LYS B 353 1.75 40.68 -8.83
C LYS B 353 1.90 40.18 -7.40
N CYS B 354 1.05 39.25 -6.99
CA CYS B 354 1.05 38.73 -5.64
C CYS B 354 1.46 37.26 -5.64
N TYR B 355 2.33 36.90 -4.69
CA TYR B 355 2.81 35.54 -4.51
C TYR B 355 2.27 34.99 -3.20
N GLY B 356 1.64 33.81 -3.27
CA GLY B 356 1.09 33.18 -2.10
C GLY B 356 -0.24 33.73 -1.64
N VAL B 357 -0.82 34.68 -2.36
CA VAL B 357 -2.08 35.30 -1.96
C VAL B 357 -2.70 35.91 -3.21
N SER B 358 -4.02 36.04 -3.20
CA SER B 358 -4.63 36.67 -4.36
C SER B 358 -4.93 38.14 -4.07
N PRO B 359 -4.73 39.01 -5.06
CA PRO B 359 -4.96 40.45 -4.83
C PRO B 359 -6.37 40.79 -4.40
N THR B 360 -7.38 40.07 -4.91
CA THR B 360 -8.75 40.36 -4.53
C THR B 360 -9.10 39.87 -3.13
N LYS B 361 -8.32 38.95 -2.57
CA LYS B 361 -8.59 38.39 -1.26
C LYS B 361 -7.99 39.21 -0.13
N LEU B 362 -7.26 40.29 -0.44
CA LEU B 362 -6.50 41.00 0.59
C LEU B 362 -7.41 41.62 1.64
N ASN B 363 -8.56 42.14 1.23
CA ASN B 363 -9.44 42.84 2.16
C ASN B 363 -10.08 41.90 3.18
N ASP B 364 -9.97 40.59 3.01
CA ASP B 364 -10.61 39.62 3.89
C ASP B 364 -9.60 38.81 4.70
N LEU B 365 -8.36 39.27 4.80
CA LEU B 365 -7.31 38.54 5.49
C LEU B 365 -6.74 39.37 6.62
N CYS B 366 -6.27 38.69 7.66
CA CYS B 366 -5.58 39.31 8.78
C CYS B 366 -4.11 38.91 8.75
N PHE B 367 -3.23 39.89 8.91
CA PHE B 367 -1.80 39.66 8.90
C PHE B 367 -1.19 40.06 10.23
N THR B 368 -0.14 39.35 10.63
CA THR B 368 0.53 39.67 11.88
C THR B 368 1.37 40.94 11.76
N ASN B 369 2.09 41.09 10.65
CA ASN B 369 2.82 42.31 10.38
C ASN B 369 3.14 42.38 8.90
N VAL B 370 3.42 43.59 8.44
CA VAL B 370 3.71 43.84 7.03
C VAL B 370 5.00 44.65 6.92
N TYR B 371 5.83 44.28 5.94
CA TYR B 371 7.01 45.06 5.56
C TYR B 371 6.71 45.74 4.23
N ALA B 372 6.91 47.05 4.18
CA ALA B 372 6.73 47.83 2.95
C ALA B 372 8.10 48.33 2.52
N ASP B 373 8.59 47.81 1.40
CA ASP B 373 9.89 48.19 0.86
C ASP B 373 9.66 49.01 -0.41
N SER B 374 10.16 50.24 -0.41
CA SER B 374 9.93 51.18 -1.50
C SER B 374 11.26 51.58 -2.13
N PHE B 375 11.25 51.69 -3.46
CA PHE B 375 12.40 52.19 -4.20
C PHE B 375 11.95 52.59 -5.61
N VAL B 376 12.90 53.00 -6.44
CA VAL B 376 12.66 53.37 -7.83
C VAL B 376 13.63 52.58 -8.70
N ILE B 377 13.11 51.97 -9.76
CA ILE B 377 13.87 51.08 -10.62
C ILE B 377 13.57 51.44 -12.08
N ARG B 378 14.26 50.78 -13.00
CA ARG B 378 13.95 50.92 -14.42
C ARG B 378 12.86 49.91 -14.79
N GLY B 379 12.06 50.29 -15.79
CA GLY B 379 10.88 49.49 -16.12
C GLY B 379 11.22 48.07 -16.54
N ASN B 380 12.18 47.92 -17.45
CA ASN B 380 12.54 46.59 -17.94
C ASN B 380 13.11 45.71 -16.83
N GLU B 381 13.61 46.31 -15.75
CA GLU B 381 14.14 45.57 -14.62
C GLU B 381 13.07 45.18 -13.61
N VAL B 382 11.84 45.65 -13.78
CA VAL B 382 10.78 45.37 -12.82
C VAL B 382 10.56 43.87 -12.69
N SER B 383 10.63 43.15 -13.81
CA SER B 383 10.45 41.71 -13.80
C SER B 383 11.47 41.00 -12.91
N GLN B 384 12.63 41.62 -12.66
CA GLN B 384 13.62 41.00 -11.79
C GLN B 384 13.19 40.98 -10.34
N ILE B 385 12.17 41.74 -9.96
CA ILE B 385 11.71 41.78 -8.56
C ILE B 385 10.71 40.66 -8.42
N ALA B 386 11.22 39.46 -8.17
CA ALA B 386 10.41 38.26 -8.03
C ALA B 386 11.22 37.15 -7.40
N PRO B 387 10.59 36.21 -6.69
CA PRO B 387 11.36 35.08 -6.13
C PRO B 387 11.97 34.24 -7.24
N GLY B 388 13.16 33.73 -6.97
CA GLY B 388 13.85 32.90 -7.96
C GLY B 388 14.23 33.62 -9.24
N GLN B 389 14.73 34.84 -9.12
CA GLN B 389 15.16 35.64 -10.26
C GLN B 389 16.66 35.91 -10.16
N THR B 390 17.33 35.89 -11.30
CA THR B 390 18.76 36.16 -11.39
C THR B 390 18.98 37.42 -12.19
N GLY B 391 19.74 38.36 -11.62
CA GLY B 391 20.03 39.60 -12.31
C GLY B 391 20.84 40.51 -11.41
N THR B 392 21.23 41.65 -11.97
CA THR B 392 22.00 42.62 -11.19
C THR B 392 21.18 43.15 -10.02
N ILE B 393 19.97 43.63 -10.29
CA ILE B 393 19.12 44.14 -9.23
C ILE B 393 18.69 43.02 -8.28
N ALA B 394 18.33 41.86 -8.84
CA ALA B 394 17.80 40.77 -8.03
C ALA B 394 18.85 40.22 -7.08
N ASP B 395 20.11 40.18 -7.49
CA ASP B 395 21.14 39.53 -6.71
C ASP B 395 22.05 40.49 -5.95
N TYR B 396 22.18 41.74 -6.40
CA TYR B 396 23.12 42.67 -5.80
C TYR B 396 22.46 43.84 -5.09
N ASN B 397 21.17 44.07 -5.32
CA ASN B 397 20.49 45.21 -4.72
C ASN B 397 19.32 44.81 -3.83
N TYR B 398 18.44 43.92 -4.32
CA TYR B 398 17.27 43.53 -3.55
C TYR B 398 16.89 42.11 -3.95
N LYS B 399 16.86 41.21 -2.96
CA LYS B 399 16.58 39.80 -3.20
C LYS B 399 15.36 39.37 -2.38
N LEU B 400 14.49 38.59 -3.03
CA LEU B 400 13.29 38.06 -2.39
C LEU B 400 13.47 36.60 -2.01
N PRO B 401 12.90 36.18 -0.89
CA PRO B 401 13.01 34.77 -0.48
C PRO B 401 12.27 33.85 -1.43
N ASP B 402 12.70 32.58 -1.44
CA ASP B 402 12.00 31.58 -2.22
C ASP B 402 10.58 31.36 -1.72
N ASP B 403 10.42 31.34 -0.39
CA ASP B 403 9.11 31.19 0.23
C ASP B 403 8.43 32.54 0.47
N PHE B 404 8.78 33.56 -0.30
CA PHE B 404 8.21 34.89 -0.12
C PHE B 404 6.71 34.88 -0.37
N THR B 405 5.96 35.52 0.53
CA THR B 405 4.53 35.73 0.36
C THR B 405 4.26 37.23 0.46
N GLY B 406 3.51 37.75 -0.49
CA GLY B 406 3.23 39.18 -0.48
C GLY B 406 2.78 39.64 -1.86
N CYS B 407 3.05 40.91 -2.14
CA CYS B 407 2.68 41.52 -3.41
C CYS B 407 3.75 42.53 -3.82
N VAL B 408 3.80 42.80 -5.12
CA VAL B 408 4.68 43.83 -5.68
C VAL B 408 3.84 44.73 -6.57
N ILE B 409 4.02 46.05 -6.41
CA ILE B 409 3.26 47.05 -7.14
C ILE B 409 4.26 48.03 -7.74
N ALA B 410 4.22 48.19 -9.06
CA ALA B 410 5.09 49.13 -9.76
C ALA B 410 4.23 50.05 -10.61
N TRP B 411 4.54 51.34 -10.58
CA TRP B 411 3.78 52.31 -11.35
C TRP B 411 4.71 53.37 -11.94
N ASN B 412 4.18 54.14 -12.88
CA ASN B 412 4.97 55.08 -13.65
C ASN B 412 5.45 56.24 -12.77
N SER B 413 6.69 56.70 -13.03
CA SER B 413 7.24 57.83 -12.30
C SER B 413 8.04 58.76 -13.21
N ASN B 414 7.76 58.76 -14.51
CA ASN B 414 8.48 59.67 -15.41
C ASN B 414 8.16 61.13 -15.09
N LYS B 415 6.90 61.44 -14.80
CA LYS B 415 6.48 62.81 -14.57
C LYS B 415 6.95 63.37 -13.24
N LEU B 416 7.52 62.53 -12.36
CA LEU B 416 7.95 63.00 -11.05
C LEU B 416 9.42 62.73 -10.74
N ASP B 417 10.12 61.92 -11.55
CA ASP B 417 11.52 61.60 -11.26
C ASP B 417 12.43 61.82 -12.47
N SER B 418 11.99 62.62 -13.43
CA SER B 418 12.83 62.99 -14.57
C SER B 418 13.56 64.30 -14.34
N ASN B 419 13.40 64.92 -13.17
CA ASN B 419 14.04 66.19 -12.87
C ASN B 419 15.43 65.94 -12.28
N GLY B 420 16.05 66.99 -11.75
CA GLY B 420 17.38 66.91 -11.20
C GLY B 420 17.40 66.33 -9.80
N GLY B 421 18.51 66.59 -9.11
CA GLY B 421 18.68 66.05 -7.77
C GLY B 421 18.82 64.53 -7.80
N GLY B 422 18.37 63.89 -6.72
CA GLY B 422 18.42 62.45 -6.64
C GLY B 422 17.50 61.74 -7.62
N ASN B 423 16.50 62.46 -8.15
CA ASN B 423 15.59 61.85 -9.11
C ASN B 423 16.33 61.41 -10.37
N TYR B 424 17.21 62.26 -10.88
CA TYR B 424 18.10 61.86 -11.96
C TYR B 424 19.32 61.11 -11.45
N ASN B 425 19.58 61.17 -10.14
CA ASN B 425 20.76 60.56 -9.54
C ASN B 425 20.41 59.28 -8.78
N TYR B 426 19.34 58.61 -9.17
CA TYR B 426 19.02 57.31 -8.57
C TYR B 426 20.12 56.32 -8.89
N MET B 427 20.64 55.68 -7.84
CA MET B 427 21.80 54.80 -7.96
C MET B 427 21.42 53.38 -7.59
N TYR B 428 22.28 52.45 -7.98
CA TYR B 428 22.14 51.05 -7.61
C TYR B 428 23.51 50.38 -7.68
N ARG B 429 23.67 49.33 -6.87
CA ARG B 429 24.93 48.59 -6.83
C ARG B 429 25.04 47.69 -8.05
N LEU B 430 26.20 47.73 -8.71
CA LEU B 430 26.42 46.96 -9.93
C LEU B 430 27.30 45.73 -9.71
N PHE B 431 28.23 45.78 -8.76
CA PHE B 431 29.15 44.68 -8.51
C PHE B 431 29.08 44.26 -7.06
N ARG B 432 29.22 42.96 -6.81
CA ARG B 432 29.30 42.44 -5.46
C ARG B 432 29.99 41.09 -5.49
N LYS B 433 30.72 40.79 -4.41
CA LYS B 433 31.46 39.53 -4.35
C LYS B 433 30.52 38.32 -4.39
N SER B 434 29.40 38.39 -3.66
CA SER B 434 28.44 37.31 -3.62
C SER B 434 27.04 37.90 -3.70
N LYS B 435 26.09 37.05 -4.11
CA LYS B 435 24.71 37.48 -4.23
C LYS B 435 24.14 37.84 -2.86
N LEU B 436 23.29 38.85 -2.83
CA LEU B 436 22.64 39.26 -1.58
C LEU B 436 21.69 38.19 -1.10
N LYS B 437 21.69 37.96 0.21
CA LYS B 437 20.69 37.10 0.83
C LYS B 437 19.34 37.81 0.81
N PRO B 438 18.24 37.06 0.88
CA PRO B 438 16.92 37.69 0.86
C PRO B 438 16.75 38.68 2.00
N PHE B 439 16.15 39.82 1.67
CA PHE B 439 15.92 40.91 2.63
C PHE B 439 17.22 41.37 3.27
N GLU B 440 18.12 41.87 2.42
CA GLU B 440 19.43 42.35 2.85
C GLU B 440 19.75 43.64 2.12
N ARG B 441 20.26 44.62 2.86
CA ARG B 441 20.66 45.91 2.31
C ARG B 441 22.16 46.09 2.51
N ASP B 442 22.85 46.47 1.44
CA ASP B 442 24.29 46.73 1.50
C ASP B 442 24.54 48.10 0.86
N ILE B 443 24.77 49.12 1.71
CA ILE B 443 24.99 50.47 1.24
C ILE B 443 26.45 50.88 1.31
N SER B 444 27.36 49.92 1.47
CA SER B 444 28.78 50.23 1.50
C SER B 444 29.26 50.67 0.13
N THR B 445 30.15 51.66 0.11
CA THR B 445 30.71 52.20 -1.13
C THR B 445 32.10 51.62 -1.42
N GLU B 446 32.32 50.36 -1.06
CA GLU B 446 33.62 49.75 -1.28
C GLU B 446 33.92 49.60 -2.77
N ILE B 447 35.17 49.85 -3.15
CA ILE B 447 35.58 49.68 -4.53
C ILE B 447 35.71 48.19 -4.85
N TYR B 448 35.03 47.76 -5.90
CA TYR B 448 35.06 46.36 -6.30
C TYR B 448 36.38 46.07 -7.01
N GLN B 449 37.16 45.15 -6.43
CA GLN B 449 38.48 44.79 -6.96
C GLN B 449 38.32 43.59 -7.88
N ALA B 450 38.08 43.87 -9.17
CA ALA B 450 37.90 42.79 -10.13
C ALA B 450 39.18 41.98 -10.30
N GLY B 451 40.33 42.65 -10.38
CA GLY B 451 41.59 41.98 -10.56
C GLY B 451 42.24 41.57 -9.24
N ASN B 452 43.43 41.00 -9.36
CA ASN B 452 44.19 40.60 -8.17
C ASN B 452 44.86 41.78 -7.50
N THR B 453 45.18 42.83 -8.26
CA THR B 453 45.91 43.97 -7.71
C THR B 453 45.06 44.71 -6.70
N PRO B 454 45.56 44.95 -5.49
CA PRO B 454 44.77 45.70 -4.50
C PRO B 454 44.52 47.12 -4.95
N CYS B 455 43.35 47.65 -4.55
CA CYS B 455 42.95 48.99 -4.95
C CYS B 455 43.32 50.05 -3.94
N LYS B 456 43.51 49.67 -2.67
CA LYS B 456 43.86 50.60 -1.59
C LYS B 456 42.82 51.72 -1.46
N GLY B 457 41.55 51.40 -1.73
CA GLY B 457 40.50 52.39 -1.60
C GLY B 457 40.45 53.43 -2.70
N VAL B 458 41.20 53.24 -3.78
CA VAL B 458 41.26 54.20 -4.88
C VAL B 458 40.78 53.50 -6.15
N ALA B 459 39.83 54.13 -6.83
CA ALA B 459 39.31 53.56 -8.08
C ALA B 459 40.37 53.59 -9.17
N GLY B 460 40.48 52.49 -9.90
CA GLY B 460 41.46 52.38 -10.94
C GLY B 460 41.17 51.21 -11.86
N PHE B 461 42.22 50.75 -12.53
CA PHE B 461 42.08 49.60 -13.41
C PHE B 461 41.70 48.37 -12.59
N ASN B 462 40.65 47.66 -13.04
CA ASN B 462 40.07 46.54 -12.32
C ASN B 462 39.62 46.92 -10.91
N CYS B 463 39.41 48.22 -10.67
CA CYS B 463 38.95 48.74 -9.39
C CYS B 463 37.76 49.64 -9.69
N TYR B 464 36.58 49.05 -9.71
CA TYR B 464 35.37 49.74 -10.17
C TYR B 464 34.54 50.26 -9.01
N PHE B 465 33.64 51.19 -9.34
CA PHE B 465 32.72 51.75 -8.35
C PHE B 465 31.36 51.12 -8.56
N PRO B 466 30.93 50.21 -7.69
CA PRO B 466 29.67 49.49 -7.94
C PRO B 466 28.45 50.37 -7.99
N LEU B 467 28.42 51.46 -7.23
CA LEU B 467 27.23 52.31 -7.14
C LEU B 467 27.14 53.17 -8.39
N GLN B 468 26.36 52.71 -9.37
CA GLN B 468 26.17 53.41 -10.63
C GLN B 468 24.80 54.07 -10.63
N SER B 469 24.76 55.33 -11.06
CA SER B 469 23.53 56.11 -11.07
C SER B 469 22.77 55.93 -12.37
N TYR B 470 21.45 56.07 -12.28
CA TYR B 470 20.60 55.98 -13.46
C TYR B 470 20.70 57.24 -14.31
N GLY B 471 20.32 57.10 -15.57
CA GLY B 471 20.26 58.22 -16.49
C GLY B 471 18.84 58.51 -16.94
N PHE B 472 17.90 58.44 -16.00
CA PHE B 472 16.48 58.59 -16.33
C PHE B 472 16.21 59.92 -17.00
N ARG B 473 15.73 59.86 -18.24
CA ARG B 473 15.37 61.03 -19.02
C ARG B 473 13.98 60.85 -19.61
N PRO B 474 13.22 61.93 -19.74
CA PRO B 474 11.89 61.81 -20.37
C PRO B 474 11.94 61.41 -21.84
N THR B 475 13.09 61.57 -22.50
CA THR B 475 13.20 61.21 -23.91
C THR B 475 13.38 59.72 -24.13
N TYR B 476 13.71 58.96 -23.08
CA TYR B 476 13.92 57.52 -23.24
C TYR B 476 12.61 56.80 -23.51
N GLY B 477 12.71 55.70 -24.25
CA GLY B 477 11.56 54.87 -24.53
C GLY B 477 11.17 54.01 -23.35
N VAL B 478 10.16 53.17 -23.58
CA VAL B 478 9.61 52.33 -22.52
C VAL B 478 10.64 51.35 -21.96
N GLY B 479 11.72 51.12 -22.69
CA GLY B 479 12.78 50.25 -22.19
C GLY B 479 13.65 50.86 -21.13
N HIS B 480 13.51 52.17 -20.87
CA HIS B 480 14.36 52.84 -19.88
C HIS B 480 13.57 53.82 -19.02
N GLN B 481 12.27 53.60 -18.87
CA GLN B 481 11.52 54.57 -18.08
C GLN B 481 11.60 54.21 -16.59
N PRO B 482 11.62 55.21 -15.71
CA PRO B 482 11.66 54.94 -14.27
C PRO B 482 10.28 54.61 -13.71
N TYR B 483 10.24 53.61 -12.84
CA TYR B 483 9.03 53.16 -12.18
C TYR B 483 9.26 53.10 -10.68
N ARG B 484 8.26 53.56 -9.92
CA ARG B 484 8.28 53.41 -8.47
C ARG B 484 7.73 52.04 -8.09
N VAL B 485 8.46 51.33 -7.23
CA VAL B 485 8.15 49.95 -6.87
C VAL B 485 8.02 49.86 -5.36
N VAL B 486 6.92 49.24 -4.91
CA VAL B 486 6.65 48.97 -3.50
C VAL B 486 6.35 47.48 -3.36
N VAL B 487 7.04 46.83 -2.43
CA VAL B 487 6.89 45.41 -2.16
C VAL B 487 6.32 45.26 -0.76
N LEU B 488 5.18 44.58 -0.66
CA LEU B 488 4.55 44.28 0.61
C LEU B 488 4.81 42.82 0.96
N SER B 489 5.38 42.58 2.13
CA SER B 489 5.62 41.24 2.63
C SER B 489 4.79 41.03 3.89
N PHE B 490 3.91 40.04 3.86
CA PHE B 490 3.01 39.75 4.96
C PHE B 490 3.55 38.59 5.78
N GLU B 491 3.26 38.60 7.08
CA GLU B 491 3.55 37.45 7.94
C GLU B 491 2.24 36.95 8.52
N LEU B 492 1.89 35.70 8.23
CA LEU B 492 0.65 35.10 8.69
C LEU B 492 0.93 34.10 9.81
N LEU B 493 -0.14 33.73 10.52
CA LEU B 493 -0.12 32.73 11.57
C LEU B 493 0.82 33.12 12.70
N HIS B 494 1.18 32.15 13.56
CA HIS B 494 2.07 32.39 14.69
C HIS B 494 1.54 33.47 15.62
N ALA B 495 2.08 34.68 15.49
CA ALA B 495 1.72 35.78 16.37
C ALA B 495 0.26 36.17 16.18
N PRO B 496 -0.36 36.78 17.19
CA PRO B 496 -1.74 37.26 17.03
C PRO B 496 -1.83 38.27 15.90
N ALA B 497 -2.92 38.18 15.14
CA ALA B 497 -3.11 39.05 14.00
C ALA B 497 -3.42 40.47 14.46
N THR B 498 -2.73 41.45 13.88
CA THR B 498 -2.97 42.84 14.19
C THR B 498 -3.16 43.71 12.96
N VAL B 499 -2.91 43.21 11.76
CA VAL B 499 -3.17 43.92 10.51
C VAL B 499 -4.29 43.16 9.80
N CYS B 500 -5.46 43.78 9.69
CA CYS B 500 -6.61 43.16 9.08
C CYS B 500 -7.24 44.10 8.06
N GLY B 501 -8.03 43.52 7.16
CA GLY B 501 -8.72 44.31 6.16
C GLY B 501 -9.96 44.97 6.72
N PRO B 502 -10.65 45.69 5.85
CA PRO B 502 -11.88 46.41 6.28
C PRO B 502 -13.09 45.50 6.29
N LYS B 503 -13.15 44.63 7.30
CA LYS B 503 -14.24 43.69 7.47
C LYS B 503 -15.00 44.02 8.75
N LYS B 504 -16.31 44.18 8.63
CA LYS B 504 -17.12 44.56 9.77
C LYS B 504 -17.22 43.42 10.79
N SER B 505 -17.35 43.79 12.06
CA SER B 505 -17.50 42.84 13.15
C SER B 505 -18.99 42.70 13.47
N THR B 506 -19.49 41.47 13.39
CA THR B 506 -20.91 41.21 13.62
C THR B 506 -21.12 40.79 15.08
N ASN B 507 -22.34 40.36 15.39
CA ASN B 507 -22.69 39.94 16.73
C ASN B 507 -22.14 38.53 17.00
N LEU B 508 -22.23 38.12 18.26
CA LEU B 508 -21.78 36.81 18.69
C LEU B 508 -22.98 35.89 18.87
N VAL B 509 -22.94 34.74 18.20
CA VAL B 509 -24.02 33.76 18.25
C VAL B 509 -23.49 32.48 18.87
N LYS B 510 -24.20 31.97 19.88
CA LYS B 510 -23.79 30.78 20.60
C LYS B 510 -24.82 29.68 20.46
N ASN B 511 -24.35 28.45 20.63
CA ASN B 511 -25.20 27.25 20.62
C ASN B 511 -25.89 27.06 19.27
N LYS B 512 -25.28 27.53 18.20
CA LYS B 512 -25.78 27.32 16.85
C LYS B 512 -24.63 27.02 15.92
N CYS B 513 -24.85 26.08 14.99
CA CYS B 513 -23.85 25.77 13.99
C CYS B 513 -23.69 26.98 13.07
N VAL B 514 -22.56 27.68 13.17
CA VAL B 514 -22.30 28.88 12.41
C VAL B 514 -20.87 28.85 11.89
N ASN B 515 -20.63 29.65 10.86
CA ASN B 515 -19.27 29.96 10.44
C ASN B 515 -18.73 31.10 11.29
N PHE B 516 -17.48 30.97 11.72
CA PHE B 516 -16.84 31.99 12.55
C PHE B 516 -15.52 32.40 11.94
N ASN B 517 -15.23 33.70 12.03
CA ASN B 517 -13.97 34.28 11.56
C ASN B 517 -13.42 35.13 12.69
N PHE B 518 -12.53 34.53 13.50
CA PHE B 518 -11.93 35.20 14.66
C PHE B 518 -10.54 35.67 14.28
N ASN B 519 -10.41 36.94 13.94
CA ASN B 519 -9.12 37.56 13.59
C ASN B 519 -8.40 36.76 12.50
N GLY B 520 -9.15 36.37 11.48
CA GLY B 520 -8.62 35.60 10.38
C GLY B 520 -8.69 34.10 10.57
N LEU B 521 -8.91 33.62 11.80
CA LEU B 521 -9.10 32.21 12.05
C LEU B 521 -10.49 31.81 11.57
N THR B 522 -10.56 31.09 10.45
CA THR B 522 -11.82 30.71 9.84
C THR B 522 -12.19 29.30 10.25
N GLY B 523 -13.46 29.09 10.56
CA GLY B 523 -13.91 27.75 10.90
C GLY B 523 -15.42 27.67 10.90
N THR B 524 -15.92 26.46 11.13
CA THR B 524 -17.35 26.21 11.22
C THR B 524 -17.61 25.33 12.41
N GLY B 525 -18.60 25.69 13.22
CA GLY B 525 -18.92 24.90 14.40
C GLY B 525 -19.89 25.61 15.32
N VAL B 526 -19.95 25.13 16.55
CA VAL B 526 -20.85 25.64 17.57
C VAL B 526 -20.00 26.22 18.69
N LEU B 527 -20.31 27.46 19.08
CA LEU B 527 -19.58 28.18 20.11
C LEU B 527 -20.37 28.15 21.41
N THR B 528 -19.71 27.77 22.49
CA THR B 528 -20.34 27.67 23.80
C THR B 528 -19.45 28.30 24.85
N GLU B 529 -20.03 28.57 26.02
CA GLU B 529 -19.24 28.99 27.17
C GLU B 529 -18.33 27.85 27.61
N SER B 530 -17.08 28.20 27.93
CA SER B 530 -16.07 27.20 28.26
C SER B 530 -15.52 27.46 29.65
N ASN B 531 -15.14 26.37 30.33
CA ASN B 531 -14.53 26.44 31.64
C ASN B 531 -13.01 26.45 31.59
N LYS B 532 -12.42 26.47 30.40
CA LYS B 532 -10.97 26.49 30.27
C LYS B 532 -10.40 27.81 30.81
N LYS B 533 -9.28 27.71 31.53
CA LYS B 533 -8.65 28.87 32.15
C LYS B 533 -7.48 29.30 31.28
N PHE B 534 -7.78 30.11 30.27
CA PHE B 534 -6.74 30.65 29.40
C PHE B 534 -5.87 31.63 30.16
N LEU B 535 -4.56 31.53 29.96
CA LEU B 535 -3.65 32.51 30.50
C LEU B 535 -3.74 33.80 29.69
N PRO B 536 -3.39 34.95 30.30
CA PRO B 536 -3.62 36.23 29.62
C PRO B 536 -2.95 36.34 28.26
N PHE B 537 -1.81 35.68 28.05
CA PHE B 537 -1.14 35.75 26.76
C PHE B 537 -1.68 34.75 25.76
N GLN B 538 -2.51 33.80 26.19
CA GLN B 538 -3.00 32.74 25.32
C GLN B 538 -4.23 33.19 24.54
N GLN B 539 -4.29 32.82 23.27
CA GLN B 539 -5.38 33.20 22.39
C GLN B 539 -6.33 32.05 22.08
N PHE B 540 -5.82 30.94 21.58
CA PHE B 540 -6.66 29.81 21.18
C PHE B 540 -6.05 28.52 21.71
N GLY B 541 -6.90 27.52 21.90
CA GLY B 541 -6.51 26.25 22.47
C GLY B 541 -6.63 25.12 21.45
N ARG B 542 -5.79 24.11 21.60
CA ARG B 542 -5.80 22.94 20.74
C ARG B 542 -5.88 21.67 21.59
N ASP B 543 -6.41 20.62 20.99
CA ASP B 543 -6.57 19.34 21.66
C ASP B 543 -5.33 18.47 21.42
N ILE B 544 -5.44 17.18 21.76
CA ILE B 544 -4.33 16.26 21.55
C ILE B 544 -4.02 16.14 20.06
N ALA B 545 -5.06 16.16 19.23
CA ALA B 545 -4.90 16.08 17.78
C ALA B 545 -4.50 17.41 17.16
N ASP B 546 -4.28 18.44 17.97
CA ASP B 546 -3.91 19.78 17.48
C ASP B 546 -4.98 20.34 16.54
N THR B 547 -6.23 20.27 16.97
CA THR B 547 -7.34 20.93 16.29
C THR B 547 -7.88 22.01 17.21
N THR B 548 -8.09 23.21 16.66
CA THR B 548 -8.53 24.35 17.46
C THR B 548 -9.87 24.07 18.11
N ASP B 549 -9.89 23.96 19.44
CA ASP B 549 -11.11 23.67 20.18
C ASP B 549 -11.53 24.77 21.13
N ALA B 550 -10.71 25.80 21.34
CA ALA B 550 -11.10 26.95 22.14
C ALA B 550 -10.53 28.20 21.49
N VAL B 551 -11.19 29.33 21.74
CA VAL B 551 -10.76 30.59 21.14
C VAL B 551 -11.14 31.74 22.06
N ARG B 552 -10.27 32.75 22.12
CA ARG B 552 -10.53 33.96 22.89
C ARG B 552 -11.13 35.02 21.98
N ASP B 553 -12.29 35.55 22.37
CA ASP B 553 -12.94 36.57 21.57
C ASP B 553 -12.10 37.84 21.58
N PRO B 554 -11.79 38.43 20.43
CA PRO B 554 -10.96 39.63 20.41
C PRO B 554 -11.56 40.81 21.16
N GLN B 555 -12.88 40.94 21.18
CA GLN B 555 -13.52 42.11 21.78
C GLN B 555 -13.93 41.86 23.23
N THR B 556 -14.74 40.82 23.45
CA THR B 556 -15.24 40.54 24.80
C THR B 556 -14.22 39.85 25.70
N LEU B 557 -13.12 39.34 25.12
CA LEU B 557 -12.05 38.70 25.88
C LEU B 557 -12.57 37.55 26.73
N GLU B 558 -13.49 36.77 26.18
CA GLU B 558 -13.99 35.57 26.82
C GLU B 558 -13.53 34.35 26.03
N ILE B 559 -13.59 33.19 26.69
CA ILE B 559 -13.10 31.94 26.13
C ILE B 559 -14.30 31.14 25.66
N LEU B 560 -14.35 30.85 24.36
CA LEU B 560 -15.43 30.11 23.74
C LEU B 560 -14.93 28.74 23.33
N ASP B 561 -15.65 27.71 23.74
CA ASP B 561 -15.38 26.34 23.28
C ASP B 561 -16.05 26.12 21.94
N ILE B 562 -15.35 25.40 21.06
CA ILE B 562 -15.80 25.14 19.70
C ILE B 562 -16.05 23.64 19.57
N THR B 563 -17.23 23.29 19.06
CA THR B 563 -17.58 21.89 18.82
C THR B 563 -18.04 21.75 17.36
N PRO B 564 -17.46 20.83 16.61
CA PRO B 564 -17.89 20.67 15.21
C PRO B 564 -19.36 20.30 15.11
N CYS B 565 -20.01 20.81 14.07
CA CYS B 565 -21.42 20.51 13.86
C CYS B 565 -21.61 19.02 13.58
N SER B 566 -22.77 18.51 13.97
CA SER B 566 -23.01 17.07 13.94
C SER B 566 -22.97 16.53 12.51
N PHE B 567 -22.45 15.32 12.37
CA PHE B 567 -22.41 14.63 11.09
C PHE B 567 -22.40 13.14 11.37
N GLY B 568 -22.47 12.37 10.29
CA GLY B 568 -22.44 10.92 10.42
C GLY B 568 -22.94 10.27 9.15
N GLY B 569 -23.01 8.95 9.21
CA GLY B 569 -23.51 8.19 8.09
C GLY B 569 -25.01 8.01 8.14
N VAL B 570 -25.60 7.83 6.97
CA VAL B 570 -27.02 7.54 6.83
C VAL B 570 -27.16 6.14 6.27
N SER B 571 -28.00 5.34 6.92
CA SER B 571 -28.24 3.96 6.50
C SER B 571 -29.71 3.78 6.18
N VAL B 572 -29.97 3.05 5.10
CA VAL B 572 -31.33 2.75 4.68
C VAL B 572 -31.58 1.28 5.00
N ILE B 573 -32.60 1.03 5.82
CA ILE B 573 -32.99 -0.30 6.23
C ILE B 573 -34.20 -0.70 5.39
N THR B 574 -34.10 -1.79 4.65
CA THR B 574 -35.16 -2.12 3.73
C THR B 574 -35.30 -3.63 3.60
N PRO B 575 -36.52 -4.14 3.58
CA PRO B 575 -36.75 -5.47 3.03
C PRO B 575 -36.53 -5.44 1.52
N GLY B 576 -36.38 -6.62 0.94
CA GLY B 576 -36.14 -6.69 -0.49
C GLY B 576 -37.24 -5.99 -1.28
N THR B 577 -36.84 -5.38 -2.39
CA THR B 577 -37.82 -4.73 -3.25
C THR B 577 -38.87 -5.70 -3.76
N ASN B 578 -38.55 -7.00 -3.79
CA ASN B 578 -39.56 -8.01 -4.06
C ASN B 578 -40.65 -8.03 -3.01
N THR B 579 -40.36 -7.57 -1.79
CA THR B 579 -41.33 -7.57 -0.71
C THR B 579 -42.11 -6.26 -0.65
N SER B 580 -41.40 -5.15 -0.45
CA SER B 580 -42.06 -3.86 -0.30
C SER B 580 -41.07 -2.75 -0.66
N ASN B 581 -41.62 -1.56 -0.86
CA ASN B 581 -40.81 -0.37 -1.11
C ASN B 581 -40.65 0.50 0.13
N GLN B 582 -41.23 0.11 1.26
CA GLN B 582 -41.06 0.87 2.48
C GLN B 582 -39.63 0.73 3.00
N VAL B 583 -39.10 1.83 3.53
CA VAL B 583 -37.75 1.85 4.09
C VAL B 583 -37.77 2.59 5.41
N ALA B 584 -36.72 2.39 6.19
CA ALA B 584 -36.43 3.18 7.37
C ALA B 584 -35.05 3.80 7.23
N VAL B 585 -34.84 4.92 7.92
CA VAL B 585 -33.59 5.66 7.81
C VAL B 585 -32.96 5.76 9.19
N LEU B 586 -31.69 5.37 9.28
CA LEU B 586 -30.92 5.43 10.52
C LEU B 586 -29.82 6.46 10.33
N TYR B 587 -29.90 7.53 11.12
CA TYR B 587 -28.83 8.52 11.20
C TYR B 587 -27.90 8.07 12.32
N GLN B 588 -26.67 7.70 11.96
CA GLN B 588 -25.79 6.99 12.87
C GLN B 588 -25.11 7.95 13.84
N GLY B 589 -25.20 7.63 15.12
CA GLY B 589 -24.48 8.36 16.15
C GLY B 589 -24.87 9.81 16.33
N VAL B 590 -26.16 10.12 16.18
CA VAL B 590 -26.65 11.48 16.40
C VAL B 590 -27.96 11.41 17.17
N ASN B 591 -28.14 12.36 18.08
CA ASN B 591 -29.39 12.48 18.82
C ASN B 591 -30.52 12.83 17.87
N CYS B 592 -31.72 12.32 18.18
CA CYS B 592 -32.87 12.56 17.30
C CYS B 592 -33.23 14.03 17.23
N THR B 593 -32.94 14.80 18.29
CA THR B 593 -33.29 16.21 18.29
C THR B 593 -32.53 16.98 17.20
N GLU B 594 -31.32 16.55 16.88
CA GLU B 594 -30.53 17.26 15.87
C GLU B 594 -31.06 17.03 14.47
N VAL B 595 -31.64 15.87 14.21
CA VAL B 595 -32.14 15.55 12.88
C VAL B 595 -33.35 16.43 12.56
N SER B 596 -33.16 17.34 11.60
CA SER B 596 -34.22 18.26 11.20
C SER B 596 -34.03 18.57 9.72
N VAL B 597 -35.13 18.56 8.97
CA VAL B 597 -35.10 18.66 7.51
C VAL B 597 -34.37 19.91 7.04
N ALA B 598 -34.66 21.06 7.66
CA ALA B 598 -34.23 22.36 7.18
C ALA B 598 -32.73 22.47 6.97
N ILE B 599 -31.93 22.15 7.98
CA ILE B 599 -30.49 22.35 7.91
C ILE B 599 -29.77 21.04 7.60
N HIS B 600 -30.52 20.02 7.18
CA HIS B 600 -29.95 18.71 6.95
C HIS B 600 -29.42 18.57 5.53
N ALA B 601 -28.41 17.71 5.38
CA ALA B 601 -27.77 17.53 4.07
C ALA B 601 -28.68 16.84 3.07
N ASP B 602 -29.69 16.11 3.54
CA ASP B 602 -30.60 15.42 2.63
C ASP B 602 -31.48 16.39 1.85
N GLN B 603 -31.50 17.67 2.24
CA GLN B 603 -32.24 18.71 1.55
C GLN B 603 -33.73 18.42 1.48
N LEU B 604 -34.46 19.20 0.67
CA LEU B 604 -35.91 19.17 0.65
C LEU B 604 -36.42 18.29 -0.48
N THR B 605 -37.37 17.42 -0.17
CA THR B 605 -38.07 16.54 -1.10
C THR B 605 -39.25 15.95 -0.34
N PRO B 606 -40.40 15.74 -0.99
CA PRO B 606 -41.57 15.23 -0.27
C PRO B 606 -41.32 14.00 0.58
N THR B 607 -40.50 13.05 0.11
CA THR B 607 -40.22 11.86 0.90
C THR B 607 -39.08 12.07 1.88
N TRP B 608 -38.04 12.80 1.47
CA TRP B 608 -36.95 13.08 2.40
C TRP B 608 -37.39 13.98 3.53
N ARG B 609 -38.40 14.83 3.29
CA ARG B 609 -38.96 15.61 4.38
C ARG B 609 -39.58 14.70 5.43
N VAL B 610 -40.31 13.67 4.99
CA VAL B 610 -40.87 12.70 5.92
C VAL B 610 -39.76 11.96 6.65
N TYR B 611 -38.72 11.54 5.92
CA TYR B 611 -37.64 10.76 6.50
C TYR B 611 -36.51 11.62 7.04
N SER B 612 -36.76 12.89 7.34
CA SER B 612 -35.76 13.74 7.96
C SER B 612 -36.32 14.54 9.13
N THR B 613 -37.44 14.12 9.69
CA THR B 613 -38.03 14.76 10.86
C THR B 613 -37.69 13.94 12.10
N GLY B 614 -36.95 14.54 13.03
CA GLY B 614 -36.59 13.83 14.25
C GLY B 614 -37.73 13.64 15.22
N SER B 615 -38.84 14.35 15.03
CA SER B 615 -39.99 14.16 15.92
C SER B 615 -40.53 12.74 15.79
N ASN B 616 -40.60 12.22 14.58
CA ASN B 616 -41.02 10.84 14.35
C ASN B 616 -39.83 9.89 14.38
N GLY B 617 -39.02 10.00 15.43
CA GLY B 617 -37.79 9.25 15.50
C GLY B 617 -37.55 8.56 16.82
N PHE B 618 -37.22 7.27 16.76
CA PHE B 618 -36.86 6.49 17.92
C PHE B 618 -35.35 6.57 18.14
N GLN B 619 -34.94 6.73 19.39
CA GLN B 619 -33.53 6.95 19.72
C GLN B 619 -32.92 5.64 20.21
N THR B 620 -32.12 5.01 19.36
CA THR B 620 -31.34 3.85 19.74
C THR B 620 -29.90 4.27 19.99
N ARG B 621 -29.15 3.41 20.68
CA ARG B 621 -27.75 3.68 20.90
C ARG B 621 -26.97 3.75 19.60
N ALA B 622 -27.50 3.17 18.52
CA ALA B 622 -26.87 3.28 17.21
C ALA B 622 -27.17 4.60 16.51
N GLY B 623 -28.18 5.33 16.96
CA GLY B 623 -28.51 6.60 16.37
C GLY B 623 -30.01 6.83 16.34
N CYS B 624 -30.45 7.69 15.43
CA CYS B 624 -31.85 8.04 15.31
C CYS B 624 -32.49 7.25 14.17
N LEU B 625 -33.57 6.53 14.48
CA LEU B 625 -34.24 5.68 13.51
C LEU B 625 -35.60 6.28 13.19
N ILE B 626 -35.85 6.51 11.91
CA ILE B 626 -37.07 7.15 11.43
C ILE B 626 -37.76 6.22 10.46
N GLY B 627 -39.05 6.00 10.66
CA GLY B 627 -39.82 5.12 9.81
C GLY B 627 -40.01 3.72 10.31
N ALA B 628 -39.56 3.42 11.53
CA ALA B 628 -39.72 2.10 12.12
C ALA B 628 -40.36 2.25 13.50
N GLU B 629 -41.28 1.35 13.80
CA GLU B 629 -42.00 1.36 15.06
C GLU B 629 -41.34 0.37 16.03
N TYR B 630 -41.09 0.82 17.26
CA TYR B 630 -40.45 -0.02 18.26
C TYR B 630 -41.49 -0.84 18.99
N VAL B 631 -41.27 -2.15 19.05
CA VAL B 631 -42.16 -3.07 19.74
C VAL B 631 -41.41 -3.66 20.94
N ASN B 632 -42.18 -4.16 21.89
CA ASN B 632 -41.62 -4.75 23.10
C ASN B 632 -41.43 -6.26 22.97
N ASN B 633 -41.84 -6.86 21.87
CA ASN B 633 -41.57 -8.27 21.66
C ASN B 633 -40.11 -8.46 21.28
N SER B 634 -39.66 -9.72 21.37
CA SER B 634 -38.29 -10.08 21.00
C SER B 634 -38.35 -11.21 19.99
N TYR B 635 -37.73 -11.01 18.84
CA TYR B 635 -37.65 -12.01 17.79
C TYR B 635 -36.19 -12.28 17.45
N GLU B 636 -35.98 -13.27 16.59
CA GLU B 636 -34.64 -13.50 16.06
C GLU B 636 -34.26 -12.33 15.15
N CYS B 637 -32.99 -11.95 15.21
CA CYS B 637 -32.55 -10.79 14.46
C CYS B 637 -32.72 -11.01 12.97
N ASP B 638 -33.32 -10.03 12.29
CA ASP B 638 -33.52 -10.10 10.85
C ASP B 638 -32.61 -9.12 10.12
N ILE B 639 -32.70 -7.83 10.45
CA ILE B 639 -31.80 -6.82 9.91
C ILE B 639 -31.08 -6.17 11.09
N PRO B 640 -29.76 -6.37 11.21
CA PRO B 640 -29.04 -5.85 12.37
C PRO B 640 -28.87 -4.34 12.29
N ILE B 641 -29.42 -3.63 13.28
CA ILE B 641 -29.21 -2.19 13.40
C ILE B 641 -28.00 -1.90 14.29
N GLY B 642 -27.92 -2.57 15.44
CA GLY B 642 -26.79 -2.38 16.31
C GLY B 642 -27.17 -2.17 17.77
N ALA B 643 -26.21 -2.38 18.67
CA ALA B 643 -26.43 -2.21 20.10
C ALA B 643 -27.60 -3.06 20.58
N GLY B 644 -27.74 -4.26 20.02
CA GLY B 644 -28.81 -5.15 20.39
C GLY B 644 -30.13 -4.88 19.73
N ILE B 645 -30.22 -3.88 18.86
CA ILE B 645 -31.47 -3.52 18.18
C ILE B 645 -31.43 -4.09 16.77
N CYS B 646 -32.50 -4.79 16.40
CA CYS B 646 -32.68 -5.34 15.07
C CYS B 646 -33.99 -4.83 14.49
N ALA B 647 -34.13 -4.96 13.18
CA ALA B 647 -35.31 -4.50 12.47
C ALA B 647 -35.82 -5.57 11.53
N SER B 648 -37.11 -5.52 11.24
CA SER B 648 -37.72 -6.51 10.36
C SER B 648 -38.98 -5.92 9.74
N TYR B 649 -39.56 -6.66 8.81
CA TYR B 649 -40.79 -6.28 8.12
C TYR B 649 -41.88 -7.27 8.51
N GLN B 650 -42.97 -6.76 9.07
CA GLN B 650 -44.07 -7.60 9.52
C GLN B 650 -45.38 -7.07 8.96
N THR B 651 -46.27 -7.98 8.58
CA THR B 651 -47.57 -7.61 8.03
C THR B 651 -48.44 -6.93 9.09
N SER B 664 -51.86 -2.33 9.01
CA SER B 664 -50.57 -1.68 8.91
C SER B 664 -49.45 -2.70 8.74
N GLN B 665 -48.53 -2.41 7.82
CA GLN B 665 -47.36 -3.27 7.56
C GLN B 665 -46.11 -2.41 7.53
N PRO B 666 -45.73 -1.83 8.67
CA PRO B 666 -44.52 -1.00 8.69
C PRO B 666 -43.28 -1.78 9.07
N ILE B 667 -42.13 -1.13 9.00
CA ILE B 667 -40.90 -1.71 9.54
C ILE B 667 -40.95 -1.62 11.04
N ILE B 668 -40.59 -2.71 11.72
CA ILE B 668 -40.56 -2.73 13.18
C ILE B 668 -39.12 -2.87 13.64
N ALA B 669 -38.84 -2.27 14.79
CA ALA B 669 -37.55 -2.37 15.46
C ALA B 669 -37.75 -2.97 16.84
N TYR B 670 -36.86 -3.87 17.23
CA TYR B 670 -37.02 -4.60 18.48
C TYR B 670 -35.65 -4.95 19.03
N THR B 671 -35.64 -5.53 20.22
CA THR B 671 -34.43 -6.07 20.83
C THR B 671 -34.34 -7.54 20.49
N MET B 672 -33.23 -7.94 19.86
CA MET B 672 -33.10 -9.31 19.39
C MET B 672 -33.15 -10.30 20.54
N SER B 673 -33.75 -11.45 20.29
CA SER B 673 -33.87 -12.51 21.29
C SER B 673 -32.72 -13.50 21.11
N LEU B 674 -32.02 -13.79 22.19
CA LEU B 674 -30.88 -14.70 22.12
C LEU B 674 -31.32 -16.15 21.99
N GLY B 675 -32.55 -16.46 22.37
CA GLY B 675 -33.05 -17.82 22.25
C GLY B 675 -34.13 -18.07 23.28
N ALA B 676 -34.73 -19.26 23.20
CA ALA B 676 -35.78 -19.64 24.12
C ALA B 676 -35.19 -19.93 25.49
N GLU B 677 -35.78 -19.35 26.52
CA GLU B 677 -35.33 -19.60 27.88
C GLU B 677 -35.63 -21.03 28.29
N ASN B 678 -34.68 -21.64 28.99
CA ASN B 678 -34.81 -23.04 29.40
C ASN B 678 -34.26 -23.18 30.81
N SER B 679 -34.93 -24.02 31.61
CA SER B 679 -34.47 -24.33 32.96
C SER B 679 -34.38 -25.85 33.08
N VAL B 680 -33.17 -26.34 33.32
CA VAL B 680 -32.93 -27.78 33.41
C VAL B 680 -33.40 -28.27 34.76
N ALA B 681 -34.14 -29.38 34.77
CA ALA B 681 -34.68 -29.96 36.00
C ALA B 681 -33.56 -30.69 36.74
N TYR B 682 -32.64 -29.90 37.26
CA TYR B 682 -31.46 -30.42 37.92
C TYR B 682 -31.74 -30.73 39.38
N SER B 683 -31.36 -31.93 39.82
CA SER B 683 -31.29 -32.28 41.22
C SER B 683 -30.10 -33.20 41.39
N ASN B 684 -29.81 -33.57 42.64
CA ASN B 684 -28.61 -34.34 42.93
C ASN B 684 -28.82 -35.84 42.79
N ASN B 685 -30.02 -36.30 42.44
CA ASN B 685 -30.23 -37.73 42.27
C ASN B 685 -31.15 -38.03 41.08
N SER B 686 -31.20 -37.13 40.11
CA SER B 686 -32.02 -37.31 38.91
C SER B 686 -31.15 -37.24 37.67
N ILE B 687 -31.37 -38.16 36.74
CA ILE B 687 -30.62 -38.20 35.50
C ILE B 687 -31.60 -38.31 34.34
N ALA B 688 -31.17 -37.87 33.17
CA ALA B 688 -31.96 -37.96 31.95
C ALA B 688 -31.22 -38.79 30.92
N ILE B 689 -31.87 -39.80 30.39
CA ILE B 689 -31.24 -40.72 29.44
C ILE B 689 -32.11 -40.83 28.19
N PRO B 690 -31.53 -40.73 27.01
CA PRO B 690 -32.32 -40.85 25.78
C PRO B 690 -32.76 -42.29 25.53
N THR B 691 -33.98 -42.44 25.04
CA THR B 691 -34.54 -43.75 24.71
C THR B 691 -34.62 -43.98 23.22
N ASN B 692 -34.22 -43.01 22.40
CA ASN B 692 -34.28 -43.12 20.95
C ASN B 692 -33.13 -42.29 20.39
N PHE B 693 -33.11 -42.10 19.08
CA PHE B 693 -32.05 -41.31 18.46
C PHE B 693 -32.52 -40.80 17.11
N THR B 694 -31.67 -39.99 16.50
CA THR B 694 -31.93 -39.38 15.20
C THR B 694 -30.62 -39.31 14.43
N ILE B 695 -30.66 -39.68 13.16
CA ILE B 695 -29.52 -39.54 12.28
C ILE B 695 -29.66 -38.22 11.52
N SER B 696 -28.73 -37.31 11.73
CA SER B 696 -28.82 -35.96 11.18
C SER B 696 -27.66 -35.73 10.22
N VAL B 697 -27.97 -35.24 9.02
CA VAL B 697 -26.95 -34.93 8.02
C VAL B 697 -26.99 -33.44 7.76
N THR B 698 -25.88 -32.77 8.03
CA THR B 698 -25.74 -31.34 7.81
C THR B 698 -24.71 -31.06 6.74
N THR B 699 -24.71 -29.84 6.22
CA THR B 699 -23.82 -29.44 5.15
C THR B 699 -22.90 -28.33 5.63
N GLU B 700 -21.61 -28.45 5.31
CA GLU B 700 -20.63 -27.42 5.61
C GLU B 700 -19.87 -27.09 4.33
N ILE B 701 -19.86 -25.82 3.96
CA ILE B 701 -19.29 -25.36 2.70
C ILE B 701 -18.04 -24.55 2.99
N LEU B 702 -16.94 -24.88 2.31
CA LEU B 702 -15.66 -24.24 2.55
C LEU B 702 -15.03 -23.84 1.22
N PRO B 703 -14.67 -22.56 1.04
CA PRO B 703 -13.86 -22.19 -0.13
C PRO B 703 -12.49 -22.84 -0.05
N VAL B 704 -11.94 -23.17 -1.21
CA VAL B 704 -10.65 -23.84 -1.33
C VAL B 704 -9.66 -23.02 -2.15
N SER B 705 -10.09 -22.56 -3.33
CA SER B 705 -9.23 -21.81 -4.22
C SER B 705 -10.01 -20.66 -4.82
N MET B 706 -9.29 -19.66 -5.30
CA MET B 706 -9.87 -18.54 -6.00
C MET B 706 -9.26 -18.44 -7.39
N THR B 707 -9.75 -17.48 -8.17
CA THR B 707 -9.35 -17.36 -9.56
C THR B 707 -7.88 -16.98 -9.68
N LYS B 708 -7.14 -17.71 -10.51
CA LYS B 708 -5.74 -17.40 -10.77
C LYS B 708 -5.67 -16.32 -11.85
N THR B 709 -5.17 -15.14 -11.48
CA THR B 709 -5.10 -14.03 -12.41
C THR B 709 -3.64 -13.65 -12.64
N SER B 710 -3.36 -13.18 -13.85
CA SER B 710 -2.06 -12.64 -14.21
C SER B 710 -2.27 -11.28 -14.85
N VAL B 711 -1.35 -10.36 -14.57
CA VAL B 711 -1.45 -8.99 -15.05
C VAL B 711 -0.16 -8.64 -15.76
N ASP B 712 -0.27 -8.09 -16.97
CA ASP B 712 0.88 -7.58 -17.70
C ASP B 712 1.08 -6.12 -17.27
N CYS B 713 2.18 -5.87 -16.55
CA CYS B 713 2.43 -4.55 -16.00
C CYS B 713 2.50 -3.49 -17.09
N THR B 714 3.35 -3.73 -18.09
CA THR B 714 3.53 -2.75 -19.15
C THR B 714 2.27 -2.56 -19.97
N MET B 715 1.59 -3.66 -20.31
CA MET B 715 0.36 -3.55 -21.10
C MET B 715 -0.72 -2.78 -20.34
N TYR B 716 -0.86 -3.05 -19.04
CA TYR B 716 -1.90 -2.36 -18.28
C TYR B 716 -1.57 -0.89 -18.11
N ILE B 717 -0.35 -0.57 -17.70
CA ILE B 717 -0.01 0.81 -17.39
C ILE B 717 0.07 1.65 -18.67
N CYS B 718 0.71 1.12 -19.70
CA CYS B 718 1.08 1.90 -20.87
C CYS B 718 0.43 1.45 -22.16
N GLY B 719 -0.20 0.28 -22.20
CA GLY B 719 -0.73 -0.20 -23.46
C GLY B 719 0.41 -0.58 -24.40
N ASP B 720 0.40 0.01 -25.59
CA ASP B 720 1.38 -0.32 -26.62
C ASP B 720 2.17 0.91 -27.06
N SER B 721 2.45 1.82 -26.13
CA SER B 721 3.17 3.05 -26.41
C SER B 721 4.59 2.95 -25.85
N THR B 722 5.58 3.21 -26.69
CA THR B 722 6.97 3.04 -26.28
C THR B 722 7.43 4.18 -25.38
N GLU B 723 6.92 5.39 -25.58
CA GLU B 723 7.31 6.51 -24.73
C GLU B 723 6.89 6.27 -23.28
N CYS B 724 5.66 5.80 -23.08
CA CYS B 724 5.20 5.46 -21.75
C CYS B 724 6.01 4.32 -21.16
N SER B 725 6.36 3.34 -21.99
CA SER B 725 7.17 2.22 -21.50
C SER B 725 8.53 2.71 -21.00
N ASN B 726 9.17 3.60 -21.76
CA ASN B 726 10.46 4.13 -21.34
C ASN B 726 10.33 4.96 -20.07
N LEU B 727 9.26 5.76 -19.96
CA LEU B 727 9.05 6.51 -18.74
C LEU B 727 8.83 5.59 -17.54
N LEU B 728 8.06 4.51 -17.74
CA LEU B 728 7.82 3.55 -16.66
C LEU B 728 9.09 2.81 -16.27
N LEU B 729 10.02 2.65 -17.22
CA LEU B 729 11.29 2.00 -16.92
C LEU B 729 12.07 2.73 -15.84
N GLN B 730 11.77 4.01 -15.61
CA GLN B 730 12.43 4.82 -14.61
C GLN B 730 11.85 4.62 -13.21
N TYR B 731 10.83 3.79 -13.05
CA TYR B 731 10.20 3.57 -11.76
C TYR B 731 10.75 2.37 -11.01
N GLY B 732 11.78 1.70 -11.54
CA GLY B 732 12.39 0.60 -10.83
C GLY B 732 11.83 -0.75 -11.22
N SER B 733 11.73 -1.65 -10.24
CA SER B 733 11.32 -3.03 -10.46
C SER B 733 10.01 -3.33 -9.74
N PHE B 734 9.05 -2.41 -9.82
CA PHE B 734 7.73 -2.69 -9.27
C PHE B 734 7.01 -3.77 -10.07
N CYS B 735 7.19 -3.75 -11.40
CA CYS B 735 6.49 -4.71 -12.25
C CYS B 735 6.90 -6.14 -11.92
N THR B 736 8.19 -6.37 -11.70
CA THR B 736 8.64 -7.71 -11.35
C THR B 736 8.07 -8.15 -10.02
N GLN B 737 7.98 -7.23 -9.05
CA GLN B 737 7.40 -7.58 -7.76
C GLN B 737 5.94 -7.99 -7.91
N LEU B 738 5.17 -7.21 -8.68
CA LEU B 738 3.76 -7.55 -8.87
C LEU B 738 3.62 -8.88 -9.59
N LYS B 739 4.46 -9.13 -10.60
CA LYS B 739 4.41 -10.38 -11.33
C LYS B 739 4.72 -11.56 -10.41
N ARG B 740 5.74 -11.41 -9.56
CA ARG B 740 6.09 -12.50 -8.64
C ARG B 740 4.97 -12.75 -7.64
N ALA B 741 4.36 -11.70 -7.11
CA ALA B 741 3.27 -11.87 -6.16
C ALA B 741 2.10 -12.61 -6.80
N LEU B 742 1.72 -12.20 -8.01
CA LEU B 742 0.61 -12.86 -8.68
C LEU B 742 0.93 -14.31 -9.01
N THR B 743 2.17 -14.58 -9.43
CA THR B 743 2.55 -15.96 -9.71
C THR B 743 2.50 -16.82 -8.46
N GLY B 744 2.97 -16.28 -7.33
CA GLY B 744 2.89 -17.00 -6.08
C GLY B 744 1.46 -17.33 -5.70
N ILE B 745 0.56 -16.35 -5.84
CA ILE B 745 -0.85 -16.61 -5.55
C ILE B 745 -1.40 -17.69 -6.47
N ALA B 746 -1.08 -17.61 -7.76
CA ALA B 746 -1.61 -18.58 -8.72
C ALA B 746 -1.14 -19.99 -8.40
N VAL B 747 0.13 -20.15 -8.04
CA VAL B 747 0.63 -21.48 -7.68
C VAL B 747 -0.01 -21.94 -6.37
N GLU B 748 -0.21 -21.02 -5.44
CA GLU B 748 -0.81 -21.39 -4.16
C GLU B 748 -2.22 -21.89 -4.31
N GLN B 749 -2.96 -21.40 -5.31
CA GLN B 749 -4.32 -21.89 -5.52
C GLN B 749 -4.31 -23.37 -5.90
N ASP B 750 -3.44 -23.76 -6.83
CA ASP B 750 -3.32 -25.15 -7.20
C ASP B 750 -2.85 -25.98 -6.02
N LYS B 751 -1.94 -25.44 -5.21
CA LYS B 751 -1.50 -26.16 -4.02
C LYS B 751 -2.66 -26.39 -3.06
N ASN B 752 -3.52 -25.38 -2.88
CA ASN B 752 -4.68 -25.53 -2.00
C ASN B 752 -5.59 -26.64 -2.49
N THR B 753 -5.92 -26.63 -3.79
CA THR B 753 -6.80 -27.67 -4.32
C THR B 753 -6.17 -29.05 -4.16
N GLN B 754 -4.86 -29.16 -4.45
CA GLN B 754 -4.17 -30.44 -4.31
C GLN B 754 -4.22 -30.94 -2.89
N GLU B 755 -3.97 -30.06 -1.92
CA GLU B 755 -3.97 -30.48 -0.52
C GLU B 755 -5.35 -30.89 -0.06
N VAL B 756 -6.40 -30.19 -0.50
CA VAL B 756 -7.74 -30.53 -0.04
C VAL B 756 -8.20 -31.86 -0.65
N PHE B 757 -7.99 -32.04 -1.94
CA PHE B 757 -8.64 -33.16 -2.63
C PHE B 757 -7.74 -34.36 -2.87
N ALA B 758 -6.46 -34.16 -3.15
CA ALA B 758 -5.57 -35.27 -3.49
C ALA B 758 -5.02 -35.92 -2.22
N GLN B 759 -5.93 -36.37 -1.37
CA GLN B 759 -5.58 -37.06 -0.13
C GLN B 759 -5.77 -38.57 -0.23
N VAL B 760 -6.04 -39.10 -1.42
CA VAL B 760 -6.29 -40.52 -1.62
C VAL B 760 -5.20 -41.07 -2.52
N LYS B 761 -4.65 -42.23 -2.12
CA LYS B 761 -3.53 -42.80 -2.86
C LYS B 761 -3.98 -43.38 -4.20
N GLN B 762 -5.09 -44.10 -4.20
CA GLN B 762 -5.56 -44.80 -5.39
C GLN B 762 -7.00 -44.42 -5.68
N ILE B 763 -7.36 -44.45 -6.95
CA ILE B 763 -8.72 -44.10 -7.35
C ILE B 763 -9.62 -45.31 -7.14
N TYR B 764 -10.24 -45.38 -5.96
CA TYR B 764 -11.14 -46.48 -5.67
C TYR B 764 -12.43 -46.33 -6.46
N LYS B 765 -13.07 -47.47 -6.71
CA LYS B 765 -14.33 -47.50 -7.45
C LYS B 765 -15.37 -48.29 -6.68
N ILE B 766 -16.59 -47.78 -6.68
CA ILE B 766 -17.70 -48.46 -5.99
C ILE B 766 -18.02 -49.76 -6.72
N PRO B 767 -18.40 -50.82 -6.02
CA PRO B 767 -18.78 -52.04 -6.71
C PRO B 767 -20.07 -51.84 -7.48
N PRO B 768 -20.28 -52.60 -8.56
CA PRO B 768 -21.54 -52.44 -9.31
C PRO B 768 -22.78 -52.73 -8.48
N ILE B 769 -22.70 -53.64 -7.51
CA ILE B 769 -23.84 -53.95 -6.66
C ILE B 769 -23.90 -52.93 -5.53
N LYS B 770 -25.09 -52.36 -5.33
CA LYS B 770 -25.29 -51.27 -4.38
C LYS B 770 -26.06 -51.73 -3.13
N HIS B 771 -25.69 -52.89 -2.59
CA HIS B 771 -26.31 -53.40 -1.38
C HIS B 771 -25.42 -53.03 -0.19
N PHE B 772 -25.72 -51.90 0.43
CA PHE B 772 -25.00 -51.44 1.63
C PHE B 772 -25.99 -51.40 2.78
N GLY B 773 -26.27 -52.57 3.36
CA GLY B 773 -27.12 -52.67 4.54
C GLY B 773 -28.44 -51.93 4.50
N GLY B 774 -28.89 -51.55 3.31
CA GLY B 774 -30.09 -50.75 3.16
C GLY B 774 -29.85 -49.26 3.03
N PHE B 775 -28.62 -48.80 3.26
CA PHE B 775 -28.29 -47.40 3.06
C PHE B 775 -28.23 -47.09 1.57
N ASN B 776 -28.68 -45.90 1.20
CA ASN B 776 -28.85 -45.52 -0.20
C ASN B 776 -28.02 -44.27 -0.48
N PHE B 777 -26.91 -44.44 -1.19
CA PHE B 777 -26.01 -43.33 -1.52
C PHE B 777 -26.18 -42.85 -2.96
N SER B 778 -27.33 -43.11 -3.57
CA SER B 778 -27.50 -42.82 -4.99
C SER B 778 -27.38 -41.32 -5.28
N GLN B 779 -27.74 -40.48 -4.32
CA GLN B 779 -27.73 -39.04 -4.56
C GLN B 779 -26.33 -38.42 -4.43
N ILE B 780 -25.37 -39.15 -3.87
CA ILE B 780 -24.01 -38.63 -3.75
C ILE B 780 -23.00 -39.42 -4.58
N LEU B 781 -23.38 -40.56 -5.13
CA LEU B 781 -22.49 -41.31 -5.99
C LEU B 781 -22.48 -40.71 -7.39
N PRO B 782 -21.41 -40.93 -8.15
CA PRO B 782 -21.32 -40.34 -9.49
C PRO B 782 -22.45 -40.83 -10.39
N ASP B 783 -22.90 -39.93 -11.26
CA ASP B 783 -23.94 -40.26 -12.24
C ASP B 783 -23.29 -40.43 -13.60
N PRO B 784 -23.16 -41.65 -14.11
CA PRO B 784 -22.44 -41.83 -15.38
C PRO B 784 -23.18 -41.31 -16.60
N SER B 785 -24.48 -41.01 -16.48
CA SER B 785 -25.24 -40.53 -17.63
C SER B 785 -24.70 -39.19 -18.13
N LYS B 786 -24.45 -38.27 -17.21
CA LYS B 786 -23.95 -36.96 -17.60
C LYS B 786 -22.46 -37.04 -17.95
N PRO B 787 -22.00 -36.23 -18.91
CA PRO B 787 -20.58 -36.27 -19.28
C PRO B 787 -19.64 -35.88 -18.14
N SER B 788 -20.06 -34.97 -17.27
CA SER B 788 -19.20 -34.51 -16.18
C SER B 788 -19.02 -35.57 -15.10
N LYS B 789 -19.87 -36.60 -15.07
CA LYS B 789 -19.80 -37.68 -14.09
C LYS B 789 -19.90 -37.15 -12.66
N ARG B 790 -20.63 -36.07 -12.47
CA ARG B 790 -20.88 -35.54 -11.13
C ARG B 790 -22.13 -36.18 -10.53
N SER B 791 -22.23 -36.13 -9.22
CA SER B 791 -23.38 -36.67 -8.52
C SER B 791 -24.55 -35.70 -8.64
N PHE B 792 -25.71 -36.13 -8.13
CA PHE B 792 -26.89 -35.26 -8.15
C PHE B 792 -26.66 -34.01 -7.33
N ILE B 793 -26.15 -34.16 -6.10
CA ILE B 793 -25.90 -33.02 -5.24
C ILE B 793 -24.77 -32.16 -5.79
N GLU B 794 -23.76 -32.79 -6.38
CA GLU B 794 -22.69 -32.02 -7.02
C GLU B 794 -23.21 -31.19 -8.17
N ASP B 795 -24.15 -31.73 -8.95
CA ASP B 795 -24.76 -30.94 -10.01
C ASP B 795 -25.59 -29.80 -9.45
N LEU B 796 -26.31 -30.04 -8.35
CA LEU B 796 -27.06 -28.95 -7.73
C LEU B 796 -26.12 -27.83 -7.30
N LEU B 797 -24.99 -28.19 -6.67
CA LEU B 797 -24.02 -27.18 -6.26
C LEU B 797 -23.44 -26.46 -7.47
N PHE B 798 -23.13 -27.20 -8.53
CA PHE B 798 -22.53 -26.59 -9.72
C PHE B 798 -23.47 -25.59 -10.37
N ASN B 799 -24.77 -25.91 -10.42
CA ASN B 799 -25.74 -24.98 -10.99
C ASN B 799 -26.08 -23.85 -10.03
N LYS B 800 -25.93 -24.07 -8.72
CA LYS B 800 -26.36 -23.06 -7.74
C LYS B 800 -25.42 -21.87 -7.72
N VAL B 801 -24.15 -22.05 -8.08
CA VAL B 801 -23.17 -20.97 -8.08
C VAL B 801 -23.08 -20.43 -9.50
N THR B 802 -23.44 -19.16 -9.67
CA THR B 802 -23.47 -18.51 -10.97
C THR B 802 -22.29 -17.55 -11.09
N LEU B 803 -21.58 -17.65 -12.21
CA LEU B 803 -20.42 -16.79 -12.44
C LEU B 803 -20.86 -15.37 -12.74
N ALA B 804 -19.90 -14.45 -12.63
CA ALA B 804 -20.17 -13.03 -12.88
C ALA B 804 -19.75 -12.65 -14.30
N LEU B 824 -18.55 -9.83 -20.56
CA LEU B 824 -18.03 -9.20 -19.36
C LEU B 824 -16.57 -9.57 -19.14
N ILE B 825 -16.25 -10.84 -19.40
CA ILE B 825 -14.89 -11.32 -19.20
C ILE B 825 -13.94 -10.71 -20.21
N CYS B 826 -14.39 -10.58 -21.46
CA CYS B 826 -13.52 -10.06 -22.52
C CYS B 826 -13.08 -8.63 -22.23
N ALA B 827 -14.01 -7.79 -21.75
CA ALA B 827 -13.68 -6.40 -21.46
C ALA B 827 -12.59 -6.30 -20.40
N GLN B 828 -12.70 -7.11 -19.34
CA GLN B 828 -11.64 -7.15 -18.35
C GLN B 828 -10.34 -7.67 -18.94
N LYS B 829 -10.42 -8.70 -19.79
CA LYS B 829 -9.22 -9.30 -20.35
C LYS B 829 -8.47 -8.35 -21.28
N PHE B 830 -9.17 -7.43 -21.92
CA PHE B 830 -8.60 -6.66 -23.02
C PHE B 830 -7.47 -5.72 -22.60
N ASN B 831 -7.25 -5.52 -21.30
CA ASN B 831 -6.28 -4.53 -20.84
C ASN B 831 -5.13 -5.18 -20.09
N GLY B 832 -4.62 -6.30 -20.61
CA GLY B 832 -3.47 -6.94 -20.01
C GLY B 832 -3.75 -7.86 -18.86
N LEU B 833 -5.02 -8.20 -18.61
CA LEU B 833 -5.40 -9.09 -17.54
C LEU B 833 -5.81 -10.43 -18.13
N THR B 834 -5.25 -11.52 -17.59
CA THR B 834 -5.56 -12.85 -18.06
C THR B 834 -5.93 -13.73 -16.88
N VAL B 835 -6.71 -14.77 -17.16
CA VAL B 835 -7.15 -15.73 -16.15
C VAL B 835 -6.56 -17.08 -16.52
N LEU B 836 -5.72 -17.61 -15.65
CA LEU B 836 -5.07 -18.91 -15.87
C LEU B 836 -5.99 -20.03 -15.42
N PRO B 837 -6.22 -21.04 -16.25
CA PRO B 837 -7.08 -22.14 -15.85
C PRO B 837 -6.46 -22.93 -14.70
N PRO B 838 -7.28 -23.50 -13.82
CA PRO B 838 -6.73 -24.31 -12.74
C PRO B 838 -6.08 -25.59 -13.27
N LEU B 839 -5.10 -26.08 -12.52
CA LEU B 839 -4.38 -27.27 -12.94
C LEU B 839 -5.29 -28.49 -12.99
N LEU B 840 -6.15 -28.64 -12.00
CA LEU B 840 -7.10 -29.76 -11.95
C LEU B 840 -8.43 -29.31 -12.54
N THR B 841 -8.89 -30.02 -13.57
CA THR B 841 -10.20 -29.75 -14.11
C THR B 841 -11.29 -30.21 -13.13
N ASP B 842 -12.53 -29.78 -13.39
CA ASP B 842 -13.63 -30.20 -12.55
C ASP B 842 -13.84 -31.71 -12.62
N GLU B 843 -13.55 -32.33 -13.77
CA GLU B 843 -13.65 -33.77 -13.87
C GLU B 843 -12.68 -34.47 -12.93
N MET B 844 -11.46 -33.95 -12.83
CA MET B 844 -10.47 -34.58 -11.95
C MET B 844 -10.87 -34.45 -10.48
N ILE B 845 -11.41 -33.29 -10.09
CA ILE B 845 -11.85 -33.12 -8.72
C ILE B 845 -13.06 -34.02 -8.43
N ALA B 846 -13.94 -34.18 -9.42
CA ALA B 846 -15.05 -35.11 -9.24
C ALA B 846 -14.55 -36.54 -9.09
N GLN B 847 -13.52 -36.92 -9.85
CA GLN B 847 -12.93 -38.24 -9.69
C GLN B 847 -12.33 -38.41 -8.30
N TYR B 848 -11.66 -37.39 -7.80
CA TYR B 848 -11.09 -37.45 -6.45
C TYR B 848 -12.17 -37.65 -5.41
N THR B 849 -13.27 -36.89 -5.51
CA THR B 849 -14.35 -37.04 -4.54
C THR B 849 -15.01 -38.40 -4.66
N SER B 850 -15.16 -38.92 -5.89
CA SER B 850 -15.73 -40.25 -6.06
C SER B 850 -14.83 -41.31 -5.44
N ALA B 851 -13.51 -41.17 -5.61
CA ALA B 851 -12.59 -42.12 -4.99
C ALA B 851 -12.69 -42.06 -3.47
N LEU B 852 -12.78 -40.86 -2.91
CA LEU B 852 -12.93 -40.74 -1.46
C LEU B 852 -14.23 -41.38 -0.98
N LEU B 853 -15.32 -41.16 -1.71
CA LEU B 853 -16.60 -41.77 -1.33
C LEU B 853 -16.53 -43.29 -1.40
N ALA B 854 -15.96 -43.82 -2.47
CA ALA B 854 -15.86 -45.27 -2.61
C ALA B 854 -15.01 -45.86 -1.50
N GLY B 855 -13.87 -45.23 -1.21
CA GLY B 855 -13.05 -45.72 -0.11
C GLY B 855 -13.78 -45.69 1.22
N THR B 856 -14.49 -44.60 1.50
CA THR B 856 -15.19 -44.49 2.77
C THR B 856 -16.27 -45.55 2.91
N ILE B 857 -17.07 -45.75 1.85
CA ILE B 857 -18.20 -46.67 1.97
C ILE B 857 -17.84 -48.12 1.74
N THR B 858 -16.62 -48.41 1.25
CA THR B 858 -16.21 -49.80 1.08
C THR B 858 -15.16 -50.25 2.07
N SER B 859 -14.47 -49.33 2.75
CA SER B 859 -13.41 -49.74 3.66
C SER B 859 -13.38 -48.95 4.96
N GLY B 860 -14.40 -48.14 5.24
CA GLY B 860 -14.41 -47.37 6.47
C GLY B 860 -13.25 -46.38 6.50
N TRP B 861 -12.59 -46.30 7.65
CA TRP B 861 -11.45 -45.42 7.82
C TRP B 861 -10.12 -46.10 7.54
N THR B 862 -10.14 -47.37 7.11
CA THR B 862 -8.90 -48.10 6.92
C THR B 862 -8.11 -47.58 5.71
N PHE B 863 -8.80 -47.10 4.68
CA PHE B 863 -8.11 -46.63 3.49
C PHE B 863 -7.30 -45.37 3.74
N GLY B 864 -7.63 -44.62 4.79
CA GLY B 864 -6.87 -43.43 5.12
C GLY B 864 -5.60 -43.67 5.91
N ALA B 865 -5.42 -44.89 6.42
CA ALA B 865 -4.22 -45.25 7.17
C ALA B 865 -3.34 -46.23 6.44
N GLY B 866 -3.74 -46.69 5.26
CA GLY B 866 -2.95 -47.65 4.51
C GLY B 866 -3.76 -48.28 3.39
N ALA B 867 -3.69 -49.60 3.27
CA ALA B 867 -4.49 -50.30 2.27
C ALA B 867 -5.96 -50.30 2.67
N ALA B 868 -6.82 -50.29 1.67
CA ALA B 868 -8.26 -50.33 1.91
C ALA B 868 -8.67 -51.75 2.26
N LEU B 869 -9.22 -51.93 3.46
CA LEU B 869 -9.68 -53.23 3.95
C LEU B 869 -11.19 -53.23 3.90
N GLN B 870 -11.77 -54.08 3.04
CA GLN B 870 -13.21 -54.07 2.88
C GLN B 870 -13.89 -54.56 4.15
N ILE B 871 -15.10 -54.05 4.37
CA ILE B 871 -15.91 -54.42 5.52
C ILE B 871 -17.36 -54.13 5.18
N PRO B 872 -18.31 -54.99 5.55
CA PRO B 872 -19.72 -54.68 5.28
C PRO B 872 -20.13 -53.37 5.93
N PHE B 873 -20.99 -52.62 5.23
CA PHE B 873 -21.31 -51.28 5.69
C PHE B 873 -22.05 -51.29 7.01
N ALA B 874 -22.88 -52.30 7.26
CA ALA B 874 -23.54 -52.40 8.55
C ALA B 874 -22.53 -52.56 9.68
N MET B 875 -21.52 -53.40 9.47
CA MET B 875 -20.49 -53.56 10.50
C MET B 875 -19.65 -52.30 10.65
N GLN B 876 -19.43 -51.56 9.57
CA GLN B 876 -18.74 -50.29 9.68
C GLN B 876 -19.54 -49.31 10.53
N MET B 877 -20.86 -49.24 10.31
CA MET B 877 -21.70 -48.38 11.14
C MET B 877 -21.72 -48.86 12.58
N ALA B 878 -21.64 -50.17 12.80
CA ALA B 878 -21.52 -50.67 14.17
C ALA B 878 -20.24 -50.18 14.83
N TYR B 879 -19.13 -50.19 14.09
CA TYR B 879 -17.90 -49.62 14.61
C TYR B 879 -18.07 -48.14 14.93
N ARG B 880 -18.71 -47.40 14.03
CA ARG B 880 -18.93 -45.97 14.28
C ARG B 880 -19.76 -45.75 15.54
N PHE B 881 -20.79 -46.57 15.75
CA PHE B 881 -21.59 -46.47 16.96
C PHE B 881 -20.76 -46.77 18.19
N ASN B 882 -19.90 -47.79 18.12
CA ASN B 882 -18.96 -48.04 19.21
C ASN B 882 -18.07 -46.84 19.46
N GLY B 883 -17.75 -46.06 18.42
CA GLY B 883 -16.88 -44.93 18.58
C GLY B 883 -17.49 -43.76 19.33
N ILE B 884 -18.81 -43.72 19.44
CA ILE B 884 -19.50 -42.62 20.11
C ILE B 884 -20.10 -43.06 21.45
N GLY B 885 -19.80 -44.27 21.90
CA GLY B 885 -20.27 -44.72 23.19
C GLY B 885 -21.56 -45.50 23.19
N VAL B 886 -22.00 -45.98 22.03
CA VAL B 886 -23.21 -46.79 21.92
C VAL B 886 -22.81 -48.18 21.46
N THR B 887 -23.31 -49.20 22.15
CA THR B 887 -22.97 -50.57 21.80
C THR B 887 -23.54 -50.92 20.43
N GLN B 888 -22.84 -51.81 19.73
CA GLN B 888 -23.19 -52.13 18.35
C GLN B 888 -24.49 -52.89 18.23
N ASN B 889 -24.96 -53.53 19.31
CA ASN B 889 -26.24 -54.23 19.23
C ASN B 889 -27.38 -53.25 18.95
N VAL B 890 -27.23 -51.99 19.37
CA VAL B 890 -28.23 -50.98 19.05
C VAL B 890 -28.32 -50.80 17.54
N LEU B 891 -27.18 -50.68 16.87
CA LEU B 891 -27.17 -50.56 15.42
C LEU B 891 -27.75 -51.80 14.77
N TYR B 892 -27.35 -52.98 15.24
CA TYR B 892 -27.80 -54.20 14.58
C TYR B 892 -29.29 -54.43 14.78
N GLU B 893 -29.86 -53.95 15.88
CA GLU B 893 -31.28 -54.13 16.14
C GLU B 893 -32.13 -52.97 15.64
N ASN B 894 -31.53 -51.87 15.20
CA ASN B 894 -32.29 -50.78 14.60
C ASN B 894 -31.76 -50.42 13.22
N GLN B 895 -31.13 -51.38 12.53
CA GLN B 895 -30.56 -51.13 11.22
C GLN B 895 -31.56 -50.53 10.24
N LYS B 896 -32.77 -51.10 10.18
CA LYS B 896 -33.75 -50.59 9.21
C LYS B 896 -34.14 -49.16 9.53
N LEU B 897 -34.39 -48.85 10.80
CA LEU B 897 -34.74 -47.49 11.19
C LEU B 897 -33.60 -46.52 10.89
N ILE B 898 -32.37 -46.93 11.15
CA ILE B 898 -31.22 -46.05 10.93
C ILE B 898 -31.03 -45.80 9.44
N ALA B 899 -31.18 -46.83 8.62
CA ALA B 899 -31.09 -46.65 7.18
C ALA B 899 -32.19 -45.72 6.68
N ASN B 900 -33.40 -45.88 7.19
CA ASN B 900 -34.50 -45.00 6.77
C ASN B 900 -34.22 -43.56 7.15
N GLN B 901 -33.73 -43.32 8.36
CA GLN B 901 -33.44 -41.96 8.79
C GLN B 901 -32.31 -41.35 7.96
N PHE B 902 -31.27 -42.13 7.66
CA PHE B 902 -30.18 -41.63 6.84
C PHE B 902 -30.67 -41.28 5.44
N ASN B 903 -31.50 -42.13 4.85
CA ASN B 903 -32.02 -41.85 3.52
C ASN B 903 -32.90 -40.61 3.53
N SER B 904 -33.72 -40.45 4.56
CA SER B 904 -34.56 -39.27 4.66
C SER B 904 -33.73 -37.99 4.78
N ALA B 905 -32.66 -38.03 5.58
CA ALA B 905 -31.82 -36.85 5.72
C ALA B 905 -31.10 -36.51 4.42
N ILE B 906 -30.59 -37.53 3.72
CA ILE B 906 -29.97 -37.29 2.43
C ILE B 906 -30.97 -36.68 1.46
N GLY B 907 -32.21 -37.16 1.47
CA GLY B 907 -33.24 -36.57 0.63
C GLY B 907 -33.51 -35.12 0.98
N LYS B 908 -33.55 -34.81 2.27
CA LYS B 908 -33.79 -33.43 2.71
C LYS B 908 -32.64 -32.49 2.35
N ILE B 909 -31.43 -33.03 2.15
CA ILE B 909 -30.30 -32.19 1.79
C ILE B 909 -30.57 -31.40 0.51
N GLN B 910 -31.21 -32.05 -0.47
CA GLN B 910 -31.51 -31.38 -1.74
C GLN B 910 -32.35 -30.13 -1.52
N GLY B 911 -33.44 -30.27 -0.78
CA GLY B 911 -34.28 -29.11 -0.48
C GLY B 911 -33.56 -28.07 0.35
N SER B 912 -32.72 -28.53 1.28
CA SER B 912 -31.96 -27.59 2.11
C SER B 912 -31.05 -26.72 1.24
N LEU B 913 -30.38 -27.33 0.27
CA LEU B 913 -29.52 -26.55 -0.63
C LEU B 913 -30.36 -25.64 -1.53
N SER B 914 -31.43 -26.17 -2.11
CA SER B 914 -32.19 -25.41 -3.10
C SER B 914 -32.90 -24.21 -2.46
N SER B 915 -33.45 -24.37 -1.26
CA SER B 915 -34.30 -23.34 -0.69
C SER B 915 -33.50 -22.11 -0.28
N THR B 916 -32.57 -22.27 0.64
CA THR B 916 -31.84 -21.13 1.19
C THR B 916 -30.90 -20.56 0.14
N ALA B 917 -31.05 -19.27 -0.16
CA ALA B 917 -30.20 -18.62 -1.15
C ALA B 917 -28.80 -18.33 -0.59
N SER B 918 -28.68 -18.19 0.72
CA SER B 918 -27.40 -17.87 1.35
C SER B 918 -26.61 -19.10 1.74
N ALA B 919 -27.10 -20.31 1.44
CA ALA B 919 -26.36 -21.53 1.77
C ALA B 919 -25.02 -21.56 1.07
N LEU B 920 -25.02 -21.38 -0.25
CA LEU B 920 -23.79 -21.31 -1.03
C LEU B 920 -23.23 -19.89 -1.04
N GLY B 921 -23.11 -19.30 0.15
CA GLY B 921 -22.74 -17.91 0.26
C GLY B 921 -21.26 -17.64 0.14
N LYS B 922 -20.42 -18.54 0.66
CA LYS B 922 -18.99 -18.27 0.71
C LYS B 922 -18.37 -18.35 -0.68
N LEU B 923 -18.72 -19.38 -1.45
CA LEU B 923 -18.18 -19.50 -2.80
C LEU B 923 -18.64 -18.33 -3.67
N GLN B 924 -19.91 -17.96 -3.56
CA GLN B 924 -20.42 -16.82 -4.30
C GLN B 924 -19.71 -15.54 -3.89
N ASP B 925 -19.43 -15.38 -2.60
CA ASP B 925 -18.70 -14.21 -2.13
C ASP B 925 -17.30 -14.17 -2.72
N VAL B 926 -16.62 -15.31 -2.79
CA VAL B 926 -15.28 -15.35 -3.38
C VAL B 926 -15.33 -14.93 -4.84
N VAL B 927 -16.28 -15.49 -5.59
CA VAL B 927 -16.39 -15.15 -7.01
C VAL B 927 -16.71 -13.68 -7.19
N ASN B 928 -17.64 -13.16 -6.40
CA ASN B 928 -18.02 -11.76 -6.50
C ASN B 928 -16.86 -10.84 -6.14
N HIS B 929 -16.10 -11.19 -5.12
CA HIS B 929 -14.95 -10.37 -4.74
C HIS B 929 -13.92 -10.32 -5.85
N ASN B 930 -13.62 -11.47 -6.47
CA ASN B 930 -12.66 -11.47 -7.57
C ASN B 930 -13.16 -10.62 -8.73
N ALA B 931 -14.43 -10.80 -9.11
CA ALA B 931 -14.98 -10.05 -10.24
C ALA B 931 -15.00 -8.56 -9.95
N GLN B 932 -15.35 -8.18 -8.72
CA GLN B 932 -15.40 -6.78 -8.34
C GLN B 932 -14.01 -6.16 -8.36
N ALA B 933 -13.00 -6.88 -7.88
CA ALA B 933 -11.63 -6.37 -7.92
C ALA B 933 -11.17 -6.16 -9.34
N LEU B 934 -11.45 -7.13 -10.23
CA LEU B 934 -11.05 -6.96 -11.62
C LEU B 934 -11.78 -5.80 -12.28
N ASN B 935 -13.08 -5.65 -11.99
CA ASN B 935 -13.84 -4.54 -12.56
C ASN B 935 -13.29 -3.20 -12.09
N THR B 936 -12.94 -3.09 -10.82
CA THR B 936 -12.35 -1.85 -10.32
C THR B 936 -11.00 -1.58 -10.98
N LEU B 937 -10.19 -2.63 -11.15
CA LEU B 937 -8.90 -2.45 -11.79
C LEU B 937 -9.06 -1.95 -13.22
N VAL B 938 -10.04 -2.47 -13.96
CA VAL B 938 -10.26 -2.00 -15.32
C VAL B 938 -10.82 -0.59 -15.32
N LYS B 939 -11.75 -0.30 -14.40
CA LYS B 939 -12.34 1.03 -14.33
C LYS B 939 -11.30 2.09 -14.01
N GLN B 940 -10.24 1.73 -13.29
CA GLN B 940 -9.19 2.69 -12.98
C GLN B 940 -8.46 3.20 -14.22
N LEU B 941 -8.60 2.54 -15.37
CA LEU B 941 -8.00 3.04 -16.60
C LEU B 941 -8.75 4.22 -17.19
N SER B 942 -9.96 4.50 -16.73
CA SER B 942 -10.73 5.64 -17.20
C SER B 942 -10.44 6.91 -16.42
N SER B 943 -9.70 6.84 -15.33
CA SER B 943 -9.39 8.00 -14.54
C SER B 943 -8.33 8.86 -15.22
N LYS B 944 -8.36 10.15 -14.94
CA LYS B 944 -7.38 11.08 -15.50
C LYS B 944 -6.17 11.27 -14.60
N PHE B 945 -6.37 11.19 -13.28
CA PHE B 945 -5.29 11.41 -12.31
C PHE B 945 -4.62 12.76 -12.50
N GLY B 946 -5.39 13.78 -12.88
CA GLY B 946 -4.87 15.11 -13.08
C GLY B 946 -4.33 15.38 -14.47
N ALA B 947 -4.30 14.39 -15.36
CA ALA B 947 -3.86 14.61 -16.72
C ALA B 947 -4.98 15.25 -17.53
N ILE B 948 -4.67 15.60 -18.79
CA ILE B 948 -5.68 16.19 -19.65
C ILE B 948 -6.60 15.14 -20.26
N SER B 949 -6.17 13.89 -20.32
CA SER B 949 -6.98 12.83 -20.89
C SER B 949 -6.56 11.50 -20.28
N SER B 950 -7.48 10.54 -20.32
CA SER B 950 -7.24 9.19 -19.83
C SER B 950 -6.82 8.23 -20.92
N VAL B 951 -6.67 8.69 -22.15
CA VAL B 951 -6.29 7.84 -23.28
C VAL B 951 -4.88 8.22 -23.69
N LEU B 952 -3.98 7.23 -23.71
CA LEU B 952 -2.58 7.51 -23.99
C LEU B 952 -2.36 7.86 -25.45
N ASN B 953 -3.13 7.23 -26.35
CA ASN B 953 -2.98 7.53 -27.77
C ASN B 953 -3.35 8.96 -28.09
N ASP B 954 -4.36 9.50 -27.40
CA ASP B 954 -4.71 10.91 -27.59
C ASP B 954 -3.56 11.82 -27.14
N ILE B 955 -2.93 11.48 -26.02
CA ILE B 955 -1.79 12.27 -25.56
C ILE B 955 -0.66 12.23 -26.58
N LEU B 956 -0.40 11.04 -27.14
CA LEU B 956 0.66 10.92 -28.12
C LEU B 956 0.35 11.69 -29.40
N SER B 957 -0.91 11.65 -29.85
CA SER B 957 -1.29 12.27 -31.10
C SER B 957 -1.58 13.76 -30.97
N ARG B 958 -1.66 14.29 -29.74
CA ARG B 958 -1.94 15.70 -29.55
C ARG B 958 -0.76 16.51 -29.05
N LEU B 959 0.25 15.88 -28.46
CA LEU B 959 1.34 16.61 -27.83
C LEU B 959 2.69 16.09 -28.30
N ASP B 960 3.66 16.99 -28.35
CA ASP B 960 5.05 16.64 -28.58
C ASP B 960 5.64 16.01 -27.32
N PRO B 961 6.73 15.25 -27.46
CA PRO B 961 7.29 14.52 -26.32
C PRO B 961 7.51 15.39 -25.08
N PRO B 962 8.17 16.55 -25.20
CA PRO B 962 8.49 17.30 -23.96
C PRO B 962 7.26 17.68 -23.14
N GLU B 963 6.13 17.96 -23.78
CA GLU B 963 4.89 18.20 -23.05
C GLU B 963 4.11 16.94 -22.76
N ALA B 964 4.29 15.88 -23.56
CA ALA B 964 3.57 14.64 -23.33
C ALA B 964 4.10 13.91 -22.10
N GLU B 965 5.36 14.15 -21.73
CA GLU B 965 5.95 13.42 -20.61
C GLU B 965 5.19 13.69 -19.32
N VAL B 966 4.77 14.93 -19.10
CA VAL B 966 4.08 15.28 -17.86
C VAL B 966 2.78 14.50 -17.74
N GLN B 967 1.96 14.53 -18.79
CA GLN B 967 0.69 13.83 -18.76
C GLN B 967 0.88 12.32 -18.64
N ILE B 968 1.86 11.77 -19.37
CA ILE B 968 2.10 10.33 -19.30
C ILE B 968 2.54 9.92 -17.90
N ASP B 969 3.39 10.73 -17.26
CA ASP B 969 3.80 10.42 -15.90
C ASP B 969 2.64 10.51 -14.93
N ARG B 970 1.75 11.50 -15.13
CA ARG B 970 0.59 11.60 -14.26
C ARG B 970 -0.29 10.36 -14.39
N LEU B 971 -0.47 9.86 -15.61
CA LEU B 971 -1.23 8.63 -15.80
C LEU B 971 -0.50 7.44 -15.16
N ILE B 972 0.81 7.37 -15.33
CA ILE B 972 1.59 6.24 -14.85
C ILE B 972 1.50 6.13 -13.33
N THR B 973 1.62 7.25 -12.64
CA THR B 973 1.55 7.23 -11.17
C THR B 973 0.25 6.60 -10.69
N GLY B 974 -0.88 7.10 -11.21
CA GLY B 974 -2.17 6.58 -10.78
C GLY B 974 -2.37 5.12 -11.14
N ARG B 975 -1.99 4.74 -12.36
CA ARG B 975 -2.20 3.35 -12.78
C ARG B 975 -1.33 2.40 -11.98
N LEU B 976 -0.09 2.79 -11.70
CA LEU B 976 0.78 1.96 -10.87
C LEU B 976 0.23 1.84 -9.45
N GLN B 977 -0.29 2.93 -8.91
CA GLN B 977 -0.89 2.87 -7.58
C GLN B 977 -2.08 1.93 -7.55
N SER B 978 -2.93 1.99 -8.59
CA SER B 978 -4.08 1.09 -8.64
C SER B 978 -3.65 -0.36 -8.75
N LEU B 979 -2.63 -0.63 -9.57
CA LEU B 979 -2.12 -2.00 -9.69
C LEU B 979 -1.59 -2.51 -8.36
N GLN B 980 -0.83 -1.68 -7.65
CA GLN B 980 -0.29 -2.10 -6.36
C GLN B 980 -1.40 -2.36 -5.35
N THR B 981 -2.43 -1.52 -5.34
CA THR B 981 -3.57 -1.75 -4.46
C THR B 981 -4.24 -3.09 -4.78
N TYR B 982 -4.43 -3.36 -6.07
CA TYR B 982 -5.03 -4.64 -6.47
C TYR B 982 -4.19 -5.82 -5.99
N VAL B 983 -2.88 -5.73 -6.16
CA VAL B 983 -2.02 -6.84 -5.76
C VAL B 983 -2.05 -7.05 -4.26
N THR B 984 -2.07 -5.97 -3.48
CA THR B 984 -2.13 -6.11 -2.03
C THR B 984 -3.45 -6.75 -1.59
N GLN B 985 -4.56 -6.31 -2.18
CA GLN B 985 -5.84 -6.93 -1.84
C GLN B 985 -5.86 -8.39 -2.21
N GLN B 986 -5.28 -8.74 -3.37
CA GLN B 986 -5.21 -10.13 -3.77
C GLN B 986 -4.38 -10.95 -2.79
N LEU B 987 -3.27 -10.39 -2.30
CA LEU B 987 -2.46 -11.10 -1.33
C LEU B 987 -3.23 -11.38 -0.05
N ILE B 988 -3.97 -10.38 0.44
CA ILE B 988 -4.73 -10.58 1.67
C ILE B 988 -5.82 -11.63 1.47
N ARG B 989 -6.55 -11.54 0.36
CA ARG B 989 -7.58 -12.54 0.08
C ARG B 989 -6.98 -13.92 -0.12
N ALA B 990 -5.79 -14.00 -0.71
CA ALA B 990 -5.13 -15.28 -0.87
C ALA B 990 -4.76 -15.89 0.47
N ALA B 991 -4.30 -15.06 1.41
CA ALA B 991 -4.03 -15.57 2.75
C ALA B 991 -5.29 -16.11 3.40
N GLU B 992 -6.41 -15.38 3.26
CA GLU B 992 -7.66 -15.86 3.83
C GLU B 992 -8.10 -17.18 3.19
N ILE B 993 -7.97 -17.28 1.86
CA ILE B 993 -8.37 -18.49 1.16
C ILE B 993 -7.46 -19.65 1.54
N ARG B 994 -6.17 -19.37 1.77
CA ARG B 994 -5.27 -20.43 2.22
C ARG B 994 -5.65 -20.94 3.59
N ALA B 995 -6.03 -20.04 4.49
CA ALA B 995 -6.51 -20.49 5.80
C ALA B 995 -7.75 -21.36 5.66
N SER B 996 -8.70 -20.95 4.81
CA SER B 996 -9.90 -21.74 4.60
C SER B 996 -9.57 -23.09 3.99
N ALA B 997 -8.62 -23.13 3.06
CA ALA B 997 -8.26 -24.39 2.41
C ALA B 997 -7.54 -25.33 3.38
N ASN B 998 -6.71 -24.78 4.27
CA ASN B 998 -6.10 -25.62 5.30
C ASN B 998 -7.17 -26.20 6.22
N LEU B 999 -8.17 -25.40 6.59
CA LEU B 999 -9.26 -25.93 7.39
C LEU B 999 -10.00 -27.03 6.64
N ALA B 1000 -10.23 -26.83 5.35
CA ALA B 1000 -10.94 -27.84 4.55
C ALA B 1000 -10.13 -29.12 4.45
N ALA B 1001 -8.82 -29.02 4.28
CA ALA B 1001 -7.97 -30.20 4.23
C ALA B 1001 -7.98 -30.94 5.57
N THR B 1002 -7.94 -30.20 6.67
CA THR B 1002 -8.02 -30.83 7.98
C THR B 1002 -9.35 -31.55 8.17
N LYS B 1003 -10.44 -30.93 7.73
CA LYS B 1003 -11.74 -31.57 7.83
C LYS B 1003 -11.84 -32.80 6.95
N MET B 1004 -11.23 -32.75 5.76
CA MET B 1004 -11.20 -33.93 4.91
C MET B 1004 -10.43 -35.06 5.57
N SER B 1005 -9.31 -34.75 6.21
CA SER B 1005 -8.51 -35.79 6.85
C SER B 1005 -9.22 -36.38 8.07
N GLU B 1006 -9.84 -35.54 8.89
CA GLU B 1006 -10.32 -35.99 10.19
C GLU B 1006 -11.79 -36.34 10.23
N CYS B 1007 -12.60 -35.85 9.29
CA CYS B 1007 -14.02 -36.17 9.25
C CYS B 1007 -14.35 -37.23 8.22
N VAL B 1008 -13.67 -37.24 7.08
CA VAL B 1008 -13.96 -38.18 6.01
C VAL B 1008 -13.10 -39.43 6.12
N LEU B 1009 -11.80 -39.26 6.33
CA LEU B 1009 -10.89 -40.39 6.43
C LEU B 1009 -10.86 -41.01 7.81
N GLY B 1010 -11.63 -40.48 8.75
CA GLY B 1010 -11.70 -41.05 10.08
C GLY B 1010 -12.94 -40.55 10.80
N GLN B 1011 -13.05 -40.95 12.05
CA GLN B 1011 -14.14 -40.51 12.92
C GLN B 1011 -13.56 -39.61 14.01
N SER B 1012 -14.13 -38.43 14.16
CA SER B 1012 -13.56 -37.38 14.99
C SER B 1012 -14.29 -37.29 16.31
N LYS B 1013 -13.54 -37.26 17.41
CA LYS B 1013 -14.09 -37.01 18.73
C LYS B 1013 -14.19 -35.53 19.05
N ARG B 1014 -13.63 -34.68 18.20
CA ARG B 1014 -13.69 -33.24 18.43
C ARG B 1014 -15.11 -32.75 18.30
N VAL B 1015 -15.57 -31.98 19.28
CA VAL B 1015 -16.95 -31.54 19.34
C VAL B 1015 -17.20 -30.44 18.31
N ASP B 1016 -18.26 -30.59 17.54
CA ASP B 1016 -18.72 -29.61 16.55
C ASP B 1016 -17.72 -29.40 15.42
N PHE B 1017 -16.66 -30.20 15.35
CA PHE B 1017 -15.73 -30.06 14.24
C PHE B 1017 -16.31 -30.66 12.96
N CYS B 1018 -17.03 -31.78 13.09
CA CYS B 1018 -17.65 -32.41 11.93
C CYS B 1018 -19.17 -32.43 12.09
N GLY B 1019 -19.75 -31.30 12.46
CA GLY B 1019 -21.18 -31.17 12.56
C GLY B 1019 -21.68 -31.24 14.00
N LYS B 1020 -22.95 -30.88 14.16
CA LYS B 1020 -23.59 -30.91 15.46
C LYS B 1020 -24.00 -32.33 15.83
N GLY B 1021 -23.73 -32.71 17.07
CA GLY B 1021 -24.00 -34.06 17.52
C GLY B 1021 -22.75 -34.90 17.53
N TYR B 1022 -22.95 -36.18 17.83
CA TYR B 1022 -21.84 -37.14 17.85
C TYR B 1022 -21.54 -37.57 16.42
N HIS B 1023 -20.32 -37.29 15.97
CA HIS B 1023 -19.96 -37.53 14.59
C HIS B 1023 -19.95 -39.02 14.28
N LEU B 1024 -20.64 -39.39 13.20
CA LEU B 1024 -20.58 -40.75 12.68
C LEU B 1024 -19.69 -40.86 11.45
N MET B 1025 -19.97 -40.06 10.42
CA MET B 1025 -19.14 -40.09 9.22
C MET B 1025 -19.34 -38.80 8.44
N SER B 1026 -18.65 -38.68 7.32
CA SER B 1026 -18.76 -37.50 6.47
C SER B 1026 -18.50 -37.88 5.03
N PHE B 1027 -19.12 -37.14 4.12
CA PHE B 1027 -18.99 -37.39 2.70
C PHE B 1027 -18.61 -36.10 1.98
N PRO B 1028 -17.60 -36.11 1.13
CA PRO B 1028 -17.22 -34.92 0.40
C PRO B 1028 -17.94 -34.78 -0.93
N GLN B 1029 -18.10 -33.53 -1.34
CA GLN B 1029 -18.67 -33.18 -2.64
C GLN B 1029 -17.90 -31.97 -3.18
N SER B 1030 -17.55 -32.03 -4.45
CA SER B 1030 -16.88 -30.89 -5.06
C SER B 1030 -17.89 -29.75 -5.29
N ALA B 1031 -17.37 -28.55 -5.41
CA ALA B 1031 -18.19 -27.39 -5.70
C ALA B 1031 -17.32 -26.34 -6.36
N PRO B 1032 -17.90 -25.40 -7.10
CA PRO B 1032 -17.08 -24.37 -7.74
C PRO B 1032 -16.17 -23.66 -6.76
N HIS B 1033 -14.86 -23.85 -6.91
CA HIS B 1033 -13.85 -23.22 -6.06
C HIS B 1033 -14.00 -23.62 -4.60
N GLY B 1034 -14.51 -24.82 -4.32
CA GLY B 1034 -14.67 -25.18 -2.93
C GLY B 1034 -15.15 -26.60 -2.74
N VAL B 1035 -15.38 -26.94 -1.48
CA VAL B 1035 -15.81 -28.28 -1.10
C VAL B 1035 -17.02 -28.18 -0.18
N VAL B 1036 -17.82 -29.23 -0.19
CA VAL B 1036 -19.00 -29.35 0.68
C VAL B 1036 -18.89 -30.67 1.41
N PHE B 1037 -19.06 -30.64 2.73
CA PHE B 1037 -19.05 -31.83 3.55
C PHE B 1037 -20.46 -32.12 4.03
N LEU B 1038 -20.93 -33.34 3.80
CA LEU B 1038 -22.17 -33.83 4.37
C LEU B 1038 -21.78 -34.62 5.61
N HIS B 1039 -22.03 -34.04 6.78
CA HIS B 1039 -21.69 -34.66 8.05
C HIS B 1039 -22.90 -35.44 8.56
N VAL B 1040 -22.72 -36.74 8.74
CA VAL B 1040 -23.71 -37.63 9.31
C VAL B 1040 -23.36 -37.82 10.78
N THR B 1041 -24.29 -37.42 11.66
CA THR B 1041 -24.08 -37.43 13.10
C THR B 1041 -25.27 -38.08 13.79
N TYR B 1042 -25.04 -38.45 15.04
CA TYR B 1042 -26.00 -39.13 15.89
C TYR B 1042 -26.49 -38.15 16.96
N VAL B 1043 -27.80 -38.02 17.11
CA VAL B 1043 -28.40 -37.08 18.04
C VAL B 1043 -29.36 -37.83 18.96
N PRO B 1044 -29.15 -37.81 20.27
CA PRO B 1044 -30.15 -38.37 21.18
C PRO B 1044 -31.48 -37.66 21.02
N ALA B 1045 -32.58 -38.42 21.07
CA ALA B 1045 -33.88 -37.91 20.66
C ALA B 1045 -34.88 -37.80 21.79
N GLN B 1046 -35.22 -38.91 22.44
CA GLN B 1046 -36.35 -38.94 23.38
C GLN B 1046 -35.83 -39.35 24.75
N GLU B 1047 -35.60 -38.36 25.61
CA GLU B 1047 -35.03 -38.60 26.92
C GLU B 1047 -36.11 -38.79 27.97
N LYS B 1048 -35.87 -39.72 28.89
CA LYS B 1048 -36.70 -39.92 30.06
C LYS B 1048 -35.85 -39.68 31.30
N ASN B 1049 -36.49 -39.22 32.37
CA ASN B 1049 -35.79 -38.94 33.61
C ASN B 1049 -35.97 -40.12 34.57
N PHE B 1050 -34.87 -40.54 35.19
CA PHE B 1050 -34.83 -41.63 36.14
C PHE B 1050 -34.13 -41.16 37.40
N THR B 1051 -34.30 -41.92 38.48
CA THR B 1051 -33.50 -41.68 39.66
C THR B 1051 -32.14 -42.33 39.49
N THR B 1052 -31.11 -41.73 40.06
CA THR B 1052 -29.76 -42.22 39.85
C THR B 1052 -29.00 -42.26 41.17
N ALA B 1053 -27.98 -43.13 41.21
CA ALA B 1053 -27.11 -43.29 42.35
C ALA B 1053 -25.69 -43.47 41.86
N PRO B 1054 -24.70 -43.00 42.61
CA PRO B 1054 -23.31 -43.17 42.18
C PRO B 1054 -22.77 -44.57 42.42
N ALA B 1055 -23.30 -45.26 43.43
CA ALA B 1055 -22.81 -46.60 43.76
C ALA B 1055 -23.94 -47.37 44.44
N ILE B 1056 -23.76 -48.70 44.48
CA ILE B 1056 -24.75 -49.60 45.08
C ILE B 1056 -24.08 -50.30 46.26
N CYS B 1057 -24.74 -50.26 47.41
CA CYS B 1057 -24.22 -50.92 48.60
C CYS B 1057 -24.79 -52.32 48.71
N HIS B 1058 -23.91 -53.30 48.91
CA HIS B 1058 -24.33 -54.70 48.96
C HIS B 1058 -23.30 -55.48 49.75
N ASP B 1059 -23.73 -56.12 50.85
CA ASP B 1059 -22.84 -56.88 51.72
C ASP B 1059 -21.69 -56.03 52.22
N GLY B 1060 -21.97 -54.77 52.54
CA GLY B 1060 -20.92 -53.88 52.99
C GLY B 1060 -19.89 -53.56 51.94
N LYS B 1061 -20.20 -53.75 50.66
CA LYS B 1061 -19.30 -53.46 49.56
C LYS B 1061 -19.96 -52.44 48.64
N ALA B 1062 -19.14 -51.57 48.06
CA ALA B 1062 -19.62 -50.54 47.13
C ALA B 1062 -19.35 -51.00 45.71
N HIS B 1063 -20.41 -51.07 44.90
CA HIS B 1063 -20.32 -51.46 43.51
C HIS B 1063 -20.49 -50.22 42.64
N PHE B 1064 -19.60 -50.05 41.68
CA PHE B 1064 -19.64 -48.98 40.71
C PHE B 1064 -19.81 -49.55 39.31
N PRO B 1065 -20.54 -48.86 38.42
CA PRO B 1065 -20.74 -49.40 37.07
C PRO B 1065 -19.43 -49.49 36.30
N ARG B 1066 -19.28 -50.57 35.55
CA ARG B 1066 -18.07 -50.73 34.74
C ARG B 1066 -18.09 -49.80 33.54
N GLU B 1067 -19.21 -49.72 32.83
CA GLU B 1067 -19.29 -48.94 31.61
C GLU B 1067 -20.55 -48.09 31.49
N GLY B 1068 -21.46 -48.15 32.45
CA GLY B 1068 -22.73 -47.46 32.33
C GLY B 1068 -23.01 -46.59 33.53
N VAL B 1069 -24.28 -46.62 33.95
CA VAL B 1069 -24.78 -45.77 35.02
C VAL B 1069 -25.96 -46.47 35.66
N PHE B 1070 -26.07 -46.31 36.98
CA PHE B 1070 -27.18 -46.89 37.73
C PHE B 1070 -28.41 -46.01 37.58
N VAL B 1071 -29.55 -46.63 37.24
CA VAL B 1071 -30.81 -45.93 37.09
C VAL B 1071 -31.89 -46.68 37.85
N SER B 1072 -32.95 -45.95 38.15
CA SER B 1072 -34.11 -46.50 38.84
C SER B 1072 -35.36 -45.88 38.26
N ASN B 1073 -36.34 -46.73 37.94
CA ASN B 1073 -37.62 -46.32 37.43
C ASN B 1073 -38.65 -46.08 38.52
N GLY B 1074 -38.24 -46.19 39.79
CA GLY B 1074 -39.13 -45.93 40.90
C GLY B 1074 -39.09 -47.03 41.94
N THR B 1075 -38.98 -48.28 41.49
CA THR B 1075 -38.95 -49.43 42.38
C THR B 1075 -37.69 -50.26 42.26
N HIS B 1076 -37.24 -50.53 41.04
CA HIS B 1076 -36.10 -51.40 40.79
C HIS B 1076 -34.91 -50.59 40.27
N TRP B 1077 -33.73 -51.17 40.43
CA TRP B 1077 -32.49 -50.54 40.00
C TRP B 1077 -31.86 -51.38 38.88
N PHE B 1078 -31.40 -50.70 37.84
CA PHE B 1078 -30.73 -51.32 36.72
C PHE B 1078 -29.44 -50.56 36.43
N VAL B 1079 -28.64 -51.10 35.52
CA VAL B 1079 -27.46 -50.42 35.00
C VAL B 1079 -27.61 -50.34 33.49
N THR B 1080 -27.42 -49.15 32.95
CA THR B 1080 -27.62 -48.91 31.52
C THR B 1080 -26.47 -48.12 30.94
N GLN B 1081 -26.25 -48.27 29.65
CA GLN B 1081 -25.26 -47.44 28.98
C GLN B 1081 -25.73 -45.99 28.98
N ARG B 1082 -24.77 -45.07 28.91
CA ARG B 1082 -25.06 -43.67 29.21
C ARG B 1082 -25.81 -42.97 28.09
N ASN B 1083 -25.58 -43.35 26.83
CA ASN B 1083 -26.13 -42.61 25.70
C ASN B 1083 -27.37 -43.27 25.11
N PHE B 1084 -27.86 -44.35 25.71
CA PHE B 1084 -29.04 -45.04 25.18
C PHE B 1084 -29.63 -45.90 26.28
N TYR B 1085 -30.92 -45.74 26.54
CA TYR B 1085 -31.55 -46.44 27.65
C TYR B 1085 -31.70 -47.91 27.30
N GLU B 1086 -30.98 -48.77 28.01
CA GLU B 1086 -31.05 -50.22 27.82
C GLU B 1086 -30.82 -50.87 29.17
N PRO B 1087 -31.85 -50.91 30.02
CA PRO B 1087 -31.65 -51.37 31.39
C PRO B 1087 -31.27 -52.84 31.45
N GLN B 1088 -30.42 -53.17 32.43
CA GLN B 1088 -29.98 -54.53 32.64
C GLN B 1088 -29.85 -54.78 34.14
N ILE B 1089 -29.95 -56.06 34.51
CA ILE B 1089 -29.84 -56.43 35.91
C ILE B 1089 -28.43 -56.15 36.40
N ILE B 1090 -28.33 -55.59 37.60
CA ILE B 1090 -27.03 -55.28 38.21
C ILE B 1090 -26.43 -56.58 38.71
N THR B 1091 -25.35 -57.02 38.06
CA THR B 1091 -24.66 -58.24 38.44
C THR B 1091 -23.22 -57.90 38.83
N THR B 1092 -22.43 -58.94 39.09
CA THR B 1092 -21.02 -58.75 39.39
C THR B 1092 -20.17 -58.61 38.14
N ASP B 1093 -20.77 -58.70 36.95
CA ASP B 1093 -20.06 -58.45 35.70
C ASP B 1093 -20.30 -57.05 35.17
N ASN B 1094 -21.44 -56.43 35.47
CA ASN B 1094 -21.68 -55.05 35.10
C ASN B 1094 -20.95 -54.06 35.99
N THR B 1095 -20.54 -54.47 37.18
CA THR B 1095 -20.01 -53.56 38.19
C THR B 1095 -18.67 -54.07 38.70
N PHE B 1096 -18.00 -53.20 39.44
CA PHE B 1096 -16.78 -53.57 40.15
C PHE B 1096 -16.83 -53.03 41.57
N VAL B 1097 -16.12 -53.71 42.47
CA VAL B 1097 -16.16 -53.42 43.89
C VAL B 1097 -14.97 -52.53 44.26
N SER B 1098 -15.20 -51.58 45.16
CA SER B 1098 -14.13 -50.72 45.65
C SER B 1098 -14.52 -50.23 47.03
N GLY B 1099 -13.95 -50.86 48.06
CA GLY B 1099 -14.16 -50.39 49.43
C GLY B 1099 -15.54 -50.72 49.97
N ASN B 1100 -15.86 -50.07 51.07
CA ASN B 1100 -17.13 -50.24 51.75
C ASN B 1100 -18.06 -49.09 51.43
N CYS B 1101 -19.21 -49.04 52.10
CA CYS B 1101 -20.26 -48.09 51.79
C CYS B 1101 -20.20 -46.83 52.63
N ASP B 1102 -19.13 -46.61 53.39
CA ASP B 1102 -19.07 -45.52 54.34
C ASP B 1102 -18.48 -44.23 53.76
N VAL B 1103 -18.00 -44.25 52.53
CA VAL B 1103 -17.28 -43.12 51.94
C VAL B 1103 -18.12 -42.43 50.86
N VAL B 1104 -18.70 -43.20 49.96
CA VAL B 1104 -19.40 -42.63 48.81
C VAL B 1104 -20.62 -41.86 49.29
N ILE B 1105 -20.81 -40.66 48.78
CA ILE B 1105 -21.94 -39.82 49.14
C ILE B 1105 -23.08 -40.10 48.17
N GLY B 1106 -24.22 -40.53 48.70
CA GLY B 1106 -25.36 -40.85 47.88
C GLY B 1106 -25.49 -42.31 47.51
N ILE B 1107 -24.73 -43.19 48.15
CA ILE B 1107 -24.81 -44.62 47.85
C ILE B 1107 -26.17 -45.16 48.28
N VAL B 1108 -26.66 -46.14 47.51
CA VAL B 1108 -28.02 -46.66 47.66
C VAL B 1108 -27.95 -48.15 47.92
N ASN B 1109 -28.68 -48.61 48.94
CA ASN B 1109 -28.77 -50.03 49.21
C ASN B 1109 -29.54 -50.74 48.10
N ASN B 1110 -28.99 -51.86 47.64
CA ASN B 1110 -29.65 -52.71 46.64
C ASN B 1110 -28.89 -54.02 46.58
N THR B 1111 -29.50 -55.02 45.93
CA THR B 1111 -28.89 -56.33 45.79
C THR B 1111 -28.20 -56.45 44.45
N VAL B 1112 -27.04 -57.11 44.45
CA VAL B 1112 -26.24 -57.32 43.25
C VAL B 1112 -26.28 -58.80 42.94
N TYR B 1113 -26.88 -59.15 41.80
CA TYR B 1113 -27.03 -60.54 41.41
C TYR B 1113 -25.66 -61.16 41.09
N ASP B 1114 -25.55 -62.46 41.35
CA ASP B 1114 -24.31 -63.20 41.11
C ASP B 1114 -24.57 -64.33 40.12
N PRO B 1115 -24.01 -64.29 38.91
CA PRO B 1115 -24.30 -65.35 37.94
C PRO B 1115 -23.88 -66.74 38.39
N LEU B 1116 -22.79 -66.84 39.16
CA LEU B 1116 -22.26 -68.14 39.55
C LEU B 1116 -23.11 -68.82 40.62
N GLN B 1117 -23.89 -68.07 41.38
CA GLN B 1117 -24.65 -68.66 42.48
C GLN B 1117 -25.69 -69.68 42.03
N PRO B 1118 -26.56 -69.40 41.05
CA PRO B 1118 -27.49 -70.44 40.60
C PRO B 1118 -26.79 -71.65 40.02
N GLU B 1119 -25.67 -71.46 39.34
CA GLU B 1119 -24.96 -72.59 38.76
C GLU B 1119 -24.35 -73.48 39.83
N LEU B 1120 -23.74 -72.87 40.85
CA LEU B 1120 -23.17 -73.67 41.93
C LEU B 1120 -24.27 -74.33 42.77
N ASP B 1121 -25.42 -73.65 42.92
CA ASP B 1121 -26.54 -74.26 43.63
C ASP B 1121 -27.07 -75.47 42.86
N SER B 1122 -27.15 -75.37 41.53
CA SER B 1122 -27.60 -76.47 40.71
C SER B 1122 -26.53 -77.56 40.62
N GLN C 14 33.28 -13.44 -51.26
CA GLN C 14 32.27 -12.93 -50.34
C GLN C 14 31.36 -14.05 -49.86
N SER C 15 31.79 -14.75 -48.82
CA SER C 15 31.04 -15.86 -48.25
C SER C 15 30.38 -15.44 -46.95
N TYR C 16 29.73 -16.40 -46.29
CA TYR C 16 29.09 -16.16 -45.01
C TYR C 16 29.60 -17.17 -44.00
N THR C 17 29.69 -16.75 -42.74
CA THR C 17 30.17 -17.63 -41.69
C THR C 17 29.37 -17.39 -40.42
N ASN C 18 29.38 -18.38 -39.54
CA ASN C 18 28.71 -18.30 -38.25
C ASN C 18 29.58 -17.54 -37.27
N SER C 19 29.00 -16.55 -36.59
CA SER C 19 29.76 -15.72 -35.67
C SER C 19 30.01 -16.38 -34.33
N PHE C 20 29.25 -17.43 -33.99
CA PHE C 20 29.37 -18.14 -32.71
C PHE C 20 29.20 -17.12 -31.60
N THR C 21 30.06 -17.11 -30.58
CA THR C 21 29.93 -16.20 -29.44
C THR C 21 30.87 -15.01 -29.51
N ARG C 22 31.52 -14.79 -30.66
CA ARG C 22 32.47 -13.69 -30.78
C ARG C 22 31.74 -12.35 -30.80
N GLY C 23 32.45 -11.31 -30.37
CA GLY C 23 31.93 -9.96 -30.46
C GLY C 23 31.32 -9.42 -29.19
N VAL C 24 31.93 -9.74 -28.05
CA VAL C 24 31.47 -9.26 -26.75
C VAL C 24 32.55 -8.34 -26.19
N TYR C 25 32.13 -7.18 -25.72
CA TYR C 25 33.05 -6.17 -25.21
C TYR C 25 32.55 -5.63 -23.87
N TYR C 26 33.48 -5.13 -23.08
CA TYR C 26 33.13 -4.54 -21.79
C TYR C 26 32.32 -3.26 -22.00
N PRO C 27 31.02 -3.25 -21.69
CA PRO C 27 30.20 -2.08 -22.04
C PRO C 27 30.57 -0.81 -21.28
N ASP C 28 31.26 -0.91 -20.15
CA ASP C 28 31.55 0.27 -19.36
C ASP C 28 32.81 0.03 -18.54
N LYS C 29 33.36 1.12 -17.99
CA LYS C 29 34.59 1.07 -17.22
C LYS C 29 34.40 0.46 -15.83
N VAL C 30 33.15 0.21 -15.42
CA VAL C 30 32.89 -0.28 -14.07
C VAL C 30 33.49 -1.68 -13.89
N PHE C 31 33.97 -1.94 -12.69
CA PHE C 31 34.52 -3.24 -12.32
C PHE C 31 33.48 -4.02 -11.53
N ARG C 32 33.29 -5.29 -11.89
CA ARG C 32 32.38 -6.17 -11.18
C ARG C 32 33.02 -7.54 -11.07
N SER C 33 32.83 -8.19 -9.92
CA SER C 33 33.44 -9.50 -9.66
C SER C 33 32.39 -10.49 -9.24
N SER C 34 32.32 -11.63 -9.94
CA SER C 34 31.40 -12.72 -9.63
C SER C 34 29.95 -12.23 -9.65
N VAL C 35 29.56 -11.57 -10.74
CA VAL C 35 28.22 -11.03 -10.88
C VAL C 35 27.64 -11.49 -12.22
N LEU C 36 26.31 -11.52 -12.28
CA LEU C 36 25.59 -11.71 -13.53
C LEU C 36 24.86 -10.40 -13.82
N HIS C 37 25.38 -9.62 -14.77
CA HIS C 37 24.92 -8.27 -15.01
C HIS C 37 24.23 -8.17 -16.36
N SER C 38 23.08 -7.51 -16.38
CA SER C 38 22.29 -7.34 -17.60
C SER C 38 22.56 -5.97 -18.20
N THR C 39 22.97 -5.94 -19.46
CA THR C 39 23.30 -4.70 -20.15
C THR C 39 22.54 -4.63 -21.46
N GLN C 40 21.88 -3.50 -21.71
CA GLN C 40 21.23 -3.22 -22.99
C GLN C 40 22.13 -2.30 -23.79
N ASP C 41 22.61 -2.78 -24.94
CA ASP C 41 23.59 -2.02 -25.72
C ASP C 41 23.67 -2.65 -27.11
N LEU C 42 24.48 -2.05 -27.97
CA LEU C 42 24.67 -2.55 -29.32
C LEU C 42 25.67 -3.70 -29.29
N PHE C 43 25.22 -4.89 -29.63
CA PHE C 43 26.06 -6.08 -29.62
C PHE C 43 25.90 -6.84 -30.94
N LEU C 44 26.85 -7.73 -31.19
CA LEU C 44 26.75 -8.65 -32.31
C LEU C 44 26.02 -9.90 -31.87
N PRO C 45 24.83 -10.19 -32.41
CA PRO C 45 24.06 -11.34 -31.93
C PRO C 45 24.81 -12.65 -32.12
N PHE C 46 24.61 -13.57 -31.19
CA PHE C 46 25.27 -14.86 -31.27
C PHE C 46 24.77 -15.65 -32.48
N PHE C 47 25.68 -16.43 -33.05
CA PHE C 47 25.36 -17.30 -34.18
C PHE C 47 24.75 -16.52 -35.33
N SER C 48 25.30 -15.34 -35.59
CA SER C 48 24.85 -14.48 -36.67
C SER C 48 25.73 -14.66 -37.90
N ASN C 49 25.18 -14.29 -39.04
CA ASN C 49 25.91 -14.39 -40.31
C ASN C 49 26.86 -13.22 -40.44
N VAL C 50 28.15 -13.51 -40.60
CA VAL C 50 29.17 -12.50 -40.83
C VAL C 50 29.75 -12.70 -42.22
N THR C 51 29.92 -11.60 -42.93
CA THR C 51 30.49 -11.66 -44.27
C THR C 51 31.98 -11.96 -44.19
N TRP C 52 32.47 -12.75 -45.16
CA TRP C 52 33.84 -13.22 -45.19
C TRP C 52 34.46 -12.84 -46.51
N PHE C 53 35.60 -12.17 -46.46
CA PHE C 53 36.29 -11.71 -47.67
C PHE C 53 37.67 -12.35 -47.73
N HIS C 54 38.03 -12.87 -48.90
CA HIS C 54 39.32 -13.49 -49.13
C HIS C 54 40.29 -12.59 -49.89
N ALA C 55 39.90 -11.35 -50.16
CA ALA C 55 40.75 -10.42 -50.89
C ALA C 55 41.87 -9.89 -50.01
N ASN C 67 38.00 -5.20 -51.62
CA ASN C 67 37.55 -4.53 -50.40
C ASN C 67 36.60 -3.39 -50.73
N PRO C 68 35.36 -3.71 -51.05
CA PRO C 68 34.39 -2.68 -51.39
C PRO C 68 33.98 -1.87 -50.18
N VAL C 69 33.47 -0.66 -50.45
CA VAL C 69 32.95 0.18 -49.39
C VAL C 69 31.67 -0.44 -48.84
N LEU C 70 31.62 -0.61 -47.51
CA LEU C 70 30.50 -1.25 -46.86
C LEU C 70 29.73 -0.26 -46.00
N PRO C 71 28.42 -0.45 -45.82
CA PRO C 71 27.67 0.41 -44.90
C PRO C 71 28.12 0.20 -43.47
N PHE C 72 27.94 1.24 -42.66
CA PHE C 72 28.37 1.20 -41.26
C PHE C 72 27.25 0.79 -40.31
N ASN C 73 26.03 1.23 -40.57
CA ASN C 73 24.85 0.91 -39.73
C ASN C 73 25.14 1.41 -38.32
N ASP C 74 24.69 0.68 -37.28
CA ASP C 74 24.89 1.14 -35.91
C ASP C 74 26.34 0.97 -35.48
N GLY C 75 26.96 -0.16 -35.82
CA GLY C 75 28.33 -0.42 -35.45
C GLY C 75 28.88 -1.50 -36.34
N VAL C 76 30.16 -1.81 -36.15
CA VAL C 76 30.84 -2.79 -36.99
C VAL C 76 31.71 -3.69 -36.12
N TYR C 77 31.62 -5.00 -36.37
CA TYR C 77 32.55 -5.97 -35.81
C TYR C 77 33.49 -6.43 -36.92
N PHE C 78 34.79 -6.38 -36.65
CA PHE C 78 35.82 -6.66 -37.63
C PHE C 78 36.73 -7.74 -37.08
N ALA C 79 37.13 -8.68 -37.94
CA ALA C 79 38.03 -9.74 -37.52
C ALA C 79 39.05 -10.02 -38.61
N SER C 80 40.31 -10.18 -38.21
CA SER C 80 41.39 -10.42 -39.14
C SER C 80 42.30 -11.51 -38.61
N THR C 81 42.95 -12.23 -39.52
CA THR C 81 43.82 -13.33 -39.12
C THR C 81 45.11 -13.41 -39.95
N GLU C 82 45.44 -12.38 -40.71
CA GLU C 82 46.62 -12.44 -41.57
C GLU C 82 47.90 -12.37 -40.74
N LYS C 83 48.93 -13.03 -41.23
CA LYS C 83 50.26 -12.97 -40.61
C LYS C 83 51.23 -12.09 -41.37
N PHE C 84 50.86 -11.60 -42.55
CA PHE C 84 51.71 -10.71 -43.33
C PHE C 84 51.43 -9.24 -43.07
N ASN C 85 50.50 -8.93 -42.18
CA ASN C 85 50.10 -7.55 -41.88
C ASN C 85 49.67 -6.82 -43.17
N ILE C 86 48.92 -7.52 -44.01
CA ILE C 86 48.43 -6.90 -45.25
C ILE C 86 47.36 -5.86 -44.92
N ILE C 87 46.50 -6.14 -43.95
CA ILE C 87 45.45 -5.20 -43.55
C ILE C 87 46.11 -4.11 -42.72
N ARG C 88 46.14 -2.89 -43.25
CA ARG C 88 46.83 -1.78 -42.61
C ARG C 88 45.98 -0.52 -42.63
N GLY C 89 44.73 -0.63 -42.20
CA GLY C 89 43.95 0.57 -41.97
C GLY C 89 42.48 0.54 -42.34
N TRP C 90 41.75 1.53 -41.85
CA TRP C 90 40.33 1.67 -42.10
C TRP C 90 39.99 3.11 -42.43
N ILE C 91 38.92 3.29 -43.20
CA ILE C 91 38.40 4.59 -43.58
C ILE C 91 36.93 4.62 -43.25
N PHE C 92 36.47 5.70 -42.63
CA PHE C 92 35.08 5.87 -42.24
C PHE C 92 34.58 7.21 -42.77
N GLY C 93 33.30 7.27 -43.09
CA GLY C 93 32.71 8.53 -43.53
C GLY C 93 31.49 8.30 -44.37
N THR C 94 30.89 9.41 -44.78
CA THR C 94 29.66 9.39 -45.58
C THR C 94 29.97 9.42 -47.07
N THR C 95 30.69 10.44 -47.53
CA THR C 95 31.00 10.59 -48.94
C THR C 95 32.38 10.06 -49.32
N LEU C 96 33.27 9.88 -48.35
CA LEU C 96 34.63 9.39 -48.58
C LEU C 96 35.40 10.31 -49.54
N ASP C 97 35.03 11.59 -49.56
CA ASP C 97 35.71 12.59 -50.37
C ASP C 97 35.94 13.83 -49.51
N SER C 98 36.47 14.88 -50.13
CA SER C 98 36.69 16.14 -49.41
C SER C 98 35.41 16.88 -49.11
N LYS C 99 34.27 16.44 -49.66
CA LYS C 99 33.00 17.09 -49.37
C LYS C 99 32.65 17.01 -47.88
N THR C 100 32.88 15.84 -47.28
CA THR C 100 32.57 15.62 -45.87
C THR C 100 33.79 15.05 -45.16
N GLN C 101 33.80 15.20 -43.84
CA GLN C 101 34.90 14.68 -43.05
C GLN C 101 34.96 13.16 -43.15
N SER C 102 36.17 12.62 -43.15
CA SER C 102 36.38 11.18 -43.30
C SER C 102 37.44 10.74 -42.30
N LEU C 103 37.02 9.96 -41.30
CA LEU C 103 37.96 9.39 -40.35
C LEU C 103 38.88 8.39 -41.05
N LEU C 104 40.14 8.39 -40.64
CA LEU C 104 41.14 7.54 -41.29
C LEU C 104 42.09 7.01 -40.21
N ILE C 105 42.19 5.69 -40.11
CA ILE C 105 43.12 5.04 -39.19
C ILE C 105 44.11 4.25 -40.04
N VAL C 106 45.39 4.53 -39.85
CA VAL C 106 46.46 3.84 -40.58
C VAL C 106 47.45 3.29 -39.58
N ASN C 107 47.72 1.99 -39.65
CA ASN C 107 48.66 1.33 -38.77
C ASN C 107 49.90 0.95 -39.57
N ASN C 108 51.08 1.24 -39.01
CA ASN C 108 52.33 0.79 -39.58
C ASN C 108 53.16 0.13 -38.48
N ALA C 109 54.22 -0.56 -38.91
CA ALA C 109 54.96 -1.50 -38.06
C ALA C 109 55.42 -0.90 -36.74
N THR C 110 55.36 0.42 -36.61
CA THR C 110 55.74 1.09 -35.36
C THR C 110 54.56 1.62 -34.56
N ASN C 111 53.57 2.21 -35.22
CA ASN C 111 52.53 2.95 -34.49
C ASN C 111 51.21 2.86 -35.24
N ALA C 112 50.22 3.59 -34.74
CA ALA C 112 48.93 3.72 -35.38
C ALA C 112 48.49 5.17 -35.29
N VAL C 113 48.15 5.76 -36.44
CA VAL C 113 47.79 7.16 -36.52
C VAL C 113 46.33 7.28 -36.95
N ILE C 114 45.68 8.32 -36.43
CA ILE C 114 44.26 8.57 -36.66
C ILE C 114 44.09 10.03 -37.04
N LYS C 115 43.35 10.28 -38.11
CA LYS C 115 43.09 11.64 -38.57
C LYS C 115 41.63 11.77 -38.98
N VAL C 116 41.15 13.00 -39.01
CA VAL C 116 39.81 13.30 -39.49
C VAL C 116 39.83 14.30 -40.64
N CYS C 117 40.95 14.38 -41.35
CA CYS C 117 41.07 15.31 -42.46
C CYS C 117 40.11 14.95 -43.58
N GLU C 118 39.89 15.91 -44.48
CA GLU C 118 39.11 15.67 -45.68
C GLU C 118 40.07 15.18 -46.77
N PHE C 119 39.85 13.94 -47.23
CA PHE C 119 40.76 13.29 -48.16
C PHE C 119 40.11 13.10 -49.52
N GLN C 120 40.96 12.87 -50.52
CA GLN C 120 40.55 12.46 -51.86
C GLN C 120 41.38 11.23 -52.19
N PHE C 121 40.86 10.05 -51.87
CA PHE C 121 41.60 8.82 -52.07
C PHE C 121 41.69 8.45 -53.54
N LYS C 122 42.75 7.74 -53.89
CA LYS C 122 42.94 7.26 -55.26
C LYS C 122 43.83 6.03 -55.22
N ASN C 123 43.32 4.90 -55.71
CA ASN C 123 44.09 3.67 -55.74
C ASN C 123 43.51 2.68 -56.75
N VAL C 134 48.32 6.56 -51.10
CA VAL C 134 47.40 6.61 -49.97
C VAL C 134 46.21 7.50 -50.33
N TYR C 135 46.37 8.80 -50.13
CA TYR C 135 45.37 9.78 -50.52
C TYR C 135 45.98 10.77 -51.49
N SER C 136 45.25 11.08 -52.56
CA SER C 136 45.74 12.04 -53.54
C SER C 136 45.89 13.43 -52.93
N SER C 137 44.92 13.84 -52.10
CA SER C 137 44.98 15.14 -51.47
C SER C 137 44.35 15.06 -50.08
N ALA C 138 44.88 15.86 -49.17
CA ALA C 138 44.35 16.00 -47.82
C ALA C 138 44.22 17.47 -47.48
N ASN C 139 43.13 17.83 -46.81
CA ASN C 139 42.89 19.24 -46.50
C ASN C 139 41.98 19.33 -45.28
N ASN C 140 42.15 20.44 -44.55
CA ASN C 140 41.27 20.80 -43.44
C ASN C 140 41.23 19.73 -42.36
N CYS C 141 42.42 19.42 -41.83
CA CYS C 141 42.51 18.51 -40.71
C CYS C 141 41.99 19.17 -39.43
N THR C 142 41.33 18.39 -38.60
CA THR C 142 40.77 18.89 -37.34
C THR C 142 41.33 18.17 -36.13
N PHE C 143 41.44 16.85 -36.17
CA PHE C 143 41.88 16.06 -35.04
C PHE C 143 42.91 15.03 -35.50
N GLU C 144 43.94 14.83 -34.69
CA GLU C 144 44.95 13.83 -34.96
C GLU C 144 45.28 13.09 -33.69
N TYR C 145 45.73 11.84 -33.84
CA TYR C 145 46.01 10.99 -32.70
C TYR C 145 47.07 9.96 -33.10
N VAL C 146 47.93 9.62 -32.16
CA VAL C 146 48.97 8.63 -32.37
C VAL C 146 49.01 7.70 -31.17
N SER C 147 49.06 6.40 -31.41
CA SER C 147 49.09 5.42 -30.34
C SER C 147 49.87 4.19 -30.79
N GLN C 148 49.92 3.19 -29.93
CA GLN C 148 50.55 1.93 -30.28
C GLN C 148 49.77 1.26 -31.40
N PRO C 149 50.46 0.49 -32.25
CA PRO C 149 49.76 -0.16 -33.37
C PRO C 149 48.66 -1.09 -32.89
N PHE C 150 47.54 -1.07 -33.60
CA PHE C 150 46.40 -1.91 -33.21
C PHE C 150 46.71 -3.38 -33.44
N LEU C 151 47.34 -3.70 -34.57
CA LEU C 151 47.62 -5.09 -34.92
C LEU C 151 49.02 -5.50 -34.49
N LYS C 162 47.33 -19.13 -35.42
CA LYS C 162 47.50 -17.75 -35.85
C LYS C 162 47.10 -16.78 -34.75
N ASN C 163 47.22 -15.48 -35.04
CA ASN C 163 46.92 -14.42 -34.08
C ASN C 163 45.69 -13.68 -34.59
N LEU C 164 44.51 -14.10 -34.13
CA LEU C 164 43.27 -13.48 -34.55
C LEU C 164 43.07 -12.15 -33.84
N SER C 165 42.83 -11.09 -34.59
CA SER C 165 42.60 -9.76 -34.06
C SER C 165 41.15 -9.37 -34.28
N GLU C 166 40.46 -9.01 -33.21
CA GLU C 166 39.06 -8.64 -33.26
C GLU C 166 38.91 -7.18 -32.84
N PHE C 167 38.05 -6.45 -33.54
CA PHE C 167 37.80 -5.04 -33.28
C PHE C 167 36.29 -4.80 -33.32
N VAL C 168 35.86 -3.81 -32.54
CA VAL C 168 34.49 -3.33 -32.57
C VAL C 168 34.54 -1.83 -32.67
N PHE C 169 33.90 -1.26 -33.69
CA PHE C 169 33.85 0.16 -33.92
C PHE C 169 32.42 0.64 -33.72
N LYS C 170 32.24 1.62 -32.84
CA LYS C 170 30.96 2.26 -32.65
C LYS C 170 31.13 3.77 -32.75
N ASN C 171 30.08 4.45 -33.20
CA ASN C 171 30.07 5.90 -33.31
C ASN C 171 28.76 6.40 -32.72
N ILE C 172 28.80 6.87 -31.47
CA ILE C 172 27.60 7.29 -30.76
C ILE C 172 27.87 8.60 -30.04
N ASP C 173 26.92 9.52 -30.14
CA ASP C 173 26.95 10.84 -29.50
C ASP C 173 28.34 11.49 -29.57
N GLY C 174 28.83 11.65 -30.80
CA GLY C 174 30.08 12.33 -31.02
C GLY C 174 31.30 11.63 -30.48
N TYR C 175 31.20 10.33 -30.19
CA TYR C 175 32.30 9.53 -29.68
C TYR C 175 32.51 8.34 -30.58
N PHE C 176 33.75 8.12 -30.98
CA PHE C 176 34.14 6.94 -31.75
C PHE C 176 34.86 5.99 -30.80
N LYS C 177 34.24 4.88 -30.48
CA LYS C 177 34.75 3.91 -29.53
C LYS C 177 35.29 2.71 -30.28
N ILE C 178 36.52 2.32 -29.99
CA ILE C 178 37.17 1.17 -30.58
C ILE C 178 37.54 0.20 -29.47
N TYR C 179 37.04 -1.03 -29.59
CA TYR C 179 37.40 -2.11 -28.69
C TYR C 179 38.21 -3.14 -29.48
N SER C 180 39.18 -3.76 -28.82
CA SER C 180 40.08 -4.66 -29.52
C SER C 180 40.45 -5.84 -28.64
N LYS C 181 40.89 -6.92 -29.30
CA LYS C 181 41.34 -8.12 -28.63
C LYS C 181 42.23 -8.90 -29.59
N HIS C 182 43.23 -9.59 -29.03
CA HIS C 182 44.12 -10.45 -29.80
C HIS C 182 44.18 -11.81 -29.13
N THR C 183 43.88 -12.85 -29.90
CA THR C 183 43.81 -14.20 -29.33
C THR C 183 44.57 -15.20 -30.20
N PRO C 184 45.23 -16.17 -29.57
CA PRO C 184 45.84 -17.25 -30.34
C PRO C 184 44.78 -18.28 -30.75
N ILE C 185 44.74 -18.59 -32.04
CA ILE C 185 43.78 -19.53 -32.59
C ILE C 185 44.54 -20.61 -33.36
N ASN C 186 43.79 -21.56 -33.91
CA ASN C 186 44.33 -22.62 -34.74
C ASN C 186 43.64 -22.59 -36.10
N LEU C 187 44.21 -23.36 -37.03
CA LEU C 187 43.67 -23.38 -38.39
C LEU C 187 42.29 -24.03 -38.41
N GLY C 188 41.43 -23.51 -39.28
CA GLY C 188 40.07 -24.02 -39.39
C GLY C 188 39.22 -23.12 -40.26
N ARG C 189 37.91 -23.28 -40.13
CA ARG C 189 36.98 -22.46 -40.90
C ARG C 189 37.11 -20.99 -40.56
N GLY C 190 37.25 -20.68 -39.27
CA GLY C 190 37.39 -19.31 -38.82
C GLY C 190 36.41 -18.99 -37.72
N LEU C 191 36.76 -18.00 -36.89
CA LEU C 191 35.94 -17.57 -35.76
C LEU C 191 35.69 -18.74 -34.83
N PRO C 192 36.69 -19.15 -34.05
CA PRO C 192 36.55 -20.35 -33.21
C PRO C 192 35.42 -20.22 -32.21
N GLN C 193 35.09 -21.35 -31.59
CA GLN C 193 33.94 -21.47 -30.71
C GLN C 193 34.20 -20.97 -29.30
N GLY C 194 35.41 -20.52 -29.01
CA GLY C 194 35.73 -20.03 -27.68
C GLY C 194 35.08 -18.68 -27.42
N PHE C 195 35.25 -18.21 -26.18
CA PHE C 195 34.71 -16.93 -25.75
C PHE C 195 35.85 -16.04 -25.28
N SER C 196 35.84 -14.79 -25.74
CA SER C 196 36.82 -13.80 -25.33
C SER C 196 36.23 -12.42 -25.47
N ALA C 197 36.34 -11.61 -24.42
CA ALA C 197 35.79 -10.28 -24.40
C ALA C 197 36.79 -9.27 -24.96
N LEU C 198 36.26 -8.19 -25.54
CA LEU C 198 37.08 -7.19 -26.21
C LEU C 198 37.21 -5.97 -25.30
N GLU C 199 38.41 -5.73 -24.81
CA GLU C 199 38.65 -4.61 -23.92
C GLU C 199 38.62 -3.30 -24.69
N PRO C 200 38.27 -2.19 -24.04
CA PRO C 200 38.24 -0.90 -24.73
C PRO C 200 39.63 -0.48 -25.19
N LEU C 201 39.83 -0.41 -26.50
CA LEU C 201 41.13 -0.04 -27.03
C LEU C 201 41.34 1.47 -26.94
N VAL C 202 40.37 2.25 -27.42
CA VAL C 202 40.53 3.71 -27.48
C VAL C 202 39.16 4.35 -27.62
N ASP C 203 39.08 5.63 -27.27
CA ASP C 203 37.90 6.45 -27.45
C ASP C 203 38.33 7.79 -28.03
N LEU C 204 37.60 8.26 -29.04
CA LEU C 204 37.92 9.52 -29.71
C LEU C 204 36.74 10.47 -29.58
N PRO C 205 36.93 11.66 -29.02
CA PRO C 205 35.84 12.63 -28.87
C PRO C 205 35.60 13.46 -30.13
N ILE C 206 35.40 12.79 -31.26
CA ILE C 206 35.20 13.44 -32.55
C ILE C 206 33.74 13.33 -32.93
N GLY C 207 33.09 14.47 -33.12
CA GLY C 207 31.69 14.49 -33.52
C GLY C 207 31.52 14.51 -35.02
N ILE C 208 31.86 13.41 -35.69
CA ILE C 208 31.79 13.32 -37.13
C ILE C 208 30.58 12.49 -37.53
N ASN C 209 30.30 12.48 -38.83
CA ASN C 209 29.17 11.74 -39.39
C ASN C 209 29.71 10.56 -40.19
N ILE C 210 29.31 9.35 -39.79
CA ILE C 210 29.78 8.13 -40.43
C ILE C 210 28.57 7.31 -40.87
N THR C 211 28.55 6.92 -42.13
CA THR C 211 27.56 5.99 -42.65
C THR C 211 28.14 4.85 -43.46
N ARG C 212 29.40 4.94 -43.89
CA ARG C 212 30.04 3.87 -44.64
C ARG C 212 31.49 3.77 -44.19
N PHE C 213 32.11 2.62 -44.51
CA PHE C 213 33.49 2.38 -44.14
C PHE C 213 34.11 1.42 -45.13
N GLN C 214 35.44 1.35 -45.11
CA GLN C 214 36.20 0.52 -46.01
C GLN C 214 37.52 0.14 -45.34
N THR C 215 38.08 -0.99 -45.73
CA THR C 215 39.36 -1.44 -45.23
C THR C 215 40.44 -1.23 -46.28
N LEU C 216 41.69 -1.24 -45.82
CA LEU C 216 42.85 -1.00 -46.68
C LEU C 216 43.80 -2.18 -46.60
N LEU C 217 44.32 -2.57 -47.76
CA LEU C 217 45.22 -3.72 -47.84
C LEU C 217 46.59 -3.30 -48.36
N ALA C 239 41.75 -12.39 -45.89
CA ALA C 239 40.60 -13.06 -45.28
C ALA C 239 40.19 -12.36 -43.99
N TYR C 240 39.17 -11.52 -44.07
CA TYR C 240 38.65 -10.82 -42.91
C TYR C 240 37.14 -10.93 -42.85
N TYR C 241 36.60 -10.85 -41.64
CA TYR C 241 35.18 -11.04 -41.39
C TYR C 241 34.57 -9.74 -40.89
N VAL C 242 33.36 -9.44 -41.36
CA VAL C 242 32.64 -8.22 -41.03
C VAL C 242 31.24 -8.58 -40.56
N GLY C 243 30.83 -8.04 -39.41
CA GLY C 243 29.49 -8.21 -38.91
C GLY C 243 28.92 -6.88 -38.42
N TYR C 244 27.62 -6.87 -38.18
CA TYR C 244 26.93 -5.66 -37.78
C TYR C 244 26.31 -5.81 -36.40
N LEU C 245 26.19 -4.68 -35.71
CA LEU C 245 25.69 -4.65 -34.34
C LEU C 245 24.24 -4.22 -34.31
N GLN C 246 23.45 -4.87 -33.46
CA GLN C 246 22.05 -4.54 -33.23
C GLN C 246 21.84 -4.25 -31.75
N PRO C 247 20.82 -3.47 -31.42
CA PRO C 247 20.52 -3.23 -29.99
C PRO C 247 19.96 -4.46 -29.31
N ARG C 248 20.75 -5.08 -28.44
CA ARG C 248 20.37 -6.30 -27.76
C ARG C 248 20.61 -6.16 -26.26
N THR C 249 19.91 -6.99 -25.50
CA THR C 249 20.13 -7.12 -24.06
C THR C 249 20.92 -8.39 -23.82
N PHE C 250 22.05 -8.26 -23.14
CA PHE C 250 22.93 -9.37 -22.86
C PHE C 250 23.07 -9.57 -21.36
N LEU C 251 23.33 -10.81 -20.96
CA LEU C 251 23.62 -11.16 -19.59
C LEU C 251 25.06 -11.61 -19.51
N LEU C 252 25.92 -10.77 -18.93
CA LEU C 252 27.35 -11.04 -18.86
C LEU C 252 27.71 -11.60 -17.50
N LYS C 253 28.69 -12.50 -17.48
CA LYS C 253 29.18 -13.11 -16.25
C LYS C 253 30.57 -12.56 -15.95
N TYR C 254 30.72 -11.96 -14.78
CA TYR C 254 32.01 -11.49 -14.29
C TYR C 254 32.50 -12.48 -13.24
N ASN C 255 33.68 -13.04 -13.47
CA ASN C 255 34.24 -14.03 -12.55
C ASN C 255 34.88 -13.32 -11.37
N GLU C 256 35.63 -14.07 -10.55
CA GLU C 256 36.20 -13.50 -9.33
C GLU C 256 37.21 -12.40 -9.65
N ASN C 257 37.87 -12.47 -10.80
CA ASN C 257 38.88 -11.48 -11.17
C ASN C 257 38.31 -10.36 -12.03
N GLY C 258 37.01 -10.33 -12.25
CA GLY C 258 36.41 -9.27 -13.03
C GLY C 258 36.47 -9.44 -14.53
N THR C 259 36.76 -10.63 -15.02
CA THR C 259 36.86 -10.91 -16.44
C THR C 259 35.55 -11.50 -16.94
N ILE C 260 35.02 -10.94 -18.03
CA ILE C 260 33.80 -11.46 -18.64
C ILE C 260 34.12 -12.82 -19.24
N THR C 261 33.65 -13.90 -18.61
CA THR C 261 33.94 -15.25 -19.06
C THR C 261 32.84 -15.86 -19.90
N ASP C 262 31.59 -15.38 -19.78
CA ASP C 262 30.50 -15.96 -20.54
C ASP C 262 29.39 -14.92 -20.66
N ALA C 263 28.50 -15.16 -21.63
CA ALA C 263 27.41 -14.23 -21.89
C ALA C 263 26.22 -15.00 -22.44
N VAL C 264 25.04 -14.40 -22.27
CA VAL C 264 23.79 -14.95 -22.77
C VAL C 264 23.10 -13.87 -23.61
N ASP C 265 22.73 -14.22 -24.82
CA ASP C 265 22.01 -13.32 -25.73
C ASP C 265 20.52 -13.55 -25.51
N CYS C 266 19.86 -12.58 -24.87
CA CYS C 266 18.49 -12.78 -24.41
C CYS C 266 17.48 -12.95 -25.53
N ALA C 267 17.84 -12.64 -26.79
CA ALA C 267 16.92 -12.78 -27.90
C ALA C 267 17.27 -13.95 -28.81
N LEU C 268 18.22 -14.79 -28.42
CA LEU C 268 18.67 -15.86 -29.29
C LEU C 268 17.59 -16.94 -29.44
N ASP C 269 17.03 -17.38 -28.32
CA ASP C 269 16.08 -18.49 -28.34
C ASP C 269 15.31 -18.47 -27.02
N PRO C 270 14.22 -19.23 -26.90
CA PRO C 270 13.46 -19.22 -25.65
C PRO C 270 14.28 -19.58 -24.41
N LEU C 271 15.24 -20.49 -24.55
CA LEU C 271 16.05 -20.87 -23.39
C LEU C 271 16.89 -19.70 -22.90
N SER C 272 17.48 -18.93 -23.81
CA SER C 272 18.27 -17.77 -23.40
C SER C 272 17.39 -16.70 -22.77
N GLU C 273 16.17 -16.52 -23.30
CA GLU C 273 15.24 -15.58 -22.70
C GLU C 273 14.87 -16.01 -21.28
N THR C 274 14.68 -17.31 -21.08
CA THR C 274 14.42 -17.82 -19.73
C THR C 274 15.61 -17.56 -18.81
N LYS C 275 16.83 -17.79 -19.31
CA LYS C 275 18.02 -17.55 -18.51
C LYS C 275 18.12 -16.08 -18.11
N CYS C 276 17.84 -15.18 -19.04
CA CYS C 276 17.88 -13.76 -18.73
C CYS C 276 16.79 -13.37 -17.75
N THR C 277 15.59 -13.93 -17.90
CA THR C 277 14.50 -13.63 -16.98
C THR C 277 14.84 -14.10 -15.57
N LEU C 278 15.43 -15.28 -15.43
CA LEU C 278 15.83 -15.79 -14.13
C LEU C 278 17.14 -15.19 -13.64
N LYS C 279 17.83 -14.41 -14.47
CA LYS C 279 19.13 -13.82 -14.11
C LYS C 279 20.12 -14.90 -13.70
N SER C 280 20.16 -15.99 -14.44
CA SER C 280 21.04 -17.10 -14.11
C SER C 280 21.44 -17.82 -15.39
N PHE C 281 22.56 -18.55 -15.31
CA PHE C 281 23.02 -19.36 -16.42
C PHE C 281 22.47 -20.78 -16.39
N THR C 282 21.94 -21.22 -15.25
CA THR C 282 21.34 -22.54 -15.11
C THR C 282 19.88 -22.38 -14.75
N VAL C 283 19.03 -23.18 -15.39
CA VAL C 283 17.58 -23.12 -15.22
C VAL C 283 17.11 -24.45 -14.65
N GLU C 284 16.35 -24.39 -13.57
CA GLU C 284 15.77 -25.59 -13.00
C GLU C 284 14.57 -26.05 -13.82
N LYS C 285 14.20 -27.31 -13.64
CA LYS C 285 13.06 -27.87 -14.35
C LYS C 285 11.78 -27.17 -13.95
N GLY C 286 10.95 -26.85 -14.92
CA GLY C 286 9.66 -26.23 -14.66
C GLY C 286 9.22 -25.39 -15.84
N ILE C 287 8.20 -24.58 -15.59
CA ILE C 287 7.63 -23.68 -16.59
C ILE C 287 7.78 -22.26 -16.05
N TYR C 288 8.36 -21.38 -16.87
CA TYR C 288 8.69 -20.03 -16.46
C TYR C 288 8.01 -19.03 -17.39
N GLN C 289 7.39 -18.01 -16.82
CA GLN C 289 6.65 -17.02 -17.60
C GLN C 289 7.62 -15.93 -18.04
N THR C 290 8.00 -15.96 -19.31
CA THR C 290 8.90 -14.95 -19.88
C THR C 290 8.06 -13.83 -20.50
N SER C 291 8.68 -13.01 -21.34
CA SER C 291 8.03 -11.85 -21.90
C SER C 291 6.73 -12.22 -22.63
N ASN C 292 5.81 -11.25 -22.66
CA ASN C 292 4.52 -11.45 -23.29
C ASN C 292 4.63 -11.35 -24.81
N PHE C 293 3.51 -11.46 -25.50
CA PHE C 293 3.44 -11.32 -26.94
C PHE C 293 2.23 -10.50 -27.32
N ARG C 294 2.17 -10.13 -28.59
CA ARG C 294 1.07 -9.31 -29.11
C ARG C 294 1.04 -9.37 -30.63
N VAL C 295 -0.14 -9.58 -31.20
CA VAL C 295 -0.26 -9.60 -32.65
C VAL C 295 -0.04 -8.19 -33.20
N GLN C 296 0.88 -8.06 -34.14
CA GLN C 296 1.15 -6.69 -34.58
C GLN C 296 0.20 -6.29 -35.71
N PRO C 297 -0.20 -5.03 -35.73
CA PRO C 297 -1.11 -4.57 -36.79
C PRO C 297 -0.45 -4.63 -38.16
N THR C 298 -1.27 -4.89 -39.18
CA THR C 298 -0.77 -5.01 -40.54
C THR C 298 -0.88 -3.70 -41.31
N GLU C 299 -2.04 -3.06 -41.27
CA GLU C 299 -2.29 -1.85 -42.04
C GLU C 299 -2.80 -0.74 -41.13
N SER C 300 -2.86 0.46 -41.69
CA SER C 300 -3.43 1.62 -41.02
C SER C 300 -4.47 2.24 -41.94
N ILE C 301 -5.66 2.50 -41.40
CA ILE C 301 -6.78 3.03 -42.18
C ILE C 301 -7.29 4.29 -41.52
N VAL C 302 -7.62 5.29 -42.35
CA VAL C 302 -8.20 6.55 -41.91
C VAL C 302 -9.55 6.69 -42.60
N ARG C 303 -10.59 6.96 -41.81
CA ARG C 303 -11.95 7.08 -42.33
C ARG C 303 -12.51 8.44 -41.95
N PHE C 304 -12.47 9.38 -42.90
CA PHE C 304 -13.05 10.70 -42.73
C PHE C 304 -14.21 10.88 -43.71
N PRO C 305 -15.20 11.71 -43.36
CA PRO C 305 -16.37 11.87 -44.23
C PRO C 305 -16.04 12.57 -45.54
N ASN C 306 -17.02 12.67 -46.43
CA ASN C 306 -16.88 13.33 -47.73
C ASN C 306 -16.77 14.83 -47.64
N ILE C 307 -16.68 15.42 -46.45
CA ILE C 307 -16.58 16.87 -46.32
C ILE C 307 -15.32 17.35 -47.02
N THR C 308 -15.48 18.26 -47.97
CA THR C 308 -14.35 18.81 -48.71
C THR C 308 -14.27 20.33 -48.66
N ASN C 309 -15.22 20.99 -48.00
CA ASN C 309 -15.17 22.44 -47.90
C ASN C 309 -13.94 22.88 -47.13
N LEU C 310 -13.24 23.89 -47.67
CA LEU C 310 -12.09 24.45 -46.99
C LEU C 310 -12.57 25.43 -45.92
N CYS C 311 -11.98 25.35 -44.74
CA CYS C 311 -12.40 26.21 -43.65
C CYS C 311 -12.11 27.67 -43.98
N PRO C 312 -13.00 28.59 -43.63
CA PRO C 312 -12.85 30.00 -44.03
C PRO C 312 -11.80 30.75 -43.20
N PHE C 313 -10.58 30.21 -43.20
CA PHE C 313 -9.48 30.93 -42.56
C PHE C 313 -9.03 32.13 -43.37
N ASP C 314 -9.31 32.14 -44.68
CA ASP C 314 -8.92 33.27 -45.51
C ASP C 314 -9.61 34.56 -45.07
N GLU C 315 -10.93 34.51 -44.92
CA GLU C 315 -11.66 35.70 -44.50
C GLU C 315 -11.34 36.09 -43.06
N VAL C 316 -10.99 35.11 -42.22
CA VAL C 316 -10.63 35.42 -40.84
C VAL C 316 -9.31 36.17 -40.80
N PHE C 317 -8.30 35.68 -41.52
CA PHE C 317 -6.98 36.28 -41.48
C PHE C 317 -6.81 37.42 -42.47
N ASN C 318 -7.23 37.21 -43.72
CA ASN C 318 -7.12 38.25 -44.75
C ASN C 318 -8.35 39.16 -44.71
N ALA C 319 -8.51 39.84 -43.57
CA ALA C 319 -9.56 40.82 -43.39
C ALA C 319 -8.97 42.22 -43.39
N THR C 320 -9.63 43.15 -44.07
CA THR C 320 -9.08 44.48 -44.25
C THR C 320 -8.90 45.20 -42.92
N ARG C 321 -9.88 45.10 -42.02
CA ARG C 321 -9.84 45.79 -40.74
C ARG C 321 -10.20 44.80 -39.64
N PHE C 322 -9.25 44.51 -38.76
CA PHE C 322 -9.53 43.73 -37.57
C PHE C 322 -10.19 44.62 -36.51
N ALA C 323 -11.05 44.01 -35.71
CA ALA C 323 -11.74 44.74 -34.66
C ALA C 323 -10.78 45.09 -33.53
N SER C 324 -11.24 45.98 -32.66
CA SER C 324 -10.41 46.44 -31.55
C SER C 324 -10.32 45.36 -30.46
N VAL C 325 -9.46 45.62 -29.49
CA VAL C 325 -9.22 44.64 -28.42
C VAL C 325 -10.48 44.43 -27.60
N TYR C 326 -11.13 45.52 -27.20
CA TYR C 326 -12.33 45.41 -26.37
C TYR C 326 -13.52 44.83 -27.13
N ALA C 327 -13.44 44.75 -28.45
CA ALA C 327 -14.50 44.20 -29.29
C ALA C 327 -13.95 43.15 -30.24
N TRP C 328 -13.16 42.23 -29.69
CA TRP C 328 -12.52 41.19 -30.50
C TRP C 328 -13.56 40.41 -31.27
N ASN C 329 -13.29 40.17 -32.56
CA ASN C 329 -14.26 39.55 -33.45
C ASN C 329 -14.15 38.04 -33.36
N ARG C 330 -15.25 37.37 -33.01
CA ARG C 330 -15.28 35.92 -32.87
C ARG C 330 -16.09 35.31 -34.01
N LYS C 331 -15.51 34.28 -34.64
CA LYS C 331 -16.17 33.56 -35.71
C LYS C 331 -16.16 32.07 -35.41
N ARG C 332 -17.26 31.41 -35.77
CA ARG C 332 -17.39 29.97 -35.59
C ARG C 332 -16.88 29.24 -36.82
N ILE C 333 -16.16 28.14 -36.60
CA ILE C 333 -15.63 27.30 -37.67
C ILE C 333 -16.11 25.89 -37.43
N SER C 334 -16.82 25.33 -38.40
CA SER C 334 -17.34 23.96 -38.32
C SER C 334 -17.67 23.48 -39.73
N ASN C 335 -17.76 22.16 -39.86
CA ASN C 335 -18.17 21.51 -41.11
C ASN C 335 -17.29 21.93 -42.29
N CYS C 336 -15.97 21.79 -42.10
CA CYS C 336 -15.03 22.14 -43.15
C CYS C 336 -13.72 21.42 -42.87
N VAL C 337 -12.87 21.38 -43.90
CA VAL C 337 -11.54 20.79 -43.79
C VAL C 337 -10.55 21.87 -43.38
N ALA C 338 -9.97 21.72 -42.19
CA ALA C 338 -9.08 22.73 -41.63
C ALA C 338 -7.66 22.45 -42.10
N ASP C 339 -7.28 23.10 -43.20
CA ASP C 339 -5.92 22.99 -43.73
C ASP C 339 -5.11 24.14 -43.15
N TYR C 340 -4.35 23.86 -42.10
CA TYR C 340 -3.56 24.90 -41.44
C TYR C 340 -2.33 25.31 -42.26
N SER C 341 -1.96 24.53 -43.27
CA SER C 341 -0.79 24.86 -44.06
C SER C 341 -0.93 26.22 -44.74
N VAL C 342 -2.14 26.54 -45.20
CA VAL C 342 -2.38 27.83 -45.84
C VAL C 342 -2.12 28.98 -44.88
N LEU C 343 -2.20 28.73 -43.57
CA LEU C 343 -1.87 29.78 -42.61
C LEU C 343 -0.42 30.22 -42.74
N TYR C 344 0.46 29.33 -43.18
CA TYR C 344 1.85 29.69 -43.40
C TYR C 344 2.03 30.56 -44.64
N ASN C 345 1.03 30.63 -45.52
CA ASN C 345 1.08 31.48 -46.69
C ASN C 345 0.51 32.86 -46.44
N PHE C 346 0.01 33.14 -45.25
CA PHE C 346 -0.61 34.44 -44.95
C PHE C 346 0.30 35.38 -44.18
N ALA C 347 1.23 34.85 -43.38
CA ALA C 347 2.09 35.73 -42.60
C ALA C 347 3.29 34.96 -42.08
N PRO C 348 4.49 35.55 -42.07
CA PRO C 348 5.62 34.98 -41.30
C PRO C 348 5.53 35.35 -39.83
N PHE C 349 4.56 34.73 -39.16
CA PHE C 349 4.23 35.11 -37.79
C PHE C 349 5.39 34.86 -36.84
N PHE C 350 5.57 35.78 -35.90
CA PHE C 350 6.61 35.64 -34.87
C PHE C 350 6.12 34.89 -33.65
N ALA C 351 4.84 34.52 -33.60
CA ALA C 351 4.28 33.78 -32.47
C ALA C 351 3.23 32.80 -33.00
N PHE C 352 3.41 31.53 -32.66
CA PHE C 352 2.49 30.46 -33.04
C PHE C 352 2.26 29.56 -31.83
N LYS C 353 2.03 30.16 -30.68
CA LYS C 353 2.11 29.42 -29.42
C LYS C 353 0.83 28.65 -29.19
N CYS C 354 0.94 27.33 -29.04
CA CYS C 354 -0.20 26.46 -28.86
C CYS C 354 -0.20 25.86 -27.47
N TYR C 355 -1.37 25.82 -26.84
CA TYR C 355 -1.58 25.26 -25.51
C TYR C 355 -2.44 24.02 -25.62
N GLY C 356 -1.96 22.91 -25.07
CA GLY C 356 -2.70 21.67 -25.09
C GLY C 356 -2.60 20.90 -26.39
N VAL C 357 -1.83 21.37 -27.36
CA VAL C 357 -1.72 20.73 -28.66
C VAL C 357 -0.41 21.19 -29.30
N SER C 358 0.14 20.35 -30.17
CA SER C 358 1.35 20.81 -30.83
C SER C 358 1.04 21.37 -32.21
N PRO C 359 1.73 22.44 -32.60
CA PRO C 359 1.45 23.06 -33.92
C PRO C 359 1.62 22.12 -35.08
N THR C 360 2.60 21.21 -35.03
CA THR C 360 2.83 20.30 -36.14
C THR C 360 1.79 19.17 -36.20
N LYS C 361 1.05 18.94 -35.12
CA LYS C 361 0.06 17.88 -35.07
C LYS C 361 -1.32 18.32 -35.55
N LEU C 362 -1.48 19.59 -35.93
CA LEU C 362 -2.82 20.11 -36.21
C LEU C 362 -3.45 19.44 -37.42
N ASN C 363 -2.65 19.14 -38.44
CA ASN C 363 -3.19 18.57 -39.67
C ASN C 363 -3.71 17.15 -39.49
N ASP C 364 -3.43 16.50 -38.36
CA ASP C 364 -3.83 15.12 -38.15
C ASP C 364 -4.88 14.98 -37.05
N LEU C 365 -5.56 16.07 -36.69
CA LEU C 365 -6.54 16.06 -35.62
C LEU C 365 -7.91 16.48 -36.14
N CYS C 366 -8.94 15.97 -35.49
CA CYS C 366 -10.32 16.35 -35.77
C CYS C 366 -10.88 17.12 -34.59
N PHE C 367 -11.53 18.25 -34.87
CA PHE C 367 -12.10 19.10 -33.83
C PHE C 367 -13.61 19.20 -34.02
N THR C 368 -14.33 19.33 -32.91
CA THR C 368 -15.77 19.46 -32.98
C THR C 368 -16.17 20.85 -33.46
N ASN C 369 -15.52 21.89 -32.96
CA ASN C 369 -15.74 23.24 -33.44
C ASN C 369 -14.56 24.11 -33.04
N VAL C 370 -14.41 25.22 -33.75
CA VAL C 370 -13.30 26.16 -33.53
C VAL C 370 -13.86 27.56 -33.38
N TYR C 371 -13.29 28.31 -32.44
CA TYR C 371 -13.56 29.73 -32.29
C TYR C 371 -12.33 30.50 -32.75
N ALA C 372 -12.53 31.43 -33.68
CA ALA C 372 -11.45 32.29 -34.17
C ALA C 372 -11.71 33.70 -33.68
N ASP C 373 -10.85 34.19 -32.78
CA ASP C 373 -10.98 35.52 -32.22
C ASP C 373 -9.85 36.38 -32.77
N SER C 374 -10.22 37.48 -33.44
CA SER C 374 -9.25 38.33 -34.12
C SER C 374 -9.32 39.74 -33.55
N PHE C 375 -8.13 40.35 -33.40
CA PHE C 375 -8.03 41.75 -32.99
C PHE C 375 -6.62 42.25 -33.32
N VAL C 376 -6.35 43.50 -32.94
CA VAL C 376 -5.04 44.12 -33.13
C VAL C 376 -4.58 44.67 -31.78
N ILE C 377 -3.33 44.37 -31.42
CA ILE C 377 -2.78 44.72 -30.12
C ILE C 377 -1.39 45.32 -30.34
N ARG C 378 -0.79 45.77 -29.24
CA ARG C 378 0.60 46.23 -29.29
C ARG C 378 1.53 45.04 -29.07
N GLY C 379 2.72 45.12 -29.67
CA GLY C 379 3.62 43.97 -29.68
C GLY C 379 4.01 43.52 -28.28
N ASN C 380 4.44 44.46 -27.44
CA ASN C 380 4.89 44.11 -26.10
C ASN C 380 3.76 43.51 -25.26
N GLU C 381 2.52 43.76 -25.63
CA GLU C 381 1.37 43.21 -24.93
C GLU C 381 0.97 41.83 -25.43
N VAL C 382 1.59 41.34 -26.50
CA VAL C 382 1.22 40.05 -27.08
C VAL C 382 1.39 38.94 -26.04
N SER C 383 2.46 39.03 -25.24
CA SER C 383 2.69 38.02 -24.21
C SER C 383 1.55 37.92 -23.21
N GLN C 384 0.76 38.99 -23.05
CA GLN C 384 -0.37 38.93 -22.13
C GLN C 384 -1.49 38.03 -22.62
N ILE C 385 -1.49 37.64 -23.90
CA ILE C 385 -2.54 36.77 -24.44
C ILE C 385 -2.10 35.34 -24.18
N ALA C 386 -2.39 34.87 -22.97
CA ALA C 386 -2.02 33.53 -22.54
C ALA C 386 -2.81 33.15 -21.28
N PRO C 387 -3.04 31.86 -21.04
CA PRO C 387 -3.73 31.47 -19.81
C PRO C 387 -2.90 31.84 -18.59
N GLY C 388 -3.59 32.24 -17.53
CA GLY C 388 -2.91 32.61 -16.30
C GLY C 388 -2.02 33.83 -16.42
N GLN C 389 -2.49 34.86 -17.10
CA GLN C 389 -1.75 36.12 -17.26
C GLN C 389 -2.52 37.25 -16.61
N THR C 390 -1.78 38.17 -16.00
CA THR C 390 -2.35 39.35 -15.35
C THR C 390 -1.88 40.60 -16.07
N GLY C 391 -2.83 41.43 -16.47
CA GLY C 391 -2.50 42.67 -17.16
C GLY C 391 -3.76 43.40 -17.54
N THR C 392 -3.57 44.59 -18.11
CA THR C 392 -4.71 45.38 -18.56
C THR C 392 -5.48 44.66 -19.66
N ILE C 393 -4.77 44.23 -20.70
CA ILE C 393 -5.42 43.52 -21.80
C ILE C 393 -5.94 42.17 -21.34
N ALA C 394 -5.15 41.46 -20.54
CA ALA C 394 -5.50 40.10 -20.14
C ALA C 394 -6.74 40.08 -19.25
N ASP C 395 -6.91 41.09 -18.40
CA ASP C 395 -7.97 41.08 -17.41
C ASP C 395 -9.16 41.97 -17.76
N TYR C 396 -8.97 42.99 -18.58
CA TYR C 396 -10.02 43.96 -18.87
C TYR C 396 -10.51 43.93 -20.30
N ASN C 397 -9.79 43.28 -21.22
CA ASN C 397 -10.18 43.25 -22.63
C ASN C 397 -10.41 41.85 -23.15
N TYR C 398 -9.50 40.91 -22.89
CA TYR C 398 -9.62 39.56 -23.41
C TYR C 398 -8.93 38.60 -22.45
N LYS C 399 -9.69 37.64 -21.92
CA LYS C 399 -9.20 36.69 -20.94
C LYS C 399 -9.34 35.27 -21.46
N LEU C 400 -8.29 34.46 -21.26
CA LEU C 400 -8.28 33.06 -21.67
C LEU C 400 -8.52 32.15 -20.47
N PRO C 401 -9.22 31.03 -20.68
CA PRO C 401 -9.47 30.10 -19.58
C PRO C 401 -8.18 29.43 -19.12
N ASP C 402 -8.21 28.96 -17.88
CA ASP C 402 -7.07 28.19 -17.35
C ASP C 402 -6.90 26.89 -18.11
N ASP C 403 -8.00 26.21 -18.44
CA ASP C 403 -7.97 24.98 -19.21
C ASP C 403 -8.06 25.23 -20.71
N PHE C 404 -7.65 26.40 -21.16
CA PHE C 404 -7.74 26.74 -22.58
C PHE C 404 -6.86 25.81 -23.41
N THR C 405 -7.43 25.31 -24.51
CA THR C 405 -6.69 24.54 -25.50
C THR C 405 -6.85 25.22 -26.85
N GLY C 406 -5.74 25.42 -27.54
CA GLY C 406 -5.81 26.09 -28.83
C GLY C 406 -4.44 26.63 -29.22
N CYS C 407 -4.46 27.70 -30.01
CA CYS C 407 -3.25 28.34 -30.48
C CYS C 407 -3.46 29.84 -30.57
N VAL C 408 -2.35 30.57 -30.54
CA VAL C 408 -2.36 32.02 -30.72
C VAL C 408 -1.31 32.37 -31.77
N ILE C 409 -1.70 33.22 -32.73
CA ILE C 409 -0.84 33.61 -33.84
C ILE C 409 -0.84 35.13 -33.92
N ALA C 410 0.32 35.74 -33.83
CA ALA C 410 0.46 37.19 -33.95
C ALA C 410 1.48 37.51 -35.02
N TRP C 411 1.16 38.49 -35.86
CA TRP C 411 2.05 38.88 -36.94
C TRP C 411 2.05 40.39 -37.11
N ASN C 412 3.03 40.88 -37.86
CA ASN C 412 3.25 42.31 -38.01
C ASN C 412 2.12 42.98 -38.78
N SER C 413 1.76 44.20 -38.37
CA SER C 413 0.74 44.96 -39.06
C SER C 413 1.08 46.44 -39.16
N ASN C 414 2.37 46.79 -39.10
CA ASN C 414 2.76 48.19 -39.24
C ASN C 414 2.43 48.74 -40.63
N LYS C 415 2.68 47.94 -41.66
CA LYS C 415 2.48 48.39 -43.04
C LYS C 415 1.02 48.50 -43.42
N LEU C 416 0.09 48.02 -42.58
CA LEU C 416 -1.33 48.06 -42.92
C LEU C 416 -2.20 48.76 -41.90
N ASP C 417 -1.68 49.09 -40.71
CA ASP C 417 -2.49 49.73 -39.67
C ASP C 417 -1.84 50.98 -39.10
N SER C 418 -0.88 51.56 -39.82
CA SER C 418 -0.28 52.83 -39.42
C SER C 418 -0.95 54.02 -40.06
N ASN C 419 -2.00 53.81 -40.83
CA ASN C 419 -2.71 54.89 -41.52
C ASN C 419 -3.81 55.44 -40.60
N GLY C 420 -4.68 56.28 -41.16
CA GLY C 420 -5.73 56.92 -40.39
C GLY C 420 -6.92 56.01 -40.17
N GLY C 421 -8.04 56.64 -39.84
CA GLY C 421 -9.24 55.87 -39.55
C GLY C 421 -9.09 55.06 -38.27
N GLY C 422 -9.79 53.92 -38.22
CA GLY C 422 -9.70 53.05 -37.08
C GLY C 422 -8.34 52.40 -36.90
N ASN C 423 -7.53 52.36 -37.96
CA ASN C 423 -6.20 51.77 -37.85
C ASN C 423 -5.34 52.53 -36.85
N TYR C 424 -5.36 53.86 -36.90
CA TYR C 424 -4.73 54.66 -35.87
C TYR C 424 -5.62 54.82 -34.64
N ASN C 425 -6.91 54.51 -34.76
CA ASN C 425 -7.88 54.70 -33.69
C ASN C 425 -8.25 53.37 -33.02
N TYR C 426 -7.35 52.40 -33.05
CA TYR C 426 -7.59 51.15 -32.34
C TYR C 426 -7.67 51.42 -30.84
N MET C 427 -8.76 50.97 -30.22
CA MET C 427 -9.03 51.28 -28.82
C MET C 427 -9.02 50.00 -27.99
N TYR C 428 -8.92 50.20 -26.68
CA TYR C 428 -9.01 49.09 -25.73
C TYR C 428 -9.46 49.65 -24.39
N ARG C 429 -10.13 48.80 -23.60
CA ARG C 429 -10.61 49.20 -22.30
C ARG C 429 -9.46 49.23 -21.30
N LEU C 430 -9.37 50.31 -20.53
CA LEU C 430 -8.28 50.50 -19.58
C LEU C 430 -8.70 50.25 -18.13
N PHE C 431 -9.95 50.54 -17.78
CA PHE C 431 -10.43 50.40 -16.41
C PHE C 431 -11.66 49.50 -16.38
N ARG C 432 -11.77 48.71 -15.33
CA ARG C 432 -12.96 47.89 -15.10
C ARG C 432 -13.05 47.55 -13.62
N LYS C 433 -14.30 47.43 -13.14
CA LYS C 433 -14.51 47.14 -11.73
C LYS C 433 -13.93 45.79 -11.32
N SER C 434 -14.11 44.77 -12.17
CA SER C 434 -13.60 43.44 -11.90
C SER C 434 -12.99 42.87 -13.16
N LYS C 435 -12.11 41.88 -12.99
CA LYS C 435 -11.47 41.24 -14.12
C LYS C 435 -12.49 40.50 -14.98
N LEU C 436 -12.28 40.54 -16.29
CA LEU C 436 -13.16 39.84 -17.20
C LEU C 436 -13.06 38.33 -17.03
N LYS C 437 -14.20 37.65 -17.07
CA LYS C 437 -14.21 36.21 -17.09
C LYS C 437 -13.71 35.72 -18.45
N PRO C 438 -13.21 34.48 -18.52
CA PRO C 438 -12.70 33.98 -19.79
C PRO C 438 -13.76 33.99 -20.88
N PHE C 439 -13.36 34.40 -22.08
CA PHE C 439 -14.25 34.51 -23.24
C PHE C 439 -15.45 35.42 -22.93
N GLU C 440 -15.13 36.68 -22.65
CA GLU C 440 -16.13 37.67 -22.34
C GLU C 440 -15.78 38.99 -23.02
N ARG C 441 -16.78 39.62 -23.63
CA ARG C 441 -16.62 40.90 -24.30
C ARG C 441 -17.46 41.94 -23.60
N ASP C 442 -16.86 43.10 -23.29
CA ASP C 442 -17.56 44.21 -22.66
C ASP C 442 -17.27 45.46 -23.48
N ILE C 443 -18.25 45.89 -24.28
CA ILE C 443 -18.09 47.05 -25.15
C ILE C 443 -18.83 48.27 -24.60
N SER C 444 -19.25 48.24 -23.35
CA SER C 444 -19.92 49.38 -22.75
C SER C 444 -18.96 50.54 -22.57
N THR C 445 -19.44 51.75 -22.82
CA THR C 445 -18.65 52.97 -22.70
C THR C 445 -18.90 53.69 -21.37
N GLU C 446 -19.17 52.93 -20.31
CA GLU C 446 -19.46 53.54 -19.02
C GLU C 446 -18.24 54.27 -18.47
N ILE C 447 -18.46 55.42 -17.85
CA ILE C 447 -17.38 56.17 -17.24
C ILE C 447 -16.97 55.50 -15.95
N TYR C 448 -15.68 55.20 -15.81
CA TYR C 448 -15.16 54.53 -14.63
C TYR C 448 -15.06 55.55 -13.49
N GLN C 449 -15.79 55.30 -12.41
CA GLN C 449 -15.85 56.19 -11.25
C GLN C 449 -14.81 55.74 -10.24
N ALA C 450 -13.59 56.27 -10.37
CA ALA C 450 -12.51 55.90 -9.46
C ALA C 450 -12.81 56.35 -8.04
N GLY C 451 -13.32 57.56 -7.88
CA GLY C 451 -13.62 58.09 -6.57
C GLY C 451 -15.02 57.76 -6.10
N ASN C 452 -15.35 58.26 -4.92
CA ASN C 452 -16.69 58.05 -4.37
C ASN C 452 -17.73 58.95 -5.02
N THR C 453 -17.32 60.11 -5.52
CA THR C 453 -18.27 61.07 -6.06
C THR C 453 -18.89 60.52 -7.34
N PRO C 454 -20.22 60.51 -7.45
CA PRO C 454 -20.86 60.02 -8.68
C PRO C 454 -20.52 60.89 -9.87
N CYS C 455 -20.44 60.25 -11.03
CA CYS C 455 -20.08 60.95 -12.26
C CYS C 455 -21.28 61.43 -13.06
N LYS C 456 -22.45 60.81 -12.87
CA LYS C 456 -23.67 61.16 -13.59
C LYS C 456 -23.49 61.08 -15.10
N GLY C 457 -22.66 60.13 -15.55
CA GLY C 457 -22.43 59.96 -16.97
C GLY C 457 -21.57 61.01 -17.62
N VAL C 458 -20.90 61.86 -16.84
CA VAL C 458 -20.06 62.92 -17.36
C VAL C 458 -18.64 62.69 -16.88
N ALA C 459 -17.68 62.71 -17.81
CA ALA C 459 -16.29 62.51 -17.45
C ALA C 459 -15.77 63.71 -16.67
N GLY C 460 -15.03 63.42 -15.60
CA GLY C 460 -14.48 64.47 -14.77
C GLY C 460 -13.40 63.93 -13.86
N PHE C 461 -13.20 64.64 -12.74
CA PHE C 461 -12.22 64.21 -11.77
C PHE C 461 -12.63 62.87 -11.17
N ASN C 462 -11.69 61.91 -11.16
CA ASN C 462 -11.95 60.53 -10.75
C ASN C 462 -13.07 59.89 -11.55
N CYS C 463 -13.34 60.41 -12.75
CA CYS C 463 -14.37 59.90 -13.66
C CYS C 463 -13.70 59.75 -15.02
N TYR C 464 -13.09 58.60 -15.25
CA TYR C 464 -12.25 58.38 -16.42
C TYR C 464 -12.99 57.66 -17.53
N PHE C 465 -12.43 57.73 -18.73
CA PHE C 465 -12.98 57.05 -19.89
C PHE C 465 -12.14 55.81 -20.16
N PRO C 466 -12.62 54.61 -19.85
CA PRO C 466 -11.76 53.43 -19.98
C PRO C 466 -11.30 53.14 -21.40
N LEU C 467 -12.11 53.47 -22.41
CA LEU C 467 -11.78 53.14 -23.79
C LEU C 467 -10.73 54.11 -24.29
N GLN C 468 -9.47 53.70 -24.23
CA GLN C 468 -8.34 54.51 -24.69
C GLN C 468 -7.84 53.99 -26.02
N SER C 469 -7.59 54.90 -26.95
CA SER C 469 -7.15 54.53 -28.29
C SER C 469 -5.63 54.43 -28.37
N TYR C 470 -5.16 53.58 -29.28
CA TYR C 470 -3.73 53.42 -29.51
C TYR C 470 -3.17 54.61 -30.28
N GLY C 471 -1.85 54.79 -30.17
CA GLY C 471 -1.16 55.79 -30.94
C GLY C 471 -0.18 55.19 -31.92
N PHE C 472 -0.60 54.12 -32.59
CA PHE C 472 0.27 53.37 -33.49
C PHE C 472 0.84 54.27 -34.58
N ARG C 473 2.16 54.44 -34.59
CA ARG C 473 2.86 55.21 -35.60
C ARG C 473 4.00 54.40 -36.17
N PRO C 474 4.31 54.58 -37.45
CA PRO C 474 5.47 53.87 -38.03
C PRO C 474 6.80 54.26 -37.42
N THR C 475 6.88 55.41 -36.76
CA THR C 475 8.14 55.85 -36.16
C THR C 475 8.45 55.16 -34.84
N TYR C 476 7.46 54.49 -34.23
CA TYR C 476 7.68 53.83 -32.95
C TYR C 476 8.59 52.62 -33.12
N GLY C 477 9.33 52.32 -32.06
CA GLY C 477 10.19 51.15 -32.03
C GLY C 477 9.40 49.88 -31.79
N VAL C 478 10.15 48.78 -31.69
CA VAL C 478 9.54 47.45 -31.54
C VAL C 478 8.72 47.34 -30.27
N GLY C 479 8.94 48.23 -29.30
CA GLY C 479 8.14 48.22 -28.09
C GLY C 479 6.74 48.75 -28.23
N HIS C 480 6.40 49.34 -29.39
CA HIS C 480 5.08 49.92 -29.59
C HIS C 480 4.53 49.62 -30.98
N GLN C 481 4.98 48.53 -31.61
CA GLN C 481 4.46 48.28 -32.94
C GLN C 481 3.15 47.50 -32.88
N PRO C 482 2.24 47.76 -33.82
CA PRO C 482 0.95 47.03 -33.83
C PRO C 482 1.09 45.67 -34.49
N TYR C 483 0.46 44.67 -33.86
CA TYR C 483 0.44 43.30 -34.35
C TYR C 483 -1.00 42.81 -34.42
N ARG C 484 -1.31 42.10 -35.51
CA ARG C 484 -2.59 41.42 -35.63
C ARG C 484 -2.53 40.07 -34.95
N VAL C 485 -3.52 39.78 -34.11
CA VAL C 485 -3.54 38.59 -33.27
C VAL C 485 -4.82 37.81 -33.54
N VAL C 486 -4.67 36.51 -33.79
CA VAL C 486 -5.78 35.59 -33.98
C VAL C 486 -5.60 34.42 -33.01
N VAL C 487 -6.65 34.12 -32.26
CA VAL C 487 -6.65 33.04 -31.28
C VAL C 487 -7.64 31.98 -31.75
N LEU C 488 -7.15 30.75 -31.90
CA LEU C 488 -7.98 29.62 -32.26
C LEU C 488 -8.22 28.77 -31.03
N SER C 489 -9.49 28.55 -30.70
CA SER C 489 -9.88 27.69 -29.59
C SER C 489 -10.61 26.48 -30.14
N PHE C 490 -10.07 25.29 -29.86
CA PHE C 490 -10.65 24.05 -30.36
C PHE C 490 -11.47 23.38 -29.27
N GLU C 491 -12.50 22.65 -29.68
CA GLU C 491 -13.25 21.80 -28.75
C GLU C 491 -13.16 20.36 -29.24
N LEU C 492 -12.58 19.50 -28.41
CA LEU C 492 -12.41 18.09 -28.76
C LEU C 492 -13.40 17.22 -28.00
N LEU C 493 -13.52 15.97 -28.46
CA LEU C 493 -14.36 14.95 -27.85
C LEU C 493 -15.82 15.36 -27.80
N HIS C 494 -16.61 14.66 -26.98
CA HIS C 494 -18.03 14.95 -26.83
C HIS C 494 -18.78 14.87 -28.15
N ALA C 495 -19.04 16.02 -28.78
CA ALA C 495 -19.81 16.07 -30.00
C ALA C 495 -19.06 15.39 -31.15
N PRO C 496 -19.78 14.92 -32.17
CA PRO C 496 -19.10 14.34 -33.33
C PRO C 496 -18.17 15.35 -33.99
N ALA C 497 -17.01 14.87 -34.42
CA ALA C 497 -16.02 15.74 -35.02
C ALA C 497 -16.48 16.19 -36.40
N THR C 498 -16.38 17.49 -36.66
CA THR C 498 -16.73 18.04 -37.95
C THR C 498 -15.65 18.94 -38.54
N VAL C 499 -14.62 19.30 -37.79
CA VAL C 499 -13.48 20.06 -38.28
C VAL C 499 -12.27 19.14 -38.22
N CYS C 500 -11.75 18.76 -39.38
CA CYS C 500 -10.63 17.85 -39.47
C CYS C 500 -9.57 18.41 -40.40
N GLY C 501 -8.34 17.90 -40.25
CA GLY C 501 -7.26 18.31 -41.10
C GLY C 501 -7.31 17.64 -42.45
N PRO C 502 -6.32 17.95 -43.29
CA PRO C 502 -6.26 17.37 -44.64
C PRO C 502 -5.64 15.99 -44.65
N LYS C 503 -6.41 15.00 -44.18
CA LYS C 503 -5.97 13.62 -44.12
C LYS C 503 -6.82 12.78 -45.03
N LYS C 504 -6.18 12.02 -45.92
CA LYS C 504 -6.90 11.24 -46.91
C LYS C 504 -7.62 10.07 -46.25
N SER C 505 -8.75 9.68 -46.83
CA SER C 505 -9.54 8.55 -46.37
C SER C 505 -9.18 7.32 -47.20
N THR C 506 -8.74 6.27 -46.52
CA THR C 506 -8.31 5.06 -47.19
C THR C 506 -9.46 4.05 -47.24
N ASN C 507 -9.17 2.83 -47.68
CA ASN C 507 -10.18 1.80 -47.78
C ASN C 507 -10.47 1.20 -46.41
N LEU C 508 -11.50 0.36 -46.35
CA LEU C 508 -11.92 -0.29 -45.12
C LEU C 508 -11.45 -1.74 -45.13
N VAL C 509 -10.73 -2.14 -44.10
CA VAL C 509 -10.18 -3.48 -43.97
C VAL C 509 -10.82 -4.15 -42.76
N LYS C 510 -11.33 -5.35 -42.96
CA LYS C 510 -12.03 -6.09 -41.90
C LYS C 510 -11.31 -7.40 -41.63
N ASN C 511 -11.52 -7.90 -40.41
CA ASN C 511 -10.99 -9.20 -39.97
C ASN C 511 -9.46 -9.23 -39.99
N LYS C 512 -8.82 -8.08 -39.80
CA LYS C 512 -7.38 -8.00 -39.71
C LYS C 512 -7.00 -7.01 -38.62
N CYS C 513 -5.97 -7.35 -37.84
CA CYS C 513 -5.45 -6.44 -36.84
C CYS C 513 -4.85 -5.23 -37.53
N VAL C 514 -5.51 -4.08 -37.43
CA VAL C 514 -5.09 -2.86 -38.09
C VAL C 514 -5.24 -1.69 -37.13
N ASN C 515 -4.53 -0.60 -37.45
CA ASN C 515 -4.77 0.68 -36.81
C ASN C 515 -5.91 1.39 -37.53
N PHE C 516 -6.81 1.98 -36.77
CA PHE C 516 -7.95 2.69 -37.34
C PHE C 516 -8.03 4.09 -36.77
N ASN C 517 -8.38 5.04 -37.63
CA ASN C 517 -8.57 6.44 -37.26
C ASN C 517 -9.94 6.86 -37.81
N PHE C 518 -10.96 6.77 -36.96
CA PHE C 518 -12.34 7.11 -37.33
C PHE C 518 -12.66 8.50 -36.80
N ASN C 519 -12.57 9.50 -37.67
CA ASN C 519 -12.89 10.89 -37.33
C ASN C 519 -12.13 11.35 -36.09
N GLY C 520 -10.84 11.03 -36.05
CA GLY C 520 -10.00 11.38 -34.93
C GLY C 520 -9.94 10.34 -33.83
N LEU C 521 -10.89 9.40 -33.79
CA LEU C 521 -10.86 8.31 -32.84
C LEU C 521 -9.78 7.32 -33.26
N THR C 522 -8.67 7.30 -32.54
CA THR C 522 -7.52 6.46 -32.88
C THR C 522 -7.57 5.18 -32.05
N GLY C 523 -7.26 4.06 -32.70
CA GLY C 523 -7.21 2.81 -31.98
C GLY C 523 -6.55 1.73 -32.80
N THR C 524 -6.39 0.56 -32.19
CA THR C 524 -5.82 -0.61 -32.85
C THR C 524 -6.67 -1.82 -32.52
N GLY C 525 -7.02 -2.60 -33.54
CA GLY C 525 -7.83 -3.78 -33.30
C GLY C 525 -8.32 -4.38 -34.59
N VAL C 526 -9.34 -5.22 -34.47
CA VAL C 526 -9.93 -5.95 -35.59
C VAL C 526 -11.37 -5.48 -35.75
N LEU C 527 -11.73 -5.11 -36.97
CA LEU C 527 -13.05 -4.59 -37.28
C LEU C 527 -13.89 -5.68 -37.96
N THR C 528 -15.09 -5.91 -37.45
CA THR C 528 -15.97 -6.93 -37.97
C THR C 528 -17.38 -6.37 -38.13
N GLU C 529 -18.20 -7.09 -38.88
CA GLU C 529 -19.62 -6.76 -38.95
C GLU C 529 -20.28 -7.02 -37.60
N SER C 530 -21.13 -6.09 -37.18
CA SER C 530 -21.75 -6.14 -35.87
C SER C 530 -23.26 -6.18 -35.99
N ASN C 531 -23.89 -6.85 -35.02
CA ASN C 531 -25.34 -6.94 -34.95
C ASN C 531 -25.95 -5.86 -34.05
N LYS C 532 -25.13 -4.97 -33.50
CA LYS C 532 -25.65 -3.91 -32.64
C LYS C 532 -26.53 -2.95 -33.43
N LYS C 533 -27.63 -2.54 -32.82
CA LYS C 533 -28.60 -1.66 -33.46
C LYS C 533 -28.39 -0.24 -32.95
N PHE C 534 -27.46 0.45 -33.59
CA PHE C 534 -27.21 1.85 -33.27
C PHE C 534 -28.39 2.72 -33.65
N LEU C 535 -28.74 3.63 -32.76
CA LEU C 535 -29.76 4.63 -33.09
C LEU C 535 -29.14 5.67 -34.01
N PRO C 536 -29.97 6.36 -34.82
CA PRO C 536 -29.42 7.26 -35.84
C PRO C 536 -28.51 8.34 -35.30
N PHE C 537 -28.73 8.80 -34.07
CA PHE C 537 -27.88 9.83 -33.50
C PHE C 537 -26.62 9.27 -32.85
N GLN C 538 -26.53 7.95 -32.67
CA GLN C 538 -25.41 7.34 -31.97
C GLN C 538 -24.25 7.09 -32.92
N GLN C 539 -23.04 7.35 -32.44
CA GLN C 539 -21.83 7.20 -33.23
C GLN C 539 -21.00 5.99 -32.84
N PHE C 540 -20.62 5.87 -31.56
CA PHE C 540 -19.78 4.78 -31.11
C PHE C 540 -20.36 4.19 -29.82
N GLY C 541 -20.04 2.92 -29.57
CA GLY C 541 -20.55 2.19 -28.43
C GLY C 541 -19.46 1.84 -27.44
N ARG C 542 -19.83 1.74 -26.18
CA ARG C 542 -18.91 1.38 -25.11
C ARG C 542 -19.47 0.21 -24.32
N ASP C 543 -18.57 -0.54 -23.69
CA ASP C 543 -18.94 -1.70 -22.90
C ASP C 543 -19.16 -1.29 -21.45
N ILE C 544 -19.27 -2.27 -20.56
CA ILE C 544 -19.43 -1.99 -19.14
C ILE C 544 -18.22 -1.24 -18.60
N ALA C 545 -17.03 -1.59 -19.08
CA ALA C 545 -15.80 -0.94 -18.66
C ALA C 545 -15.57 0.40 -19.36
N ASP C 546 -16.52 0.84 -20.19
CA ASP C 546 -16.41 2.10 -20.94
C ASP C 546 -15.18 2.11 -21.83
N THR C 547 -15.02 1.03 -22.60
CA THR C 547 -14.03 0.96 -23.65
C THR C 547 -14.74 0.86 -24.99
N THR C 548 -14.31 1.66 -25.96
CA THR C 548 -14.97 1.72 -27.26
C THR C 548 -14.95 0.37 -27.95
N ASP C 549 -16.12 -0.25 -28.10
CA ASP C 549 -16.20 -1.56 -28.73
C ASP C 549 -17.01 -1.58 -30.02
N ALA C 550 -17.67 -0.47 -30.38
CA ALA C 550 -18.36 -0.38 -31.65
C ALA C 550 -18.19 1.03 -32.19
N VAL C 551 -18.28 1.16 -33.51
CA VAL C 551 -18.08 2.47 -34.13
C VAL C 551 -18.88 2.53 -35.42
N ARG C 552 -19.44 3.69 -35.72
CA ARG C 552 -20.17 3.93 -36.95
C ARG C 552 -19.23 4.54 -37.99
N ASP C 553 -19.15 3.92 -39.15
CA ASP C 553 -18.28 4.42 -40.20
C ASP C 553 -18.81 5.75 -40.72
N PRO C 554 -17.97 6.79 -40.79
CA PRO C 554 -18.47 8.10 -41.24
C PRO C 554 -19.03 8.10 -42.65
N GLN C 555 -18.50 7.27 -43.54
CA GLN C 555 -18.90 7.28 -44.94
C GLN C 555 -19.98 6.25 -45.25
N THR C 556 -19.71 4.97 -44.94
CA THR C 556 -20.66 3.92 -45.27
C THR C 556 -21.81 3.83 -44.27
N LEU C 557 -21.70 4.50 -43.12
CA LEU C 557 -22.78 4.53 -42.12
C LEU C 557 -23.17 3.13 -41.66
N GLU C 558 -22.17 2.26 -41.52
CA GLU C 558 -22.38 0.93 -40.96
C GLU C 558 -21.72 0.83 -39.60
N ILE C 559 -22.15 -0.18 -38.84
CA ILE C 559 -21.69 -0.37 -37.47
C ILE C 559 -20.66 -1.48 -37.46
N LEU C 560 -19.45 -1.15 -37.03
CA LEU C 560 -18.34 -2.08 -36.98
C LEU C 560 -18.02 -2.40 -35.52
N ASP C 561 -17.94 -3.69 -35.21
CA ASP C 561 -17.49 -4.14 -33.92
C ASP C 561 -15.96 -4.18 -33.89
N ILE C 562 -15.39 -3.78 -32.75
CA ILE C 562 -13.95 -3.69 -32.57
C ILE C 562 -13.54 -4.70 -31.52
N THR C 563 -12.53 -5.52 -31.86
CA THR C 563 -11.99 -6.49 -30.92
C THR C 563 -10.48 -6.29 -30.83
N PRO C 564 -9.93 -6.15 -29.62
CA PRO C 564 -8.48 -5.96 -29.51
C PRO C 564 -7.72 -7.15 -30.07
N CYS C 565 -6.56 -6.86 -30.67
CA CYS C 565 -5.74 -7.91 -31.24
C CYS C 565 -5.23 -8.83 -30.14
N SER C 566 -5.01 -10.09 -30.49
CA SER C 566 -4.70 -11.10 -29.49
C SER C 566 -3.37 -10.82 -28.80
N PHE C 567 -3.33 -11.12 -27.51
CA PHE C 567 -2.12 -10.99 -26.72
C PHE C 567 -2.18 -12.00 -25.58
N GLY C 568 -1.09 -12.07 -24.83
CA GLY C 568 -1.03 -12.98 -23.71
C GLY C 568 0.39 -13.21 -23.26
N GLY C 569 0.53 -14.07 -22.27
CA GLY C 569 1.83 -14.42 -21.77
C GLY C 569 2.46 -15.57 -22.53
N VAL C 570 3.79 -15.59 -22.53
CA VAL C 570 4.56 -16.67 -23.11
C VAL C 570 5.29 -17.39 -22.00
N SER C 571 5.17 -18.72 -21.98
CA SER C 571 5.82 -19.53 -20.96
C SER C 571 6.77 -20.51 -21.63
N VAL C 572 7.93 -20.69 -21.03
CA VAL C 572 8.93 -21.64 -21.51
C VAL C 572 8.93 -22.83 -20.57
N ILE C 573 8.66 -24.00 -21.12
CA ILE C 573 8.63 -25.26 -20.37
C ILE C 573 9.95 -25.96 -20.64
N THR C 574 10.69 -26.27 -19.58
CA THR C 574 12.02 -26.81 -19.78
C THR C 574 12.41 -27.75 -18.66
N PRO C 575 13.00 -28.90 -18.99
CA PRO C 575 13.76 -29.63 -17.98
C PRO C 575 15.00 -28.84 -17.62
N GLY C 576 15.61 -29.21 -16.50
CA GLY C 576 16.79 -28.51 -16.05
C GLY C 576 17.88 -28.49 -17.11
N THR C 577 18.63 -27.40 -17.17
CA THR C 577 19.74 -27.31 -18.11
C THR C 577 20.76 -28.41 -17.87
N ASN C 578 20.81 -28.96 -16.65
CA ASN C 578 21.61 -30.14 -16.39
C ASN C 578 21.14 -31.34 -17.21
N THR C 579 19.87 -31.37 -17.61
CA THR C 579 19.33 -32.49 -18.38
C THR C 579 19.44 -32.25 -19.88
N SER C 580 18.82 -31.18 -20.38
CA SER C 580 18.82 -30.91 -21.81
C SER C 580 18.57 -29.42 -22.03
N ASN C 581 18.84 -28.98 -23.25
CA ASN C 581 18.56 -27.61 -23.66
C ASN C 581 17.29 -27.48 -24.47
N GLN C 582 16.57 -28.58 -24.70
CA GLN C 582 15.30 -28.51 -25.41
C GLN C 582 14.25 -27.84 -24.55
N VAL C 583 13.41 -27.02 -25.18
CA VAL C 583 12.33 -26.32 -24.50
C VAL C 583 11.06 -26.42 -25.34
N ALA C 584 9.93 -26.15 -24.69
CA ALA C 584 8.66 -25.97 -25.36
C ALA C 584 8.11 -24.58 -25.00
N VAL C 585 7.27 -24.05 -25.87
CA VAL C 585 6.73 -22.70 -25.70
C VAL C 585 5.22 -22.78 -25.63
N LEU C 586 4.64 -22.19 -24.59
CA LEU C 586 3.20 -22.14 -24.39
C LEU C 586 2.76 -20.68 -24.53
N TYR C 587 1.98 -20.41 -25.57
CA TYR C 587 1.32 -19.12 -25.73
C TYR C 587 -0.03 -19.22 -25.03
N GLN C 588 -0.19 -18.45 -23.95
CA GLN C 588 -1.29 -18.66 -23.03
C GLN C 588 -2.56 -18.01 -23.55
N GLY C 589 -3.64 -18.79 -23.58
CA GLY C 589 -4.97 -18.28 -23.89
C GLY C 589 -5.14 -17.75 -25.30
N VAL C 590 -4.50 -18.36 -26.28
CA VAL C 590 -4.65 -17.98 -27.67
C VAL C 590 -4.77 -19.23 -28.53
N ASN C 591 -5.62 -19.15 -29.55
CA ASN C 591 -5.76 -20.24 -30.50
C ASN C 591 -4.46 -20.41 -31.29
N CYS C 592 -4.17 -21.66 -31.65
CA CYS C 592 -2.92 -21.94 -32.36
C CYS C 592 -2.88 -21.28 -33.72
N THR C 593 -4.05 -21.04 -34.33
CA THR C 593 -4.06 -20.42 -35.65
C THR C 593 -3.52 -19.00 -35.63
N GLU C 594 -3.69 -18.30 -34.51
CA GLU C 594 -3.23 -16.91 -34.43
C GLU C 594 -1.72 -16.84 -34.31
N VAL C 595 -1.09 -17.83 -33.70
CA VAL C 595 0.36 -17.83 -33.52
C VAL C 595 1.05 -17.97 -34.86
N SER C 596 1.72 -16.92 -35.30
CA SER C 596 2.42 -16.91 -36.58
C SER C 596 3.62 -15.99 -36.45
N VAL C 597 4.77 -16.43 -36.97
CA VAL C 597 6.05 -15.76 -36.77
C VAL C 597 6.00 -14.31 -37.25
N ALA C 598 5.42 -14.08 -38.42
CA ALA C 598 5.51 -12.79 -39.11
C ALA C 598 5.03 -11.60 -38.27
N ILE C 599 3.83 -11.68 -37.73
CA ILE C 599 3.25 -10.54 -37.01
C ILE C 599 3.38 -10.72 -35.51
N HIS C 600 4.21 -11.66 -35.08
CA HIS C 600 4.33 -11.98 -33.66
C HIS C 600 5.39 -11.11 -33.00
N ALA C 601 5.20 -10.88 -31.69
CA ALA C 601 6.12 -10.02 -30.95
C ALA C 601 7.49 -10.66 -30.77
N ASP C 602 7.59 -11.97 -30.87
CA ASP C 602 8.89 -12.63 -30.71
C ASP C 602 9.84 -12.33 -31.86
N GLN C 603 9.33 -11.73 -32.94
CA GLN C 603 10.14 -11.32 -34.08
C GLN C 603 10.89 -12.49 -34.73
N LEU C 604 11.82 -12.18 -35.62
CA LEU C 604 12.46 -13.18 -36.46
C LEU C 604 13.81 -13.59 -35.87
N THR C 605 14.05 -14.90 -35.82
CA THR C 605 15.29 -15.52 -35.37
C THR C 605 15.19 -17.00 -35.73
N PRO C 606 16.30 -17.64 -36.12
CA PRO C 606 16.21 -19.06 -36.55
C PRO C 606 15.48 -19.98 -35.57
N THR C 607 15.68 -19.79 -34.26
CA THR C 607 15.00 -20.64 -33.30
C THR C 607 13.60 -20.13 -32.95
N TRP C 608 13.43 -18.81 -32.83
CA TRP C 608 12.10 -18.28 -32.58
C TRP C 608 11.17 -18.51 -33.76
N ARG C 609 11.70 -18.58 -34.97
CA ARG C 609 10.87 -18.94 -36.11
C ARG C 609 10.31 -20.35 -35.95
N VAL C 610 11.15 -21.28 -35.49
CA VAL C 610 10.67 -22.64 -35.22
C VAL C 610 9.63 -22.63 -34.10
N TYR C 611 9.90 -21.87 -33.04
CA TYR C 611 9.01 -21.84 -31.88
C TYR C 611 7.93 -20.76 -31.98
N SER C 612 7.62 -20.30 -33.19
CA SER C 612 6.53 -19.34 -33.38
C SER C 612 5.63 -19.73 -34.54
N THR C 613 5.65 -20.99 -34.97
CA THR C 613 4.78 -21.49 -36.03
C THR C 613 3.64 -22.27 -35.40
N GLY C 614 2.41 -21.78 -35.59
CA GLY C 614 1.26 -22.46 -35.04
C GLY C 614 0.89 -23.75 -35.73
N SER C 615 1.44 -24.00 -36.92
CA SER C 615 1.18 -25.26 -37.60
C SER C 615 1.70 -26.44 -36.78
N ASN C 616 2.88 -26.29 -36.20
CA ASN C 616 3.45 -27.33 -35.33
C ASN C 616 3.03 -27.10 -33.88
N GLY C 617 1.72 -26.92 -33.67
CA GLY C 617 1.23 -26.56 -32.36
C GLY C 617 0.02 -27.35 -31.90
N PHE C 618 0.09 -27.89 -30.69
CA PHE C 618 -1.01 -28.59 -30.06
C PHE C 618 -1.86 -27.61 -29.27
N GLN C 619 -3.17 -27.73 -29.37
CA GLN C 619 -4.09 -26.77 -28.78
C GLN C 619 -4.63 -27.35 -27.47
N THR C 620 -4.14 -26.84 -26.35
CA THR C 620 -4.66 -27.17 -25.04
C THR C 620 -5.56 -26.04 -24.55
N ARG C 621 -6.39 -26.34 -23.56
CA ARG C 621 -7.24 -25.30 -22.98
C ARG C 621 -6.41 -24.19 -22.34
N ALA C 622 -5.15 -24.46 -22.02
CA ALA C 622 -4.27 -23.43 -21.48
C ALA C 622 -3.67 -22.55 -22.58
N GLY C 623 -3.73 -22.98 -23.84
CA GLY C 623 -3.21 -22.19 -24.93
C GLY C 623 -2.57 -23.06 -25.98
N CYS C 624 -1.68 -22.46 -26.76
CA CYS C 624 -1.02 -23.16 -27.86
C CYS C 624 0.37 -23.61 -27.41
N LEU C 625 0.65 -24.90 -27.55
CA LEU C 625 1.91 -25.49 -27.10
C LEU C 625 2.71 -25.91 -28.32
N ILE C 626 3.94 -25.41 -28.43
CA ILE C 626 4.81 -25.67 -29.57
C ILE C 626 6.09 -26.31 -29.06
N GLY C 627 6.49 -27.40 -29.69
CA GLY C 627 7.70 -28.10 -29.32
C GLY C 627 7.50 -29.28 -28.39
N ALA C 628 6.25 -29.65 -28.10
CA ALA C 628 5.95 -30.80 -27.26
C ALA C 628 4.98 -31.71 -28.00
N GLU C 629 5.21 -33.02 -27.90
CA GLU C 629 4.38 -34.03 -28.55
C GLU C 629 3.37 -34.56 -27.56
N TYR C 630 2.11 -34.62 -27.97
CA TYR C 630 1.04 -35.10 -27.10
C TYR C 630 0.92 -36.62 -27.20
N VAL C 631 0.97 -37.28 -26.06
CA VAL C 631 0.84 -38.73 -25.98
C VAL C 631 -0.48 -39.07 -25.28
N ASN C 632 -0.95 -40.28 -25.53
CA ASN C 632 -2.20 -40.75 -24.92
C ASN C 632 -1.98 -41.48 -23.61
N ASN C 633 -0.73 -41.68 -23.20
CA ASN C 633 -0.48 -42.26 -21.89
C ASN C 633 -0.74 -41.22 -20.80
N SER C 634 -0.87 -41.71 -19.58
CA SER C 634 -1.08 -40.86 -18.42
C SER C 634 -0.01 -41.16 -17.37
N TYR C 635 0.71 -40.14 -16.96
CA TYR C 635 1.75 -40.27 -15.94
C TYR C 635 1.45 -39.30 -14.80
N GLU C 636 2.26 -39.39 -13.75
CA GLU C 636 2.20 -38.41 -12.69
C GLU C 636 2.69 -37.07 -13.22
N CYS C 637 2.05 -35.98 -12.79
CA CYS C 637 2.38 -34.67 -13.30
C CYS C 637 3.82 -34.31 -12.97
N ASP C 638 4.57 -33.85 -13.97
CA ASP C 638 5.95 -33.43 -13.79
C ASP C 638 6.09 -31.92 -13.90
N ILE C 639 5.67 -31.34 -15.03
CA ILE C 639 5.64 -29.90 -15.20
C ILE C 639 4.20 -29.49 -15.47
N PRO C 640 3.55 -28.76 -14.57
CA PRO C 640 2.13 -28.44 -14.76
C PRO C 640 1.95 -27.38 -15.83
N ILE C 641 1.21 -27.73 -16.88
CA ILE C 641 0.83 -26.76 -17.91
C ILE C 641 -0.52 -26.13 -17.58
N GLY C 642 -1.49 -26.95 -17.21
CA GLY C 642 -2.79 -26.43 -16.83
C GLY C 642 -3.95 -27.15 -17.47
N ALA C 643 -5.14 -26.99 -16.89
CA ALA C 643 -6.36 -27.62 -17.40
C ALA C 643 -6.18 -29.13 -17.52
N GLY C 644 -5.47 -29.72 -16.58
CA GLY C 644 -5.24 -31.15 -16.58
C GLY C 644 -4.11 -31.61 -17.46
N ILE C 645 -3.42 -30.71 -18.14
CA ILE C 645 -2.33 -31.06 -19.03
C ILE C 645 -1.01 -30.81 -18.32
N CYS C 646 -0.13 -31.81 -18.35
CA CYS C 646 1.20 -31.72 -17.78
C CYS C 646 2.23 -32.07 -18.85
N ALA C 647 3.49 -31.70 -18.60
CA ALA C 647 4.56 -31.94 -19.54
C ALA C 647 5.76 -32.54 -18.83
N SER C 648 6.57 -33.27 -19.59
CA SER C 648 7.75 -33.91 -19.02
C SER C 648 8.76 -34.16 -20.13
N TYR C 649 9.93 -34.63 -19.71
CA TYR C 649 11.03 -34.96 -20.62
C TYR C 649 11.27 -36.46 -20.55
N GLN C 650 11.19 -37.13 -21.69
CA GLN C 650 11.36 -38.57 -21.76
C GLN C 650 12.36 -38.90 -22.86
N THR C 651 13.18 -39.93 -22.62
CA THR C 651 14.17 -40.37 -23.58
C THR C 651 13.51 -40.98 -24.81
N SER C 664 14.50 -40.50 -30.44
CA SER C 664 13.96 -39.17 -30.16
C SER C 664 13.76 -38.95 -28.67
N GLN C 665 14.16 -37.78 -28.19
CA GLN C 665 13.99 -37.41 -26.78
C GLN C 665 13.37 -36.01 -26.71
N PRO C 666 12.12 -35.87 -27.14
CA PRO C 666 11.47 -34.55 -27.10
C PRO C 666 10.70 -34.33 -25.81
N ILE C 667 10.18 -33.13 -25.63
CA ILE C 667 9.25 -32.86 -24.53
C ILE C 667 7.90 -33.46 -24.89
N ILE C 668 7.29 -34.15 -23.94
CA ILE C 668 5.98 -34.74 -24.16
C ILE C 668 4.96 -34.03 -23.28
N ALA C 669 3.73 -33.96 -23.79
CA ALA C 669 2.60 -33.41 -23.05
C ALA C 669 1.53 -34.48 -22.96
N TYR C 670 0.90 -34.57 -21.79
CA TYR C 670 -0.07 -35.63 -21.53
C TYR C 670 -1.10 -35.12 -20.54
N THR C 671 -2.10 -35.97 -20.29
CA THR C 671 -3.10 -35.71 -19.26
C THR C 671 -2.64 -36.40 -17.97
N MET C 672 -2.53 -35.63 -16.89
CA MET C 672 -1.98 -36.17 -15.65
C MET C 672 -2.86 -37.28 -15.11
N SER C 673 -2.23 -38.29 -14.51
CA SER C 673 -2.94 -39.41 -13.93
C SER C 673 -3.15 -39.16 -12.45
N LEU C 674 -4.39 -39.29 -12.00
CA LEU C 674 -4.70 -39.05 -10.58
C LEU C 674 -4.20 -40.17 -9.69
N GLY C 675 -4.02 -41.36 -10.23
CA GLY C 675 -3.53 -42.48 -9.45
C GLY C 675 -3.94 -43.80 -10.07
N ALA C 676 -3.46 -44.87 -9.46
CA ALA C 676 -3.78 -46.20 -9.96
C ALA C 676 -5.22 -46.55 -9.61
N GLU C 677 -5.97 -47.02 -10.61
CA GLU C 677 -7.34 -47.42 -10.38
C GLU C 677 -7.40 -48.67 -9.51
N ASN C 678 -8.35 -48.68 -8.57
CA ASN C 678 -8.49 -49.77 -7.63
C ASN C 678 -9.96 -50.07 -7.42
N SER C 679 -10.29 -51.35 -7.31
CA SER C 679 -11.66 -51.78 -7.03
C SER C 679 -11.63 -52.68 -5.81
N VAL C 680 -12.31 -52.25 -4.74
CA VAL C 680 -12.30 -52.99 -3.49
C VAL C 680 -13.26 -54.17 -3.60
N ALA C 681 -12.81 -55.34 -3.17
CA ALA C 681 -13.60 -56.57 -3.25
C ALA C 681 -14.66 -56.54 -2.14
N TYR C 682 -15.62 -55.64 -2.31
CA TYR C 682 -16.65 -55.42 -1.30
C TYR C 682 -17.79 -56.42 -1.49
N SER C 683 -18.18 -57.06 -0.39
CA SER C 683 -19.43 -57.82 -0.32
C SER C 683 -19.99 -57.64 1.07
N ASN C 684 -21.20 -58.15 1.29
CA ASN C 684 -21.88 -57.92 2.56
C ASN C 684 -21.49 -58.92 3.64
N ASN C 685 -20.61 -59.87 3.35
CA ASN C 685 -20.16 -60.80 4.38
C ASN C 685 -18.67 -61.11 4.29
N SER C 686 -17.87 -60.21 3.71
CA SER C 686 -16.43 -60.41 3.61
C SER C 686 -15.71 -59.25 4.27
N ILE C 687 -14.66 -59.58 5.04
CA ILE C 687 -13.87 -58.57 5.74
C ILE C 687 -12.39 -58.84 5.44
N ALA C 688 -11.59 -57.79 5.56
CA ALA C 688 -10.16 -57.88 5.37
C ALA C 688 -9.45 -57.46 6.64
N ILE C 689 -8.56 -58.30 7.14
CA ILE C 689 -7.87 -58.03 8.40
C ILE C 689 -6.37 -58.18 8.19
N PRO C 690 -5.56 -57.23 8.66
CA PRO C 690 -4.12 -57.36 8.50
C PRO C 690 -3.53 -58.43 9.41
N THR C 691 -2.54 -59.14 8.89
CA THR C 691 -1.85 -60.17 9.64
C THR C 691 -0.43 -59.76 10.03
N ASN C 692 -0.01 -58.57 9.65
CA ASN C 692 1.32 -58.07 9.96
C ASN C 692 1.22 -56.55 10.07
N PHE C 693 2.37 -55.89 10.18
CA PHE C 693 2.37 -54.44 10.29
C PHE C 693 3.72 -53.89 9.84
N THR C 694 3.80 -52.56 9.82
CA THR C 694 5.00 -51.84 9.43
C THR C 694 5.11 -50.59 10.28
N ILE C 695 6.31 -50.32 10.76
CA ILE C 695 6.60 -49.09 11.49
C ILE C 695 7.17 -48.09 10.50
N SER C 696 6.46 -46.99 10.28
CA SER C 696 6.84 -46.01 9.26
C SER C 696 7.16 -44.69 9.93
N VAL C 697 8.30 -44.11 9.59
CA VAL C 697 8.72 -42.83 10.13
C VAL C 697 8.79 -41.83 8.98
N THR C 698 7.99 -40.78 9.05
CA THR C 698 7.95 -39.73 8.05
C THR C 698 8.42 -38.42 8.64
N THR C 699 8.74 -37.47 7.76
CA THR C 699 9.25 -36.17 8.17
C THR C 699 8.29 -35.07 7.76
N GLU C 700 8.06 -34.13 8.67
CA GLU C 700 7.25 -32.96 8.39
C GLU C 700 8.01 -31.72 8.80
N ILE C 701 8.19 -30.79 7.87
CA ILE C 701 9.02 -29.61 8.06
C ILE C 701 8.12 -28.38 8.12
N LEU C 702 8.30 -27.55 9.15
CA LEU C 702 7.45 -26.39 9.36
C LEU C 702 8.31 -25.16 9.64
N PRO C 703 8.16 -24.07 8.88
CA PRO C 703 8.80 -22.81 9.28
C PRO C 703 8.23 -22.31 10.59
N VAL C 704 9.09 -21.67 11.38
CA VAL C 704 8.72 -21.15 12.69
C VAL C 704 8.93 -19.64 12.77
N SER C 705 10.10 -19.17 12.36
CA SER C 705 10.43 -17.76 12.43
C SER C 705 11.16 -17.35 11.17
N MET C 706 11.16 -16.05 10.90
CA MET C 706 11.91 -15.48 9.80
C MET C 706 12.88 -14.43 10.32
N THR C 707 13.67 -13.86 9.41
CA THR C 707 14.72 -12.95 9.80
C THR C 707 14.14 -11.67 10.39
N LYS C 708 14.66 -11.27 11.55
CA LYS C 708 14.26 -10.02 12.17
C LYS C 708 15.06 -8.88 11.56
N THR C 709 14.39 -7.98 10.86
CA THR C 709 15.04 -6.86 10.20
C THR C 709 14.57 -5.55 10.79
N SER C 710 15.48 -4.57 10.80
CA SER C 710 15.18 -3.21 11.21
C SER C 710 15.65 -2.26 10.13
N VAL C 711 14.91 -1.19 9.91
CA VAL C 711 15.22 -0.23 8.86
C VAL C 711 15.24 1.16 9.48
N ASP C 712 16.30 1.91 9.18
CA ASP C 712 16.39 3.31 9.58
C ASP C 712 15.73 4.14 8.49
N CYS C 713 14.60 4.75 8.82
CA CYS C 713 13.82 5.49 7.82
C CYS C 713 14.64 6.62 7.22
N THR C 714 15.21 7.47 8.09
CA THR C 714 15.95 8.63 7.61
C THR C 714 17.20 8.21 6.85
N MET C 715 17.94 7.23 7.38
CA MET C 715 19.15 6.78 6.70
C MET C 715 18.85 6.20 5.33
N TYR C 716 17.78 5.40 5.23
CA TYR C 716 17.46 4.80 3.95
C TYR C 716 16.99 5.84 2.94
N ILE C 717 16.05 6.70 3.35
CA ILE C 717 15.46 7.64 2.41
C ILE C 717 16.46 8.72 2.02
N CYS C 718 17.18 9.26 3.00
CA CYS C 718 17.97 10.47 2.81
C CYS C 718 19.46 10.28 3.00
N GLY C 719 19.91 9.16 3.55
CA GLY C 719 21.33 9.03 3.84
C GLY C 719 21.72 9.96 4.97
N ASP C 720 22.72 10.80 4.71
CA ASP C 720 23.25 11.70 5.73
C ASP C 720 23.15 13.16 5.31
N SER C 721 22.10 13.51 4.58
CA SER C 721 21.90 14.87 4.09
C SER C 721 20.79 15.54 4.91
N THR C 722 21.10 16.72 5.44
CA THR C 722 20.15 17.40 6.32
C THR C 722 19.00 18.03 5.55
N GLU C 723 19.25 18.49 4.33
CA GLU C 723 18.19 19.08 3.53
C GLU C 723 17.10 18.06 3.22
N CYS C 724 17.51 16.85 2.82
CA CYS C 724 16.55 15.79 2.58
C CYS C 724 15.82 15.42 3.86
N SER C 725 16.54 15.40 4.99
CA SER C 725 15.89 15.08 6.25
C SER C 725 14.81 16.08 6.59
N ASN C 726 15.10 17.38 6.40
CA ASN C 726 14.10 18.40 6.68
C ASN C 726 12.92 18.30 5.73
N LEU C 727 13.18 18.00 4.45
CA LEU C 727 12.08 17.81 3.51
C LEU C 727 11.21 16.61 3.89
N LEU C 728 11.85 15.52 4.32
CA LEU C 728 11.11 14.34 4.74
C LEU C 728 10.32 14.59 6.01
N LEU C 729 10.79 15.50 6.86
CA LEU C 729 10.08 15.84 8.08
C LEU C 729 8.68 16.37 7.79
N GLN C 730 8.45 16.86 6.57
CA GLN C 730 7.16 17.40 6.16
C GLN C 730 6.18 16.32 5.72
N TYR C 731 6.57 15.05 5.73
CA TYR C 731 5.71 13.96 5.28
C TYR C 731 4.95 13.30 6.43
N GLY C 732 5.05 13.82 7.64
CA GLY C 732 4.29 13.27 8.75
C GLY C 732 5.03 12.23 9.55
N SER C 733 4.32 11.21 10.02
CA SER C 733 4.87 10.19 10.91
C SER C 733 4.83 8.82 10.25
N PHE C 734 5.19 8.76 8.97
CA PHE C 734 5.31 7.46 8.30
C PHE C 734 6.47 6.65 8.87
N CYS C 735 7.58 7.32 9.19
CA CYS C 735 8.75 6.62 9.70
C CYS C 735 8.46 5.90 11.00
N THR C 736 7.73 6.55 11.91
CA THR C 736 7.40 5.90 13.18
C THR C 736 6.50 4.69 12.94
N GLN C 737 5.56 4.79 12.00
CA GLN C 737 4.71 3.65 11.70
C GLN C 737 5.51 2.47 11.17
N LEU C 738 6.44 2.73 10.25
CA LEU C 738 7.26 1.65 9.72
C LEU C 738 8.12 1.04 10.80
N LYS C 739 8.70 1.88 11.67
CA LYS C 739 9.52 1.39 12.76
C LYS C 739 8.71 0.51 13.70
N ARG C 740 7.49 0.94 14.04
CA ARG C 740 6.65 0.15 14.94
C ARG C 740 6.27 -1.18 14.31
N ALA C 741 5.93 -1.18 13.02
CA ALA C 741 5.56 -2.42 12.35
C ALA C 741 6.73 -3.40 12.34
N LEU C 742 7.92 -2.92 12.01
CA LEU C 742 9.08 -3.79 11.98
C LEU C 742 9.42 -4.31 13.38
N THR C 743 9.30 -3.46 14.40
CA THR C 743 9.56 -3.92 15.76
C THR C 743 8.56 -4.98 16.18
N GLY C 744 7.29 -4.81 15.83
CA GLY C 744 6.30 -5.82 16.15
C GLY C 744 6.61 -7.15 15.48
N ILE C 745 7.01 -7.11 14.21
CA ILE C 745 7.39 -8.34 13.52
C ILE C 745 8.58 -9.00 14.21
N ALA C 746 9.58 -8.19 14.57
CA ALA C 746 10.79 -8.74 15.19
C ALA C 746 10.48 -9.41 16.52
N VAL C 747 9.63 -8.79 17.34
CA VAL C 747 9.25 -9.40 18.61
C VAL C 747 8.42 -10.65 18.37
N GLU C 748 7.55 -10.62 17.35
CA GLU C 748 6.71 -11.78 17.07
C GLU C 748 7.54 -12.99 16.66
N GLN C 749 8.67 -12.78 16.00
CA GLN C 749 9.52 -13.92 15.63
C GLN C 749 10.04 -14.65 16.87
N ASP C 750 10.54 -13.90 17.84
CA ASP C 750 10.99 -14.52 19.08
C ASP C 750 9.84 -15.18 19.82
N LYS C 751 8.66 -14.56 19.78
CA LYS C 751 7.50 -15.18 20.40
C LYS C 751 7.16 -16.52 19.73
N ASN C 752 7.25 -16.56 18.40
CA ASN C 752 6.98 -17.81 17.68
C ASN C 752 7.94 -18.91 18.10
N THR C 753 9.24 -18.59 18.13
CA THR C 753 10.22 -19.59 18.53
C THR C 753 9.98 -20.06 19.95
N GLN C 754 9.69 -19.12 20.86
CA GLN C 754 9.43 -19.47 22.25
C GLN C 754 8.22 -20.39 22.37
N GLU C 755 7.15 -20.09 21.64
CA GLU C 755 5.94 -20.91 21.73
C GLU C 755 6.17 -22.30 21.16
N VAL C 756 6.92 -22.40 20.07
CA VAL C 756 7.13 -23.72 19.47
C VAL C 756 8.03 -24.58 20.33
N PHE C 757 9.15 -24.02 20.83
CA PHE C 757 10.17 -24.86 21.43
C PHE C 757 10.14 -24.88 22.96
N ALA C 758 9.83 -23.77 23.61
CA ALA C 758 9.88 -23.70 25.07
C ALA C 758 8.59 -24.24 25.69
N GLN C 759 8.27 -25.49 25.34
CA GLN C 759 7.11 -26.17 25.88
C GLN C 759 7.46 -27.17 26.97
N VAL C 760 8.71 -27.18 27.44
CA VAL C 760 9.17 -28.13 28.44
C VAL C 760 9.56 -27.34 29.68
N LYS C 761 9.13 -27.84 30.85
CA LYS C 761 9.38 -27.11 32.09
C LYS C 761 10.83 -27.21 32.52
N GLN C 762 11.41 -28.40 32.42
CA GLN C 762 12.76 -28.66 32.90
C GLN C 762 13.59 -29.29 31.80
N ILE C 763 14.90 -29.04 31.83
CA ILE C 763 15.79 -29.59 30.83
C ILE C 763 16.12 -31.02 31.20
N TYR C 764 15.35 -31.97 30.69
CA TYR C 764 15.61 -33.38 30.96
C TYR C 764 16.85 -33.84 30.22
N LYS C 765 17.49 -34.87 30.78
CA LYS C 765 18.70 -35.43 30.19
C LYS C 765 18.54 -36.94 30.06
N ILE C 766 19.01 -37.47 28.93
CA ILE C 766 18.97 -38.91 28.70
C ILE C 766 19.91 -39.61 29.67
N PRO C 767 19.57 -40.81 30.15
CA PRO C 767 20.52 -41.52 31.01
C PRO C 767 21.73 -41.96 30.23
N PRO C 768 22.88 -42.12 30.87
CA PRO C 768 24.07 -42.59 30.15
C PRO C 768 23.90 -43.95 29.49
N ILE C 769 23.11 -44.83 30.08
CA ILE C 769 22.87 -46.15 29.51
C ILE C 769 21.77 -46.04 28.46
N LYS C 770 22.02 -46.59 27.28
CA LYS C 770 21.13 -46.45 26.13
C LYS C 770 20.40 -47.77 25.83
N HIS C 771 19.91 -48.44 26.86
CA HIS C 771 19.15 -49.68 26.67
C HIS C 771 17.66 -49.35 26.71
N PHE C 772 17.09 -49.10 25.52
CA PHE C 772 15.66 -48.83 25.38
C PHE C 772 15.05 -49.96 24.57
N GLY C 773 14.81 -51.10 25.22
CA GLY C 773 14.12 -52.22 24.61
C GLY C 773 14.62 -52.65 23.24
N GLY C 774 15.83 -52.25 22.87
CA GLY C 774 16.36 -52.51 21.55
C GLY C 774 16.18 -51.40 20.56
N PHE C 775 15.41 -50.36 20.89
CA PHE C 775 15.29 -49.21 20.02
C PHE C 775 16.54 -48.36 20.08
N ASN C 776 16.94 -47.81 18.93
CA ASN C 776 18.21 -47.12 18.77
C ASN C 776 17.95 -45.70 18.31
N PHE C 777 18.13 -44.74 19.23
CA PHE C 777 17.91 -43.33 18.95
C PHE C 777 19.21 -42.57 18.74
N SER C 778 20.29 -43.25 18.36
CA SER C 778 21.59 -42.59 18.27
C SER C 778 21.60 -41.50 17.22
N GLN C 779 20.79 -41.63 16.18
CA GLN C 779 20.82 -40.65 15.09
C GLN C 779 20.03 -39.40 15.40
N ILE C 780 19.21 -39.39 16.45
CA ILE C 780 18.45 -38.20 16.83
C ILE C 780 18.86 -37.65 18.19
N LEU C 781 19.65 -38.38 18.97
CA LEU C 781 20.15 -37.87 20.24
C LEU C 781 21.31 -36.92 20.01
N PRO C 782 21.55 -36.01 20.94
CA PRO C 782 22.64 -35.05 20.78
C PRO C 782 23.99 -35.74 20.65
N ASP C 783 24.86 -35.14 19.83
CA ASP C 783 26.21 -35.64 19.64
C ASP C 783 27.18 -34.74 20.41
N PRO C 784 27.73 -35.18 21.53
CA PRO C 784 28.58 -34.28 22.33
C PRO C 784 29.91 -33.97 21.69
N SER C 785 30.34 -34.72 20.67
CA SER C 785 31.63 -34.47 20.05
C SER C 785 31.68 -33.09 19.40
N LYS C 786 30.64 -32.74 18.66
CA LYS C 786 30.61 -31.45 18.00
C LYS C 786 30.29 -30.34 18.99
N PRO C 787 30.85 -29.14 18.79
CA PRO C 787 30.58 -28.03 19.73
C PRO C 787 29.11 -27.64 19.79
N SER C 788 28.39 -27.73 18.67
CA SER C 788 27.00 -27.31 18.63
C SER C 788 26.09 -28.27 19.38
N LYS C 789 26.55 -29.48 19.66
CA LYS C 789 25.77 -30.49 20.38
C LYS C 789 24.47 -30.82 19.67
N ARG C 790 24.47 -30.75 18.34
CA ARG C 790 23.32 -31.16 17.56
C ARG C 790 23.41 -32.64 17.22
N SER C 791 22.26 -33.21 16.88
CA SER C 791 22.21 -34.61 16.50
C SER C 791 22.72 -34.79 15.08
N PHE C 792 22.79 -36.04 14.63
CA PHE C 792 23.20 -36.31 13.26
C PHE C 792 22.22 -35.73 12.26
N ILE C 793 20.93 -35.98 12.47
CA ILE C 793 19.90 -35.48 11.57
C ILE C 793 19.80 -33.96 11.66
N GLU C 794 19.97 -33.41 12.86
CA GLU C 794 19.97 -31.95 12.99
C GLU C 794 21.13 -31.33 12.23
N ASP C 795 22.30 -31.98 12.25
CA ASP C 795 23.42 -31.49 11.44
C ASP C 795 23.13 -31.59 9.95
N LEU C 796 22.49 -32.67 9.52
CA LEU C 796 22.12 -32.78 8.12
C LEU C 796 21.19 -31.65 7.72
N LEU C 797 20.20 -31.35 8.55
CA LEU C 797 19.29 -30.25 8.25
C LEU C 797 20.02 -28.92 8.24
N PHE C 798 20.94 -28.72 9.19
CA PHE C 798 21.67 -27.46 9.28
C PHE C 798 22.53 -27.23 8.04
N ASN C 799 23.17 -28.28 7.55
CA ASN C 799 23.98 -28.15 6.35
C ASN C 799 23.13 -28.09 5.09
N LYS C 800 21.94 -28.67 5.12
CA LYS C 800 21.12 -28.75 3.91
C LYS C 800 20.54 -27.40 3.51
N VAL C 801 20.34 -26.50 4.47
CA VAL C 801 19.79 -25.17 4.19
C VAL C 801 20.95 -24.19 4.07
N THR C 802 21.09 -23.61 2.89
CA THR C 802 22.18 -22.70 2.58
C THR C 802 21.67 -21.27 2.55
N LEU C 803 22.37 -20.37 3.25
CA LEU C 803 21.97 -18.98 3.30
C LEU C 803 22.24 -18.29 1.97
N ALA C 804 21.64 -17.11 1.80
CA ALA C 804 21.80 -16.34 0.58
C ALA C 804 22.83 -15.22 0.78
N LEU C 824 27.59 -10.14 0.35
CA LEU C 824 26.21 -9.90 -0.04
C LEU C 824 25.43 -9.22 1.08
N ILE C 825 25.68 -9.66 2.31
CA ILE C 825 24.97 -9.11 3.46
C ILE C 825 25.39 -7.68 3.72
N CYS C 826 26.69 -7.38 3.57
CA CYS C 826 27.19 -6.04 3.86
C CYS C 826 26.57 -5.00 2.94
N ALA C 827 26.43 -5.32 1.65
CA ALA C 827 25.86 -4.38 0.70
C ALA C 827 24.44 -4.01 1.08
N GLN C 828 23.64 -5.00 1.47
CA GLN C 828 22.29 -4.73 1.95
C GLN C 828 22.33 -3.91 3.24
N LYS C 829 23.27 -4.22 4.14
CA LYS C 829 23.33 -3.55 5.42
C LYS C 829 23.70 -2.08 5.28
N PHE C 830 24.47 -1.73 4.26
CA PHE C 830 25.11 -0.42 4.19
C PHE C 830 24.13 0.74 4.04
N ASN C 831 22.85 0.49 3.78
CA ASN C 831 21.90 1.54 3.50
C ASN C 831 20.80 1.63 4.56
N GLY C 832 21.19 1.52 5.82
CA GLY C 832 20.25 1.68 6.91
C GLY C 832 19.45 0.44 7.27
N LEU C 833 19.81 -0.72 6.75
CA LEU C 833 19.13 -1.97 7.03
C LEU C 833 20.00 -2.81 7.95
N THR C 834 19.42 -3.31 9.03
CA THR C 834 20.13 -4.14 9.99
C THR C 834 19.35 -5.41 10.24
N VAL C 835 20.06 -6.46 10.64
CA VAL C 835 19.47 -7.75 10.98
C VAL C 835 19.72 -8.01 12.45
N LEU C 836 18.65 -8.12 13.21
CA LEU C 836 18.72 -8.37 14.65
C LEU C 836 18.86 -9.86 14.91
N PRO C 837 19.83 -10.28 15.73
CA PRO C 837 19.97 -11.71 16.01
C PRO C 837 18.78 -12.22 16.79
N PRO C 838 18.41 -13.49 16.61
CA PRO C 838 17.30 -14.04 17.39
C PRO C 838 17.66 -14.15 18.86
N LEU C 839 16.62 -14.09 19.71
CA LEU C 839 16.84 -14.15 21.15
C LEU C 839 17.43 -15.50 21.57
N LEU C 840 16.93 -16.58 21.00
CA LEU C 840 17.43 -17.92 21.31
C LEU C 840 18.46 -18.31 20.27
N THR C 841 19.67 -18.65 20.73
CA THR C 841 20.69 -19.15 19.82
C THR C 841 20.34 -20.56 19.38
N ASP C 842 21.08 -21.05 18.38
CA ASP C 842 20.85 -22.42 17.90
C ASP C 842 21.19 -23.43 18.98
N GLU C 843 22.15 -23.13 19.83
CA GLU C 843 22.48 -24.03 20.93
C GLU C 843 21.30 -24.18 21.89
N MET C 844 20.61 -23.07 22.19
CA MET C 844 19.48 -23.14 23.11
C MET C 844 18.32 -23.93 22.51
N ILE C 845 18.07 -23.76 21.21
CA ILE C 845 17.01 -24.53 20.57
C ILE C 845 17.37 -26.00 20.51
N ALA C 846 18.65 -26.31 20.29
CA ALA C 846 19.09 -27.70 20.34
C ALA C 846 18.91 -28.28 21.73
N GLN C 847 19.19 -27.50 22.77
CA GLN C 847 18.97 -27.96 24.14
C GLN C 847 17.50 -28.22 24.39
N TYR C 848 16.62 -27.35 23.89
CA TYR C 848 15.19 -27.56 24.04
C TYR C 848 14.74 -28.85 23.37
N THR C 849 15.21 -29.09 22.15
CA THR C 849 14.83 -30.32 21.45
C THR C 849 15.39 -31.54 22.16
N SER C 850 16.60 -31.45 22.70
CA SER C 850 17.17 -32.57 23.44
C SER C 850 16.36 -32.86 24.70
N ALA C 851 15.92 -31.81 25.39
CA ALA C 851 15.09 -32.00 26.57
C ALA C 851 13.77 -32.66 26.20
N LEU C 852 13.16 -32.23 25.10
CA LEU C 852 11.91 -32.84 24.65
C LEU C 852 12.12 -34.32 24.31
N LEU C 853 13.21 -34.64 23.61
CA LEU C 853 13.49 -36.03 23.27
C LEU C 853 13.71 -36.88 24.51
N ALA C 854 14.49 -36.36 25.47
CA ALA C 854 14.75 -37.12 26.69
C ALA C 854 13.47 -37.35 27.47
N GLY C 855 12.64 -36.32 27.59
CA GLY C 855 11.36 -36.50 28.27
C GLY C 855 10.48 -37.52 27.59
N THR C 856 10.41 -37.46 26.26
CA THR C 856 9.56 -38.39 25.53
C THR C 856 10.03 -39.83 25.70
N ILE C 857 11.34 -40.06 25.58
CA ILE C 857 11.82 -41.44 25.60
C ILE C 857 12.06 -41.98 27.00
N THR C 858 12.02 -41.13 28.03
CA THR C 858 12.16 -41.62 29.39
C THR C 858 10.88 -41.57 30.21
N SER C 859 9.86 -40.83 29.77
CA SER C 859 8.64 -40.72 30.56
C SER C 859 7.38 -40.76 29.73
N GLY C 860 7.47 -41.09 28.45
CA GLY C 860 6.27 -41.14 27.62
C GLY C 860 5.63 -39.76 27.51
N TRP C 861 4.31 -39.73 27.64
CA TRP C 861 3.56 -38.49 27.60
C TRP C 861 3.33 -37.89 28.97
N THR C 862 3.88 -38.49 30.02
CA THR C 862 3.62 -38.01 31.37
C THR C 862 4.27 -36.67 31.63
N PHE C 863 5.44 -36.41 31.03
CA PHE C 863 6.13 -35.16 31.31
C PHE C 863 5.41 -33.95 30.73
N GLY C 864 4.51 -34.15 29.77
CA GLY C 864 3.75 -33.05 29.22
C GLY C 864 2.53 -32.66 30.03
N ALA C 865 2.14 -33.47 31.00
CA ALA C 865 1.00 -33.18 31.86
C ALA C 865 1.40 -32.87 33.29
N GLY C 866 2.69 -32.94 33.62
CA GLY C 866 3.15 -32.68 34.96
C GLY C 866 4.57 -33.16 35.18
N ALA C 867 4.82 -33.84 36.29
CA ALA C 867 6.13 -34.39 36.55
C ALA C 867 6.40 -35.57 35.62
N ALA C 868 7.66 -35.74 35.26
CA ALA C 868 8.07 -36.85 34.39
C ALA C 868 8.11 -38.13 35.20
N LEU C 869 7.30 -39.11 34.80
CA LEU C 869 7.23 -40.40 35.46
C LEU C 869 7.92 -41.42 34.58
N GLN C 870 9.03 -41.97 35.04
CA GLN C 870 9.80 -42.89 34.22
C GLN C 870 9.02 -44.17 33.98
N ILE C 871 9.26 -44.77 32.82
CA ILE C 871 8.62 -46.02 32.43
C ILE C 871 9.53 -46.70 31.41
N PRO C 872 9.71 -48.02 31.46
CA PRO C 872 10.52 -48.68 30.44
C PRO C 872 9.96 -48.43 29.05
N PHE C 873 10.86 -48.29 28.07
CA PHE C 873 10.42 -47.88 26.75
C PHE C 873 9.55 -48.94 26.08
N ALA C 874 9.81 -50.22 26.33
CA ALA C 874 8.95 -51.25 25.79
C ALA C 874 7.54 -51.14 26.31
N MET C 875 7.38 -50.86 27.62
CA MET C 875 6.05 -50.69 28.17
C MET C 875 5.40 -49.42 27.65
N GLN C 876 6.18 -48.36 27.40
CA GLN C 876 5.62 -47.18 26.77
C GLN C 876 5.09 -47.48 25.38
N MET C 877 5.85 -48.24 24.59
CA MET C 877 5.36 -48.63 23.28
C MET C 877 4.12 -49.54 23.38
N ALA C 878 4.05 -50.36 24.42
CA ALA C 878 2.84 -51.15 24.64
C ALA C 878 1.64 -50.25 24.90
N TYR C 879 1.84 -49.19 25.70
CA TYR C 879 0.76 -48.22 25.90
C TYR C 879 0.36 -47.57 24.58
N ARG C 880 1.35 -47.20 23.76
CA ARG C 880 1.05 -46.58 22.48
C ARG C 880 0.25 -47.52 21.59
N PHE C 881 0.62 -48.81 21.58
CA PHE C 881 -0.13 -49.79 20.83
C PHE C 881 -1.56 -49.92 21.33
N ASN C 882 -1.75 -49.91 22.66
CA ASN C 882 -3.09 -49.88 23.21
C ASN C 882 -3.86 -48.65 22.75
N GLY C 883 -3.15 -47.54 22.53
CA GLY C 883 -3.82 -46.31 22.11
C GLY C 883 -4.37 -46.35 20.71
N ILE C 884 -3.87 -47.25 19.87
CA ILE C 884 -4.31 -47.33 18.48
C ILE C 884 -5.19 -48.55 18.24
N GLY C 885 -5.58 -49.27 19.29
CA GLY C 885 -6.48 -50.39 19.14
C GLY C 885 -5.83 -51.74 18.99
N VAL C 886 -4.55 -51.87 19.30
CA VAL C 886 -3.83 -53.14 19.23
C VAL C 886 -3.43 -53.52 20.64
N THR C 887 -3.72 -54.76 21.03
CA THR C 887 -3.37 -55.23 22.36
C THR C 887 -1.86 -55.26 22.56
N GLN C 888 -1.43 -55.03 23.79
CA GLN C 888 0.00 -54.88 24.08
C GLN C 888 0.76 -56.18 23.93
N ASN C 889 0.09 -57.33 23.97
CA ASN C 889 0.79 -58.60 23.76
C ASN C 889 1.40 -58.67 22.38
N VAL C 890 0.81 -57.98 21.40
CA VAL C 890 1.40 -57.92 20.06
C VAL C 890 2.77 -57.26 20.13
N LEU C 891 2.87 -56.12 20.83
CA LEU C 891 4.15 -55.45 20.99
C LEU C 891 5.13 -56.32 21.75
N TYR C 892 4.68 -56.95 22.83
CA TYR C 892 5.62 -57.73 23.65
C TYR C 892 6.11 -58.97 22.92
N GLU C 893 5.32 -59.51 22.00
CA GLU C 893 5.71 -60.69 21.25
C GLU C 893 6.39 -60.38 19.93
N ASN C 894 6.38 -59.11 19.48
CA ASN C 894 7.11 -58.74 18.29
C ASN C 894 8.06 -57.58 18.56
N GLN C 895 8.53 -57.45 19.81
CA GLN C 895 9.42 -56.36 20.18
C GLN C 895 10.67 -56.29 19.29
N LYS C 896 11.31 -57.43 19.04
CA LYS C 896 12.52 -57.40 18.22
C LYS C 896 12.23 -56.93 16.80
N LEU C 897 11.16 -57.44 16.20
CA LEU C 897 10.81 -57.02 14.84
C LEU C 897 10.46 -55.54 14.80
N ILE C 898 9.74 -55.05 15.81
CA ILE C 898 9.34 -53.65 15.82
C ILE C 898 10.55 -52.75 16.01
N ALA C 899 11.48 -53.14 16.88
CA ALA C 899 12.71 -52.37 17.04
C ALA C 899 13.52 -52.35 15.75
N ASN C 900 13.61 -53.49 15.06
CA ASN C 900 14.34 -53.53 13.80
C ASN C 900 13.70 -52.62 12.76
N GLN C 901 12.38 -52.65 12.66
CA GLN C 901 11.70 -51.80 11.68
C GLN C 901 11.87 -50.33 12.01
N PHE C 902 11.79 -49.97 13.29
CA PHE C 902 12.00 -48.58 13.69
C PHE C 902 13.41 -48.12 13.36
N ASN C 903 14.41 -48.95 13.65
CA ASN C 903 15.79 -48.59 13.34
C ASN C 903 16.00 -48.44 11.85
N SER C 904 15.40 -49.34 11.05
CA SER C 904 15.53 -49.24 9.60
C SER C 904 14.91 -47.95 9.09
N ALA C 905 13.74 -47.57 9.60
CA ALA C 905 13.10 -46.34 9.15
C ALA C 905 13.92 -45.11 9.54
N ILE C 906 14.46 -45.10 10.76
CA ILE C 906 15.31 -43.99 11.18
C ILE C 906 16.54 -43.90 10.26
N GLY C 907 17.11 -45.05 9.91
CA GLY C 907 18.24 -45.04 8.98
C GLY C 907 17.86 -44.49 7.61
N LYS C 908 16.67 -44.87 7.13
CA LYS C 908 16.22 -44.37 5.83
C LYS C 908 15.93 -42.88 5.83
N ILE C 909 15.67 -42.30 7.01
CA ILE C 909 15.39 -40.86 7.08
C ILE C 909 16.56 -40.05 6.52
N GLN C 910 17.79 -40.48 6.82
CA GLN C 910 18.96 -39.75 6.34
C GLN C 910 18.98 -39.66 4.82
N GLY C 911 18.80 -40.80 4.15
CA GLY C 911 18.77 -40.79 2.70
C GLY C 911 17.57 -40.01 2.16
N SER C 912 16.43 -40.10 2.85
CA SER C 912 15.26 -39.35 2.41
C SER C 912 15.53 -37.85 2.42
N LEU C 913 16.19 -37.36 3.47
CA LEU C 913 16.53 -35.94 3.51
C LEU C 913 17.58 -35.59 2.47
N SER C 914 18.63 -36.40 2.35
CA SER C 914 19.74 -36.05 1.48
C SER C 914 19.34 -36.07 0.01
N SER C 915 18.52 -37.03 -0.40
CA SER C 915 18.25 -37.23 -1.82
C SER C 915 17.39 -36.11 -2.39
N THR C 916 16.18 -35.95 -1.87
CA THR C 916 15.23 -34.99 -2.44
C THR C 916 15.70 -33.57 -2.14
N ALA C 917 15.87 -32.77 -3.20
CA ALA C 917 16.29 -31.39 -3.02
C ALA C 917 15.17 -30.49 -2.52
N SER C 918 13.93 -30.86 -2.79
CA SER C 918 12.77 -30.05 -2.40
C SER C 918 12.23 -30.43 -1.02
N ALA C 919 12.88 -31.36 -0.32
CA ALA C 919 12.41 -31.74 1.01
C ALA C 919 12.46 -30.55 1.96
N LEU C 920 13.62 -29.90 2.04
CA LEU C 920 13.79 -28.68 2.85
C LEU C 920 13.38 -27.44 2.07
N GLY C 921 12.19 -27.49 1.47
CA GLY C 921 11.76 -26.45 0.57
C GLY C 921 11.20 -25.22 1.26
N LYS C 922 10.48 -25.42 2.36
CA LYS C 922 9.78 -24.31 3.01
C LYS C 922 10.76 -23.35 3.68
N LEU C 923 11.73 -23.89 4.41
CA LEU C 923 12.73 -23.05 5.06
C LEU C 923 13.56 -22.29 4.03
N GLN C 924 13.95 -22.98 2.96
CA GLN C 924 14.71 -22.33 1.89
C GLN C 924 13.88 -21.24 1.24
N ASP C 925 12.58 -21.49 1.05
CA ASP C 925 11.70 -20.47 0.48
C ASP C 925 11.62 -19.24 1.38
N VAL C 926 11.54 -19.45 2.70
CA VAL C 926 11.50 -18.32 3.62
C VAL C 926 12.78 -17.50 3.52
N VAL C 927 13.93 -18.18 3.53
CA VAL C 927 15.20 -17.46 3.45
C VAL C 927 15.31 -16.71 2.13
N ASN C 928 14.93 -17.36 1.02
CA ASN C 928 15.01 -16.73 -0.29
C ASN C 928 14.09 -15.53 -0.39
N HIS C 929 12.87 -15.64 0.18
CA HIS C 929 11.94 -14.52 0.14
C HIS C 929 12.49 -13.33 0.91
N ASN C 930 13.06 -13.56 2.09
CA ASN C 930 13.64 -12.47 2.85
C ASN C 930 14.79 -11.81 2.09
N ALA C 931 15.69 -12.64 1.55
CA ALA C 931 16.84 -12.09 0.83
C ALA C 931 16.40 -11.32 -0.40
N GLN C 932 15.41 -11.84 -1.12
CA GLN C 932 14.92 -11.17 -2.32
C GLN C 932 14.26 -9.84 -1.98
N ALA C 933 13.49 -9.79 -0.89
CA ALA C 933 12.87 -8.54 -0.48
C ALA C 933 13.93 -7.51 -0.12
N LEU C 934 14.95 -7.91 0.63
CA LEU C 934 16.01 -6.97 0.98
C LEU C 934 16.77 -6.50 -0.25
N ASN C 935 17.05 -7.40 -1.19
CA ASN C 935 17.74 -7.03 -2.40
C ASN C 935 16.92 -6.03 -3.22
N THR C 936 15.62 -6.26 -3.33
CA THR C 936 14.77 -5.30 -4.04
C THR C 936 14.76 -3.95 -3.35
N LEU C 937 14.69 -3.96 -2.01
CA LEU C 937 14.68 -2.70 -1.27
C LEU C 937 15.95 -1.91 -1.50
N VAL C 938 17.11 -2.60 -1.54
CA VAL C 938 18.36 -1.91 -1.81
C VAL C 938 18.43 -1.44 -3.26
N LYS C 939 17.97 -2.27 -4.19
CA LYS C 939 18.00 -1.90 -5.60
C LYS C 939 17.13 -0.68 -5.88
N GLN C 940 16.08 -0.48 -5.10
CA GLN C 940 15.23 0.69 -5.30
C GLN C 940 15.96 2.01 -5.05
N LEU C 941 17.12 1.98 -4.41
CA LEU C 941 17.90 3.20 -4.23
C LEU C 941 18.62 3.65 -5.49
N SER C 942 18.68 2.80 -6.51
CA SER C 942 19.30 3.17 -7.78
C SER C 942 18.32 3.81 -8.75
N SER C 943 17.04 3.82 -8.43
CA SER C 943 16.04 4.42 -9.30
C SER C 943 16.08 5.93 -9.22
N LYS C 944 15.71 6.58 -10.32
CA LYS C 944 15.67 8.05 -10.36
C LYS C 944 14.33 8.60 -9.96
N PHE C 945 13.24 7.89 -10.25
CA PHE C 945 11.88 8.35 -9.97
C PHE C 945 11.59 9.70 -10.59
N GLY C 946 12.14 9.94 -11.78
CA GLY C 946 11.93 11.19 -12.48
C GLY C 946 12.90 12.29 -12.14
N ALA C 947 13.80 12.09 -11.18
CA ALA C 947 14.80 13.08 -10.85
C ALA C 947 15.94 13.04 -11.88
N ILE C 948 16.88 13.97 -11.75
CA ILE C 948 18.01 14.01 -12.66
C ILE C 948 19.08 12.99 -12.27
N SER C 949 19.09 12.55 -11.02
CA SER C 949 20.09 11.59 -10.57
C SER C 949 19.53 10.81 -9.39
N SER C 950 20.08 9.62 -9.16
CA SER C 950 19.69 8.78 -8.05
C SER C 950 20.61 8.93 -6.85
N VAL C 951 21.60 9.81 -6.91
CA VAL C 951 22.56 10.02 -5.82
C VAL C 951 22.27 11.38 -5.21
N LEU C 952 22.02 11.40 -3.90
CA LEU C 952 21.63 12.64 -3.24
C LEU C 952 22.82 13.60 -3.13
N ASN C 953 24.02 13.07 -2.93
CA ASN C 953 25.19 13.94 -2.82
C ASN C 953 25.45 14.68 -4.12
N ASP C 954 25.22 14.03 -5.26
CA ASP C 954 25.35 14.72 -6.54
C ASP C 954 24.35 15.87 -6.66
N ILE C 955 23.11 15.64 -6.22
CA ILE C 955 22.11 16.71 -6.24
C ILE C 955 22.55 17.86 -5.36
N LEU C 956 23.09 17.56 -4.18
CA LEU C 956 23.52 18.62 -3.27
C LEU C 956 24.71 19.39 -3.84
N SER C 957 25.65 18.69 -4.47
CA SER C 957 26.85 19.33 -4.97
C SER C 957 26.68 19.97 -6.34
N ARG C 958 25.56 19.74 -7.02
CA ARG C 958 25.33 20.31 -8.34
C ARG C 958 24.27 21.41 -8.36
N LEU C 959 23.39 21.47 -7.37
CA LEU C 959 22.26 22.40 -7.41
C LEU C 959 22.18 23.19 -6.11
N ASP C 960 21.69 24.42 -6.24
CA ASP C 960 21.35 25.25 -5.11
C ASP C 960 20.05 24.76 -4.47
N PRO C 961 19.79 25.11 -3.22
CA PRO C 961 18.61 24.57 -2.51
C PRO C 961 17.32 24.73 -3.28
N PRO C 962 16.98 25.94 -3.78
CA PRO C 962 15.65 26.09 -4.40
C PRO C 962 15.40 25.15 -5.56
N GLU C 963 16.41 24.81 -6.34
CA GLU C 963 16.26 23.83 -7.40
C GLU C 963 16.49 22.40 -6.91
N ALA C 964 17.27 22.23 -5.84
CA ALA C 964 17.52 20.88 -5.33
C ALA C 964 16.29 20.30 -4.65
N GLU C 965 15.38 21.15 -4.16
CA GLU C 965 14.22 20.64 -3.43
C GLU C 965 13.35 19.76 -4.32
N VAL C 966 13.18 20.13 -5.59
CA VAL C 966 12.33 19.36 -6.49
C VAL C 966 12.88 17.95 -6.66
N GLN C 967 14.17 17.85 -6.98
CA GLN C 967 14.78 16.53 -7.19
C GLN C 967 14.77 15.71 -5.91
N ILE C 968 15.07 16.35 -4.77
CA ILE C 968 15.09 15.62 -3.50
C ILE C 968 13.70 15.09 -3.17
N ASP C 969 12.66 15.90 -3.42
CA ASP C 969 11.31 15.44 -3.16
C ASP C 969 10.92 14.30 -4.10
N ARG C 970 11.35 14.37 -5.36
CA ARG C 970 11.07 13.28 -6.28
C ARG C 970 11.71 11.98 -5.80
N LEU C 971 12.95 12.06 -5.30
CA LEU C 971 13.58 10.87 -4.73
C LEU C 971 12.86 10.39 -3.49
N ILE C 972 12.45 11.32 -2.63
CA ILE C 972 11.83 10.96 -1.36
C ILE C 972 10.53 10.21 -1.59
N THR C 973 9.71 10.69 -2.54
CA THR C 973 8.44 10.03 -2.80
C THR C 973 8.64 8.56 -3.17
N GLY C 974 9.54 8.30 -4.14
CA GLY C 974 9.77 6.93 -4.56
C GLY C 974 10.37 6.06 -3.47
N ARG C 975 11.34 6.59 -2.73
CA ARG C 975 11.97 5.79 -1.69
C ARG C 975 10.99 5.47 -0.56
N LEU C 976 10.16 6.44 -0.18
CA LEU C 976 9.15 6.19 0.84
C LEU C 976 8.13 5.16 0.36
N GLN C 977 7.74 5.23 -0.92
CA GLN C 977 6.82 4.24 -1.45
C GLN C 977 7.43 2.85 -1.43
N SER C 978 8.70 2.73 -1.80
CA SER C 978 9.36 1.43 -1.76
C SER C 978 9.45 0.90 -0.34
N LEU C 979 9.77 1.77 0.62
CA LEU C 979 9.83 1.34 2.01
C LEU C 979 8.47 0.85 2.51
N GLN C 980 7.41 1.56 2.16
CA GLN C 980 6.07 1.15 2.59
C GLN C 980 5.68 -0.19 1.97
N THR C 981 6.02 -0.39 0.68
CA THR C 981 5.75 -1.66 0.05
C THR C 981 6.49 -2.80 0.75
N TYR C 982 7.76 -2.56 1.09
CA TYR C 982 8.53 -3.58 1.81
C TYR C 982 7.89 -3.91 3.15
N VAL C 983 7.46 -2.89 3.89
CA VAL C 983 6.87 -3.14 5.20
C VAL C 983 5.56 -3.92 5.07
N THR C 984 4.74 -3.58 4.07
CA THR C 984 3.49 -4.32 3.90
C THR C 984 3.74 -5.78 3.55
N GLN C 985 4.69 -6.04 2.64
CA GLN C 985 5.02 -7.42 2.31
C GLN C 985 5.54 -8.16 3.53
N GLN C 986 6.37 -7.50 4.34
CA GLN C 986 6.88 -8.12 5.55
C GLN C 986 5.74 -8.46 6.51
N LEU C 987 4.76 -7.56 6.63
CA LEU C 987 3.63 -7.85 7.51
C LEU C 987 2.85 -9.07 7.05
N ILE C 988 2.61 -9.17 5.74
CA ILE C 988 1.86 -10.32 5.22
C ILE C 988 2.64 -11.61 5.43
N ARG C 989 3.94 -11.60 5.13
CA ARG C 989 4.75 -12.79 5.34
C ARG C 989 4.85 -13.14 6.82
N ALA C 990 4.88 -12.14 7.70
CA ALA C 990 4.91 -12.40 9.13
C ALA C 990 3.62 -13.05 9.59
N ALA C 991 2.48 -12.62 9.04
CA ALA C 991 1.23 -13.29 9.38
C ALA C 991 1.24 -14.75 8.94
N GLU C 992 1.74 -15.01 7.73
CA GLU C 992 1.84 -16.40 7.27
C GLU C 992 2.75 -17.22 8.17
N ILE C 993 3.91 -16.66 8.53
CA ILE C 993 4.85 -17.37 9.39
C ILE C 993 4.26 -17.60 10.77
N ARG C 994 3.48 -16.66 11.27
CA ARG C 994 2.83 -16.85 12.56
C ARG C 994 1.82 -17.99 12.51
N ALA C 995 1.06 -18.08 11.41
CA ALA C 995 0.15 -19.21 11.26
C ALA C 995 0.92 -20.52 11.24
N SER C 996 2.02 -20.57 10.49
CA SER C 996 2.82 -21.79 10.44
C SER C 996 3.40 -22.14 11.81
N ALA C 997 3.83 -21.13 12.57
CA ALA C 997 4.41 -21.38 13.88
C ALA C 997 3.35 -21.85 14.87
N ASN C 998 2.14 -21.32 14.77
CA ASN C 998 1.06 -21.83 15.61
C ASN C 998 0.75 -23.29 15.29
N LEU C 999 0.74 -23.63 14.00
CA LEU C 999 0.56 -25.03 13.63
C LEU C 999 1.68 -25.90 14.19
N ALA C 1000 2.91 -25.40 14.11
CA ALA C 1000 4.05 -26.17 14.63
C ALA C 1000 3.96 -26.35 16.13
N ALA C 1001 3.53 -25.32 16.85
CA ALA C 1001 3.37 -25.44 18.29
C ALA C 1001 2.28 -26.44 18.64
N THR C 1002 1.17 -26.42 17.89
CA THR C 1002 0.12 -27.40 18.12
C THR C 1002 0.62 -28.81 17.86
N LYS C 1003 1.40 -29.00 16.80
CA LYS C 1003 1.95 -30.33 16.53
C LYS C 1003 2.95 -30.76 17.60
N MET C 1004 3.73 -29.82 18.13
CA MET C 1004 4.63 -30.16 19.21
C MET C 1004 3.85 -30.60 20.44
N SER C 1005 2.76 -29.91 20.75
CA SER C 1005 1.98 -30.26 21.93
C SER C 1005 1.26 -31.59 21.77
N GLU C 1006 0.69 -31.85 20.60
CA GLU C 1006 -0.21 -32.98 20.44
C GLU C 1006 0.44 -34.22 19.86
N CYS C 1007 1.52 -34.09 19.10
CA CYS C 1007 2.21 -35.24 18.53
C CYS C 1007 3.41 -35.68 19.35
N VAL C 1008 4.13 -34.75 19.96
CA VAL C 1008 5.33 -35.08 20.72
C VAL C 1008 5.02 -35.29 22.20
N LEU C 1009 4.25 -34.38 22.80
CA LEU C 1009 3.92 -34.49 24.21
C LEU C 1009 2.74 -35.42 24.47
N GLY C 1010 2.17 -36.00 23.43
CA GLY C 1010 1.08 -36.94 23.59
C GLY C 1010 0.91 -37.78 22.35
N GLN C 1011 -0.11 -38.62 22.38
CA GLN C 1011 -0.47 -39.46 21.24
C GLN C 1011 -1.79 -38.96 20.69
N SER C 1012 -1.83 -38.70 19.39
CA SER C 1012 -2.95 -38.01 18.77
C SER C 1012 -3.83 -39.01 18.02
N LYS C 1013 -5.14 -38.92 18.26
CA LYS C 1013 -6.12 -39.69 17.50
C LYS C 1013 -6.55 -38.99 16.23
N ARG C 1014 -6.14 -37.75 16.03
CA ARG C 1014 -6.51 -37.01 14.83
C ARG C 1014 -5.83 -37.64 13.61
N VAL C 1015 -6.61 -37.89 12.57
CA VAL C 1015 -6.12 -38.60 11.40
C VAL C 1015 -5.24 -37.67 10.58
N ASP C 1016 -4.07 -38.16 10.19
CA ASP C 1016 -3.11 -37.48 9.33
C ASP C 1016 -2.55 -36.21 9.95
N PHE C 1017 -2.84 -35.94 11.21
CA PHE C 1017 -2.26 -34.77 11.85
C PHE C 1017 -0.81 -35.00 12.21
N CYS C 1018 -0.45 -36.22 12.62
CA CYS C 1018 0.91 -36.56 12.96
C CYS C 1018 1.43 -37.66 12.05
N GLY C 1019 1.22 -37.53 10.75
CA GLY C 1019 1.73 -38.47 9.78
C GLY C 1019 0.67 -39.43 9.28
N LYS C 1020 1.04 -40.17 8.24
CA LYS C 1020 0.14 -41.16 7.64
C LYS C 1020 0.16 -42.45 8.45
N GLY C 1021 -1.01 -43.00 8.69
CA GLY C 1021 -1.15 -44.18 9.52
C GLY C 1021 -1.59 -43.83 10.92
N TYR C 1022 -1.62 -44.86 11.76
CA TYR C 1022 -1.99 -44.69 13.15
C TYR C 1022 -0.80 -44.16 13.93
N HIS C 1023 -0.95 -42.98 14.52
CA HIS C 1023 0.17 -42.31 15.16
C HIS C 1023 0.63 -43.08 16.38
N LEU C 1024 1.94 -43.33 16.47
CA LEU C 1024 2.54 -43.90 17.66
C LEU C 1024 3.28 -42.84 18.48
N MET C 1025 4.20 -42.11 17.87
CA MET C 1025 4.93 -41.08 18.59
C MET C 1025 5.55 -40.13 17.59
N SER C 1026 6.26 -39.12 18.10
CA SER C 1026 6.93 -38.15 17.25
C SER C 1026 8.15 -37.60 17.97
N PHE C 1027 9.14 -37.21 17.18
CA PHE C 1027 10.39 -36.68 17.71
C PHE C 1027 10.70 -35.35 17.04
N PRO C 1028 11.01 -34.30 17.80
CA PRO C 1028 11.36 -33.02 17.21
C PRO C 1028 12.84 -32.89 16.91
N GLN C 1029 13.14 -32.08 15.90
CA GLN C 1029 14.49 -31.72 15.52
C GLN C 1029 14.49 -30.25 15.12
N SER C 1030 15.50 -29.51 15.58
CA SER C 1030 15.60 -28.12 15.18
C SER C 1030 16.11 -28.02 13.75
N ALA C 1031 15.83 -26.89 13.11
CA ALA C 1031 16.30 -26.63 11.77
C ALA C 1031 16.38 -25.12 11.58
N PRO C 1032 17.19 -24.65 10.63
CA PRO C 1032 17.29 -23.19 10.42
C PRO C 1032 15.92 -22.55 10.22
N HIS C 1033 15.52 -21.71 11.17
CA HIS C 1033 14.25 -20.99 11.12
C HIS C 1033 13.05 -21.94 11.10
N GLY C 1034 13.17 -23.12 11.69
CA GLY C 1034 12.04 -24.03 11.64
C GLY C 1034 12.26 -25.29 12.45
N VAL C 1035 11.27 -26.17 12.35
CA VAL C 1035 11.28 -27.42 13.10
C VAL C 1035 10.95 -28.57 12.15
N VAL C 1036 11.44 -29.75 12.49
CA VAL C 1036 11.19 -30.97 11.74
C VAL C 1036 10.66 -32.01 12.71
N PHE C 1037 9.55 -32.65 12.35
CA PHE C 1037 8.96 -33.71 13.16
C PHE C 1037 9.17 -35.04 12.45
N LEU C 1038 9.73 -36.00 13.17
CA LEU C 1038 9.81 -37.38 12.73
C LEU C 1038 8.63 -38.11 13.36
N HIS C 1039 7.61 -38.39 12.55
CA HIS C 1039 6.40 -39.07 13.02
C HIS C 1039 6.57 -40.56 12.83
N VAL C 1040 6.50 -41.30 13.94
CA VAL C 1040 6.52 -42.76 13.93
C VAL C 1040 5.08 -43.24 14.03
N THR C 1041 4.64 -43.99 13.02
CA THR C 1041 3.28 -44.45 12.90
C THR C 1041 3.24 -45.93 12.59
N TYR C 1042 2.07 -46.51 12.80
CA TYR C 1042 1.80 -47.94 12.62
C TYR C 1042 0.93 -48.11 11.40
N VAL C 1043 1.35 -48.99 10.48
CA VAL C 1043 0.64 -49.20 9.23
C VAL C 1043 0.33 -50.68 9.08
N PRO C 1044 -0.93 -51.08 8.95
CA PRO C 1044 -1.24 -52.48 8.64
C PRO C 1044 -0.62 -52.89 7.31
N ALA C 1045 -0.10 -54.11 7.25
CA ALA C 1045 0.76 -54.52 6.16
C ALA C 1045 0.15 -55.61 5.28
N GLN C 1046 -0.14 -56.78 5.83
CA GLN C 1046 -0.48 -57.96 5.03
C GLN C 1046 -1.87 -58.41 5.42
N GLU C 1047 -2.87 -58.01 4.62
CA GLU C 1047 -4.25 -58.30 4.93
C GLU C 1047 -4.71 -59.59 4.26
N LYS C 1048 -5.51 -60.35 4.97
CA LYS C 1048 -6.20 -61.52 4.43
C LYS C 1048 -7.69 -61.31 4.52
N ASN C 1049 -8.43 -61.91 3.60
CA ASN C 1049 -9.88 -61.78 3.57
C ASN C 1049 -10.52 -63.01 4.22
N PHE C 1050 -11.48 -62.76 5.11
CA PHE C 1050 -12.22 -63.79 5.81
C PHE C 1050 -13.70 -63.55 5.63
N THR C 1051 -14.49 -64.56 5.94
CA THR C 1051 -15.93 -64.37 6.02
C THR C 1051 -16.28 -63.76 7.37
N THR C 1052 -17.30 -62.92 7.40
CA THR C 1052 -17.63 -62.22 8.63
C THR C 1052 -19.13 -62.26 8.88
N ALA C 1053 -19.50 -62.12 10.15
CA ALA C 1053 -20.88 -62.08 10.59
C ALA C 1053 -21.02 -61.03 11.67
N PRO C 1054 -22.17 -60.37 11.75
CA PRO C 1054 -22.37 -59.34 12.78
C PRO C 1054 -22.64 -59.93 14.15
N ALA C 1055 -23.22 -61.12 14.22
CA ALA C 1055 -23.56 -61.74 15.49
C ALA C 1055 -23.58 -63.25 15.33
N ILE C 1056 -23.55 -63.95 16.45
CA ILE C 1056 -23.56 -65.41 16.49
C ILE C 1056 -24.81 -65.87 17.23
N CYS C 1057 -25.57 -66.77 16.61
CA CYS C 1057 -26.78 -67.30 17.23
C CYS C 1057 -26.45 -68.58 17.98
N HIS C 1058 -26.88 -68.65 19.23
CA HIS C 1058 -26.57 -69.80 20.08
C HIS C 1058 -27.63 -69.90 21.16
N ASP C 1059 -28.34 -71.02 21.21
CA ASP C 1059 -29.42 -71.25 22.18
C ASP C 1059 -30.47 -70.14 22.10
N GLY C 1060 -30.78 -69.71 20.89
CA GLY C 1060 -31.74 -68.64 20.73
C GLY C 1060 -31.29 -67.31 21.27
N LYS C 1061 -29.98 -67.12 21.46
CA LYS C 1061 -29.42 -65.87 21.94
C LYS C 1061 -28.43 -65.32 20.93
N ALA C 1062 -28.38 -64.00 20.84
CA ALA C 1062 -27.48 -63.33 19.91
C ALA C 1062 -26.26 -62.83 20.67
N HIS C 1063 -25.08 -63.26 20.24
CA HIS C 1063 -23.83 -62.85 20.84
C HIS C 1063 -23.13 -61.88 19.91
N PHE C 1064 -22.66 -60.76 20.47
CA PHE C 1064 -21.91 -59.75 19.76
C PHE C 1064 -20.52 -59.63 20.37
N PRO C 1065 -19.50 -59.35 19.56
CA PRO C 1065 -18.13 -59.27 20.10
C PRO C 1065 -18.00 -58.12 21.09
N ARG C 1066 -17.25 -58.35 22.17
CA ARG C 1066 -17.02 -57.30 23.13
C ARG C 1066 -16.06 -56.24 22.60
N GLU C 1067 -14.96 -56.67 22.00
CA GLU C 1067 -13.93 -55.75 21.55
C GLU C 1067 -13.39 -56.05 20.17
N GLY C 1068 -13.84 -57.10 19.50
CA GLY C 1068 -13.28 -57.50 18.23
C GLY C 1068 -14.33 -57.66 17.16
N VAL C 1069 -14.16 -58.71 16.36
CA VAL C 1069 -15.01 -58.97 15.21
C VAL C 1069 -15.00 -60.47 14.95
N PHE C 1070 -16.14 -61.00 14.52
CA PHE C 1070 -16.26 -62.40 14.20
C PHE C 1070 -15.71 -62.66 12.80
N VAL C 1071 -14.85 -63.66 12.68
CA VAL C 1071 -14.27 -64.04 11.40
C VAL C 1071 -14.39 -65.54 11.21
N SER C 1072 -14.29 -65.97 9.96
CA SER C 1072 -14.34 -67.37 9.59
C SER C 1072 -13.35 -67.60 8.46
N ASN C 1073 -12.55 -68.65 8.62
CA ASN C 1073 -11.58 -69.06 7.62
C ASN C 1073 -12.15 -70.07 6.63
N GLY C 1074 -13.45 -70.37 6.72
CA GLY C 1074 -14.09 -71.29 5.81
C GLY C 1074 -14.89 -72.36 6.51
N THR C 1075 -14.39 -72.85 7.65
CA THR C 1075 -15.06 -73.88 8.41
C THR C 1075 -15.38 -73.47 9.84
N HIS C 1076 -14.44 -72.83 10.53
CA HIS C 1076 -14.59 -72.49 11.93
C HIS C 1076 -14.73 -70.98 12.09
N TRP C 1077 -15.32 -70.58 13.21
CA TRP C 1077 -15.54 -69.18 13.54
C TRP C 1077 -14.72 -68.79 14.76
N PHE C 1078 -14.07 -67.64 14.67
CA PHE C 1078 -13.28 -67.09 15.76
C PHE C 1078 -13.66 -65.63 15.96
N VAL C 1079 -13.15 -65.04 17.03
CA VAL C 1079 -13.27 -63.61 17.29
C VAL C 1079 -11.86 -63.05 17.40
N THR C 1080 -11.60 -61.97 16.67
CA THR C 1080 -10.27 -61.39 16.62
C THR C 1080 -10.35 -59.89 16.78
N GLN C 1081 -9.27 -59.28 17.26
CA GLN C 1081 -9.19 -57.83 17.30
C GLN C 1081 -9.17 -57.28 15.88
N ARG C 1082 -9.65 -56.05 15.73
CA ARG C 1082 -9.95 -55.52 14.41
C ARG C 1082 -8.71 -55.14 13.61
N ASN C 1083 -7.64 -54.69 14.27
CA ASN C 1083 -6.48 -54.16 13.58
C ASN C 1083 -5.34 -55.15 13.46
N PHE C 1084 -5.53 -56.39 13.90
CA PHE C 1084 -4.46 -57.39 13.84
C PHE C 1084 -5.10 -58.76 13.98
N TYR C 1085 -4.79 -59.65 13.03
CA TYR C 1085 -5.43 -60.96 13.03
C TYR C 1085 -4.87 -61.82 14.15
N GLU C 1086 -5.71 -62.13 15.12
CA GLU C 1086 -5.32 -62.99 16.25
C GLU C 1086 -6.54 -63.79 16.67
N PRO C 1087 -6.86 -64.85 15.93
CA PRO C 1087 -8.13 -65.55 16.18
C PRO C 1087 -8.17 -66.22 17.55
N GLN C 1088 -9.36 -66.23 18.13
CA GLN C 1088 -9.58 -66.85 19.43
C GLN C 1088 -10.94 -67.52 19.44
N ILE C 1089 -11.07 -68.51 20.32
CA ILE C 1089 -12.32 -69.25 20.45
C ILE C 1089 -13.41 -68.31 20.98
N ILE C 1090 -14.59 -68.40 20.38
CA ILE C 1090 -15.72 -67.58 20.80
C ILE C 1090 -16.26 -68.15 22.10
N THR C 1091 -16.10 -67.42 23.19
CA THR C 1091 -16.58 -67.84 24.49
C THR C 1091 -17.59 -66.82 25.01
N THR C 1092 -18.03 -67.01 26.25
CA THR C 1092 -18.93 -66.05 26.89
C THR C 1092 -18.19 -64.87 27.50
N ASP C 1093 -16.86 -64.86 27.42
CA ASP C 1093 -16.07 -63.71 27.86
C ASP C 1093 -15.67 -62.80 26.72
N ASN C 1094 -15.53 -63.34 25.50
CA ASN C 1094 -15.25 -62.52 24.34
C ASN C 1094 -16.48 -61.77 23.83
N THR C 1095 -17.68 -62.23 24.18
CA THR C 1095 -18.92 -61.74 23.60
C THR C 1095 -19.88 -61.34 24.70
N PHE C 1096 -20.95 -60.67 24.30
CA PHE C 1096 -22.06 -60.35 25.18
C PHE C 1096 -23.38 -60.64 24.48
N VAL C 1097 -24.40 -60.94 25.28
CA VAL C 1097 -25.69 -61.38 24.78
C VAL C 1097 -26.63 -60.18 24.72
N SER C 1098 -27.47 -60.14 23.68
CA SER C 1098 -28.48 -59.08 23.55
C SER C 1098 -29.62 -59.62 22.69
N GLY C 1099 -30.70 -60.03 23.35
CA GLY C 1099 -31.88 -60.45 22.63
C GLY C 1099 -31.74 -61.81 21.98
N ASN C 1100 -32.68 -62.09 21.07
CA ASN C 1100 -32.72 -63.34 20.34
C ASN C 1100 -32.17 -63.13 18.93
N CYS C 1101 -32.29 -64.16 18.10
CA CYS C 1101 -31.68 -64.18 16.78
C CYS C 1101 -32.63 -63.74 15.67
N ASP C 1102 -33.78 -63.16 16.02
CA ASP C 1102 -34.80 -62.85 15.02
C ASP C 1102 -34.71 -61.44 14.46
N VAL C 1103 -33.78 -60.62 14.95
CA VAL C 1103 -33.71 -59.21 14.59
C VAL C 1103 -32.47 -58.91 13.75
N VAL C 1104 -31.31 -59.40 14.17
CA VAL C 1104 -30.06 -59.07 13.50
C VAL C 1104 -30.06 -59.65 12.10
N ILE C 1105 -29.65 -58.84 11.14
CA ILE C 1105 -29.60 -59.25 9.73
C ILE C 1105 -28.21 -59.80 9.46
N GLY C 1106 -28.15 -61.05 9.02
CA GLY C 1106 -26.88 -61.69 8.74
C GLY C 1106 -26.31 -62.51 9.87
N ILE C 1107 -27.10 -62.80 10.91
CA ILE C 1107 -26.62 -63.58 12.04
C ILE C 1107 -26.35 -65.01 11.59
N VAL C 1108 -25.33 -65.62 12.18
CA VAL C 1108 -24.82 -66.92 11.76
C VAL C 1108 -24.88 -67.89 12.94
N ASN C 1109 -25.43 -69.08 12.70
CA ASN C 1109 -25.46 -70.11 13.72
C ASN C 1109 -24.04 -70.60 14.02
N ASN C 1110 -23.73 -70.73 15.30
CA ASN C 1110 -22.45 -71.27 15.76
C ASN C 1110 -22.57 -71.52 17.25
N THR C 1111 -21.61 -72.28 17.78
CA THR C 1111 -21.58 -72.60 19.20
C THR C 1111 -20.66 -71.64 19.93
N VAL C 1112 -21.06 -71.27 21.14
CA VAL C 1112 -20.30 -70.36 21.99
C VAL C 1112 -19.82 -71.14 23.20
N TYR C 1113 -18.51 -71.30 23.31
CA TYR C 1113 -17.92 -72.08 24.39
C TYR C 1113 -18.15 -71.40 25.74
N ASP C 1114 -18.27 -72.20 26.78
CA ASP C 1114 -18.49 -71.70 28.13
C ASP C 1114 -17.37 -72.17 29.04
N PRO C 1115 -16.52 -71.27 29.55
CA PRO C 1115 -15.39 -71.70 30.39
C PRO C 1115 -15.81 -72.43 31.65
N LEU C 1116 -16.95 -72.07 32.23
CA LEU C 1116 -17.37 -72.65 33.50
C LEU C 1116 -17.88 -74.08 33.36
N GLN C 1117 -18.32 -74.48 32.17
CA GLN C 1117 -18.91 -75.80 32.00
C GLN C 1117 -17.93 -76.94 32.26
N PRO C 1118 -16.71 -76.96 31.69
CA PRO C 1118 -15.78 -78.04 32.04
C PRO C 1118 -15.41 -78.06 33.51
N GLU C 1119 -15.31 -76.89 34.14
CA GLU C 1119 -14.96 -76.85 35.56
C GLU C 1119 -16.08 -77.42 36.43
N LEU C 1120 -17.32 -77.05 36.14
CA LEU C 1120 -18.43 -77.60 36.91
C LEU C 1120 -18.62 -79.08 36.64
N ASP C 1121 -18.36 -79.52 35.40
CA ASP C 1121 -18.43 -80.94 35.09
C ASP C 1121 -17.36 -81.72 35.86
N SER C 1122 -16.16 -81.17 35.96
CA SER C 1122 -15.09 -81.80 36.71
C SER C 1122 -15.33 -81.70 38.20
C1 NAG D . -3.31 -35.64 48.74
C2 NAG D . -3.25 -36.18 50.17
C3 NAG D . -4.13 -35.35 51.09
C4 NAG D . -3.75 -33.87 51.00
C5 NAG D . -3.78 -33.42 49.54
C6 NAG D . -3.29 -32.00 49.35
C7 NAG D . -2.78 -38.59 50.24
C8 NAG D . -3.36 -39.96 50.29
N2 NAG D . -3.66 -37.58 50.20
O3 NAG D . -3.99 -35.80 52.42
O4 NAG D . -4.66 -33.10 51.76
O5 NAG D . -2.94 -34.25 48.75
O6 NAG D . -3.64 -31.50 48.07
O7 NAG D . -1.57 -38.40 50.24
C1 NAG D . -3.97 -32.39 52.81
C2 NAG D . -4.93 -31.36 53.38
C3 NAG D . -4.27 -30.60 54.52
C4 NAG D . -3.72 -31.57 55.56
C5 NAG D . -2.82 -32.60 54.89
C6 NAG D . -2.34 -33.68 55.84
C7 NAG D . -6.61 -30.48 51.82
C8 NAG D . -6.91 -29.46 50.77
N2 NAG D . -5.38 -30.43 52.36
O3 NAG D . -5.21 -29.73 55.14
O4 NAG D . -2.97 -30.87 56.54
O5 NAG D . -3.53 -33.27 53.85
O6 NAG D . -1.26 -34.42 55.29
O7 NAG D . -7.43 -31.32 52.16
C1 NAG E . -18.60 -20.01 47.73
C2 NAG E . -19.29 -20.11 49.09
C3 NAG E . -19.66 -18.72 49.60
C4 NAG E . -18.44 -17.81 49.61
C5 NAG E . -17.80 -17.79 48.23
C6 NAG E . -16.52 -17.00 48.17
C7 NAG E . -20.68 -22.00 49.81
C8 NAG E . -21.96 -22.75 49.59
N2 NAG E . -20.47 -20.95 49.01
O3 NAG E . -20.20 -18.83 50.92
O4 NAG E . -18.85 -16.49 49.97
O5 NAG E . -17.47 -19.14 47.84
O6 NAG E . -16.06 -16.86 46.83
O7 NAG E . -19.88 -22.31 50.68
C1 NAG E . -18.12 -16.07 51.15
C2 NAG E . -18.25 -14.56 51.27
C3 NAG E . -17.51 -14.07 52.52
C4 NAG E . -18.01 -14.82 53.75
C5 NAG E . -17.92 -16.32 53.53
C6 NAG E . -18.51 -17.12 54.66
C7 NAG E . -18.52 -13.52 49.07
C8 NAG E . -17.84 -12.85 47.92
N2 NAG E . -17.74 -13.89 50.08
O3 NAG E . -17.73 -12.67 52.67
O4 NAG E . -17.24 -14.44 54.88
O5 NAG E . -18.62 -16.70 52.34
O6 NAG E . -19.93 -17.05 54.65
O7 NAG E . -19.74 -13.72 49.07
C1 NAG F . 4.45 -54.87 49.98
C2 NAG F . 5.05 -54.74 51.38
C3 NAG F . 4.64 -55.94 52.24
C4 NAG F . 3.13 -56.13 52.23
C5 NAG F . 2.62 -56.20 50.79
C6 NAG F . 1.12 -56.25 50.71
C7 NAG F . 7.14 -53.47 51.55
C8 NAG F . 6.29 -52.28 51.87
N2 NAG F . 6.48 -54.61 51.32
O3 NAG F . 5.10 -55.75 53.57
O4 NAG F . 2.79 -57.33 52.91
O5 NAG F . 3.02 -55.02 50.08
O6 NAG F . 0.51 -55.11 51.32
O7 NAG F . 8.36 -53.39 51.49
C1 NAG F . 2.06 -57.00 54.10
C2 NAG F . 1.33 -58.25 54.59
C3 NAG F . 0.57 -57.95 55.87
C4 NAG F . 1.50 -57.35 56.91
C5 NAG F . 2.23 -56.13 56.34
C6 NAG F . 3.27 -55.57 57.28
C7 NAG F . 0.59 -59.99 53.03
C8 NAG F . -0.42 -60.38 52.00
N2 NAG F . 0.45 -58.78 53.57
O3 NAG F . -0.02 -59.15 56.37
O4 NAG F . 0.76 -56.94 58.06
O5 NAG F . 2.92 -56.50 55.13
O6 NAG F . 2.95 -54.23 57.66
O7 NAG F . 1.50 -60.74 53.37
C1 NAG G . -37.76 -43.84 17.54
C2 NAG G . -38.99 -44.72 17.75
C3 NAG G . -39.54 -45.20 16.41
C4 NAG G . -39.80 -44.02 15.49
C5 NAG G . -38.54 -43.17 15.37
C6 NAG G . -38.76 -41.90 14.57
C7 NAG G . -38.99 -45.88 19.91
C8 NAG G . -38.61 -47.13 20.65
N2 NAG G . -38.69 -45.85 18.61
O3 NAG G . -40.74 -45.93 16.63
O4 NAG G . -40.19 -44.49 14.21
O5 NAG G . -38.09 -42.77 16.66
O6 NAG G . -37.53 -41.30 14.21
O7 NAG G . -39.56 -44.95 20.46
C1 NAG G . -41.51 -44.02 13.88
C2 NAG G . -41.75 -44.28 12.40
C3 NAG G . -43.15 -43.84 12.00
C4 NAG G . -44.19 -44.48 12.91
C5 NAG G . -43.85 -44.21 14.38
C6 NAG G . -44.77 -44.93 15.34
C7 NAG G . -39.74 -44.26 10.99
C8 NAG G . -38.80 -43.41 10.19
N2 NAG G . -40.75 -43.61 11.58
O3 NAG G . -43.40 -44.22 10.65
O4 NAG G . -45.48 -43.95 12.63
O5 NAG G . -42.52 -44.67 14.65
O6 NAG G . -44.61 -44.44 16.66
O7 NAG G . -39.59 -45.47 11.10
C1 NAG H . -32.23 -44.42 -3.64
C2 NAG H . -33.14 -45.50 -4.20
C3 NAG H . -33.61 -45.13 -5.60
C4 NAG H . -34.25 -43.75 -5.61
C5 NAG H . -33.28 -42.74 -5.00
C6 NAG H . -33.88 -41.36 -4.86
C7 NAG H . -32.95 -47.89 -3.65
C8 NAG H . -32.11 -49.13 -3.77
N2 NAG H . -32.45 -46.80 -4.22
O3 NAG H . -34.55 -46.11 -6.05
O4 NAG H . -34.57 -43.38 -6.94
O5 NAG H . -32.91 -43.16 -3.68
O6 NAG H . -32.89 -40.41 -4.45
O7 NAG H . -34.04 -47.88 -3.07
C1 NAG H . -35.98 -43.11 -7.04
C2 NAG H . -36.22 -42.34 -8.33
C3 NAG H . -37.72 -42.05 -8.50
C4 NAG H . -38.51 -43.35 -8.41
C5 NAG H . -38.17 -44.10 -7.13
C6 NAG H . -38.83 -45.46 -7.04
C7 NAG H . -34.27 -41.00 -8.94
C8 NAG H . -33.61 -39.66 -8.87
N2 NAG H . -35.46 -41.11 -8.35
O3 NAG H . -37.94 -41.42 -9.76
O4 NAG H . -39.90 -43.07 -8.44
O5 NAG H . -36.75 -44.33 -7.04
O6 NAG H . -38.21 -46.39 -7.93
O7 NAG H . -33.73 -41.96 -9.50
C1 NAG I . -39.80 -50.71 37.04
C2 NAG I . -41.32 -50.80 37.06
C3 NAG I . -41.78 -52.15 37.61
C4 NAG I . -41.10 -53.29 36.86
C5 NAG I . -39.58 -53.09 36.85
C6 NAG I . -38.87 -54.12 36.01
C7 NAG I . -42.53 -48.67 37.28
C8 NAG I . -42.61 -48.67 35.78
N2 NAG I . -41.90 -49.72 37.82
O3 NAG I . -43.19 -52.26 37.50
O4 NAG I . -41.42 -54.52 37.48
O5 NAG I . -39.27 -51.81 36.29
O6 NAG I . -39.30 -54.10 34.67
O7 NAG I . -43.00 -47.76 37.95
C1 NAG I . -42.21 -55.31 36.58
C2 NAG I . -42.19 -56.76 37.06
C3 NAG I . -43.05 -57.63 36.14
C4 NAG I . -44.46 -57.05 36.04
C5 NAG I . -44.40 -55.60 35.62
C6 NAG I . -45.75 -54.92 35.63
C7 NAG I . -40.25 -57.68 38.26
C8 NAG I . -38.85 -58.18 38.14
N2 NAG I . -40.83 -57.28 37.12
O3 NAG I . -43.10 -58.96 36.65
O4 NAG I . -45.22 -57.79 35.08
O5 NAG I . -43.56 -54.85 36.52
O6 NAG I . -46.13 -54.50 34.32
O7 NAG I . -40.85 -57.65 39.33
C1 NAG J . 5.97 -59.49 9.07
C2 NAG J . 6.42 -60.94 9.00
C3 NAG J . 7.91 -61.04 9.29
C4 NAG J . 8.69 -60.14 8.36
C5 NAG J . 8.17 -58.71 8.45
C6 NAG J . 8.82 -57.78 7.47
C7 NAG J . 4.62 -62.52 9.55
C8 NAG J . 3.95 -63.30 10.64
N2 NAG J . 5.65 -61.76 9.93
O3 NAG J . 8.32 -62.39 9.12
O4 NAG J . 10.07 -60.16 8.72
O5 NAG J . 6.76 -58.69 8.17
O6 NAG J . 8.51 -56.42 7.77
O7 NAG J . 4.24 -62.57 8.39
C1 NAG J . 10.87 -60.64 7.62
C2 NAG J . 12.34 -60.37 7.96
C3 NAG J . 13.23 -60.89 6.85
C4 NAG J . 12.94 -62.36 6.57
C5 NAG J . 11.44 -62.56 6.31
C6 NAG J . 11.07 -64.02 6.16
C7 NAG J . 12.71 -58.40 9.37
C8 NAG J . 12.93 -56.91 9.40
N2 NAG J . 12.55 -58.94 8.16
O3 NAG J . 14.59 -60.74 7.24
O4 NAG J . 13.68 -62.79 5.44
O5 NAG J . 10.69 -62.04 7.41
O6 NAG J . 9.75 -64.15 5.62
O7 NAG J . 12.68 -59.07 10.40
C1 NAG K . 22.60 -47.36 16.50
C2 NAG K . 23.63 -48.40 16.92
C3 NAG K . 25.04 -47.91 16.60
C4 NAG K . 25.14 -47.52 15.13
C5 NAG K . 24.07 -46.50 14.80
C6 NAG K . 24.02 -46.13 13.34
C7 NAG K . 23.35 -49.93 18.82
C8 NAG K . 23.24 -50.05 20.31
N2 NAG K . 23.51 -48.69 18.34
O3 NAG K . 25.97 -48.95 16.89
O4 NAG K . 26.43 -46.96 14.88
O5 NAG K . 22.78 -47.04 15.11
O6 NAG K . 23.12 -45.06 13.10
O7 NAG K . 23.29 -50.90 18.08
C1 NAG K . 27.10 -47.73 13.86
C2 NAG K . 28.26 -46.89 13.33
C3 NAG K . 29.00 -47.66 12.25
C4 NAG K . 29.44 -49.02 12.79
C5 NAG K . 28.25 -49.77 13.36
C6 NAG K . 28.63 -51.07 14.02
C7 NAG K . 27.79 -44.50 13.53
C8 NAG K . 27.27 -43.27 12.84
N2 NAG K . 27.79 -45.62 12.81
O3 NAG K . 30.15 -46.92 11.83
O4 NAG K . 30.03 -49.79 11.74
O5 NAG K . 27.59 -48.98 14.35
O6 NAG K . 29.25 -50.85 15.28
O7 NAG K . 28.20 -44.46 14.69
C1 NAG L . -9.75 -73.04 9.86
C2 NAG L . -9.10 -74.15 9.02
C3 NAG L . -9.24 -75.49 9.72
C4 NAG L . -8.72 -75.41 11.14
C5 NAG L . -9.38 -74.26 11.89
C6 NAG L . -8.83 -74.05 13.27
C7 NAG L . -9.04 -73.76 6.59
C8 NAG L . -7.68 -73.19 6.81
N2 NAG L . -9.69 -74.20 7.69
O3 NAG L . -8.52 -76.48 8.99
O4 NAG L . -8.99 -76.64 11.83
O5 NAG L . -9.18 -73.04 11.16
O6 NAG L . -7.44 -73.77 13.23
O7 NAG L . -9.56 -73.82 5.49
C1 NAG L . -7.73 -77.28 12.13
C2 NAG L . -8.00 -78.34 13.20
C3 NAG L . -6.70 -79.07 13.54
C4 NAG L . -6.07 -79.64 12.27
C5 NAG L . -5.90 -78.55 11.22
C6 NAG L . -5.41 -79.07 9.89
C7 NAG L . -9.78 -78.08 14.85
C8 NAG L . -10.23 -77.38 16.11
N2 NAG L . -8.57 -77.75 14.40
O3 NAG L . -6.98 -80.13 14.46
O4 NAG L . -4.81 -80.21 12.57
O5 NAG L . -7.16 -77.90 10.97
O6 NAG L . -4.14 -78.52 9.56
O7 NAG L . -10.50 -78.90 14.29
C1 NAG M . 30.91 23.16 34.80
C2 NAG M . 30.88 21.79 34.12
C3 NAG M . 31.76 20.81 34.89
C4 NAG M . 33.16 21.38 35.09
C5 NAG M . 33.08 22.76 35.73
C6 NAG M . 34.43 23.43 35.84
C7 NAG M . 28.99 20.87 32.87
C8 NAG M . 27.57 20.38 32.94
N2 NAG M . 29.52 21.28 34.02
O3 NAG M . 31.83 19.58 34.18
O4 NAG M . 33.93 20.51 35.93
O5 NAG M . 32.26 23.61 34.93
O6 NAG M . 34.54 24.51 34.93
O7 NAG M . 29.61 20.89 31.81
C1 NAG N . 10.62 56.40 35.26
C2 NAG N . 10.14 57.70 35.91
C3 NAG N . 9.01 58.32 35.09
C4 NAG N . 9.45 58.51 33.65
C5 NAG N . 9.99 57.20 33.07
C6 NAG N . 10.58 57.37 31.69
C7 NAG N . 10.21 58.18 38.31
C8 NAG N . 9.68 57.82 39.67
N2 NAG N . 9.73 57.47 37.29
O3 NAG N . 8.64 59.56 35.67
O4 NAG N . 8.35 58.95 32.86
O5 NAG N . 11.03 56.68 33.92
O6 NAG N . 10.95 58.72 31.45
O7 NAG N . 11.04 59.07 38.16
C1 NAG O . 21.26 59.82 11.79
C2 NAG O . 22.74 59.88 11.41
C3 NAG O . 22.93 60.74 10.17
C4 NAG O . 22.03 60.24 9.04
C5 NAG O . 20.58 60.16 9.51
C6 NAG O . 19.66 59.57 8.48
C7 NAG O . 24.84 60.13 12.67
C8 NAG O . 25.50 60.74 13.86
N2 NAG O . 23.53 60.40 12.52
O3 NAG O . 24.29 60.69 9.76
O4 NAG O . 22.12 61.13 7.93
O5 NAG O . 20.49 59.34 10.68
O6 NAG O . 20.16 58.33 7.99
O7 NAG O . 25.44 59.42 11.87
C1 NAG P . 7.68 38.31 44.13
C2 NAG P . 6.50 38.29 45.09
C3 NAG P . 5.19 38.14 44.31
C4 NAG P . 5.10 39.23 43.24
C5 NAG P . 6.35 39.21 42.36
C6 NAG P . 6.37 40.34 41.36
C7 NAG P . 6.66 37.45 47.39
C8 NAG P . 6.79 36.24 48.26
N2 NAG P . 6.63 37.23 46.07
O3 NAG P . 4.09 38.25 45.20
O4 NAG P . 3.96 38.99 42.42
O5 NAG P . 7.52 39.36 43.18
O6 NAG P . 7.19 41.42 41.80
O7 NAG P . 6.57 38.57 47.86
C1 NAG Q . 25.53 41.86 12.87
C2 NAG Q . 25.59 41.50 11.39
C3 NAG Q . 26.73 40.51 11.14
C4 NAG Q . 28.04 41.07 11.68
C5 NAG Q . 27.88 41.45 13.15
C6 NAG Q . 29.10 42.12 13.72
C7 NAG Q . 23.35 41.68 10.41
C8 NAG Q . 22.12 40.95 9.99
N2 NAG Q . 24.32 40.94 10.93
O3 NAG Q . 26.84 40.26 9.75
O4 NAG Q . 29.07 40.10 11.56
O5 NAG Q . 26.80 42.38 13.29
O6 NAG Q . 28.78 43.34 14.37
O7 NAG Q . 23.46 42.89 10.27
C1 NAG R . -6.83 24.10 38.58
C2 NAG R . -6.25 23.52 39.87
C3 NAG R . -7.37 23.22 40.86
C4 NAG R . -8.23 24.48 41.08
C5 NAG R . -8.70 25.04 39.74
C6 NAG R . -9.42 26.36 39.88
C7 NAG R . -4.17 22.24 39.73
C8 NAG R . -3.53 20.92 39.41
N2 NAG R . -5.49 22.31 39.60
O3 NAG R . -6.82 22.80 42.10
O4 NAG R . -9.36 24.16 41.88
O5 NAG R . -7.58 25.28 38.88
O6 NAG R . -8.84 27.36 39.05
O7 NAG R . -3.50 23.21 40.10
C1 NAG S . 51.75 13.19 -10.28
C2 NAG S . 52.17 11.79 -10.75
C3 NAG S . 52.87 11.05 -9.61
C4 NAG S . 54.02 11.88 -9.06
C5 NAG S . 53.53 13.26 -8.65
C6 NAG S . 54.63 14.19 -8.21
C7 NAG S . 50.58 11.12 -12.49
C8 NAG S . 49.39 10.27 -12.82
N2 NAG S . 51.04 11.04 -11.23
O3 NAG S . 53.36 9.81 -10.10
O4 NAG S . 54.58 11.24 -7.92
O5 NAG S . 52.89 13.90 -9.78
O6 NAG S . 55.89 13.53 -8.24
O7 NAG S . 51.11 11.86 -13.32
C1 NAG T . 41.63 40.12 -25.27
C2 NAG T . 41.43 41.07 -24.08
C3 NAG T . 42.11 42.41 -24.35
C4 NAG T . 43.58 42.19 -24.71
C5 NAG T . 43.69 41.20 -25.88
C6 NAG T . 45.12 40.85 -26.22
C7 NAG T . 39.33 40.51 -22.94
C8 NAG T . 37.89 40.85 -22.76
N2 NAG T . 40.02 41.27 -23.80
O3 NAG T . 42.03 43.23 -23.20
O4 NAG T . 44.17 43.43 -25.10
O5 NAG T . 43.03 39.97 -25.54
O6 NAG T . 45.35 39.46 -26.07
O7 NAG T . 39.86 39.58 -22.32
C1 NAG U . 36.44 -6.19 17.74
C2 NAG U . 36.24 -7.66 17.39
C3 NAG U . 37.33 -8.51 18.02
C4 NAG U . 38.70 -7.98 17.64
C5 NAG U . 38.81 -6.49 17.96
C6 NAG U . 40.10 -5.88 17.48
C7 NAG U . 34.27 -9.12 17.23
C8 NAG U . 32.93 -9.46 17.81
N2 NAG U . 34.92 -8.12 17.82
O3 NAG U . 37.19 -9.85 17.58
O4 NAG U . 39.71 -8.68 18.36
O5 NAG U . 37.75 -5.78 17.32
O6 NAG U . 40.25 -6.03 16.08
O7 NAG U . 34.74 -9.74 16.28
C1 NAG V . 33.17 -15.65 34.72
C2 NAG V . 33.91 -14.63 35.58
C3 NAG V . 35.18 -14.16 34.86
C4 NAG V . 36.03 -15.35 34.43
C5 NAG V . 35.19 -16.33 33.62
C6 NAG V . 35.94 -17.59 33.27
C7 NAG V . 32.19 -13.50 36.93
C8 NAG V . 31.41 -12.24 37.12
N2 NAG V . 33.06 -13.49 35.90
O3 NAG V . 35.93 -13.30 35.72
O4 NAG V . 37.13 -14.91 33.65
O5 NAG V . 34.04 -16.73 34.39
O6 NAG V . 35.38 -18.22 32.11
O7 NAG V . 32.06 -14.46 37.66
C1 NAG W . 17.99 -54.25 32.15
C2 NAG W . 17.88 -55.70 31.74
C3 NAG W . 18.89 -56.55 32.49
C4 NAG W . 20.29 -55.99 32.33
C5 NAG W . 20.32 -54.51 32.71
C6 NAG W . 21.65 -53.86 32.43
C7 NAG W . 15.77 -56.72 30.97
C8 NAG W . 14.41 -57.18 31.37
N2 NAG W . 16.52 -56.20 31.95
O3 NAG W . 18.84 -57.89 32.00
O4 NAG W . 21.20 -56.69 33.16
O5 NAG W . 19.34 -53.79 31.94
O6 NAG W . 22.15 -54.24 31.16
O7 NAG W . 16.18 -56.82 29.81
C1 NAG X . 13.09 -46.08 44.15
C2 NAG X . 13.31 -47.56 44.44
C3 NAG X . 14.32 -47.74 45.57
C4 NAG X . 15.61 -46.98 45.26
C5 NAG X . 15.29 -45.53 44.96
C6 NAG X . 16.50 -44.73 44.53
C7 NAG X . 11.69 -49.41 44.27
C8 NAG X . 10.38 -49.94 44.74
N2 NAG X . 12.06 -48.23 44.78
O3 NAG X . 14.60 -49.12 45.75
O4 NAG X . 16.49 -47.06 46.37
O5 NAG X . 14.34 -45.45 43.88
O6 NAG X . 17.53 -45.57 44.03
O7 NAG X . 12.40 -50.01 43.48
C1 NAG Y . 10.32 -69.12 36.36
C2 NAG Y . 11.83 -69.27 36.53
C3 NAG Y . 12.36 -70.31 35.55
C4 NAG Y . 11.60 -71.62 35.71
C5 NAG Y . 10.10 -71.38 35.56
C6 NAG Y . 9.28 -72.61 35.83
C7 NAG Y . 13.09 -67.34 37.37
C8 NAG Y . 13.75 -66.05 37.01
N2 NAG Y . 12.51 -68.00 36.36
O3 NAG Y . 13.74 -70.53 35.79
O4 NAG Y . 12.03 -72.56 34.72
O5 NAG Y . 9.67 -70.38 36.52
O6 NAG Y . 9.04 -72.80 37.23
O7 NAG Y . 13.06 -67.76 38.52
C1 NAG Z . -47.28 20.77 -6.03
C2 NAG Z . -46.48 20.21 -4.84
C3 NAG Z . -47.43 19.89 -3.68
C4 NAG Z . -48.27 21.11 -3.33
C5 NAG Z . -48.99 21.63 -4.58
C6 NAG Z . -49.76 22.90 -4.33
C7 NAG Z . -44.43 18.88 -5.02
C8 NAG Z . -43.83 17.58 -5.48
N2 NAG Z . -45.74 19.02 -5.23
O3 NAG Z . -46.67 19.49 -2.55
O4 NAG Z . -49.25 20.76 -2.34
O5 NAG Z . -48.03 21.92 -5.60
O6 NAG Z . -49.13 24.01 -4.96
O7 NAG Z . -43.76 19.75 -4.49
C1 NAG AA . -43.09 26.85 -44.27
C2 NAG AA . -43.62 27.03 -45.68
C3 NAG AA . -42.49 26.97 -46.69
C4 NAG AA . -41.41 27.99 -46.32
C5 NAG AA . -40.96 27.80 -44.87
C6 NAG AA . -40.01 28.87 -44.41
C7 NAG AA . -45.86 26.38 -46.45
C8 NAG AA . -46.79 25.24 -46.72
N2 NAG AA . -44.65 26.05 -45.99
O3 NAG AA . -42.99 27.24 -47.99
O4 NAG AA . -40.29 27.83 -47.18
O5 NAG AA . -42.10 27.84 -44.00
O6 NAG AA . -40.12 30.05 -45.21
O7 NAG AA . -46.19 27.54 -46.63
C1 NAG BA . -27.09 45.81 -36.55
C2 NAG BA . -27.39 47.01 -35.66
C3 NAG BA . -26.47 48.18 -36.00
C4 NAG BA . -25.01 47.74 -35.94
C5 NAG BA . -24.80 46.51 -36.82
C6 NAG BA . -23.41 45.94 -36.71
C7 NAG BA . -29.44 48.09 -34.83
C8 NAG BA . -30.87 48.43 -35.12
N2 NAG BA . -28.79 47.42 -35.79
O3 NAG BA . -26.68 49.25 -35.08
O4 NAG BA . -24.16 48.79 -36.40
O5 NAG BA . -25.70 45.47 -36.42
O6 NAG BA . -23.04 45.73 -35.36
O7 NAG BA . -28.91 48.41 -33.77
C1 NAG CA . -47.53 10.27 -33.32
C2 NAG CA . -47.88 9.05 -34.18
C3 NAG CA . -46.60 8.39 -34.69
C4 NAG CA . -45.73 9.41 -35.41
C5 NAG CA . -45.48 10.63 -34.52
C6 NAG CA . -44.74 11.74 -35.22
C7 NAG CA . -49.89 7.68 -33.83
C8 NAG CA . -50.57 6.69 -32.94
N2 NAG CA . -48.68 8.08 -33.43
O3 NAG CA . -46.94 7.33 -35.58
O4 NAG CA . -44.48 8.82 -35.76
O5 NAG CA . -46.74 11.18 -34.08
O6 NAG CA . -45.61 12.76 -35.64
O7 NAG CA . -50.40 8.10 -34.87
C1 NAG DA . -27.67 37.43 -20.08
C2 NAG DA . -26.32 37.86 -19.49
C3 NAG DA . -26.47 38.14 -18.00
C4 NAG DA . -27.59 39.16 -17.76
C5 NAG DA . -28.88 38.68 -18.41
C6 NAG DA . -29.99 39.69 -18.32
C7 NAG DA . -24.51 36.85 -20.79
C8 NAG DA . -23.51 35.73 -20.87
N2 NAG DA . -25.30 36.85 -19.72
O3 NAG DA . -25.24 38.65 -17.49
O4 NAG DA . -27.80 39.32 -16.36
O5 NAG DA . -28.65 38.44 -19.82
O6 NAG DA . -30.59 39.93 -19.58
O7 NAG DA . -24.59 37.72 -21.66
C1 NAG EA . -34.56 -5.94 -29.77
C2 NAG EA . -35.88 -6.44 -29.19
C3 NAG EA . -36.26 -7.79 -29.79
C4 NAG EA . -36.24 -7.70 -31.32
C5 NAG EA . -34.91 -7.14 -31.82
C6 NAG EA . -34.89 -6.89 -33.31
C7 NAG EA . -36.52 -5.73 -26.93
C8 NAG EA . -36.33 -5.97 -25.45
N2 NAG EA . -35.82 -6.54 -27.74
O3 NAG EA . -37.55 -8.19 -29.35
O4 NAG EA . -36.43 -9.00 -31.87
O5 NAG EA . -34.66 -5.87 -31.19
O6 NAG EA . -34.53 -5.56 -33.60
O7 NAG EA . -37.25 -4.85 -27.35
C1 NAG FA . -14.67 47.50 22.06
C2 NAG FA . -14.26 47.13 23.48
C3 NAG FA . -15.47 46.70 24.29
C4 NAG FA . -16.57 47.75 24.22
C5 NAG FA . -16.89 48.09 22.76
C6 NAG FA . -17.88 49.22 22.62
C7 NAG FA . -11.93 46.36 23.37
C8 NAG FA . -11.02 45.17 23.40
N2 NAG FA . -13.23 46.11 23.49
O3 NAG FA . -15.10 46.47 25.64
O4 NAG FA . -17.75 47.28 24.86
O5 NAG FA . -15.69 48.51 22.09
O6 NAG FA . -18.31 49.70 23.90
O7 NAG FA . -11.50 47.51 23.25
C1 NAG GA . -0.25 63.05 -2.50
C2 NAG GA . -1.34 62.99 -3.57
C3 NAG GA . -1.56 64.38 -4.17
C4 NAG GA . -1.83 65.40 -3.07
C5 NAG GA . -0.71 65.36 -2.03
C6 NAG GA . -0.98 66.25 -0.85
C7 NAG GA . -1.41 60.75 -4.57
C8 NAG GA . -0.98 59.90 -5.73
N2 NAG GA . -1.02 62.03 -4.61
O3 NAG GA . -2.66 64.34 -5.08
O4 NAG GA . -1.89 66.71 -3.63
O5 NAG GA . -0.59 64.02 -1.51
O6 NAG GA . -1.09 65.51 0.36
O7 NAG GA . -2.07 60.30 -3.65
C1 NAG HA . -30.75 13.81 23.33
C2 NAG HA . -30.17 12.93 24.43
C3 NAG HA . -31.10 12.90 25.64
C4 NAG HA . -31.42 14.32 26.10
C5 NAG HA . -31.94 15.15 24.93
C6 NAG HA . -32.13 16.61 25.29
C7 NAG HA . -29.00 10.77 24.45
C8 NAG HA . -28.90 9.41 23.82
N2 NAG HA . -29.93 11.58 23.94
O3 NAG HA . -30.49 12.18 26.70
O4 NAG HA . -32.40 14.28 27.12
O5 NAG HA . -30.99 15.12 23.85
O6 NAG HA . -30.93 17.20 25.74
O7 NAG HA . -28.27 11.12 25.37
C1 NAG IA . -43.38 -1.13 25.87
C2 NAG IA . -44.58 -0.34 25.36
C3 NAG IA . -44.53 1.09 25.86
C4 NAG IA . -44.38 1.13 27.37
C5 NAG IA . -43.17 0.30 27.80
C6 NAG IA . -43.02 0.19 29.29
C7 NAG IA . -45.19 -1.39 23.22
C8 NAG IA . -45.17 -1.25 21.72
N2 NAG IA . -44.65 -0.37 23.90
O3 NAG IA . -45.73 1.77 25.47
O4 NAG IA . -44.20 2.47 27.82
O5 NAG IA . -43.31 -1.04 27.30
O6 NAG IA . -41.67 -0.09 29.65
O7 NAG IA . -45.66 -2.38 23.77
C1 NAG JA . -29.76 -33.75 47.68
C2 NAG JA . -29.15 -34.54 48.83
C3 NAG JA . -30.17 -34.68 49.97
C4 NAG JA . -30.69 -33.31 50.38
C5 NAG JA . -31.22 -32.55 49.16
C6 NAG JA . -31.63 -31.14 49.48
C7 NAG JA . -27.45 -36.27 48.52
C8 NAG JA . -27.17 -37.65 48.01
N2 NAG JA . -28.71 -35.84 48.39
O3 NAG JA . -29.55 -35.31 51.08
O4 NAG JA . -31.73 -33.45 51.33
O5 NAG JA . -30.20 -32.47 48.15
O6 NAG JA . -30.67 -30.50 50.32
O7 NAG JA . -26.59 -35.59 49.05
C1 NAG KA . -39.42 -37.10 36.27
C2 NAG KA . -39.59 -37.97 37.51
C3 NAG KA . -41.01 -37.85 38.06
C4 NAG KA . -41.37 -36.39 38.29
C5 NAG KA . -41.15 -35.59 37.00
C6 NAG KA . -41.39 -34.11 37.16
C7 NAG KA . -38.51 -40.11 38.02
C8 NAG KA . -38.28 -41.52 37.58
N2 NAG KA . -39.27 -39.36 37.23
O3 NAG KA . -41.10 -38.57 39.28
O4 NAG KA . -42.73 -36.27 38.68
O5 NAG KA . -39.79 -35.75 36.56
O6 NAG KA . -41.25 -33.71 38.52
O7 NAG KA . -38.01 -39.66 39.05
C1 NAG LA . -28.39 -49.70 54.11
C2 NAG LA . -29.18 -48.85 55.11
C3 NAG LA . -28.40 -48.71 56.41
C4 NAG LA . -28.05 -50.09 56.96
C5 NAG LA . -27.31 -50.89 55.91
C6 NAG LA . -27.04 -52.32 56.35
C7 NAG LA . -30.70 -47.16 54.19
C8 NAG LA . -30.82 -45.78 53.63
N2 NAG LA . -29.47 -47.54 54.55
O3 NAG LA . -29.18 -47.99 57.36
O4 NAG LA . -27.23 -49.95 58.12
O5 NAG LA . -28.09 -50.97 54.71
O6 NAG LA . -28.17 -53.15 56.14
O7 NAG LA . -31.67 -47.90 54.32
C1 NAG MA . 23.12 -17.21 -43.28
C2 NAG MA . 21.79 -17.50 -42.57
C3 NAG MA . 21.20 -18.82 -43.08
C4 NAG MA . 21.10 -18.80 -44.61
C5 NAG MA . 22.46 -18.46 -45.21
C6 NAG MA . 22.42 -18.31 -46.71
C7 NAG MA . 21.23 -16.84 -40.27
C8 NAG MA . 21.55 -17.01 -38.82
N2 NAG MA . 21.97 -17.56 -41.13
O3 NAG MA . 19.92 -19.00 -42.51
O4 NAG MA . 20.69 -20.07 -45.08
O5 NAG MA . 22.93 -17.21 -44.69
O6 NAG MA . 22.56 -16.95 -47.11
O7 NAG MA . 20.36 -16.07 -40.67
C1 NAG NA . 54.79 5.04 -38.88
C2 NAG NA . 56.26 5.36 -39.10
C3 NAG NA . 56.67 6.52 -38.19
C4 NAG NA . 55.76 7.72 -38.42
C5 NAG NA . 54.30 7.32 -38.26
C6 NAG NA . 53.34 8.42 -38.62
C7 NAG NA . 57.99 3.76 -39.77
C8 NAG NA . 58.77 2.55 -39.38
N2 NAG NA . 57.10 4.20 -38.87
O3 NAG NA . 58.03 6.88 -38.47
O4 NAG NA . 56.07 8.75 -37.48
O5 NAG NA . 53.99 6.21 -39.12
O6 NAG NA . 53.97 9.40 -39.46
O7 NAG NA . 58.14 4.31 -40.85
C1 NAG OA . 38.66 24.25 -45.68
C2 NAG OA . 37.84 24.40 -46.96
C3 NAG OA . 37.60 25.88 -47.27
C4 NAG OA . 36.98 26.58 -46.07
C5 NAG OA . 37.83 26.34 -44.83
C6 NAG OA . 37.21 26.90 -43.57
C7 NAG OA . 37.85 23.31 -49.16
C8 NAG OA . 38.68 22.66 -50.22
N2 NAG OA . 38.50 23.75 -48.09
O3 NAG OA . 36.75 26.01 -48.40
O4 NAG OA . 36.90 27.97 -46.31
O5 NAG OA . 37.99 24.93 -44.60
O6 NAG OA . 35.86 26.47 -43.41
O7 NAG OA . 36.63 23.43 -49.29
C1 NAG PA . 48.95 -12.52 -30.37
C2 NAG PA . 50.01 -13.13 -29.47
C3 NAG PA . 50.02 -12.46 -28.10
C4 NAG PA . 50.16 -10.95 -28.26
C5 NAG PA . 49.10 -10.41 -29.23
C6 NAG PA . 49.27 -8.94 -29.54
C7 NAG PA . 50.73 -15.48 -29.65
C8 NAG PA . 50.36 -16.91 -29.43
N2 NAG PA . 49.81 -14.57 -29.32
O3 NAG PA . 51.08 -12.96 -27.32
O4 NAG PA . 50.01 -10.31 -27.00
O5 NAG PA . 49.18 -11.11 -30.48
O6 NAG PA . 49.91 -8.75 -30.79
O7 NAG PA . 51.83 -15.15 -30.10
C1 NAG QA . 25.22 12.01 -42.31
C2 NAG QA . 24.05 12.94 -41.96
C3 NAG QA . 22.75 12.41 -42.52
C4 NAG QA . 22.89 12.16 -44.01
C5 NAG QA . 24.09 11.26 -44.30
C6 NAG QA . 24.35 11.06 -45.77
C7 NAG QA . 24.57 14.12 -39.85
C8 NAG QA . 24.35 14.15 -38.37
N2 NAG QA . 23.95 13.13 -40.52
O3 NAG QA . 21.71 13.35 -42.28
O4 NAG QA . 21.71 11.54 -44.52
O5 NAG QA . 25.28 11.84 -43.73
O6 NAG QA . 25.71 11.34 -46.09
O7 NAG QA . 25.26 14.94 -40.43
C1 NAG RA . 42.21 -14.94 -10.56
C2 NAG RA . 42.33 -16.37 -11.06
C3 NAG RA . 43.20 -17.20 -10.11
C4 NAG RA . 44.54 -16.50 -9.91
C5 NAG RA . 44.34 -15.06 -9.48
C6 NAG RA . 45.63 -14.28 -9.39
C7 NAG RA . 40.48 -17.30 -12.39
C8 NAG RA . 39.12 -17.92 -12.35
N2 NAG RA . 41.02 -16.98 -11.21
O3 NAG RA . 43.39 -18.49 -10.65
O4 NAG RA . 45.28 -17.19 -8.90
O5 NAG RA . 43.51 -14.37 -10.42
O6 NAG RA . 45.57 -13.10 -10.18
O7 NAG RA . 41.07 -17.10 -13.44
C1 NAG SA . -19.31 9.64 -49.92
C2 NAG SA . -20.72 9.11 -49.64
C3 NAG SA . -20.86 7.69 -50.16
C4 NAG SA . -20.47 7.61 -51.63
C5 NAG SA . -19.07 8.20 -51.82
C6 NAG SA . -18.65 8.26 -53.27
C7 NAG SA . -21.52 10.28 -47.63
C8 NAG SA . -21.79 10.17 -46.17
N2 NAG SA . -21.04 9.18 -48.23
O3 NAG SA . -22.20 7.26 -50.00
O4 NAG SA . -20.47 6.25 -52.07
O5 NAG SA . -19.02 9.54 -51.32
O6 NAG SA . -19.66 7.73 -54.13
O7 NAG SA . -21.74 11.31 -48.26
C1 NAG TA . -5.46 38.98 -49.32
C2 NAG TA . -4.03 38.64 -49.74
C3 NAG TA . -3.57 39.57 -50.85
C4 NAG TA . -4.56 39.56 -52.00
C5 NAG TA . -5.97 39.86 -51.50
C6 NAG TA . -7.03 39.74 -52.56
C7 NAG TA . -2.84 37.66 -47.83
C8 NAG TA . -1.88 37.91 -46.71
N2 NAG TA . -3.12 38.71 -48.60
O3 NAG TA . -2.29 39.17 -51.31
O4 NAG TA . -4.20 40.53 -52.98
O5 NAG TA . -6.33 38.93 -50.46
O6 NAG TA . -7.99 38.74 -52.24
O7 NAG TA . -3.33 36.55 -48.03
C1 NAG UA . -9.37 -22.21 -33.16
C2 NAG UA . -10.49 -22.81 -32.31
C3 NAG UA . -11.17 -23.95 -33.06
C4 NAG UA . -11.62 -23.50 -34.44
C5 NAG UA . -10.46 -22.87 -35.21
C6 NAG UA . -10.87 -22.28 -36.52
C7 NAG UA . -10.75 -23.33 -29.93
C8 NAG UA . -10.07 -23.82 -28.69
N2 NAG UA . -9.99 -23.26 -31.02
O3 NAG UA . -12.30 -24.41 -32.31
O4 NAG UA . -12.11 -24.62 -35.18
O5 NAG UA . -9.90 -21.80 -34.43
O6 NAG UA . -11.88 -21.29 -36.35
O7 NAG UA . -11.93 -23.01 -29.94
C1 NAG VA . -4.37 -40.89 -29.31
C2 NAG VA . -3.48 -41.04 -30.54
C3 NAG VA . -4.14 -40.35 -31.73
C4 NAG VA . -5.56 -40.84 -31.94
C5 NAG VA . -6.36 -40.70 -30.64
C6 NAG VA . -7.75 -41.27 -30.73
C7 NAG VA . -1.19 -41.21 -29.71
C8 NAG VA . 0.13 -40.50 -29.55
N2 NAG VA . -2.16 -40.50 -30.31
O3 NAG VA . -3.37 -40.60 -32.91
O4 NAG VA . -6.20 -40.10 -32.97
O5 NAG VA . -5.69 -41.39 -29.58
O6 NAG VA . -8.62 -40.67 -29.78
O7 NAG VA . -1.35 -42.36 -29.31
C1 NAG WA . -25.70 -60.33 0.58
C2 NAG WA . -26.90 -60.87 1.36
C3 NAG WA . -27.46 -62.10 0.67
C4 NAG WA . -27.78 -61.80 -0.79
C5 NAG WA . -26.55 -61.21 -1.48
C6 NAG WA . -26.85 -60.76 -2.89
C7 NAG WA . -27.12 -60.63 3.79
C8 NAG WA . -26.61 -61.06 5.13
N2 NAG WA . -26.52 -61.18 2.73
O3 NAG WA . -28.64 -62.53 1.34
O4 NAG WA . -28.16 -62.99 -1.46
O5 NAG WA . -26.10 -60.05 -0.77
O6 NAG WA . -28.07 -60.05 -2.97
O7 NAG WA . -28.04 -59.82 3.67
C1 NAG XA . -10.92 -64.24 -0.49
C2 NAG XA . -11.86 -65.37 -0.13
C3 NAG XA . -11.75 -66.51 -1.15
C4 NAG XA . -11.98 -65.96 -2.56
C5 NAG XA . -11.01 -64.81 -2.83
C6 NAG XA . -11.24 -64.14 -4.16
C7 NAG XA . -12.52 -66.17 2.10
C8 NAG XA . -12.04 -66.68 3.43
N2 NAG XA . -11.57 -65.89 1.21
O3 NAG XA . -12.72 -67.50 -0.86
O4 NAG XA . -11.75 -66.98 -3.52
O5 NAG XA . -11.19 -63.79 -1.83
O6 NAG XA . -12.56 -64.37 -4.65
O7 NAG XA . -13.72 -66.01 1.85
C1 NAG YA . -30.05 -71.68 12.83
C2 NAG YA . -30.71 -72.10 11.52
C3 NAG YA . -32.22 -72.02 11.64
C4 NAG YA . -32.70 -72.85 12.83
C5 NAG YA . -31.97 -72.39 14.09
C6 NAG YA . -32.30 -73.24 15.30
C7 NAG YA . -29.44 -71.74 9.45
C8 NAG YA . -29.06 -70.76 8.38
N2 NAG YA . -30.25 -71.28 10.41
O3 NAG YA . -32.82 -72.51 10.44
O4 NAG YA . -34.10 -72.68 13.01
O5 NAG YA . -30.55 -72.48 13.89
O6 NAG YA . -31.52 -74.43 15.32
O7 NAG YA . -29.04 -72.90 9.43
#